data_7SFU
#
_entry.id   7SFU
#
_cell.length_a   1.00
_cell.length_b   1.00
_cell.length_c   1.00
_cell.angle_alpha   90.00
_cell.angle_beta   90.00
_cell.angle_gamma   90.00
#
_symmetry.space_group_name_H-M   'P 1'
#
loop_
_entity.id
_entity.type
_entity.pdbx_description
1 polymer 'Spike glycoprotein E1'
2 polymer 'Spike glycoprotein E2'
3 polymer 'Capsid protein'
4 non-polymer 2-acetamido-2-deoxy-beta-D-glucopyranose
#
loop_
_entity_poly.entity_id
_entity_poly.type
_entity_poly.pdbx_seq_one_letter_code
_entity_poly.pdbx_strand_id
1 'polypeptide(L)'
;YEHATTMPSQAGISYNTIVNRAGYAPLPISITPTKIKLIPTVNLEYVTCHYKTGMDSPAIKCCGSQECTPTYRPDEQCKV
FTGVYPFMWGGAYCFCDTENTQVSKAYVMKSDDCLADHAEAYKAHTASVQAFLNITVGEHSIVTTVYVNGETPVNFNGVK
ITAGPLSTAWTPFDRKIVQYAGEIYNYDFPEYGAGQPGAFGDIQSRTVSSSDLYANTNLVLQRPKAGAIHVPYTQAPSGF
EQWKKDKAPSLKFTAPFGCEIYTNPIRAENCAVGSIPLAFDIPDALFTRVSETPTLSAAECTLNECVYSSDFGGIATVKY
SASKSGKCAVHVPSGTATLKEAAVELTEQGSATIHFSTANIHPEFRLQICTSYVTCKGDCHPPKDHIVTHPQYHAQTFTA
AVSKTAWTWLTSLLGGSAVIIIIGLVLATIVAMYVLTNQKHN
;
A,D,G,J
2 'polypeptide(L)'
;STEELFNEYKLTRPYMARCIRCAVGSCHSPIAIEAVKSDGHDGYVRLQTSSQYGLDSSGNLKGRTMRYDMHGTIKEIPLH
QVSLYTSRPCHIVDGHGYFLLARCPAGDSITMEFKKDSVRHSCSVPYEVKFNPVGRELYTHPPEHGVEQACQVYAHDAQN
RGAYVEMHLPGSEVDSSLVSLSGSSVTVTPPDGTSALVECECGGTKISETINKTKQFSQCTKKEQCRAYRLQNDKWVYNS
DKLPKAAGATLKGKLHVPFLLADGKCTVPLAPEPMITFGFRSVSLKLHPKNPTYLITRQLADEPHYTHELISEPAVRNFT
VTEKGWEFVWGNHPPKRFWAQETAPGNPHGLPHEVITHYYHRYPMSTILGLSICAAIATVSVAASTWLFCRSRVACLTPY
RLTPNARIPFCLAVLCCARTARA
;
B,E,H,K
3 'polypeptide(L)'
;KRQRMVMKLESDKTFPIMLEGKINGYACVVGGKLFRPMHVEGKIDNDVLAALKTKKASKYDLEYADVPQNMRADTFKYTH
EKPQGYYSWHHGAVQYENGRFTVPKGVGAKGDSGRPILDNQGRVVAIVLGGVNEGSRTALSVVMWNEKGVTVKYTPENCE
QW
;
C,F,I,L
#
# COMPACT_ATOMS: atom_id res chain seq x y z
N TYR A 1 -25.98 7.17 16.46
CA TYR A 1 -25.29 6.87 17.71
C TYR A 1 -24.88 5.41 17.73
N GLU A 2 -23.60 5.17 18.01
CA GLU A 2 -23.09 3.80 18.02
C GLU A 2 -23.49 3.09 19.30
N HIS A 3 -23.98 1.86 19.17
CA HIS A 3 -24.43 1.08 20.31
C HIS A 3 -24.35 -0.39 19.93
N ALA A 4 -23.76 -1.19 20.81
CA ALA A 4 -23.57 -2.62 20.56
C ALA A 4 -24.32 -3.43 21.60
N THR A 5 -25.11 -4.40 21.14
CA THR A 5 -25.90 -5.24 22.01
C THR A 5 -26.01 -6.64 21.40
N THR A 6 -26.14 -7.65 22.25
CA THR A 6 -26.36 -9.01 21.81
C THR A 6 -27.54 -9.62 22.56
N MET A 7 -28.33 -10.41 21.85
CA MET A 7 -29.50 -11.05 22.44
C MET A 7 -29.53 -12.53 22.09
N PRO A 8 -30.11 -13.36 22.95
CA PRO A 8 -30.22 -14.79 22.63
C PRO A 8 -31.08 -15.02 21.39
N SER A 9 -30.68 -15.99 20.59
CA SER A 9 -31.36 -16.27 19.32
C SER A 9 -32.53 -17.23 19.56
N GLN A 10 -33.58 -16.69 20.18
CA GLN A 10 -34.81 -17.42 20.43
C GLN A 10 -36.00 -16.56 20.06
N ALA A 11 -37.00 -17.18 19.44
CA ALA A 11 -38.22 -16.48 19.05
C ALA A 11 -39.23 -16.49 20.18
N GLY A 12 -40.14 -15.52 20.13
CA GLY A 12 -41.24 -15.46 21.07
C GLY A 12 -40.95 -14.71 22.35
N ILE A 13 -39.72 -14.29 22.58
CA ILE A 13 -39.35 -13.53 23.77
C ILE A 13 -38.91 -12.15 23.34
N SER A 14 -39.59 -11.13 23.83
CA SER A 14 -39.26 -9.76 23.47
C SER A 14 -38.10 -9.27 24.31
N TYR A 15 -37.10 -8.66 23.67
CA TYR A 15 -35.93 -8.16 24.35
C TYR A 15 -36.08 -6.67 24.57
N ASN A 16 -35.91 -6.22 25.80
CA ASN A 16 -36.02 -4.81 26.15
C ASN A 16 -34.66 -4.28 26.56
N THR A 17 -34.32 -3.11 26.03
CA THR A 17 -33.12 -2.39 26.43
C THR A 17 -33.34 -0.91 26.12
N ILE A 18 -32.43 -0.08 26.64
CA ILE A 18 -32.52 1.36 26.47
C ILE A 18 -31.18 1.86 25.95
N VAL A 19 -31.21 2.70 24.92
CA VAL A 19 -30.03 3.37 24.42
C VAL A 19 -29.95 4.70 25.18
N ASN A 20 -28.94 4.82 26.03
CA ASN A 20 -28.85 5.94 26.96
C ASN A 20 -27.55 6.68 26.76
N ARG A 21 -27.65 8.00 26.64
CA ARG A 21 -26.51 8.90 26.64
C ARG A 21 -26.63 9.83 27.83
N ALA A 22 -25.48 10.23 28.38
CA ALA A 22 -25.50 11.12 29.54
C ALA A 22 -26.22 12.42 29.22
N GLY A 23 -26.07 12.91 28.01
CA GLY A 23 -26.67 14.17 27.62
C GLY A 23 -28.17 14.05 27.38
N TYR A 24 -28.56 13.24 26.41
CA TYR A 24 -29.97 13.11 26.10
C TYR A 24 -30.65 12.21 27.13
N ALA A 25 -31.97 12.13 27.03
CA ALA A 25 -32.68 11.16 27.84
C ALA A 25 -32.49 9.76 27.27
N PRO A 26 -32.45 8.75 28.12
CA PRO A 26 -32.35 7.37 27.62
C PRO A 26 -33.54 7.04 26.74
N LEU A 27 -33.27 6.31 25.67
CA LEU A 27 -34.28 5.99 24.67
C LEU A 27 -34.60 4.51 24.71
N PRO A 28 -35.83 4.11 24.97
CA PRO A 28 -36.16 2.68 24.93
C PRO A 28 -36.05 2.13 23.52
N ILE A 29 -35.45 0.95 23.42
CA ILE A 29 -35.31 0.24 22.15
C ILE A 29 -35.70 -1.21 22.38
N SER A 30 -36.72 -1.68 21.66
CA SER A 30 -37.30 -2.99 21.90
C SER A 30 -37.21 -3.82 20.62
N ILE A 31 -36.73 -5.05 20.77
CA ILE A 31 -36.58 -5.99 19.67
C ILE A 31 -37.23 -7.30 20.08
N THR A 32 -38.04 -7.87 19.18
CA THR A 32 -38.67 -9.17 19.41
C THR A 32 -38.55 -10.00 18.14
N PRO A 33 -37.70 -11.00 18.13
CA PRO A 33 -37.63 -11.87 16.95
C PRO A 33 -38.88 -12.72 16.80
N THR A 34 -39.75 -12.35 15.86
CA THR A 34 -40.95 -13.12 15.64
C THR A 34 -40.63 -14.47 14.99
N LYS A 35 -39.69 -14.47 14.05
CA LYS A 35 -39.31 -15.68 13.33
C LYS A 35 -37.84 -15.60 12.97
N ILE A 36 -37.14 -16.72 13.13
CA ILE A 36 -35.74 -16.84 12.75
C ILE A 36 -35.60 -18.01 11.80
N LYS A 37 -34.90 -17.80 10.68
CA LYS A 37 -34.86 -18.74 9.58
C LYS A 37 -33.41 -19.09 9.24
N LEU A 38 -33.18 -20.35 8.90
CA LEU A 38 -31.85 -20.85 8.54
C LEU A 38 -31.98 -21.54 7.18
N ILE A 39 -31.39 -20.94 6.15
CA ILE A 39 -31.55 -21.40 4.78
C ILE A 39 -30.23 -22.01 4.33
N PRO A 40 -30.13 -23.32 4.21
CA PRO A 40 -28.95 -23.92 3.59
C PRO A 40 -28.92 -23.68 2.09
N THR A 41 -27.71 -23.65 1.54
CA THR A 41 -27.54 -23.55 0.09
C THR A 41 -27.55 -24.96 -0.47
N VAL A 42 -28.70 -25.37 -1.01
CA VAL A 42 -28.88 -26.72 -1.50
C VAL A 42 -28.38 -26.80 -2.93
N ASN A 43 -28.19 -28.04 -3.41
CA ASN A 43 -27.87 -28.29 -4.81
C ASN A 43 -28.56 -29.58 -5.24
N LEU A 44 -29.54 -29.45 -6.13
CA LEU A 44 -30.29 -30.61 -6.61
C LEU A 44 -29.36 -31.47 -7.47
N GLU A 45 -28.96 -32.62 -6.94
CA GLU A 45 -28.06 -33.49 -7.68
C GLU A 45 -28.82 -34.35 -8.68
N TYR A 46 -29.80 -35.12 -8.21
CA TYR A 46 -30.57 -35.96 -9.10
C TYR A 46 -31.92 -36.27 -8.46
N VAL A 47 -32.81 -36.83 -9.26
CA VAL A 47 -34.18 -37.14 -8.86
C VAL A 47 -34.40 -38.63 -9.01
N THR A 48 -34.99 -39.24 -7.99
CA THR A 48 -35.26 -40.67 -7.99
C THR A 48 -36.73 -40.92 -7.67
N CYS A 49 -37.22 -42.08 -8.11
CA CYS A 49 -38.61 -42.45 -7.95
C CYS A 49 -38.72 -43.94 -8.24
N HIS A 50 -39.96 -44.44 -8.30
CA HIS A 50 -40.17 -45.80 -8.75
C HIS A 50 -39.82 -45.93 -10.23
N TYR A 51 -39.75 -47.16 -10.71
CA TYR A 51 -39.44 -47.43 -12.10
C TYR A 51 -40.43 -48.42 -12.67
N LYS A 52 -40.73 -48.25 -13.96
CA LYS A 52 -41.56 -49.18 -14.72
C LYS A 52 -40.65 -50.03 -15.60
N THR A 53 -40.68 -51.34 -15.40
CA THR A 53 -39.90 -52.23 -16.24
C THR A 53 -40.43 -52.20 -17.65
N GLY A 54 -39.52 -52.01 -18.62
CA GLY A 54 -39.92 -51.92 -20.01
C GLY A 54 -39.61 -53.17 -20.80
N MET A 55 -40.63 -53.98 -21.07
CA MET A 55 -40.47 -55.22 -21.81
C MET A 55 -41.15 -55.08 -23.17
N ASP A 56 -40.39 -55.33 -24.23
CA ASP A 56 -40.93 -55.32 -25.58
C ASP A 56 -41.63 -56.64 -25.87
N SER A 57 -42.39 -56.66 -26.95
CA SER A 57 -43.04 -57.89 -27.37
C SER A 57 -41.98 -58.88 -27.84
N PRO A 58 -42.02 -60.14 -27.38
CA PRO A 58 -40.99 -61.10 -27.75
C PRO A 58 -40.95 -61.34 -29.25
N ALA A 59 -39.74 -61.52 -29.78
CA ALA A 59 -39.54 -61.91 -31.16
C ALA A 59 -39.16 -63.38 -31.21
N ILE A 60 -39.90 -64.15 -32.00
CA ILE A 60 -39.72 -65.59 -32.11
C ILE A 60 -39.43 -65.95 -33.56
N LYS A 61 -38.40 -66.75 -33.78
CA LYS A 61 -38.05 -67.21 -35.13
C LYS A 61 -38.56 -68.64 -35.28
N CYS A 62 -39.73 -68.77 -35.90
CA CYS A 62 -40.32 -70.07 -36.14
C CYS A 62 -39.53 -70.81 -37.21
N CYS A 63 -39.16 -72.06 -36.91
CA CYS A 63 -38.45 -72.93 -37.85
C CYS A 63 -37.19 -72.26 -38.38
N GLY A 64 -36.46 -71.59 -37.50
CA GLY A 64 -35.26 -70.89 -37.92
C GLY A 64 -34.44 -70.44 -36.75
N SER A 65 -33.42 -69.64 -37.04
CA SER A 65 -32.54 -69.07 -36.03
C SER A 65 -32.60 -67.56 -36.08
N GLN A 66 -32.48 -66.92 -34.92
CA GLN A 66 -32.47 -65.48 -34.83
C GLN A 66 -31.57 -65.06 -33.68
N GLU A 67 -30.92 -63.91 -33.83
CA GLU A 67 -30.01 -63.40 -32.81
C GLU A 67 -30.42 -61.98 -32.41
N CYS A 68 -30.12 -61.63 -31.16
CA CYS A 68 -30.52 -60.33 -30.63
C CYS A 68 -29.72 -59.21 -31.27
N THR A 69 -30.39 -58.08 -31.49
CA THR A 69 -29.73 -56.88 -31.97
C THR A 69 -29.42 -55.98 -30.78
N PRO A 70 -28.15 -55.70 -30.47
CA PRO A 70 -27.83 -54.94 -29.26
C PRO A 70 -28.21 -53.47 -29.37
N THR A 71 -29.26 -53.08 -28.67
CA THR A 71 -29.74 -51.71 -28.65
C THR A 71 -29.39 -51.05 -27.33
N TYR A 72 -29.69 -49.76 -27.23
CA TYR A 72 -29.32 -48.95 -26.07
C TYR A 72 -30.58 -48.51 -25.33
N ARG A 73 -30.76 -49.06 -24.14
CA ARG A 73 -31.83 -48.68 -23.22
C ARG A 73 -31.26 -48.72 -21.81
N PRO A 74 -31.87 -47.99 -20.87
CA PRO A 74 -31.42 -48.06 -19.48
C PRO A 74 -31.49 -49.47 -18.93
N ASP A 75 -30.33 -50.05 -18.60
CA ASP A 75 -30.22 -51.37 -18.00
C ASP A 75 -30.94 -52.43 -18.85
N GLU A 76 -30.79 -52.31 -20.16
CA GLU A 76 -31.44 -53.24 -21.08
C GLU A 76 -30.72 -54.59 -21.08
N GLN A 77 -31.50 -55.66 -21.11
CA GLN A 77 -30.97 -57.01 -21.21
C GLN A 77 -31.69 -57.74 -22.33
N CYS A 78 -30.94 -58.37 -23.22
CA CYS A 78 -31.49 -59.14 -24.32
C CYS A 78 -30.99 -60.58 -24.23
N LYS A 79 -31.90 -61.52 -24.40
CA LYS A 79 -31.57 -62.94 -24.32
C LYS A 79 -32.25 -63.66 -25.47
N VAL A 80 -31.61 -64.73 -25.92
CA VAL A 80 -32.14 -65.58 -26.99
C VAL A 80 -32.36 -66.97 -26.42
N PHE A 81 -33.59 -67.47 -26.54
CA PHE A 81 -33.96 -68.78 -26.03
C PHE A 81 -34.32 -69.67 -27.21
N THR A 82 -33.66 -70.83 -27.29
CA THR A 82 -33.81 -71.73 -28.41
C THR A 82 -34.62 -72.95 -27.99
N GLY A 83 -35.20 -73.62 -28.98
CA GLY A 83 -36.02 -74.79 -28.71
C GLY A 83 -37.23 -74.47 -27.84
N VAL A 84 -37.91 -73.38 -28.12
CA VAL A 84 -39.10 -72.98 -27.38
C VAL A 84 -40.29 -73.09 -28.31
N TYR A 85 -41.29 -73.87 -27.91
CA TYR A 85 -42.44 -74.20 -28.75
C TYR A 85 -43.59 -73.27 -28.39
N PRO A 86 -43.79 -72.19 -29.13
CA PRO A 86 -44.87 -71.26 -28.77
C PRO A 86 -46.23 -71.93 -28.89
N PHE A 87 -47.12 -71.53 -28.00
CA PHE A 87 -48.49 -72.03 -27.97
C PHE A 87 -49.42 -70.85 -27.79
N MET A 88 -50.42 -70.73 -28.64
CA MET A 88 -51.37 -69.63 -28.57
C MET A 88 -52.78 -70.16 -28.41
N TRP A 89 -53.72 -69.24 -28.21
CA TRP A 89 -55.12 -69.60 -28.14
C TRP A 89 -55.61 -70.15 -29.47
N GLY A 90 -55.05 -69.70 -30.58
CA GLY A 90 -55.37 -70.28 -31.86
C GLY A 90 -54.47 -71.44 -32.22
N GLY A 91 -54.23 -72.33 -31.28
CA GLY A 91 -53.38 -73.47 -31.50
C GLY A 91 -51.91 -73.13 -31.35
N ALA A 92 -51.08 -74.09 -31.74
CA ALA A 92 -49.64 -73.88 -31.67
C ALA A 92 -49.21 -72.84 -32.70
N TYR A 93 -48.46 -71.84 -32.25
CA TYR A 93 -48.00 -70.79 -33.15
C TYR A 93 -46.97 -71.30 -34.15
N CYS A 94 -46.02 -72.11 -33.68
CA CYS A 94 -44.96 -72.67 -34.51
C CYS A 94 -44.97 -74.18 -34.39
N PHE A 95 -44.86 -74.87 -35.52
CA PHE A 95 -44.98 -76.33 -35.56
C PHE A 95 -43.64 -77.05 -35.67
N CYS A 96 -42.52 -76.35 -35.63
CA CYS A 96 -41.22 -77.00 -35.57
C CYS A 96 -40.81 -77.22 -34.12
N ASP A 97 -40.31 -78.42 -33.83
CA ASP A 97 -39.86 -78.73 -32.48
C ASP A 97 -38.58 -77.98 -32.15
N THR A 98 -37.58 -78.06 -33.01
CA THR A 98 -36.36 -77.31 -32.88
C THR A 98 -36.42 -76.10 -33.80
N GLU A 99 -35.29 -75.41 -33.95
CA GLU A 99 -35.19 -74.17 -34.72
C GLU A 99 -36.27 -73.18 -34.29
N ASN A 100 -36.38 -72.98 -32.98
CA ASN A 100 -37.33 -72.06 -32.40
C ASN A 100 -36.56 -71.18 -31.42
N THR A 101 -35.95 -70.12 -31.95
CA THR A 101 -35.19 -69.16 -31.16
C THR A 101 -36.11 -68.03 -30.73
N GLN A 102 -36.03 -67.65 -29.45
CA GLN A 102 -36.86 -66.62 -28.86
C GLN A 102 -36.00 -65.40 -28.55
N VAL A 103 -36.38 -64.24 -29.08
CA VAL A 103 -35.67 -62.99 -28.85
C VAL A 103 -36.52 -62.16 -27.90
N SER A 104 -35.96 -61.86 -26.72
CA SER A 104 -36.66 -61.12 -25.67
C SER A 104 -35.76 -59.98 -25.22
N LYS A 105 -36.31 -58.76 -25.22
CA LYS A 105 -35.59 -57.59 -24.74
C LYS A 105 -36.42 -56.88 -23.69
N ALA A 106 -35.78 -56.47 -22.60
CA ALA A 106 -36.45 -55.73 -21.55
C ALA A 106 -35.48 -54.71 -20.99
N TYR A 107 -36.02 -53.57 -20.54
CA TYR A 107 -35.21 -52.54 -19.93
C TYR A 107 -36.02 -51.85 -18.84
N VAL A 108 -35.49 -50.73 -18.35
CA VAL A 108 -36.03 -50.02 -17.21
C VAL A 108 -36.46 -48.64 -17.66
N MET A 109 -37.69 -48.27 -17.31
CA MET A 109 -38.23 -46.95 -17.57
C MET A 109 -38.65 -46.33 -16.25
N LYS A 110 -38.52 -45.01 -16.14
CA LYS A 110 -38.97 -44.32 -14.95
C LYS A 110 -40.48 -44.43 -14.81
N SER A 111 -40.96 -44.38 -13.57
CA SER A 111 -42.38 -44.54 -13.31
C SER A 111 -43.17 -43.41 -13.96
N ASP A 112 -44.39 -43.73 -14.40
CA ASP A 112 -45.23 -42.74 -15.06
C ASP A 112 -45.56 -41.59 -14.13
N ASP A 113 -45.87 -41.89 -12.88
CA ASP A 113 -46.18 -40.85 -11.90
C ASP A 113 -44.94 -40.25 -11.26
N CYS A 114 -43.76 -40.45 -11.85
CA CYS A 114 -42.55 -39.88 -11.29
C CYS A 114 -42.61 -38.36 -11.29
N LEU A 115 -43.36 -37.77 -12.21
CA LEU A 115 -43.46 -36.32 -12.28
C LEU A 115 -44.06 -35.75 -11.00
N ALA A 116 -45.11 -36.38 -10.47
CA ALA A 116 -45.76 -35.88 -9.28
C ALA A 116 -45.08 -36.39 -8.01
N ASP A 117 -44.96 -37.71 -7.87
CA ASP A 117 -44.34 -38.33 -6.71
C ASP A 117 -42.92 -38.75 -7.07
N HIS A 118 -41.95 -38.20 -6.36
CA HIS A 118 -40.55 -38.56 -6.55
C HIS A 118 -39.74 -38.02 -5.38
N ALA A 119 -38.54 -38.57 -5.20
CA ALA A 119 -37.61 -38.13 -4.19
C ALA A 119 -36.42 -37.45 -4.84
N GLU A 120 -35.97 -36.35 -4.24
CA GLU A 120 -34.88 -35.55 -4.78
C GLU A 120 -33.76 -35.46 -3.76
N ALA A 121 -32.53 -35.63 -4.23
CA ALA A 121 -31.35 -35.53 -3.39
C ALA A 121 -30.71 -34.16 -3.56
N TYR A 122 -30.42 -33.50 -2.45
CA TYR A 122 -29.82 -32.17 -2.49
C TYR A 122 -28.49 -32.17 -1.75
N LYS A 123 -27.59 -31.31 -2.20
CA LYS A 123 -26.27 -31.15 -1.62
C LYS A 123 -26.28 -29.87 -0.81
N ALA A 124 -26.23 -30.02 0.52
CA ALA A 124 -26.43 -28.91 1.44
C ALA A 124 -25.10 -28.48 2.04
N HIS A 125 -24.86 -27.17 2.05
CA HIS A 125 -23.66 -26.59 2.63
C HIS A 125 -23.87 -25.10 2.81
N THR A 126 -23.13 -24.53 3.75
CA THR A 126 -23.02 -23.08 3.95
C THR A 126 -24.41 -22.45 4.12
N ALA A 127 -25.06 -22.85 5.21
CA ALA A 127 -26.40 -22.35 5.48
C ALA A 127 -26.38 -20.84 5.71
N SER A 128 -27.34 -20.15 5.09
CA SER A 128 -27.52 -18.72 5.29
C SER A 128 -28.68 -18.50 6.25
N VAL A 129 -28.54 -17.48 7.11
CA VAL A 129 -29.46 -17.25 8.22
C VAL A 129 -30.23 -15.97 7.96
N GLN A 130 -31.55 -16.03 8.13
CA GLN A 130 -32.42 -14.88 7.97
C GLN A 130 -33.34 -14.78 9.18
N ALA A 131 -33.85 -13.58 9.42
CA ALA A 131 -34.68 -13.37 10.61
C ALA A 131 -35.69 -12.26 10.36
N PHE A 132 -36.78 -12.31 11.10
CA PHE A 132 -37.80 -11.27 11.11
C PHE A 132 -37.81 -10.60 12.48
N LEU A 133 -37.68 -9.28 12.50
CA LEU A 133 -37.64 -8.52 13.74
C LEU A 133 -38.77 -7.50 13.77
N ASN A 134 -39.49 -7.45 14.89
CA ASN A 134 -40.55 -6.49 15.11
C ASN A 134 -39.99 -5.42 16.05
N ILE A 135 -39.26 -4.47 15.45
CA ILE A 135 -38.46 -3.52 16.21
C ILE A 135 -39.28 -2.28 16.51
N THR A 136 -39.09 -1.73 17.71
CA THR A 136 -39.76 -0.50 18.12
C THR A 136 -38.76 0.35 18.87
N VAL A 137 -38.25 1.40 18.20
CA VAL A 137 -37.30 2.33 18.79
C VAL A 137 -37.92 3.72 18.77
N GLY A 138 -38.05 4.33 19.95
CA GLY A 138 -38.66 5.64 20.05
C GLY A 138 -40.10 5.66 19.58
N GLU A 139 -40.88 4.66 19.99
CA GLU A 139 -42.28 4.51 19.56
C GLU A 139 -42.37 4.46 18.03
N HIS A 140 -41.43 3.76 17.41
CA HIS A 140 -41.44 3.51 15.97
C HIS A 140 -41.44 2.00 15.78
N SER A 141 -42.64 1.40 15.83
CA SER A 141 -42.78 -0.03 15.65
C SER A 141 -42.49 -0.38 14.19
N ILE A 142 -41.36 -1.03 13.95
CA ILE A 142 -40.94 -1.40 12.61
C ILE A 142 -40.72 -2.89 12.57
N VAL A 143 -41.46 -3.58 11.70
CA VAL A 143 -41.37 -5.03 11.56
C VAL A 143 -40.82 -5.32 10.17
N THR A 144 -39.72 -6.06 10.12
CA THR A 144 -39.02 -6.27 8.86
C THR A 144 -38.17 -7.52 8.96
N THR A 145 -37.66 -7.95 7.82
CA THR A 145 -36.77 -9.10 7.72
C THR A 145 -35.34 -8.60 7.52
N VAL A 146 -34.42 -9.16 8.29
CA VAL A 146 -33.02 -8.75 8.27
C VAL A 146 -32.15 -9.99 8.14
N TYR A 147 -31.23 -9.97 7.19
CA TYR A 147 -30.27 -11.07 7.06
C TYR A 147 -29.33 -11.07 8.25
N VAL A 148 -29.06 -12.27 8.79
CA VAL A 148 -28.15 -12.42 9.92
C VAL A 148 -26.70 -12.31 9.50
N ASN A 149 -26.42 -12.12 8.21
CA ASN A 149 -25.08 -11.81 7.77
C ASN A 149 -24.58 -10.53 8.43
N GLY A 150 -23.30 -10.50 8.79
CA GLY A 150 -22.77 -9.43 9.61
C GLY A 150 -22.90 -8.05 9.00
N GLU A 151 -22.71 -7.93 7.68
CA GLU A 151 -22.59 -6.64 7.02
C GLU A 151 -23.85 -6.22 6.27
N THR A 152 -25.03 -6.62 6.74
CA THR A 152 -26.26 -6.19 6.09
C THR A 152 -26.99 -5.20 6.97
N PRO A 153 -27.03 -3.92 6.62
CA PRO A 153 -27.75 -2.94 7.45
C PRO A 153 -29.20 -2.77 7.03
N VAL A 154 -30.00 -2.30 7.98
CA VAL A 154 -31.39 -1.95 7.76
C VAL A 154 -31.61 -0.52 8.22
N ASN A 155 -32.18 0.31 7.36
CA ASN A 155 -32.37 1.72 7.65
C ASN A 155 -33.85 2.03 7.76
N PHE A 156 -34.25 2.65 8.86
CA PHE A 156 -35.61 3.14 9.05
C PHE A 156 -35.56 4.35 9.97
N ASN A 157 -36.25 5.43 9.56
CA ASN A 157 -36.18 6.71 10.27
C ASN A 157 -34.73 7.14 10.43
N GLY A 158 -33.89 6.77 9.47
CA GLY A 158 -32.48 7.06 9.56
C GLY A 158 -31.71 6.23 10.55
N VAL A 159 -32.32 5.18 11.10
CA VAL A 159 -31.68 4.35 12.11
C VAL A 159 -31.03 3.17 11.41
N LYS A 160 -29.71 3.08 11.51
CA LYS A 160 -28.93 2.06 10.82
C LYS A 160 -28.58 0.95 11.79
N ILE A 161 -29.05 -0.26 11.51
CA ILE A 161 -28.89 -1.40 12.40
C ILE A 161 -28.29 -2.56 11.60
N THR A 162 -27.43 -3.33 12.24
CA THR A 162 -26.87 -4.52 11.63
C THR A 162 -27.07 -5.69 12.58
N ALA A 163 -27.17 -6.89 12.01
CA ALA A 163 -27.46 -8.10 12.77
C ALA A 163 -26.41 -9.15 12.47
N GLY A 164 -26.20 -10.04 13.44
CA GLY A 164 -25.23 -11.09 13.29
C GLY A 164 -23.81 -10.57 13.37
N PRO A 165 -22.85 -11.39 12.93
CA PRO A 165 -23.04 -12.75 12.42
C PRO A 165 -23.27 -13.76 13.54
N LEU A 166 -23.71 -14.96 13.17
CA LEU A 166 -24.08 -15.95 14.17
C LEU A 166 -22.90 -16.34 15.04
N SER A 167 -23.18 -16.51 16.34
CA SER A 167 -22.13 -16.91 17.27
C SER A 167 -21.62 -18.32 16.97
N THR A 168 -22.51 -19.24 16.63
CA THR A 168 -22.15 -20.62 16.35
C THR A 168 -22.58 -20.99 14.94
N ALA A 169 -21.71 -21.71 14.23
CA ALA A 169 -21.93 -22.12 12.85
C ALA A 169 -22.52 -23.51 12.72
N TRP A 170 -23.06 -24.08 13.81
CA TRP A 170 -23.66 -25.40 13.74
C TRP A 170 -24.88 -25.38 12.83
N THR A 171 -25.10 -26.48 12.11
CA THR A 171 -26.24 -26.62 11.21
C THR A 171 -26.93 -27.96 11.44
N PRO A 172 -28.25 -27.98 11.62
CA PRO A 172 -28.95 -29.26 11.65
C PRO A 172 -28.83 -30.04 10.36
N PHE A 173 -28.76 -29.36 9.23
CA PHE A 173 -28.56 -30.05 7.96
C PHE A 173 -27.12 -30.52 7.84
N ASP A 174 -26.95 -31.64 7.16
CA ASP A 174 -25.65 -32.21 6.84
C ASP A 174 -25.37 -32.06 5.35
N ARG A 175 -24.26 -32.63 4.90
CA ARG A 175 -23.84 -32.47 3.51
C ARG A 175 -24.85 -33.06 2.54
N LYS A 176 -25.41 -34.21 2.88
CA LYS A 176 -26.36 -34.91 2.01
C LYS A 176 -27.73 -34.97 2.67
N ILE A 177 -28.75 -34.51 1.94
CA ILE A 177 -30.13 -34.56 2.39
C ILE A 177 -30.98 -35.07 1.23
N VAL A 178 -32.15 -35.61 1.58
CA VAL A 178 -33.13 -36.03 0.58
C VAL A 178 -34.47 -35.41 0.95
N GLN A 179 -35.07 -34.71 0.00
CA GLN A 179 -36.34 -34.03 0.20
C GLN A 179 -37.43 -34.86 -0.48
N TYR A 180 -38.41 -35.28 0.30
CA TYR A 180 -39.48 -36.11 -0.22
C TYR A 180 -40.70 -35.97 0.68
N ALA A 181 -41.88 -35.93 0.05
CA ALA A 181 -43.14 -35.81 0.77
C ALA A 181 -43.12 -34.63 1.73
N GLY A 182 -42.53 -33.53 1.28
CA GLY A 182 -42.45 -32.35 2.11
C GLY A 182 -41.58 -32.50 3.34
N GLU A 183 -40.66 -33.46 3.34
CA GLU A 183 -39.80 -33.68 4.49
C GLU A 183 -38.37 -33.89 4.02
N ILE A 184 -37.43 -33.61 4.91
CA ILE A 184 -35.99 -33.70 4.62
C ILE A 184 -35.41 -34.81 5.47
N TYR A 185 -34.65 -35.70 4.84
CA TYR A 185 -34.01 -36.81 5.52
C TYR A 185 -32.50 -36.68 5.38
N ASN A 186 -31.78 -36.85 6.49
CA ASN A 186 -30.32 -36.78 6.49
C ASN A 186 -29.72 -38.15 6.18
N TYR A 187 -30.14 -38.71 5.06
CA TYR A 187 -29.75 -40.05 4.64
C TYR A 187 -28.71 -39.96 3.54
N ASP A 188 -27.56 -40.59 3.75
CA ASP A 188 -26.52 -40.61 2.73
C ASP A 188 -26.98 -41.41 1.53
N PHE A 189 -26.75 -40.86 0.35
CA PHE A 189 -27.20 -41.47 -0.90
C PHE A 189 -26.03 -41.59 -1.86
N PRO A 190 -26.04 -42.62 -2.70
CA PRO A 190 -25.01 -42.72 -3.75
C PRO A 190 -25.15 -41.59 -4.75
N GLU A 191 -24.02 -41.18 -5.31
CA GLU A 191 -24.02 -40.11 -6.28
C GLU A 191 -24.54 -40.61 -7.62
N TYR A 192 -24.62 -39.70 -8.59
CA TYR A 192 -25.19 -40.05 -9.89
C TYR A 192 -24.35 -41.12 -10.57
N GLY A 193 -25.03 -42.11 -11.13
CA GLY A 193 -24.38 -43.19 -11.82
C GLY A 193 -23.78 -44.25 -10.91
N ALA A 194 -23.94 -44.13 -9.61
CA ALA A 194 -23.35 -45.06 -8.65
C ALA A 194 -24.40 -45.85 -7.88
N GLY A 195 -25.64 -45.85 -8.33
CA GLY A 195 -26.69 -46.57 -7.63
C GLY A 195 -26.53 -48.08 -7.75
N GLN A 196 -27.16 -48.78 -6.80
CA GLN A 196 -27.13 -50.22 -6.70
C GLN A 196 -28.54 -50.77 -6.51
N PRO A 197 -28.81 -51.98 -7.00
CA PRO A 197 -30.17 -52.51 -6.92
C PRO A 197 -30.63 -52.73 -5.49
N GLY A 198 -31.92 -52.51 -5.27
CA GLY A 198 -32.53 -52.76 -3.99
C GLY A 198 -32.31 -51.68 -2.96
N ALA A 199 -31.58 -50.62 -3.30
CA ALA A 199 -31.27 -49.54 -2.37
C ALA A 199 -31.56 -48.21 -3.05
N PHE A 200 -31.45 -47.13 -2.29
CA PHE A 200 -31.74 -45.82 -2.83
C PHE A 200 -30.78 -45.49 -3.95
N GLY A 201 -31.32 -44.90 -5.02
CA GLY A 201 -30.52 -44.56 -6.18
C GLY A 201 -30.46 -45.63 -7.25
N ASP A 202 -31.31 -46.66 -7.16
CA ASP A 202 -31.36 -47.65 -8.24
C ASP A 202 -31.79 -47.00 -9.55
N ILE A 203 -32.60 -45.95 -9.47
CA ILE A 203 -32.95 -45.12 -10.61
C ILE A 203 -32.46 -43.72 -10.31
N GLN A 204 -31.58 -43.19 -11.15
CA GLN A 204 -31.03 -41.85 -10.96
C GLN A 204 -31.27 -41.03 -12.21
N SER A 205 -31.88 -39.86 -12.06
CA SER A 205 -32.10 -38.92 -13.15
C SER A 205 -31.67 -37.54 -12.70
N ARG A 206 -30.89 -36.86 -13.55
CA ARG A 206 -30.38 -35.55 -13.19
C ARG A 206 -31.51 -34.58 -12.92
N THR A 207 -32.53 -34.60 -13.77
CA THR A 207 -33.72 -33.78 -13.60
C THR A 207 -34.94 -34.65 -13.83
N VAL A 208 -36.09 -34.19 -13.34
CA VAL A 208 -37.31 -34.98 -13.43
C VAL A 208 -37.66 -35.26 -14.89
N SER A 209 -37.55 -34.25 -15.74
CA SER A 209 -37.86 -34.41 -17.15
C SER A 209 -36.64 -34.82 -17.99
N SER A 210 -35.48 -34.97 -17.37
CA SER A 210 -34.29 -35.35 -18.12
C SER A 210 -34.42 -36.78 -18.64
N SER A 211 -34.18 -36.96 -19.93
CA SER A 211 -34.37 -38.28 -20.54
C SER A 211 -33.36 -39.29 -20.02
N ASP A 212 -32.11 -38.88 -19.84
CA ASP A 212 -31.08 -39.79 -19.39
C ASP A 212 -31.30 -40.18 -17.93
N LEU A 213 -31.15 -41.47 -17.65
CA LEU A 213 -31.31 -41.96 -16.30
C LEU A 213 -30.42 -43.17 -16.10
N TYR A 214 -29.89 -43.29 -14.90
CA TYR A 214 -29.02 -44.40 -14.54
C TYR A 214 -29.86 -45.46 -13.85
N ALA A 215 -29.93 -46.64 -14.45
CA ALA A 215 -30.72 -47.74 -13.92
C ALA A 215 -29.79 -48.90 -13.55
N ASN A 216 -29.88 -49.34 -12.30
CA ASN A 216 -29.10 -50.48 -11.83
C ASN A 216 -30.03 -51.31 -10.94
N THR A 217 -30.68 -52.30 -11.54
CA THR A 217 -31.67 -53.10 -10.84
C THR A 217 -31.33 -54.58 -10.83
N ASN A 218 -30.13 -54.95 -11.28
CA ASN A 218 -29.72 -56.36 -11.35
C ASN A 218 -30.75 -57.18 -12.10
N LEU A 219 -31.30 -56.59 -13.17
CA LEU A 219 -32.35 -57.24 -13.93
C LEU A 219 -31.76 -58.34 -14.80
N VAL A 220 -32.20 -59.58 -14.56
CA VAL A 220 -31.74 -60.73 -15.31
C VAL A 220 -32.95 -61.55 -15.71
N LEU A 221 -33.00 -61.96 -16.97
CA LEU A 221 -34.09 -62.79 -17.45
C LEU A 221 -33.79 -64.26 -17.22
N GLN A 222 -34.84 -65.05 -17.08
CA GLN A 222 -34.73 -66.49 -16.97
C GLN A 222 -35.40 -67.13 -18.18
N ARG A 223 -35.46 -68.46 -18.18
CA ARG A 223 -36.04 -69.19 -19.29
C ARG A 223 -37.54 -68.97 -19.33
N PRO A 224 -38.12 -68.65 -20.49
CA PRO A 224 -39.57 -68.62 -20.60
C PRO A 224 -40.18 -69.98 -20.34
N LYS A 225 -41.35 -69.99 -19.73
CA LYS A 225 -42.06 -71.22 -19.49
C LYS A 225 -42.50 -71.83 -20.80
N ALA A 226 -42.28 -73.14 -20.95
CA ALA A 226 -42.62 -73.81 -22.20
C ALA A 226 -44.13 -73.74 -22.44
N GLY A 227 -44.50 -73.50 -23.69
CA GLY A 227 -45.89 -73.35 -24.03
C GLY A 227 -46.50 -72.00 -23.73
N ALA A 228 -45.69 -71.03 -23.31
CA ALA A 228 -46.17 -69.71 -22.95
C ALA A 228 -45.31 -68.64 -23.61
N ILE A 229 -45.92 -67.49 -23.86
CA ILE A 229 -45.23 -66.35 -24.44
C ILE A 229 -45.25 -65.22 -23.41
N HIS A 230 -44.07 -64.74 -23.05
CA HIS A 230 -43.91 -63.74 -21.99
C HIS A 230 -42.47 -63.28 -21.97
N VAL A 231 -42.16 -62.42 -21.01
CA VAL A 231 -40.78 -62.02 -20.75
C VAL A 231 -40.43 -62.42 -19.33
N PRO A 232 -39.81 -63.56 -19.12
CA PRO A 232 -39.51 -64.02 -17.76
C PRO A 232 -38.27 -63.33 -17.19
N TYR A 233 -38.49 -62.37 -16.30
CA TYR A 233 -37.40 -61.59 -15.73
C TYR A 233 -37.53 -61.56 -14.21
N THR A 234 -36.39 -61.52 -13.55
CA THR A 234 -36.33 -61.32 -12.11
C THR A 234 -35.41 -60.14 -11.83
N GLN A 235 -35.82 -59.28 -10.91
CA GLN A 235 -35.00 -58.14 -10.52
C GLN A 235 -35.38 -57.75 -9.10
N ALA A 236 -34.47 -57.02 -8.44
CA ALA A 236 -34.74 -56.57 -7.10
C ALA A 236 -35.90 -55.58 -7.11
N PRO A 237 -36.68 -55.52 -6.03
CA PRO A 237 -37.74 -54.51 -5.93
C PRO A 237 -37.14 -53.12 -5.99
N SER A 238 -38.01 -52.12 -6.08
CA SER A 238 -37.54 -50.75 -6.20
C SER A 238 -36.79 -50.34 -4.96
N GLY A 239 -35.53 -49.96 -5.15
CA GLY A 239 -34.74 -49.50 -4.01
C GLY A 239 -35.34 -48.27 -3.38
N PHE A 240 -35.93 -47.39 -4.20
CA PHE A 240 -36.70 -46.29 -3.66
C PHE A 240 -37.88 -46.80 -2.85
N GLU A 241 -38.55 -47.84 -3.34
CA GLU A 241 -39.65 -48.43 -2.58
C GLU A 241 -39.16 -48.99 -1.26
N GLN A 242 -38.00 -49.68 -1.28
CA GLN A 242 -37.46 -50.22 -0.05
C GLN A 242 -37.12 -49.12 0.94
N TRP A 243 -36.52 -48.03 0.45
CA TRP A 243 -36.19 -46.92 1.33
C TRP A 243 -37.44 -46.29 1.92
N LYS A 244 -38.51 -46.23 1.12
CA LYS A 244 -39.79 -45.78 1.66
C LYS A 244 -40.28 -46.73 2.74
N LYS A 245 -40.11 -48.03 2.53
CA LYS A 245 -40.52 -49.01 3.54
C LYS A 245 -39.77 -48.79 4.84
N ASP A 246 -38.48 -48.55 4.76
CA ASP A 246 -37.72 -48.16 5.94
C ASP A 246 -38.26 -46.84 6.49
N LYS A 247 -38.40 -46.78 7.80
CA LYS A 247 -38.92 -45.58 8.43
C LYS A 247 -38.01 -44.40 8.16
N ALA A 248 -36.84 -44.37 8.82
CA ALA A 248 -35.96 -43.22 8.79
C ALA A 248 -36.76 -41.96 9.09
N PRO A 249 -37.17 -41.75 10.33
CA PRO A 249 -38.02 -40.60 10.64
C PRO A 249 -37.34 -39.29 10.27
N SER A 250 -38.14 -38.33 9.84
CA SER A 250 -37.59 -37.13 9.23
C SER A 250 -36.77 -36.33 10.23
N LEU A 251 -35.86 -35.52 9.67
CA LEU A 251 -35.08 -34.60 10.50
C LEU A 251 -36.00 -33.66 11.27
N LYS A 252 -37.18 -33.38 10.72
CA LYS A 252 -38.12 -32.51 11.41
C LYS A 252 -38.45 -33.05 12.79
N PHE A 253 -38.58 -34.36 12.91
CA PHE A 253 -38.82 -34.99 14.21
C PHE A 253 -37.55 -35.25 15.00
N THR A 254 -36.39 -35.09 14.38
CA THR A 254 -35.12 -35.46 15.00
C THR A 254 -34.12 -34.32 14.97
N ALA A 255 -34.57 -33.11 14.71
CA ALA A 255 -33.66 -31.97 14.69
C ALA A 255 -33.28 -31.56 16.12
N PRO A 256 -32.00 -31.52 16.45
CA PRO A 256 -31.60 -31.03 17.77
C PRO A 256 -31.96 -29.57 17.95
N PHE A 257 -32.12 -29.18 19.23
CA PHE A 257 -32.55 -27.84 19.61
C PHE A 257 -33.95 -27.52 19.11
N GLY A 258 -34.74 -28.55 18.80
CA GLY A 258 -36.13 -28.34 18.42
C GLY A 258 -36.27 -27.47 17.19
N CYS A 259 -35.46 -27.73 16.19
CA CYS A 259 -35.49 -26.95 14.96
C CYS A 259 -36.66 -27.40 14.10
N GLU A 260 -37.33 -26.44 13.48
CA GLU A 260 -38.50 -26.69 12.66
C GLU A 260 -38.12 -26.64 11.18
N ILE A 261 -38.66 -27.57 10.41
CA ILE A 261 -38.23 -27.80 9.04
C ILE A 261 -39.40 -27.63 8.09
N TYR A 262 -39.22 -26.81 7.06
CA TYR A 262 -40.23 -26.56 6.04
C TYR A 262 -39.73 -27.02 4.68
N THR A 263 -40.68 -27.18 3.75
CA THR A 263 -40.43 -27.94 2.53
C THR A 263 -40.06 -27.06 1.33
N ASN A 264 -40.97 -26.18 0.90
CA ASN A 264 -40.79 -25.54 -0.40
C ASN A 264 -39.51 -24.75 -0.50
N PRO A 265 -39.16 -23.86 0.42
CA PRO A 265 -37.75 -23.52 0.59
C PRO A 265 -37.12 -24.47 1.60
N ILE A 266 -36.03 -25.14 1.25
CA ILE A 266 -35.40 -26.04 2.20
C ILE A 266 -34.78 -25.16 3.26
N ARG A 267 -35.39 -25.14 4.45
CA ARG A 267 -35.04 -24.13 5.44
C ARG A 267 -35.16 -24.73 6.83
N ALA A 268 -34.44 -24.12 7.76
CA ALA A 268 -34.49 -24.45 9.18
C ALA A 268 -34.95 -23.22 9.94
N GLU A 269 -35.97 -23.38 10.78
CA GLU A 269 -36.51 -22.24 11.52
C GLU A 269 -36.66 -22.60 12.99
N ASN A 270 -36.66 -21.55 13.82
CA ASN A 270 -36.81 -21.68 15.27
C ASN A 270 -35.72 -22.57 15.86
N CYS A 271 -34.53 -22.50 15.25
CA CYS A 271 -33.37 -23.27 15.70
C CYS A 271 -32.70 -22.50 16.83
N ALA A 272 -33.13 -22.80 18.05
CA ALA A 272 -32.73 -22.03 19.22
C ALA A 272 -31.31 -22.42 19.62
N VAL A 273 -30.34 -21.63 19.19
CA VAL A 273 -28.96 -21.81 19.61
C VAL A 273 -28.21 -20.51 19.41
N GLY A 274 -27.37 -20.16 20.38
CA GLY A 274 -26.50 -19.00 20.27
C GLY A 274 -27.21 -17.67 20.46
N SER A 275 -26.44 -16.61 20.19
CA SER A 275 -26.91 -15.24 20.33
C SER A 275 -26.54 -14.46 19.08
N ILE A 276 -27.34 -13.43 18.79
CA ILE A 276 -27.14 -12.63 17.58
C ILE A 276 -26.65 -11.25 17.99
N PRO A 277 -25.36 -10.96 17.80
CA PRO A 277 -24.84 -9.63 18.11
C PRO A 277 -25.42 -8.57 17.20
N LEU A 278 -25.63 -7.39 17.76
CA LEU A 278 -26.25 -6.28 17.05
C LEU A 278 -25.48 -5.00 17.30
N ALA A 279 -25.42 -4.14 16.29
CA ALA A 279 -24.85 -2.80 16.42
C ALA A 279 -25.85 -1.80 15.87
N PHE A 280 -26.05 -0.71 16.60
CA PHE A 280 -27.04 0.30 16.23
C PHE A 280 -26.35 1.62 15.92
N ASP A 281 -26.89 2.33 14.93
CA ASP A 281 -26.49 3.70 14.60
C ASP A 281 -27.74 4.56 14.65
N ILE A 282 -28.01 5.13 15.83
CA ILE A 282 -29.21 5.94 16.04
C ILE A 282 -28.92 7.40 15.78
N PRO A 283 -29.65 8.06 14.88
CA PRO A 283 -29.47 9.50 14.71
C PRO A 283 -29.88 10.26 15.97
N ASP A 284 -29.19 11.36 16.21
CA ASP A 284 -29.43 12.17 17.40
C ASP A 284 -30.77 12.91 17.35
N ALA A 285 -31.43 12.93 16.20
CA ALA A 285 -32.75 13.53 16.12
C ALA A 285 -33.74 12.79 17.01
N LEU A 286 -33.66 11.46 17.05
CA LEU A 286 -34.49 10.69 17.95
C LEU A 286 -34.17 11.01 19.40
N PHE A 287 -32.93 11.41 19.68
CA PHE A 287 -32.54 11.78 21.04
C PHE A 287 -33.24 13.07 21.47
N THR A 288 -33.66 13.11 22.73
CA THR A 288 -34.29 14.28 23.32
C THR A 288 -33.54 14.70 24.57
N ARG A 289 -33.51 16.01 24.82
CA ARG A 289 -32.85 16.53 26.00
C ARG A 289 -33.49 15.95 27.26
N VAL A 290 -32.64 15.53 28.21
CA VAL A 290 -33.14 14.93 29.44
C VAL A 290 -33.95 15.93 30.25
N SER A 291 -33.59 17.22 30.16
CA SER A 291 -34.33 18.24 30.91
C SER A 291 -35.77 18.30 30.44
N GLU A 292 -36.00 18.18 29.13
CA GLU A 292 -37.36 18.19 28.61
C GLU A 292 -38.17 17.03 29.17
N THR A 293 -37.56 15.85 29.23
CA THR A 293 -38.24 14.68 29.76
C THR A 293 -38.43 14.81 31.27
N PRO A 294 -39.44 14.13 31.84
CA PRO A 294 -39.60 14.17 33.29
C PRO A 294 -38.39 13.58 33.99
N THR A 295 -37.95 14.26 35.04
CA THR A 295 -36.82 13.82 35.85
C THR A 295 -37.32 13.29 37.17
N LEU A 296 -36.68 12.23 37.66
CA LEU A 296 -37.14 11.53 38.84
C LEU A 296 -36.20 11.78 40.01
N SER A 297 -36.77 12.20 41.13
CA SER A 297 -36.04 12.37 42.37
C SER A 297 -36.84 11.75 43.50
N ALA A 298 -36.15 11.27 44.53
CA ALA A 298 -36.75 10.56 45.65
C ALA A 298 -37.60 9.40 45.15
N ALA A 299 -36.93 8.49 44.45
CA ALA A 299 -37.56 7.28 43.93
C ALA A 299 -37.29 6.12 44.88
N GLU A 300 -38.34 5.35 45.19
CA GLU A 300 -38.23 4.23 46.12
C GLU A 300 -38.84 2.99 45.50
N CYS A 301 -38.11 1.89 45.54
CA CYS A 301 -38.59 0.60 45.05
C CYS A 301 -38.83 -0.34 46.21
N THR A 302 -40.00 -0.96 46.24
CA THR A 302 -40.35 -1.92 47.29
C THR A 302 -40.91 -3.17 46.63
N LEU A 303 -40.17 -4.27 46.70
CA LEU A 303 -40.59 -5.54 46.14
C LEU A 303 -41.64 -6.14 47.05
N ASN A 304 -42.92 -5.96 46.66
CA ASN A 304 -44.02 -6.46 47.48
C ASN A 304 -44.00 -7.97 47.57
N GLU A 305 -44.22 -8.65 46.44
CA GLU A 305 -44.29 -10.10 46.41
C GLU A 305 -43.60 -10.62 45.16
N CYS A 306 -42.77 -11.64 45.33
CA CYS A 306 -42.06 -12.26 44.21
C CYS A 306 -42.19 -13.77 44.27
N VAL A 307 -42.35 -14.38 43.10
CA VAL A 307 -42.36 -15.82 42.96
C VAL A 307 -41.55 -16.17 41.70
N TYR A 308 -40.34 -16.67 41.89
CA TYR A 308 -39.50 -16.97 40.74
C TYR A 308 -40.07 -18.14 39.95
N SER A 309 -40.06 -17.99 38.63
CA SER A 309 -40.62 -19.00 37.73
C SER A 309 -40.05 -18.76 36.34
N SER A 310 -40.60 -19.47 35.36
CA SER A 310 -40.18 -19.23 33.98
C SER A 310 -40.63 -17.87 33.50
N ASP A 311 -41.87 -17.49 33.79
CA ASP A 311 -42.46 -16.27 33.26
C ASP A 311 -42.22 -15.12 34.23
N PHE A 312 -42.91 -13.99 34.00
CA PHE A 312 -42.80 -12.82 34.86
C PHE A 312 -43.55 -13.09 36.17
N GLY A 313 -42.95 -13.97 36.97
CA GLY A 313 -43.56 -14.34 38.24
C GLY A 313 -43.37 -13.34 39.35
N GLY A 314 -42.57 -12.30 39.13
CA GLY A 314 -42.31 -11.28 40.13
C GLY A 314 -42.88 -9.94 39.71
N ILE A 315 -43.48 -9.23 40.66
CA ILE A 315 -43.97 -7.88 40.46
C ILE A 315 -43.37 -7.00 41.55
N ALA A 316 -42.79 -5.87 41.15
CA ALA A 316 -42.15 -4.95 42.09
C ALA A 316 -42.81 -3.59 42.00
N THR A 317 -43.00 -2.96 43.17
CA THR A 317 -43.66 -1.68 43.28
C THR A 317 -42.63 -0.60 43.56
N VAL A 318 -42.67 0.48 42.79
CA VAL A 318 -41.72 1.57 42.89
C VAL A 318 -42.47 2.85 43.22
N LYS A 319 -42.08 3.51 44.31
CA LYS A 319 -42.64 4.80 44.71
C LYS A 319 -41.73 5.90 44.21
N TYR A 320 -42.32 6.90 43.55
CA TYR A 320 -41.55 7.94 42.89
C TYR A 320 -42.13 9.31 43.19
N SER A 321 -41.28 10.33 43.02
CA SER A 321 -41.68 11.73 43.08
C SER A 321 -41.12 12.39 41.83
N ALA A 322 -41.87 12.30 40.73
CA ALA A 322 -41.39 12.82 39.45
C ALA A 322 -41.48 14.33 39.43
N SER A 323 -40.52 14.96 38.76
CA SER A 323 -40.55 16.41 38.63
C SER A 323 -41.66 16.88 37.72
N LYS A 324 -42.00 16.08 36.70
CA LYS A 324 -43.06 16.43 35.77
C LYS A 324 -43.84 15.16 35.41
N SER A 325 -45.09 15.36 35.03
CA SER A 325 -45.89 14.25 34.53
C SER A 325 -45.34 13.78 33.19
N GLY A 326 -45.33 12.47 32.99
CA GLY A 326 -44.84 11.91 31.75
C GLY A 326 -44.44 10.46 31.95
N LYS A 327 -43.77 9.93 30.93
CA LYS A 327 -43.33 8.54 30.92
C LYS A 327 -41.81 8.48 31.06
N CYS A 328 -41.33 7.42 31.70
CA CYS A 328 -39.91 7.22 31.93
C CYS A 328 -39.54 5.79 31.56
N ALA A 329 -38.49 5.65 30.76
CA ALA A 329 -38.01 4.32 30.38
C ALA A 329 -37.45 3.60 31.60
N VAL A 330 -37.71 2.29 31.67
CA VAL A 330 -37.28 1.48 32.81
C VAL A 330 -36.58 0.24 32.28
N HIS A 331 -35.44 -0.10 32.88
CA HIS A 331 -34.68 -1.27 32.48
C HIS A 331 -33.82 -1.71 33.66
N VAL A 332 -33.41 -2.98 33.64
CA VAL A 332 -32.47 -3.50 34.62
C VAL A 332 -31.15 -3.77 33.91
N PRO A 333 -30.11 -2.95 34.12
CA PRO A 333 -28.83 -3.22 33.48
C PRO A 333 -28.24 -4.57 33.84
N SER A 334 -28.46 -5.03 35.07
CA SER A 334 -28.05 -6.36 35.44
C SER A 334 -28.95 -7.39 34.76
N GLY A 335 -28.38 -8.55 34.49
CA GLY A 335 -29.09 -9.65 33.86
C GLY A 335 -29.88 -10.53 34.78
N THR A 336 -29.91 -10.22 36.09
CA THR A 336 -30.62 -11.08 37.03
C THR A 336 -32.10 -11.16 36.71
N ALA A 337 -32.72 -10.02 36.38
CA ALA A 337 -34.14 -9.99 36.07
C ALA A 337 -34.39 -9.07 34.88
N THR A 338 -35.48 -9.33 34.17
CA THR A 338 -35.86 -8.57 32.99
C THR A 338 -37.24 -7.97 33.18
N LEU A 339 -37.36 -6.68 32.91
CA LEU A 339 -38.66 -6.01 33.00
C LEU A 339 -39.50 -6.35 31.78
N LYS A 340 -40.78 -6.61 32.02
CA LYS A 340 -41.70 -6.86 30.91
C LYS A 340 -42.01 -5.60 30.13
N GLU A 341 -42.01 -4.45 30.80
CA GLU A 341 -42.35 -3.18 30.18
C GLU A 341 -41.10 -2.32 30.06
N ALA A 342 -40.84 -1.84 28.84
CA ALA A 342 -39.69 -0.97 28.62
C ALA A 342 -39.88 0.38 29.31
N ALA A 343 -41.10 0.90 29.30
CA ALA A 343 -41.39 2.20 29.89
C ALA A 343 -42.69 2.13 30.68
N VAL A 344 -42.82 3.01 31.66
CA VAL A 344 -44.03 3.14 32.45
C VAL A 344 -44.32 4.62 32.63
N GLU A 345 -45.58 5.01 32.44
CA GLU A 345 -45.98 6.39 32.66
C GLU A 345 -45.90 6.73 34.14
N LEU A 346 -45.41 7.93 34.43
CA LEU A 346 -45.24 8.37 35.81
C LEU A 346 -46.14 9.56 36.09
N THR A 347 -46.80 9.53 37.24
CA THR A 347 -47.59 10.66 37.72
C THR A 347 -46.65 11.64 38.43
N GLU A 348 -47.22 12.58 39.17
CA GLU A 348 -46.40 13.57 39.86
C GLU A 348 -45.59 12.93 40.99
N GLN A 349 -46.28 12.39 41.99
CA GLN A 349 -45.64 11.83 43.18
C GLN A 349 -46.27 10.50 43.55
N GLY A 350 -46.67 9.73 42.54
CA GLY A 350 -47.28 8.43 42.76
C GLY A 350 -46.28 7.31 42.82
N SER A 351 -46.79 6.09 42.81
CA SER A 351 -45.98 4.89 42.84
C SER A 351 -46.33 4.01 41.65
N ALA A 352 -45.34 3.26 41.17
CA ALA A 352 -45.51 2.44 39.99
C ALA A 352 -45.14 0.99 40.29
N THR A 353 -45.74 0.07 39.55
CA THR A 353 -45.48 -1.35 39.65
C THR A 353 -45.02 -1.89 38.31
N ILE A 354 -44.08 -2.84 38.34
CA ILE A 354 -43.51 -3.43 37.15
C ILE A 354 -43.49 -4.95 37.29
N HIS A 355 -43.47 -5.64 36.16
CA HIS A 355 -43.46 -7.09 36.12
C HIS A 355 -42.10 -7.56 35.64
N PHE A 356 -41.49 -8.50 36.38
CA PHE A 356 -40.16 -9.00 36.06
C PHE A 356 -40.13 -10.50 36.25
N SER A 357 -39.19 -11.14 35.56
CA SER A 357 -38.94 -12.57 35.66
C SER A 357 -37.52 -12.80 36.16
N THR A 358 -37.38 -13.67 37.16
CA THR A 358 -36.06 -13.93 37.73
C THR A 358 -35.99 -15.39 38.17
N ALA A 359 -34.78 -15.83 38.45
CA ALA A 359 -34.55 -17.17 38.95
C ALA A 359 -33.80 -17.20 40.27
N ASN A 360 -33.48 -16.04 40.84
CA ASN A 360 -32.75 -15.98 42.10
C ASN A 360 -33.72 -15.77 43.24
N ILE A 361 -33.56 -16.58 44.30
CA ILE A 361 -34.50 -16.57 45.42
C ILE A 361 -34.43 -15.26 46.18
N HIS A 362 -33.26 -14.62 46.24
CA HIS A 362 -33.07 -13.37 46.95
C HIS A 362 -32.52 -12.36 45.96
N PRO A 363 -33.35 -11.84 45.06
CA PRO A 363 -32.84 -10.91 44.04
C PRO A 363 -32.59 -9.52 44.63
N GLU A 364 -31.37 -9.02 44.43
CA GLU A 364 -30.96 -7.69 44.87
C GLU A 364 -30.30 -7.01 43.68
N PHE A 365 -31.13 -6.35 42.87
CA PHE A 365 -30.68 -5.75 41.62
C PHE A 365 -30.97 -4.25 41.62
N ARG A 366 -30.06 -3.47 41.02
CA ARG A 366 -30.26 -2.04 40.87
C ARG A 366 -30.87 -1.79 39.51
N LEU A 367 -32.19 -1.68 39.47
CA LEU A 367 -32.88 -1.38 38.23
C LEU A 367 -32.62 0.05 37.80
N GLN A 368 -32.61 0.27 36.49
CA GLN A 368 -32.31 1.58 35.91
C GLN A 368 -33.60 2.28 35.55
N ILE A 369 -33.72 3.54 35.93
CA ILE A 369 -34.88 4.36 35.57
C ILE A 369 -34.39 5.43 34.61
N CYS A 370 -35.31 6.25 34.11
CA CYS A 370 -34.95 7.28 33.14
C CYS A 370 -33.80 8.15 33.63
N THR A 371 -33.73 8.41 34.93
CA THR A 371 -32.70 9.27 35.47
C THR A 371 -31.75 8.52 36.40
N SER A 372 -32.25 7.80 37.38
CA SER A 372 -31.42 7.29 38.46
C SER A 372 -31.56 5.77 38.59
N TYR A 373 -30.74 5.21 39.48
CA TYR A 373 -30.77 3.81 39.84
C TYR A 373 -31.44 3.64 41.20
N VAL A 374 -31.85 2.41 41.48
CA VAL A 374 -32.42 2.07 42.77
C VAL A 374 -32.22 0.59 43.03
N THR A 375 -31.67 0.27 44.20
CA THR A 375 -31.52 -1.11 44.62
C THR A 375 -32.84 -1.60 45.22
N CYS A 376 -33.21 -2.83 44.87
CA CYS A 376 -34.44 -3.42 45.36
C CYS A 376 -34.15 -4.86 45.74
N LYS A 377 -34.29 -5.16 47.03
CA LYS A 377 -33.89 -6.45 47.57
C LYS A 377 -35.07 -7.09 48.27
N GLY A 378 -35.20 -8.40 48.08
CA GLY A 378 -36.31 -9.13 48.65
C GLY A 378 -36.09 -10.63 48.48
N ASP A 379 -37.10 -11.39 48.87
CA ASP A 379 -37.06 -12.85 48.79
C ASP A 379 -38.21 -13.35 47.93
N CYS A 380 -37.89 -14.22 46.96
CA CYS A 380 -38.90 -14.78 46.08
C CYS A 380 -39.37 -16.13 46.61
N HIS A 381 -40.29 -16.77 45.89
CA HIS A 381 -40.86 -18.03 46.30
C HIS A 381 -40.82 -19.04 45.16
N PRO A 382 -40.75 -20.34 45.49
CA PRO A 382 -40.70 -21.35 44.43
C PRO A 382 -41.99 -21.39 43.66
N PRO A 383 -41.98 -21.82 42.40
CA PRO A 383 -43.19 -21.83 41.58
C PRO A 383 -44.18 -22.89 42.06
N LYS A 384 -45.43 -22.70 41.68
CA LYS A 384 -46.47 -23.67 42.03
C LYS A 384 -46.42 -24.88 41.11
N ASP A 385 -46.65 -24.65 39.82
CA ASP A 385 -46.77 -25.75 38.87
C ASP A 385 -45.39 -26.26 38.44
N HIS A 386 -45.28 -27.58 38.32
CA HIS A 386 -43.99 -28.21 38.05
C HIS A 386 -43.48 -27.89 36.64
N ILE A 387 -44.36 -27.98 35.65
CA ILE A 387 -43.95 -27.85 34.25
C ILE A 387 -44.83 -26.81 33.57
N VAL A 388 -44.22 -25.92 32.81
CA VAL A 388 -44.91 -24.84 32.12
C VAL A 388 -44.65 -24.97 30.63
N THR A 389 -45.67 -24.71 29.83
CA THR A 389 -45.50 -24.64 28.38
C THR A 389 -45.03 -23.26 27.95
N HIS A 390 -43.99 -22.77 28.60
CA HIS A 390 -43.37 -21.50 28.23
C HIS A 390 -41.87 -21.66 28.26
N PRO A 391 -41.16 -21.10 27.28
CA PRO A 391 -39.70 -21.17 27.31
C PRO A 391 -39.15 -20.39 28.49
N GLN A 392 -37.98 -20.80 28.94
CA GLN A 392 -37.37 -20.19 30.11
C GLN A 392 -36.89 -18.79 29.78
N TYR A 393 -37.51 -17.79 30.42
CA TYR A 393 -37.08 -16.40 30.22
C TYR A 393 -35.72 -16.15 30.87
N HIS A 394 -35.45 -16.78 32.00
CA HIS A 394 -34.20 -16.57 32.73
C HIS A 394 -33.61 -17.92 33.14
N ALA A 395 -32.52 -18.31 32.49
CA ALA A 395 -31.83 -19.55 32.79
C ALA A 395 -30.39 -19.33 33.22
N GLN A 396 -30.00 -18.09 33.49
CA GLN A 396 -28.63 -17.81 33.89
C GLN A 396 -28.39 -18.33 35.30
N THR A 397 -27.50 -19.30 35.42
CA THR A 397 -27.16 -19.92 36.70
C THR A 397 -25.65 -20.14 36.71
N PHE A 398 -24.93 -19.16 37.24
CA PHE A 398 -23.52 -19.30 37.56
C PHE A 398 -23.24 -19.23 39.05
N THR A 399 -23.70 -18.16 39.70
CA THR A 399 -23.66 -18.10 41.15
C THR A 399 -24.99 -18.63 41.68
N ALA A 400 -26.08 -17.96 41.33
CA ALA A 400 -27.43 -18.37 41.68
C ALA A 400 -27.53 -18.69 43.17
N ALA A 401 -27.36 -17.65 43.98
CA ALA A 401 -27.39 -17.78 45.42
C ALA A 401 -28.67 -18.50 45.85
N VAL A 402 -28.52 -19.73 46.33
CA VAL A 402 -29.69 -20.53 46.66
C VAL A 402 -30.41 -19.96 47.86
N SER A 403 -29.67 -19.63 48.92
CA SER A 403 -30.30 -19.08 50.11
C SER A 403 -29.24 -18.38 50.95
N LYS A 404 -29.70 -17.42 51.74
CA LYS A 404 -28.84 -16.83 52.76
C LYS A 404 -28.48 -17.86 53.82
N THR A 405 -29.43 -18.75 54.14
CA THR A 405 -29.14 -19.83 55.07
C THR A 405 -28.10 -20.79 54.50
N ALA A 406 -28.19 -21.09 53.21
CA ALA A 406 -27.21 -21.99 52.61
C ALA A 406 -25.82 -21.38 52.65
N TRP A 407 -25.70 -20.10 52.31
CA TRP A 407 -24.42 -19.42 52.40
C TRP A 407 -23.94 -19.37 53.85
N THR A 408 -24.87 -19.19 54.77
CA THR A 408 -24.50 -19.14 56.19
C THR A 408 -23.90 -20.45 56.64
N TRP A 409 -24.55 -21.57 56.28
CA TRP A 409 -24.01 -22.87 56.65
C TRP A 409 -22.67 -23.12 55.96
N LEU A 410 -22.56 -22.73 54.69
CA LEU A 410 -21.31 -22.92 53.98
C LEU A 410 -20.17 -22.16 54.65
N THR A 411 -20.43 -20.91 55.04
CA THR A 411 -19.44 -20.16 55.80
C THR A 411 -19.14 -20.85 57.13
N SER A 412 -20.17 -21.40 57.77
CA SER A 412 -19.99 -22.00 59.09
C SER A 412 -19.04 -23.19 59.03
N LEU A 413 -19.31 -24.15 58.14
CA LEU A 413 -18.49 -25.34 58.09
C LEU A 413 -17.28 -25.20 57.17
N LEU A 414 -17.21 -24.14 56.38
CA LEU A 414 -16.05 -23.82 55.57
C LEU A 414 -15.65 -22.39 55.91
N GLY A 415 -14.63 -22.24 56.75
CA GLY A 415 -14.23 -20.95 57.27
C GLY A 415 -14.03 -21.02 58.76
N GLY A 416 -14.92 -21.75 59.45
CA GLY A 416 -14.67 -22.07 60.84
C GLY A 416 -13.48 -22.98 61.02
N SER A 417 -13.32 -23.93 60.10
CA SER A 417 -12.12 -24.76 60.09
C SER A 417 -10.87 -23.90 59.89
N ALA A 418 -10.99 -22.85 59.08
CA ALA A 418 -9.89 -21.90 58.94
C ALA A 418 -9.60 -21.22 60.27
N VAL A 419 -10.65 -20.92 61.04
CA VAL A 419 -10.45 -20.35 62.38
C VAL A 419 -9.70 -21.33 63.26
N ILE A 420 -10.04 -22.62 63.16
CA ILE A 420 -9.34 -23.63 63.95
C ILE A 420 -7.88 -23.68 63.56
N ILE A 421 -7.59 -23.59 62.26
CA ILE A 421 -6.21 -23.57 61.78
C ILE A 421 -5.46 -22.37 62.34
N ILE A 422 -6.13 -21.21 62.34
CA ILE A 422 -5.51 -20.00 62.88
C ILE A 422 -5.21 -20.16 64.35
N ILE A 423 -6.14 -20.75 65.11
CA ILE A 423 -5.92 -20.98 66.53
C ILE A 423 -4.73 -21.90 66.73
N GLY A 424 -4.63 -22.96 65.93
CA GLY A 424 -3.52 -23.87 66.05
C GLY A 424 -2.19 -23.22 65.74
N LEU A 425 -2.15 -22.40 64.70
CA LEU A 425 -0.91 -21.71 64.36
C LEU A 425 -0.51 -20.73 65.45
N VAL A 426 -1.50 -20.02 66.01
CA VAL A 426 -1.22 -19.10 67.11
C VAL A 426 -0.65 -19.86 68.30
N LEU A 427 -1.25 -21.00 68.63
CA LEU A 427 -0.75 -21.80 69.74
C LEU A 427 0.67 -22.28 69.48
N ALA A 428 0.95 -22.73 68.26
CA ALA A 428 2.28 -23.20 67.94
C ALA A 428 3.31 -22.08 68.10
N THR A 429 2.99 -20.89 67.58
CA THR A 429 3.93 -19.78 67.69
C THR A 429 4.15 -19.37 69.14
N ILE A 430 3.07 -19.27 69.92
CA ILE A 430 3.23 -18.80 71.30
C ILE A 430 3.95 -19.85 72.13
N VAL A 431 3.77 -21.13 71.85
CA VAL A 431 4.51 -22.12 72.62
C VAL A 431 5.96 -22.17 72.19
N ALA A 432 6.25 -21.88 70.91
CA ALA A 432 7.64 -21.72 70.51
C ALA A 432 8.29 -20.57 71.27
N MET A 433 7.58 -19.45 71.39
CA MET A 433 8.08 -18.32 72.16
C MET A 433 8.23 -18.68 73.63
N TYR A 434 7.30 -19.46 74.18
CA TYR A 434 7.39 -19.89 75.57
C TYR A 434 8.62 -20.76 75.78
N VAL A 435 8.91 -21.66 74.83
CA VAL A 435 10.13 -22.45 74.90
C VAL A 435 11.35 -21.53 74.89
N LEU A 436 11.34 -20.55 74.00
CA LEU A 436 12.48 -19.64 73.90
C LEU A 436 12.70 -18.88 75.20
N THR A 437 11.62 -18.36 75.79
CA THR A 437 11.77 -17.57 76.99
C THR A 437 12.11 -18.44 78.20
N ASN A 438 11.59 -19.66 78.27
CA ASN A 438 11.97 -20.57 79.35
C ASN A 438 13.44 -20.92 79.24
N GLN A 439 13.93 -21.13 78.02
CA GLN A 439 15.37 -21.34 77.82
C GLN A 439 16.16 -20.14 78.32
N LYS A 440 15.94 -18.97 77.73
CA LYS A 440 16.63 -17.76 78.18
C LYS A 440 15.73 -16.55 77.88
N HIS A 441 14.98 -16.11 78.91
CA HIS A 441 14.17 -14.91 78.77
C HIS A 441 15.03 -13.66 78.59
N ASN A 442 16.10 -13.55 79.36
CA ASN A 442 17.02 -12.43 79.24
C ASN A 442 18.03 -12.69 78.13
N SER B 1 -63.10 -33.89 -23.34
CA SER B 1 -63.14 -35.28 -22.92
C SER B 1 -63.17 -36.21 -24.12
N THR B 2 -63.73 -35.71 -25.23
CA THR B 2 -63.86 -36.52 -26.43
C THR B 2 -62.50 -36.78 -27.08
N GLU B 3 -61.59 -35.80 -27.00
CA GLU B 3 -60.37 -35.85 -27.78
C GLU B 3 -59.49 -37.04 -27.40
N GLU B 4 -59.22 -37.21 -26.12
CA GLU B 4 -58.33 -38.29 -25.69
C GLU B 4 -58.99 -39.64 -25.88
N LEU B 5 -60.30 -39.70 -25.67
CA LEU B 5 -61.02 -40.95 -25.92
C LEU B 5 -60.91 -41.35 -27.38
N PHE B 6 -61.07 -40.39 -28.30
CA PHE B 6 -60.95 -40.69 -29.71
C PHE B 6 -59.52 -41.08 -30.07
N ASN B 7 -58.54 -40.40 -29.48
CA ASN B 7 -57.14 -40.74 -29.75
C ASN B 7 -56.82 -42.16 -29.32
N GLU B 8 -57.33 -42.57 -28.15
CA GLU B 8 -57.08 -43.94 -27.69
C GLU B 8 -57.88 -44.96 -28.48
N TYR B 9 -59.09 -44.61 -28.89
CA TYR B 9 -60.01 -45.56 -29.50
C TYR B 9 -59.88 -45.67 -31.01
N LYS B 10 -59.16 -44.77 -31.65
CA LYS B 10 -58.85 -44.97 -33.06
C LYS B 10 -57.82 -46.07 -33.26
N LEU B 11 -56.97 -46.31 -32.27
CA LEU B 11 -55.92 -47.31 -32.36
C LEU B 11 -55.90 -48.15 -31.09
N THR B 12 -57.09 -48.61 -30.67
CA THR B 12 -57.20 -49.40 -29.45
C THR B 12 -56.93 -50.88 -29.72
N ARG B 13 -57.75 -51.49 -30.57
CA ARG B 13 -57.65 -52.91 -30.92
C ARG B 13 -57.56 -53.76 -29.67
N PRO B 14 -58.64 -53.88 -28.90
CA PRO B 14 -58.58 -54.71 -27.68
C PRO B 14 -58.26 -56.15 -28.03
N TYR B 15 -57.59 -56.83 -27.10
CA TYR B 15 -57.00 -58.13 -27.35
C TYR B 15 -57.30 -59.07 -26.19
N MET B 16 -56.82 -60.30 -26.31
CA MET B 16 -56.81 -61.26 -25.22
C MET B 16 -55.38 -61.66 -24.93
N ALA B 17 -55.07 -61.84 -23.65
CA ALA B 17 -53.72 -62.15 -23.20
C ALA B 17 -53.72 -63.45 -22.42
N ARG B 18 -52.55 -64.10 -22.41
CA ARG B 18 -52.36 -65.30 -21.61
C ARG B 18 -52.52 -64.97 -20.13
N CYS B 19 -53.37 -65.73 -19.44
CA CYS B 19 -53.62 -65.56 -18.01
C CYS B 19 -53.35 -66.87 -17.29
N ILE B 20 -52.71 -66.78 -16.13
CA ILE B 20 -52.33 -67.98 -15.41
C ILE B 20 -53.56 -68.65 -14.79
N ARG B 21 -54.58 -67.88 -14.42
CA ARG B 21 -55.76 -68.40 -13.76
C ARG B 21 -57.00 -67.98 -14.55
N CYS B 22 -57.57 -68.93 -15.29
CA CYS B 22 -58.83 -68.72 -15.98
C CYS B 22 -60.00 -69.32 -15.22
N ALA B 23 -59.83 -69.55 -13.92
CA ALA B 23 -60.80 -70.17 -13.02
C ALA B 23 -60.96 -71.65 -13.31
N VAL B 24 -60.35 -72.12 -14.40
CA VAL B 24 -60.22 -73.54 -14.69
C VAL B 24 -58.92 -73.76 -15.44
N GLY B 25 -57.96 -74.42 -14.79
CA GLY B 25 -56.64 -74.57 -15.39
C GLY B 25 -56.04 -73.21 -15.70
N SER B 26 -55.44 -73.10 -16.88
CA SER B 26 -54.93 -71.84 -17.39
C SER B 26 -55.31 -71.72 -18.85
N CYS B 27 -55.48 -70.49 -19.31
CA CYS B 27 -55.92 -70.23 -20.67
C CYS B 27 -55.50 -68.83 -21.08
N HIS B 28 -56.04 -68.36 -22.20
CA HIS B 28 -55.87 -67.00 -22.67
C HIS B 28 -57.17 -66.25 -22.44
N SER B 29 -57.12 -65.19 -21.67
CA SER B 29 -58.34 -64.53 -21.25
C SER B 29 -58.46 -63.16 -21.88
N PRO B 30 -59.64 -62.79 -22.37
CA PRO B 30 -59.84 -61.40 -22.80
C PRO B 30 -59.73 -60.41 -21.68
N ILE B 31 -59.89 -60.86 -20.43
CA ILE B 31 -59.89 -59.97 -19.29
C ILE B 31 -58.55 -59.95 -18.56
N ALA B 32 -57.52 -60.52 -19.17
CA ALA B 32 -56.23 -60.66 -18.49
C ALA B 32 -55.64 -59.30 -18.14
N ILE B 33 -55.02 -59.23 -16.97
CA ILE B 33 -54.46 -58.00 -16.42
C ILE B 33 -52.94 -58.07 -16.54
N GLU B 34 -52.34 -56.98 -17.03
CA GLU B 34 -50.91 -56.93 -17.28
C GLU B 34 -50.14 -56.06 -16.31
N ALA B 35 -50.78 -55.10 -15.66
CA ALA B 35 -50.07 -54.18 -14.78
C ALA B 35 -51.00 -53.68 -13.69
N VAL B 36 -50.48 -53.65 -12.45
CA VAL B 36 -51.23 -53.16 -11.29
C VAL B 36 -50.33 -52.21 -10.51
N LYS B 37 -50.85 -51.01 -10.24
CA LYS B 37 -50.16 -50.04 -9.39
C LYS B 37 -50.98 -49.81 -8.14
N SER B 38 -50.34 -49.96 -6.98
CA SER B 38 -51.02 -49.85 -5.69
C SER B 38 -50.26 -48.92 -4.75
N ASP B 39 -49.83 -47.78 -5.27
CA ASP B 39 -49.15 -46.80 -4.43
C ASP B 39 -50.11 -45.77 -3.83
N GLY B 40 -51.37 -45.79 -4.22
CA GLY B 40 -52.33 -44.81 -3.72
C GLY B 40 -52.53 -44.95 -2.23
N HIS B 41 -52.48 -43.82 -1.51
CA HIS B 41 -52.59 -43.85 -0.07
C HIS B 41 -53.97 -44.35 0.37
N ASP B 42 -55.04 -43.85 -0.24
CA ASP B 42 -56.38 -44.22 0.19
C ASP B 42 -56.69 -45.68 -0.12
N GLY B 43 -56.00 -46.25 -1.12
CA GLY B 43 -56.27 -47.62 -1.48
C GLY B 43 -56.67 -47.72 -2.93
N TYR B 44 -56.82 -46.57 -3.59
CA TYR B 44 -57.17 -46.56 -5.00
C TYR B 44 -56.03 -47.15 -5.81
N VAL B 45 -56.38 -48.01 -6.77
CA VAL B 45 -55.42 -48.74 -7.57
C VAL B 45 -55.68 -48.45 -9.04
N ARG B 46 -54.63 -48.13 -9.77
CA ARG B 46 -54.70 -47.89 -11.21
C ARG B 46 -54.11 -49.08 -11.93
N LEU B 47 -54.90 -49.70 -12.80
CA LEU B 47 -54.47 -50.88 -13.54
C LEU B 47 -54.91 -50.77 -14.99
N GLN B 48 -54.15 -51.39 -15.88
CA GLN B 48 -54.49 -51.49 -17.28
C GLN B 48 -54.79 -52.93 -17.63
N THR B 49 -55.80 -53.15 -18.46
CA THR B 49 -56.22 -54.49 -18.86
C THR B 49 -56.28 -54.57 -20.37
N SER B 50 -56.43 -55.79 -20.86
CA SER B 50 -56.63 -55.99 -22.30
C SER B 50 -57.91 -55.31 -22.77
N SER B 51 -58.97 -55.40 -21.97
CA SER B 51 -60.24 -54.79 -22.32
C SER B 51 -60.19 -53.28 -22.19
N GLN B 52 -61.00 -52.60 -23.00
CA GLN B 52 -61.10 -51.14 -22.98
C GLN B 52 -62.37 -50.68 -22.28
N TYR B 53 -62.34 -49.44 -21.81
CA TYR B 53 -63.46 -48.84 -21.12
C TYR B 53 -63.66 -47.41 -21.61
N GLY B 54 -64.87 -46.91 -21.43
CA GLY B 54 -65.21 -45.54 -21.78
C GLY B 54 -65.87 -45.36 -23.12
N LEU B 55 -65.83 -46.37 -23.99
CA LEU B 55 -66.51 -46.30 -25.27
C LEU B 55 -67.05 -47.68 -25.63
N ASP B 56 -68.00 -47.68 -26.57
CA ASP B 56 -68.65 -48.91 -27.01
C ASP B 56 -67.76 -49.63 -28.02
N SER B 57 -68.33 -50.61 -28.72
CA SER B 57 -67.60 -51.32 -29.76
C SER B 57 -67.50 -50.55 -31.06
N SER B 58 -68.24 -49.45 -31.20
CA SER B 58 -68.26 -48.65 -32.42
C SER B 58 -67.44 -47.37 -32.29
N GLY B 59 -66.60 -47.28 -31.26
CA GLY B 59 -65.81 -46.09 -31.06
C GLY B 59 -66.60 -44.84 -30.71
N ASN B 60 -67.62 -44.98 -29.87
CA ASN B 60 -68.45 -43.86 -29.45
C ASN B 60 -68.38 -43.74 -27.93
N LEU B 61 -68.30 -42.51 -27.45
CA LEU B 61 -68.04 -42.24 -26.03
C LEU B 61 -69.14 -42.82 -25.16
N LYS B 62 -68.84 -43.90 -24.44
CA LYS B 62 -69.83 -44.57 -23.59
C LYS B 62 -69.10 -45.14 -22.38
N GLY B 63 -69.03 -44.33 -21.32
CA GLY B 63 -68.24 -44.69 -20.16
C GLY B 63 -68.86 -45.72 -19.24
N ARG B 64 -70.11 -46.08 -19.45
CA ARG B 64 -70.79 -47.03 -18.58
C ARG B 64 -70.57 -48.48 -18.99
N THR B 65 -69.81 -48.73 -20.05
CA THR B 65 -69.62 -50.07 -20.56
C THR B 65 -68.13 -50.42 -20.63
N MET B 66 -67.86 -51.72 -20.58
CA MET B 66 -66.53 -52.27 -20.75
C MET B 66 -66.46 -52.96 -22.10
N ARG B 67 -65.44 -52.65 -22.88
CA ARG B 67 -65.30 -53.18 -24.22
C ARG B 67 -64.09 -54.12 -24.28
N TYR B 68 -64.28 -55.26 -24.93
CA TYR B 68 -63.26 -56.30 -24.99
C TYR B 68 -63.37 -56.98 -26.35
N ASP B 69 -62.79 -58.17 -26.46
CA ASP B 69 -62.90 -58.95 -27.67
C ASP B 69 -62.77 -60.43 -27.33
N MET B 70 -63.34 -61.27 -28.18
CA MET B 70 -63.26 -62.72 -28.00
C MET B 70 -62.86 -63.33 -29.33
N HIS B 71 -61.65 -63.87 -29.38
CA HIS B 71 -61.16 -64.59 -30.55
C HIS B 71 -61.22 -63.75 -31.81
N GLY B 72 -60.84 -62.48 -31.68
CA GLY B 72 -60.88 -61.54 -32.78
C GLY B 72 -62.21 -60.88 -33.00
N THR B 73 -63.23 -61.24 -32.23
CA THR B 73 -64.55 -60.63 -32.33
C THR B 73 -64.71 -59.63 -31.20
N ILE B 74 -64.93 -58.37 -31.55
CA ILE B 74 -65.03 -57.31 -30.56
C ILE B 74 -66.41 -57.37 -29.90
N LYS B 75 -66.41 -57.43 -28.56
CA LYS B 75 -67.64 -57.46 -27.79
C LYS B 75 -67.52 -56.52 -26.61
N GLU B 76 -68.65 -56.08 -26.11
CA GLU B 76 -68.71 -55.09 -25.04
C GLU B 76 -69.67 -55.54 -23.95
N ILE B 77 -69.43 -55.06 -22.74
CA ILE B 77 -70.29 -55.35 -21.60
C ILE B 77 -70.45 -54.10 -20.76
N PRO B 78 -71.61 -53.94 -20.12
CA PRO B 78 -71.77 -52.83 -19.19
C PRO B 78 -70.77 -52.92 -18.05
N LEU B 79 -70.27 -51.76 -17.63
CA LEU B 79 -69.19 -51.74 -16.65
C LEU B 79 -69.65 -52.29 -15.29
N HIS B 80 -70.86 -51.94 -14.87
CA HIS B 80 -71.35 -52.41 -13.59
C HIS B 80 -71.56 -53.92 -13.57
N GLN B 81 -71.71 -54.55 -14.73
CA GLN B 81 -71.98 -55.98 -14.79
C GLN B 81 -70.78 -56.78 -14.30
N VAL B 82 -69.58 -56.33 -14.61
CA VAL B 82 -68.35 -57.06 -14.31
C VAL B 82 -67.60 -56.33 -13.20
N SER B 83 -67.18 -57.08 -12.18
CA SER B 83 -66.51 -56.52 -11.02
C SER B 83 -65.29 -57.36 -10.68
N LEU B 84 -64.30 -56.72 -10.05
CA LEU B 84 -63.09 -57.36 -9.58
C LEU B 84 -63.06 -57.34 -8.06
N TYR B 85 -62.27 -58.25 -7.47
CA TYR B 85 -62.16 -58.33 -6.03
C TYR B 85 -60.75 -58.72 -5.63
N THR B 86 -60.53 -58.77 -4.32
CA THR B 86 -59.27 -59.12 -3.67
C THR B 86 -59.63 -59.87 -2.39
N SER B 87 -58.71 -59.90 -1.43
CA SER B 87 -58.98 -60.43 -0.10
C SER B 87 -60.36 -60.02 0.40
N ARG B 88 -60.76 -58.80 0.10
CA ARG B 88 -62.13 -58.34 0.29
C ARG B 88 -62.61 -57.73 -1.01
N PRO B 89 -63.92 -57.72 -1.26
CA PRO B 89 -64.42 -57.21 -2.53
C PRO B 89 -64.02 -55.77 -2.76
N CYS B 90 -63.73 -55.43 -4.02
CA CYS B 90 -63.30 -54.09 -4.37
C CYS B 90 -64.47 -53.23 -4.78
N HIS B 91 -64.16 -52.02 -5.24
CA HIS B 91 -65.15 -51.11 -5.81
C HIS B 91 -64.55 -50.46 -7.03
N ILE B 92 -65.28 -50.48 -8.14
CA ILE B 92 -64.80 -49.92 -9.39
C ILE B 92 -65.19 -48.44 -9.43
N VAL B 93 -64.22 -47.58 -9.70
CA VAL B 93 -64.45 -46.15 -9.71
C VAL B 93 -64.88 -45.72 -11.11
N ASP B 94 -63.98 -45.85 -12.07
CA ASP B 94 -64.26 -45.47 -13.45
C ASP B 94 -63.17 -46.05 -14.33
N GLY B 95 -63.51 -46.22 -15.61
CA GLY B 95 -62.58 -46.79 -16.56
C GLY B 95 -62.42 -45.91 -17.78
N HIS B 96 -61.21 -45.92 -18.33
CA HIS B 96 -60.86 -45.01 -19.42
C HIS B 96 -59.91 -45.74 -20.36
N GLY B 97 -60.45 -46.27 -21.45
CA GLY B 97 -59.61 -46.98 -22.41
C GLY B 97 -58.97 -48.20 -21.79
N TYR B 98 -57.66 -48.34 -22.01
CA TYR B 98 -56.93 -49.46 -21.45
C TYR B 98 -56.93 -49.43 -19.93
N PHE B 99 -56.72 -48.25 -19.34
CA PHE B 99 -56.56 -48.16 -17.90
C PHE B 99 -57.92 -48.12 -17.20
N LEU B 100 -57.96 -48.69 -16.01
CA LEU B 100 -59.15 -48.75 -15.18
C LEU B 100 -58.80 -48.33 -13.76
N LEU B 101 -59.69 -47.59 -13.12
CA LEU B 101 -59.50 -47.14 -11.75
C LEU B 101 -60.53 -47.81 -10.86
N ALA B 102 -60.08 -48.33 -9.71
CA ALA B 102 -60.99 -49.03 -8.82
C ALA B 102 -60.52 -48.86 -7.38
N ARG B 103 -61.46 -49.08 -6.46
CA ARG B 103 -61.24 -48.96 -5.03
C ARG B 103 -61.09 -50.38 -4.48
N CYS B 104 -59.85 -50.83 -4.39
CA CYS B 104 -59.60 -52.16 -3.88
C CYS B 104 -59.05 -52.09 -2.46
N PRO B 105 -59.52 -52.94 -1.56
CA PRO B 105 -58.87 -53.05 -0.25
C PRO B 105 -57.55 -53.79 -0.36
N ALA B 106 -56.83 -53.91 0.75
CA ALA B 106 -55.54 -54.58 0.72
C ALA B 106 -55.71 -56.05 0.36
N GLY B 107 -54.81 -56.56 -0.46
CA GLY B 107 -54.87 -57.94 -0.89
C GLY B 107 -53.57 -58.35 -1.55
N ASP B 108 -53.33 -59.65 -1.58
CA ASP B 108 -52.13 -60.20 -2.18
C ASP B 108 -52.29 -60.52 -3.67
N SER B 109 -53.52 -60.57 -4.17
CA SER B 109 -53.76 -60.91 -5.57
C SER B 109 -54.95 -60.13 -6.09
N ILE B 110 -55.01 -59.97 -7.41
CA ILE B 110 -56.07 -59.24 -8.10
C ILE B 110 -56.77 -60.19 -9.05
N THR B 111 -58.09 -60.21 -8.99
CA THR B 111 -58.89 -61.04 -9.89
C THR B 111 -60.14 -60.28 -10.30
N MET B 112 -60.45 -60.33 -11.59
CA MET B 112 -61.66 -59.71 -12.14
C MET B 112 -62.52 -60.79 -12.75
N GLU B 113 -63.76 -60.91 -12.27
CA GLU B 113 -64.67 -61.95 -12.74
C GLU B 113 -65.54 -61.40 -13.85
N PHE B 114 -65.45 -62.00 -15.03
CA PHE B 114 -66.34 -61.70 -16.15
C PHE B 114 -67.29 -62.90 -16.30
N LYS B 115 -68.56 -62.67 -15.98
CA LYS B 115 -69.59 -63.67 -16.16
C LYS B 115 -70.42 -63.29 -17.38
N LYS B 116 -70.26 -64.04 -18.46
CA LYS B 116 -71.08 -63.88 -19.65
C LYS B 116 -72.42 -64.58 -19.42
N ASP B 117 -73.15 -64.81 -20.52
CA ASP B 117 -74.45 -65.46 -20.42
C ASP B 117 -74.33 -66.83 -19.76
N SER B 118 -73.35 -67.63 -20.16
CA SER B 118 -73.14 -68.93 -19.57
C SER B 118 -71.71 -69.09 -19.07
N VAL B 119 -70.79 -68.40 -19.72
CA VAL B 119 -69.37 -68.54 -19.41
C VAL B 119 -68.99 -67.48 -18.38
N ARG B 120 -68.49 -67.95 -17.24
CA ARG B 120 -67.94 -67.07 -16.21
C ARG B 120 -66.43 -67.30 -16.19
N HIS B 121 -65.68 -66.40 -16.81
CA HIS B 121 -64.23 -66.52 -16.88
C HIS B 121 -63.60 -65.32 -16.19
N SER B 122 -62.62 -65.59 -15.34
CA SER B 122 -61.94 -64.55 -14.58
C SER B 122 -60.43 -64.75 -14.72
N CYS B 123 -59.69 -63.65 -14.60
CA CYS B 123 -58.24 -63.71 -14.62
C CYS B 123 -57.71 -63.22 -13.29
N SER B 124 -56.86 -64.03 -12.65
CA SER B 124 -56.25 -63.70 -11.38
C SER B 124 -54.76 -63.51 -11.58
N VAL B 125 -54.22 -62.44 -11.01
CA VAL B 125 -52.80 -62.17 -11.12
C VAL B 125 -52.20 -62.07 -9.72
N PRO B 126 -51.09 -62.74 -9.45
CA PRO B 126 -50.47 -62.69 -8.12
C PRO B 126 -49.72 -61.39 -7.89
N TYR B 127 -50.45 -60.28 -7.89
CA TYR B 127 -49.90 -58.97 -7.59
C TYR B 127 -50.47 -58.52 -6.25
N GLU B 128 -49.59 -58.14 -5.33
CA GLU B 128 -50.05 -57.64 -4.05
C GLU B 128 -50.63 -56.24 -4.19
N VAL B 129 -51.53 -55.90 -3.28
CA VAL B 129 -52.18 -54.60 -3.24
C VAL B 129 -51.75 -53.93 -1.95
N LYS B 130 -50.97 -52.85 -2.06
CA LYS B 130 -50.45 -52.16 -0.89
C LYS B 130 -51.44 -51.09 -0.45
N PHE B 131 -52.01 -51.26 0.74
CA PHE B 131 -52.86 -50.23 1.35
C PHE B 131 -52.00 -49.47 2.35
N ASN B 132 -51.21 -48.54 1.83
CA ASN B 132 -50.31 -47.76 2.67
C ASN B 132 -51.07 -46.61 3.29
N PRO B 133 -51.13 -46.53 4.62
CA PRO B 133 -51.94 -45.47 5.24
C PRO B 133 -51.30 -44.09 5.11
N VAL B 134 -51.93 -43.10 5.74
CA VAL B 134 -51.48 -41.72 5.67
C VAL B 134 -51.03 -41.29 7.06
N GLY B 135 -49.84 -40.71 7.14
CA GLY B 135 -49.34 -40.23 8.39
C GLY B 135 -48.83 -41.35 9.28
N ARG B 136 -48.70 -41.03 10.56
CA ARG B 136 -48.20 -41.95 11.55
C ARG B 136 -49.30 -42.73 12.26
N GLU B 137 -50.56 -42.53 11.86
CA GLU B 137 -51.69 -43.27 12.42
C GLU B 137 -52.03 -44.42 11.48
N LEU B 138 -51.76 -45.64 11.91
CA LEU B 138 -51.89 -46.80 11.05
C LEU B 138 -53.34 -47.29 11.08
N TYR B 139 -54.10 -46.91 10.07
CA TYR B 139 -55.48 -47.33 9.93
C TYR B 139 -55.61 -48.30 8.76
N THR B 140 -56.35 -49.38 8.96
CA THR B 140 -56.62 -50.35 7.90
C THR B 140 -57.83 -49.96 7.05
N HIS B 141 -58.53 -48.89 7.41
CA HIS B 141 -59.68 -48.43 6.65
C HIS B 141 -59.87 -46.95 6.95
N PRO B 142 -60.27 -46.14 6.00
CA PRO B 142 -60.44 -44.71 6.26
C PRO B 142 -61.41 -44.47 7.40
N PRO B 143 -61.04 -43.65 8.38
CA PRO B 143 -61.96 -43.36 9.47
C PRO B 143 -63.04 -42.37 9.04
N GLU B 144 -64.15 -42.38 9.79
CA GLU B 144 -65.27 -41.51 9.46
C GLU B 144 -64.90 -40.03 9.60
N HIS B 145 -64.16 -39.69 10.65
CA HIS B 145 -63.77 -38.31 10.89
C HIS B 145 -62.30 -38.25 11.29
N GLY B 146 -61.80 -37.05 11.53
CA GLY B 146 -60.44 -36.81 11.93
C GLY B 146 -59.82 -35.66 11.16
N VAL B 147 -58.59 -35.34 11.53
CA VAL B 147 -57.88 -34.23 10.90
C VAL B 147 -57.45 -34.64 9.48
N GLU B 148 -57.25 -33.63 8.63
CA GLU B 148 -56.93 -33.85 7.23
C GLU B 148 -55.52 -33.37 6.92
N GLN B 149 -54.81 -34.14 6.08
CA GLN B 149 -53.44 -33.85 5.68
C GLN B 149 -53.33 -33.97 4.16
N ALA B 150 -52.15 -33.65 3.64
CA ALA B 150 -51.88 -33.86 2.24
C ALA B 150 -51.76 -35.35 1.95
N CYS B 151 -52.49 -35.82 0.94
CA CYS B 151 -52.52 -37.23 0.58
C CYS B 151 -52.34 -37.39 -0.92
N GLN B 152 -51.67 -38.45 -1.32
CA GLN B 152 -51.40 -38.73 -2.73
C GLN B 152 -52.23 -39.94 -3.15
N VAL B 153 -53.26 -39.70 -3.97
CA VAL B 153 -54.11 -40.75 -4.48
C VAL B 153 -54.32 -40.51 -5.98
N TYR B 154 -54.70 -41.57 -6.68
CA TYR B 154 -54.95 -41.46 -8.11
C TYR B 154 -56.26 -40.74 -8.35
N ALA B 155 -56.19 -39.53 -8.91
CA ALA B 155 -57.40 -38.81 -9.26
C ALA B 155 -58.10 -39.51 -10.41
N HIS B 156 -59.43 -39.57 -10.34
CA HIS B 156 -60.21 -40.19 -11.41
C HIS B 156 -60.35 -39.29 -12.62
N ASP B 157 -59.73 -38.10 -12.61
CA ASP B 157 -59.80 -37.21 -13.75
C ASP B 157 -59.18 -37.88 -14.98
N ALA B 158 -59.80 -37.62 -16.13
CA ALA B 158 -59.36 -38.19 -17.40
C ALA B 158 -58.30 -37.35 -18.11
N GLN B 159 -57.84 -36.28 -17.49
CA GLN B 159 -56.76 -35.50 -18.07
C GLN B 159 -55.52 -36.37 -18.19
N ASN B 160 -54.76 -36.14 -19.26
CA ASN B 160 -53.54 -36.90 -19.52
C ASN B 160 -52.46 -35.89 -19.87
N ARG B 161 -51.65 -35.53 -18.89
CA ARG B 161 -50.75 -34.39 -19.01
C ARG B 161 -49.35 -34.80 -19.45
N GLY B 162 -48.65 -35.58 -18.64
CA GLY B 162 -47.24 -35.81 -18.88
C GLY B 162 -46.81 -37.26 -18.91
N ALA B 163 -47.70 -38.16 -19.32
CA ALA B 163 -47.33 -39.56 -19.44
C ALA B 163 -48.04 -40.16 -20.64
N TYR B 164 -47.42 -41.16 -21.24
CA TYR B 164 -48.01 -41.86 -22.38
C TYR B 164 -47.35 -43.22 -22.52
N VAL B 165 -48.02 -44.09 -23.27
CA VAL B 165 -47.48 -45.38 -23.64
C VAL B 165 -47.54 -45.50 -25.16
N GLU B 166 -46.70 -46.38 -25.69
CA GLU B 166 -46.52 -46.50 -27.13
C GLU B 166 -47.37 -47.65 -27.66
N MET B 167 -48.10 -47.37 -28.73
CA MET B 167 -48.94 -48.37 -29.39
C MET B 167 -48.31 -48.73 -30.73
N HIS B 168 -48.24 -50.03 -31.01
CA HIS B 168 -47.66 -50.51 -32.26
C HIS B 168 -48.73 -51.22 -33.08
N LEU B 169 -48.43 -51.38 -34.36
CA LEU B 169 -49.31 -52.13 -35.23
C LEU B 169 -49.33 -53.59 -34.80
N PRO B 170 -50.49 -54.18 -34.55
CA PRO B 170 -50.53 -55.55 -34.04
C PRO B 170 -49.93 -56.54 -35.02
N GLY B 171 -49.28 -57.56 -34.49
CA GLY B 171 -48.70 -58.59 -35.31
C GLY B 171 -49.72 -59.63 -35.72
N SER B 172 -49.27 -60.56 -36.56
CA SER B 172 -50.13 -61.61 -37.04
C SER B 172 -50.46 -62.59 -35.92
N GLU B 173 -51.72 -62.99 -35.85
CA GLU B 173 -52.20 -63.93 -34.85
C GLU B 173 -52.65 -65.21 -35.53
N VAL B 174 -52.29 -66.34 -34.95
CA VAL B 174 -52.67 -67.64 -35.49
C VAL B 174 -54.11 -67.94 -35.11
N ASP B 175 -54.87 -68.50 -36.05
CA ASP B 175 -56.27 -68.82 -35.82
C ASP B 175 -56.59 -70.10 -36.59
N SER B 176 -56.47 -71.24 -35.91
CA SER B 176 -56.74 -72.52 -36.53
C SER B 176 -58.23 -72.80 -36.71
N SER B 177 -59.10 -71.97 -36.12
CA SER B 177 -60.53 -72.11 -36.35
C SER B 177 -60.86 -71.88 -37.82
N LEU B 178 -60.11 -70.99 -38.48
CA LEU B 178 -60.30 -70.76 -39.90
C LEU B 178 -59.86 -71.94 -40.76
N VAL B 179 -59.07 -72.86 -40.21
CA VAL B 179 -58.60 -74.01 -40.97
C VAL B 179 -59.73 -75.01 -41.11
N SER B 180 -60.14 -75.26 -42.36
CA SER B 180 -61.19 -76.22 -42.66
C SER B 180 -60.60 -77.34 -43.50
N LEU B 181 -61.06 -78.57 -43.23
CA LEU B 181 -60.55 -79.76 -43.89
C LEU B 181 -61.50 -80.14 -45.02
N SER B 182 -61.06 -79.94 -46.26
CA SER B 182 -61.82 -80.34 -47.44
C SER B 182 -61.25 -81.64 -47.98
N GLY B 183 -61.77 -82.08 -49.13
CA GLY B 183 -61.31 -83.32 -49.70
C GLY B 183 -59.90 -83.24 -50.24
N SER B 184 -58.96 -83.87 -49.53
CA SER B 184 -57.55 -83.90 -49.93
C SER B 184 -56.96 -82.52 -50.10
N SER B 185 -57.52 -81.54 -49.39
CA SER B 185 -57.02 -80.17 -49.42
C SER B 185 -57.54 -79.43 -48.20
N VAL B 186 -56.98 -78.26 -47.95
CA VAL B 186 -57.36 -77.42 -46.82
C VAL B 186 -57.96 -76.13 -47.37
N THR B 187 -59.14 -75.78 -46.88
CA THR B 187 -59.83 -74.55 -47.29
C THR B 187 -59.88 -73.62 -46.08
N VAL B 188 -58.80 -72.87 -45.88
CA VAL B 188 -58.77 -71.85 -44.84
C VAL B 188 -59.51 -70.64 -45.39
N THR B 189 -60.74 -70.43 -44.90
CA THR B 189 -61.59 -69.37 -45.42
C THR B 189 -61.46 -68.16 -44.53
N PRO B 190 -60.85 -67.07 -44.98
CA PRO B 190 -60.74 -65.90 -44.13
C PRO B 190 -62.11 -65.28 -43.90
N PRO B 191 -62.30 -64.61 -42.76
CA PRO B 191 -63.58 -63.91 -42.54
C PRO B 191 -63.74 -62.73 -43.50
N ASP B 192 -64.87 -62.06 -43.42
CA ASP B 192 -65.22 -61.06 -44.44
C ASP B 192 -64.24 -59.91 -44.43
N GLY B 193 -63.67 -59.61 -45.59
CA GLY B 193 -62.74 -58.52 -45.73
C GLY B 193 -61.52 -58.65 -44.84
N THR B 194 -60.97 -59.85 -44.71
CA THR B 194 -59.86 -60.12 -43.83
C THR B 194 -58.78 -60.90 -44.57
N SER B 195 -57.53 -60.49 -44.40
CA SER B 195 -56.40 -61.17 -45.00
C SER B 195 -55.84 -62.18 -44.01
N ALA B 196 -55.88 -63.46 -44.38
CA ALA B 196 -55.34 -64.54 -43.55
C ALA B 196 -54.12 -65.10 -44.26
N LEU B 197 -52.93 -64.72 -43.78
CA LEU B 197 -51.68 -65.20 -44.37
C LEU B 197 -51.54 -66.68 -44.06
N VAL B 198 -51.88 -67.52 -45.03
CA VAL B 198 -51.92 -68.96 -44.81
C VAL B 198 -50.51 -69.53 -44.92
N GLU B 199 -50.03 -70.13 -43.84
CA GLU B 199 -48.74 -70.80 -43.81
C GLU B 199 -48.98 -72.30 -43.75
N CYS B 200 -48.41 -73.03 -44.70
CA CYS B 200 -48.64 -74.46 -44.83
C CYS B 200 -47.32 -75.20 -44.77
N GLU B 201 -47.30 -76.29 -44.02
CA GLU B 201 -46.10 -77.10 -43.83
C GLU B 201 -46.26 -78.42 -44.58
N CYS B 202 -45.61 -78.52 -45.73
CA CYS B 202 -45.62 -79.71 -46.56
C CYS B 202 -44.50 -79.57 -47.58
N GLY B 203 -44.47 -80.47 -48.56
CA GLY B 203 -43.54 -80.35 -49.67
C GLY B 203 -43.79 -79.07 -50.43
N GLY B 204 -42.83 -78.16 -50.41
CA GLY B 204 -43.03 -76.86 -51.02
C GLY B 204 -43.86 -75.94 -50.15
N THR B 205 -43.31 -75.56 -49.00
CA THR B 205 -44.03 -74.69 -48.07
C THR B 205 -44.45 -73.40 -48.76
N LYS B 206 -45.73 -73.07 -48.64
CA LYS B 206 -46.33 -71.98 -49.38
C LYS B 206 -46.94 -70.97 -48.41
N ILE B 207 -46.85 -69.69 -48.76
CA ILE B 207 -47.47 -68.61 -48.01
C ILE B 207 -48.22 -67.74 -49.00
N SER B 208 -49.49 -67.45 -48.70
CA SER B 208 -50.30 -66.64 -49.57
C SER B 208 -51.24 -65.79 -48.72
N GLU B 209 -51.70 -64.68 -49.32
CA GLU B 209 -52.64 -63.81 -48.63
C GLU B 209 -54.05 -64.40 -48.69
N THR B 210 -54.55 -64.67 -49.90
CA THR B 210 -55.87 -65.25 -50.10
C THR B 210 -56.93 -64.43 -49.37
N ILE B 211 -56.79 -63.10 -49.45
CA ILE B 211 -57.55 -62.21 -48.59
C ILE B 211 -59.04 -62.33 -48.86
N ASN B 212 -59.42 -62.38 -50.14
CA ASN B 212 -60.83 -62.34 -50.49
C ASN B 212 -61.48 -63.72 -50.50
N LYS B 213 -60.82 -64.70 -51.09
CA LYS B 213 -61.40 -66.03 -51.27
C LYS B 213 -60.46 -67.09 -50.73
N THR B 214 -61.05 -68.18 -50.23
CA THR B 214 -60.26 -69.31 -49.75
C THR B 214 -59.55 -70.00 -50.90
N LYS B 215 -58.43 -70.63 -50.59
CA LYS B 215 -57.60 -71.29 -51.59
C LYS B 215 -57.47 -72.77 -51.26
N GLN B 216 -57.61 -73.61 -52.28
CA GLN B 216 -57.35 -75.04 -52.11
C GLN B 216 -55.86 -75.26 -51.89
N PHE B 217 -55.53 -76.08 -50.89
CA PHE B 217 -54.14 -76.30 -50.50
C PHE B 217 -53.77 -77.73 -50.85
N SER B 218 -53.05 -77.89 -51.95
CA SER B 218 -52.55 -79.19 -52.37
C SER B 218 -51.27 -79.52 -51.61
N GLN B 219 -50.96 -80.82 -51.52
CA GLN B 219 -49.81 -81.40 -50.84
C GLN B 219 -49.86 -81.17 -49.35
N CYS B 220 -50.84 -80.44 -48.83
CA CYS B 220 -50.99 -80.11 -47.42
C CYS B 220 -52.36 -80.55 -46.94
N THR B 221 -52.72 -81.80 -47.26
CA THR B 221 -54.06 -82.29 -47.03
C THR B 221 -54.45 -82.17 -45.55
N LYS B 222 -53.56 -82.56 -44.65
CA LYS B 222 -53.87 -82.50 -43.24
C LYS B 222 -54.05 -81.06 -42.77
N LYS B 223 -55.01 -80.86 -41.87
CA LYS B 223 -55.32 -79.51 -41.40
C LYS B 223 -54.16 -78.91 -40.62
N GLU B 224 -53.49 -79.72 -39.81
CA GLU B 224 -52.37 -79.22 -39.00
C GLU B 224 -51.18 -78.79 -39.85
N GLN B 225 -51.10 -79.25 -41.10
CA GLN B 225 -50.00 -78.83 -41.95
C GLN B 225 -50.08 -77.35 -42.27
N CYS B 226 -51.28 -76.81 -42.45
CA CYS B 226 -51.47 -75.40 -42.75
C CYS B 226 -51.83 -74.66 -41.47
N ARG B 227 -51.11 -73.58 -41.20
CA ARG B 227 -51.39 -72.71 -40.06
C ARG B 227 -51.73 -71.32 -40.58
N ALA B 228 -52.86 -70.80 -40.14
CA ALA B 228 -53.39 -69.54 -40.65
C ALA B 228 -53.04 -68.40 -39.70
N TYR B 229 -52.50 -67.32 -40.26
CA TYR B 229 -52.12 -66.13 -39.49
C TYR B 229 -53.08 -65.01 -39.87
N ARG B 230 -54.09 -64.79 -39.03
CA ARG B 230 -55.03 -63.69 -39.26
C ARG B 230 -54.28 -62.37 -39.24
N LEU B 231 -54.54 -61.52 -40.24
CA LEU B 231 -53.81 -60.29 -40.44
C LEU B 231 -54.82 -59.18 -40.74
N GLN B 232 -55.23 -58.46 -39.70
CA GLN B 232 -56.22 -57.40 -39.83
C GLN B 232 -55.58 -56.01 -39.86
N ASN B 233 -54.87 -55.64 -38.79
CA ASN B 233 -54.15 -54.37 -38.71
C ASN B 233 -55.07 -53.16 -38.91
N ASP B 234 -56.33 -53.29 -38.49
CA ASP B 234 -57.27 -52.17 -38.59
C ASP B 234 -56.85 -51.01 -37.70
N LYS B 235 -56.43 -51.31 -36.47
CA LYS B 235 -56.01 -50.30 -35.52
C LYS B 235 -54.72 -50.77 -34.87
N TRP B 236 -53.95 -49.81 -34.37
CA TRP B 236 -52.78 -50.17 -33.60
C TRP B 236 -53.19 -50.79 -32.27
N VAL B 237 -52.23 -51.44 -31.63
CA VAL B 237 -52.46 -52.05 -30.31
C VAL B 237 -51.36 -51.58 -29.38
N TYR B 238 -51.69 -51.53 -28.09
CA TYR B 238 -50.68 -51.19 -27.10
C TYR B 238 -49.60 -52.26 -27.07
N ASN B 239 -48.36 -51.83 -26.86
CA ASN B 239 -47.24 -52.75 -26.83
C ASN B 239 -47.31 -53.61 -25.58
N SER B 240 -47.90 -54.81 -25.72
CA SER B 240 -48.12 -55.72 -24.61
C SER B 240 -47.09 -56.84 -24.63
N ASP B 241 -46.86 -57.41 -23.45
CA ASP B 241 -45.92 -58.52 -23.34
C ASP B 241 -46.49 -59.79 -23.96
N LYS B 242 -47.81 -59.95 -23.92
CA LYS B 242 -48.44 -61.16 -24.40
C LYS B 242 -48.65 -61.17 -25.90
N LEU B 243 -48.29 -60.11 -26.58
CA LEU B 243 -48.51 -60.10 -28.01
C LEU B 243 -47.21 -60.34 -28.75
N PRO B 244 -47.27 -60.97 -29.92
CA PRO B 244 -46.07 -61.12 -30.75
C PRO B 244 -45.63 -59.76 -31.30
N LYS B 245 -44.35 -59.69 -31.62
CA LYS B 245 -43.75 -58.47 -32.14
C LYS B 245 -43.73 -58.54 -33.66
N ALA B 246 -44.40 -57.58 -34.31
CA ALA B 246 -44.38 -57.50 -35.75
C ALA B 246 -43.11 -56.79 -36.20
N ALA B 247 -42.21 -57.52 -36.86
CA ALA B 247 -40.88 -57.00 -37.15
C ALA B 247 -40.94 -55.77 -38.05
N GLY B 248 -41.75 -55.83 -39.10
CA GLY B 248 -41.83 -54.70 -40.00
C GLY B 248 -42.78 -53.61 -39.57
N ALA B 249 -43.54 -53.84 -38.50
CA ALA B 249 -44.55 -52.87 -38.05
C ALA B 249 -43.94 -52.07 -36.89
N THR B 250 -43.04 -51.16 -37.25
CA THR B 250 -42.49 -50.20 -36.29
C THR B 250 -43.39 -48.97 -36.39
N LEU B 251 -44.53 -49.06 -35.70
CA LEU B 251 -45.58 -48.05 -35.81
C LEU B 251 -45.82 -47.43 -34.45
N LYS B 252 -44.74 -47.02 -33.78
CA LYS B 252 -44.84 -46.42 -32.46
C LYS B 252 -45.77 -45.21 -32.48
N GLY B 253 -46.68 -45.16 -31.51
CA GLY B 253 -47.57 -44.03 -31.36
C GLY B 253 -47.84 -43.71 -29.90
N LYS B 254 -47.68 -42.45 -29.52
CA LYS B 254 -47.88 -42.07 -28.13
C LYS B 254 -49.36 -42.13 -27.78
N LEU B 255 -49.65 -42.67 -26.60
CA LEU B 255 -51.02 -42.75 -26.08
C LEU B 255 -50.98 -42.26 -24.63
N HIS B 256 -51.39 -41.02 -24.42
CA HIS B 256 -51.37 -40.44 -23.08
C HIS B 256 -52.29 -41.22 -22.15
N VAL B 257 -51.83 -41.42 -20.92
CA VAL B 257 -52.49 -42.32 -19.97
C VAL B 257 -53.43 -41.56 -19.04
N PRO B 258 -54.56 -42.13 -18.68
CA PRO B 258 -55.47 -41.46 -17.74
C PRO B 258 -55.16 -41.82 -16.30
N PHE B 259 -55.97 -41.30 -15.37
CA PHE B 259 -55.90 -41.65 -13.95
C PHE B 259 -54.51 -41.41 -13.38
N LEU B 260 -53.91 -40.28 -13.76
CA LEU B 260 -52.58 -39.94 -13.29
C LEU B 260 -52.61 -39.63 -11.80
N LEU B 261 -51.58 -40.09 -11.08
CA LEU B 261 -51.47 -39.82 -9.66
C LEU B 261 -51.34 -38.32 -9.42
N ALA B 262 -52.13 -37.82 -8.48
CA ALA B 262 -52.15 -36.40 -8.18
C ALA B 262 -52.21 -36.19 -6.67
N ASP B 263 -51.74 -35.03 -6.24
CA ASP B 263 -51.77 -34.69 -4.82
C ASP B 263 -53.17 -34.28 -4.40
N GLY B 264 -53.42 -34.40 -3.10
CA GLY B 264 -54.72 -34.02 -2.57
C GLY B 264 -54.68 -34.00 -1.06
N LYS B 265 -55.85 -33.77 -0.47
CA LYS B 265 -55.98 -33.73 0.98
C LYS B 265 -57.08 -34.71 1.40
N CYS B 266 -56.77 -35.55 2.39
CA CYS B 266 -57.70 -36.53 2.90
C CYS B 266 -57.65 -36.52 4.42
N THR B 267 -58.77 -36.86 5.03
CA THR B 267 -58.86 -36.93 6.48
C THR B 267 -58.01 -38.09 7.01
N VAL B 268 -57.47 -37.89 8.21
CA VAL B 268 -56.67 -38.93 8.87
C VAL B 268 -57.23 -39.12 10.27
N PRO B 269 -57.15 -40.32 10.85
CA PRO B 269 -57.71 -40.52 12.19
C PRO B 269 -56.90 -39.76 13.22
N LEU B 270 -57.59 -39.34 14.28
CA LEU B 270 -56.97 -38.61 15.36
C LEU B 270 -57.01 -39.48 16.61
N ALA B 271 -55.85 -39.74 17.19
CA ALA B 271 -55.78 -40.60 18.35
C ALA B 271 -56.35 -39.87 19.57
N PRO B 272 -56.87 -40.60 20.57
CA PRO B 272 -57.39 -39.94 21.76
C PRO B 272 -56.30 -39.21 22.51
N GLU B 273 -56.70 -38.12 23.17
CA GLU B 273 -55.73 -37.28 23.87
C GLU B 273 -55.13 -38.05 25.04
N PRO B 274 -53.81 -38.12 25.13
CA PRO B 274 -53.18 -38.88 26.22
C PRO B 274 -53.44 -38.23 27.56
N MET B 275 -53.48 -39.06 28.60
CA MET B 275 -53.60 -38.58 29.97
C MET B 275 -52.19 -38.44 30.55
N ILE B 276 -51.81 -37.23 30.89
CA ILE B 276 -50.45 -36.91 31.31
C ILE B 276 -50.48 -36.33 32.71
N THR B 277 -49.53 -36.78 33.54
CA THR B 277 -49.37 -36.28 34.89
C THR B 277 -48.02 -35.59 35.00
N PHE B 278 -48.02 -34.38 35.56
CA PHE B 278 -46.80 -33.59 35.67
C PHE B 278 -46.14 -33.86 37.02
N GLY B 279 -45.02 -34.59 36.99
CA GLY B 279 -44.18 -34.72 38.15
C GLY B 279 -43.08 -33.68 38.17
N PHE B 280 -42.19 -33.80 39.14
CA PHE B 280 -41.04 -32.91 39.21
C PHE B 280 -40.02 -33.36 38.17
N ARG B 281 -39.89 -32.58 37.10
CA ARG B 281 -38.95 -32.88 36.02
C ARG B 281 -39.20 -34.26 35.44
N SER B 282 -40.47 -34.66 35.38
CA SER B 282 -40.83 -35.99 34.92
C SER B 282 -42.28 -35.95 34.45
N VAL B 283 -42.55 -36.60 33.32
CA VAL B 283 -43.89 -36.67 32.77
C VAL B 283 -44.25 -38.14 32.59
N SER B 284 -45.41 -38.53 33.13
CA SER B 284 -45.96 -39.86 32.93
C SER B 284 -47.10 -39.75 31.93
N LEU B 285 -46.92 -40.36 30.77
CA LEU B 285 -47.92 -40.33 29.70
C LEU B 285 -48.72 -41.62 29.74
N LYS B 286 -50.02 -41.49 29.97
CA LYS B 286 -50.95 -42.61 29.89
C LYS B 286 -51.80 -42.43 28.64
N LEU B 287 -51.70 -43.38 27.71
CA LEU B 287 -52.46 -43.34 26.47
C LEU B 287 -53.07 -44.70 26.19
N HIS B 288 -54.24 -44.68 25.55
CA HIS B 288 -54.96 -45.88 25.16
C HIS B 288 -55.25 -45.78 23.67
N PRO B 289 -54.32 -46.22 22.83
CA PRO B 289 -54.44 -46.01 21.38
C PRO B 289 -55.59 -46.81 20.80
N LYS B 290 -56.54 -46.10 20.17
CA LYS B 290 -57.61 -46.79 19.46
C LYS B 290 -57.06 -47.63 18.33
N ASN B 291 -56.12 -47.08 17.57
CA ASN B 291 -55.46 -47.75 16.46
C ASN B 291 -53.96 -47.61 16.65
N PRO B 292 -53.17 -48.51 16.07
CA PRO B 292 -51.72 -48.39 16.23
C PRO B 292 -51.18 -47.09 15.67
N THR B 293 -50.70 -46.21 16.55
CA THR B 293 -50.19 -44.91 16.16
C THR B 293 -48.81 -44.70 16.74
N TYR B 294 -47.91 -44.14 15.93
CA TYR B 294 -46.56 -43.91 16.37
C TYR B 294 -46.52 -42.84 17.46
N LEU B 295 -45.58 -43.01 18.39
CA LEU B 295 -45.28 -41.99 19.37
C LEU B 295 -43.83 -41.56 19.17
N ILE B 296 -43.63 -40.27 18.98
CA ILE B 296 -42.30 -39.71 18.70
C ILE B 296 -41.94 -38.78 19.84
N THR B 297 -40.80 -39.04 20.46
CA THR B 297 -40.28 -38.25 21.57
C THR B 297 -38.96 -37.65 21.14
N ARG B 298 -38.77 -36.36 21.40
CA ARG B 298 -37.54 -35.67 21.09
C ARG B 298 -37.24 -34.64 22.16
N GLN B 299 -35.99 -34.62 22.63
CA GLN B 299 -35.53 -33.59 23.55
C GLN B 299 -35.06 -32.36 22.78
N LEU B 300 -35.17 -31.21 23.42
CA LEU B 300 -34.82 -29.95 22.78
C LEU B 300 -33.38 -29.53 23.03
N ALA B 301 -32.57 -30.38 23.65
CA ALA B 301 -31.19 -30.05 23.96
C ALA B 301 -30.30 -30.34 22.75
N ASP B 302 -28.99 -30.35 22.97
CA ASP B 302 -28.05 -30.65 21.89
C ASP B 302 -28.28 -32.04 21.34
N GLU B 303 -28.50 -33.02 22.21
CA GLU B 303 -28.78 -34.38 21.78
C GLU B 303 -30.28 -34.61 21.84
N PRO B 304 -30.96 -34.78 20.71
CA PRO B 304 -32.41 -35.02 20.76
C PRO B 304 -32.78 -36.28 21.53
N HIS B 305 -31.93 -37.30 21.48
CA HIS B 305 -32.21 -38.60 22.08
C HIS B 305 -33.58 -39.09 21.64
N TYR B 306 -33.87 -38.90 20.35
CA TYR B 306 -35.23 -39.08 19.86
C TYR B 306 -35.64 -40.54 19.97
N THR B 307 -36.91 -40.76 20.31
CA THR B 307 -37.46 -42.09 20.48
C THR B 307 -38.66 -42.21 19.56
N HIS B 308 -38.61 -43.16 18.63
CA HIS B 308 -39.71 -43.47 17.75
C HIS B 308 -40.14 -44.91 17.99
N GLU B 309 -41.43 -45.11 18.25
CA GLU B 309 -41.93 -46.46 18.50
C GLU B 309 -43.40 -46.51 18.12
N LEU B 310 -43.89 -47.72 17.95
CA LEU B 310 -45.30 -47.97 17.67
C LEU B 310 -45.95 -48.61 18.90
N ILE B 311 -47.07 -48.03 19.32
CA ILE B 311 -47.85 -48.55 20.43
C ILE B 311 -49.26 -48.82 19.93
N SER B 312 -49.77 -50.01 20.25
CA SER B 312 -51.10 -50.42 19.86
C SER B 312 -51.99 -50.82 21.03
N GLU B 313 -51.49 -50.79 22.25
CA GLU B 313 -52.22 -51.18 23.43
C GLU B 313 -52.03 -50.12 24.51
N PRO B 314 -52.96 -50.05 25.47
CA PRO B 314 -52.79 -49.11 26.58
C PRO B 314 -51.49 -49.37 27.32
N ALA B 315 -50.65 -48.34 27.41
CA ALA B 315 -49.38 -48.45 28.11
C ALA B 315 -49.07 -47.11 28.76
N VAL B 316 -48.21 -47.15 29.77
CA VAL B 316 -47.81 -45.96 30.52
C VAL B 316 -46.32 -45.77 30.39
N ARG B 317 -45.92 -44.58 29.94
CA ARG B 317 -44.52 -44.26 29.71
C ARG B 317 -44.10 -43.07 30.57
N ASN B 318 -42.99 -43.24 31.28
CA ASN B 318 -42.42 -42.17 32.09
C ASN B 318 -41.29 -41.51 31.32
N PHE B 319 -41.22 -40.19 31.39
CA PHE B 319 -40.23 -39.42 30.64
C PHE B 319 -39.53 -38.42 31.56
N THR B 320 -38.33 -38.04 31.16
CA THR B 320 -37.50 -37.09 31.89
C THR B 320 -37.46 -35.79 31.10
N VAL B 321 -37.86 -34.70 31.75
CA VAL B 321 -37.86 -33.38 31.12
C VAL B 321 -36.96 -32.45 31.93
N THR B 322 -36.04 -31.80 31.24
CA THR B 322 -35.13 -30.84 31.85
C THR B 322 -35.60 -29.42 31.56
N GLU B 323 -34.84 -28.46 32.10
CA GLU B 323 -35.08 -27.06 31.78
C GLU B 323 -34.86 -26.75 30.31
N LYS B 324 -34.09 -27.58 29.60
CA LYS B 324 -33.83 -27.34 28.19
C LYS B 324 -35.07 -27.46 27.34
N GLY B 325 -36.07 -28.20 27.79
CA GLY B 325 -37.28 -28.32 26.99
C GLY B 325 -37.45 -29.73 26.46
N TRP B 326 -38.70 -30.14 26.33
CA TRP B 326 -39.03 -31.48 25.86
C TRP B 326 -40.31 -31.43 25.05
N GLU B 327 -40.33 -32.17 23.95
CA GLU B 327 -41.42 -32.12 23.00
C GLU B 327 -41.78 -33.54 22.56
N PHE B 328 -43.05 -33.76 22.26
CA PHE B 328 -43.51 -35.03 21.73
C PHE B 328 -44.70 -34.80 20.82
N VAL B 329 -44.91 -35.73 19.90
CA VAL B 329 -46.09 -35.73 19.04
C VAL B 329 -46.76 -37.08 19.17
N TRP B 330 -48.05 -37.08 19.51
CA TRP B 330 -48.83 -38.30 19.67
C TRP B 330 -49.82 -38.39 18.53
N GLY B 331 -49.63 -39.35 17.65
CA GLY B 331 -50.49 -39.47 16.50
C GLY B 331 -50.40 -38.26 15.60
N ASN B 332 -51.54 -37.88 15.03
CA ASN B 332 -51.59 -36.70 14.18
C ASN B 332 -51.74 -35.40 14.96
N HIS B 333 -51.86 -35.47 16.28
CA HIS B 333 -51.90 -34.24 17.06
C HIS B 333 -50.62 -33.44 16.86
N PRO B 334 -50.72 -32.13 16.67
CA PRO B 334 -49.53 -31.31 16.47
C PRO B 334 -48.61 -31.41 17.68
N PRO B 335 -47.30 -31.45 17.46
CA PRO B 335 -46.39 -31.64 18.59
C PRO B 335 -46.50 -30.52 19.59
N LYS B 336 -46.36 -30.88 20.87
CA LYS B 336 -46.52 -29.94 21.96
C LYS B 336 -45.27 -29.98 22.83
N ARG B 337 -44.73 -28.81 23.13
CA ARG B 337 -43.48 -28.69 23.87
C ARG B 337 -43.74 -28.48 25.35
N PHE B 338 -42.69 -28.71 26.14
CA PHE B 338 -42.75 -28.52 27.58
C PHE B 338 -41.41 -28.01 28.06
N TRP B 339 -41.44 -27.29 29.19
CA TRP B 339 -40.23 -26.95 29.93
C TRP B 339 -40.49 -27.24 31.40
N ALA B 340 -39.58 -27.97 32.03
CA ALA B 340 -39.65 -28.16 33.48
C ALA B 340 -38.88 -27.05 34.17
N GLN B 341 -39.36 -26.66 35.34
CA GLN B 341 -38.72 -25.62 36.13
C GLN B 341 -38.54 -26.13 37.54
N GLU B 342 -37.51 -25.62 38.22
CA GLU B 342 -37.12 -26.16 39.53
C GLU B 342 -38.26 -25.95 40.50
N THR B 343 -38.94 -27.04 40.86
CA THR B 343 -40.14 -26.98 41.68
C THR B 343 -39.95 -27.67 43.02
N ALA B 344 -39.65 -28.97 43.02
CA ALA B 344 -39.68 -29.73 44.24
C ALA B 344 -38.46 -30.64 44.37
N PRO B 345 -37.94 -30.80 45.59
CA PRO B 345 -38.38 -30.01 46.74
C PRO B 345 -37.62 -28.68 46.84
N GLY B 346 -36.93 -28.32 45.77
CA GLY B 346 -36.31 -27.00 45.70
C GLY B 346 -35.25 -26.83 46.76
N ASN B 347 -35.45 -25.85 47.64
CA ASN B 347 -34.62 -25.73 48.83
C ASN B 347 -35.36 -24.95 49.90
N PRO B 348 -35.62 -25.54 51.05
CA PRO B 348 -36.31 -24.81 52.11
C PRO B 348 -35.32 -24.02 52.94
N HIS B 349 -35.79 -23.41 54.01
CA HIS B 349 -34.94 -22.68 54.92
C HIS B 349 -34.96 -23.39 56.27
N GLY B 350 -33.79 -23.74 56.77
CA GLY B 350 -33.69 -24.55 57.97
C GLY B 350 -33.92 -26.01 57.69
N LEU B 351 -33.86 -26.81 58.76
CA LEU B 351 -33.82 -28.26 58.68
C LEU B 351 -32.67 -28.67 57.75
N PRO B 352 -31.42 -28.55 58.22
CA PRO B 352 -30.27 -28.69 57.30
C PRO B 352 -30.28 -29.99 56.51
N HIS B 353 -30.73 -31.10 57.11
CA HIS B 353 -30.85 -32.34 56.34
C HIS B 353 -31.86 -32.18 55.21
N GLU B 354 -33.00 -31.55 55.50
CA GLU B 354 -33.97 -31.28 54.45
C GLU B 354 -33.38 -30.34 53.40
N VAL B 355 -32.63 -29.33 53.84
CA VAL B 355 -32.04 -28.38 52.90
C VAL B 355 -31.09 -29.09 51.94
N ILE B 356 -30.23 -29.95 52.48
CA ILE B 356 -29.25 -30.64 51.64
C ILE B 356 -29.95 -31.65 50.73
N THR B 357 -30.98 -32.33 51.23
CA THR B 357 -31.71 -33.25 50.37
C THR B 357 -32.38 -32.51 49.22
N HIS B 358 -32.96 -31.35 49.51
CA HIS B 358 -33.64 -30.60 48.46
C HIS B 358 -32.65 -29.97 47.49
N TYR B 359 -31.49 -29.54 47.97
CA TYR B 359 -30.43 -29.01 47.12
C TYR B 359 -29.73 -30.11 46.34
N TYR B 360 -29.86 -31.37 46.79
CA TYR B 360 -29.36 -32.51 46.04
C TYR B 360 -30.35 -32.96 44.97
N HIS B 361 -31.65 -32.89 45.29
CA HIS B 361 -32.65 -33.24 44.29
C HIS B 361 -32.51 -32.37 43.06
N ARG B 362 -32.28 -31.08 43.27
CA ARG B 362 -31.83 -30.23 42.18
C ARG B 362 -30.33 -30.43 41.99
N TYR B 363 -29.88 -30.22 40.75
CA TYR B 363 -28.48 -30.39 40.39
C TYR B 363 -27.98 -31.78 40.76
N PRO B 364 -28.55 -32.84 40.18
CA PRO B 364 -28.08 -34.19 40.49
C PRO B 364 -26.63 -34.36 40.09
N MET B 365 -25.88 -35.11 40.90
CA MET B 365 -24.44 -35.27 40.75
C MET B 365 -23.70 -33.94 40.72
N SER B 366 -24.36 -32.84 41.08
CA SER B 366 -23.77 -31.52 41.11
C SER B 366 -23.91 -30.96 42.51
N THR B 367 -22.86 -30.29 42.98
CA THR B 367 -22.69 -29.75 44.33
C THR B 367 -22.59 -30.85 45.37
N ILE B 368 -22.80 -32.11 45.00
CA ILE B 368 -22.49 -33.22 45.90
C ILE B 368 -20.98 -33.36 46.02
N LEU B 369 -20.28 -33.26 44.89
CA LEU B 369 -18.83 -33.21 44.94
C LEU B 369 -18.35 -32.01 45.73
N GLY B 370 -19.08 -30.89 45.66
CA GLY B 370 -18.75 -29.75 46.50
C GLY B 370 -18.87 -30.06 47.97
N LEU B 371 -19.93 -30.77 48.36
CA LEU B 371 -20.08 -31.17 49.76
C LEU B 371 -18.94 -32.10 50.18
N SER B 372 -18.57 -33.04 49.31
CA SER B 372 -17.46 -33.93 49.63
C SER B 372 -16.16 -33.14 49.79
N ILE B 373 -15.94 -32.16 48.92
CA ILE B 373 -14.74 -31.33 49.01
C ILE B 373 -14.73 -30.57 50.34
N CYS B 374 -15.87 -30.00 50.72
CA CYS B 374 -15.94 -29.25 51.97
C CYS B 374 -15.70 -30.15 53.17
N ALA B 375 -16.29 -31.34 53.16
CA ALA B 375 -16.09 -32.25 54.28
C ALA B 375 -14.63 -32.67 54.39
N ALA B 376 -13.99 -32.96 53.25
CA ALA B 376 -12.58 -33.31 53.27
C ALA B 376 -11.74 -32.15 53.79
N ILE B 377 -12.08 -30.92 53.39
CA ILE B 377 -11.34 -29.75 53.86
C ILE B 377 -11.48 -29.62 55.36
N ALA B 378 -12.69 -29.81 55.89
CA ALA B 378 -12.91 -29.71 57.33
C ALA B 378 -12.11 -30.78 58.07
N THR B 379 -12.11 -32.01 57.54
CA THR B 379 -11.36 -33.09 58.19
C THR B 379 -9.87 -32.81 58.17
N VAL B 380 -9.35 -32.29 57.06
CA VAL B 380 -7.94 -31.95 56.96
C VAL B 380 -7.60 -30.86 57.96
N SER B 381 -8.48 -29.87 58.10
CA SER B 381 -8.27 -28.82 59.09
C SER B 381 -8.24 -29.39 60.50
N VAL B 382 -9.13 -30.35 60.78
CA VAL B 382 -9.15 -30.99 62.08
C VAL B 382 -7.84 -31.72 62.34
N ALA B 383 -7.33 -32.43 61.34
CA ALA B 383 -6.08 -33.16 61.51
C ALA B 383 -4.92 -32.20 61.75
N ALA B 384 -4.87 -31.10 60.99
CA ALA B 384 -3.81 -30.12 61.20
C ALA B 384 -3.89 -29.49 62.58
N SER B 385 -5.10 -29.16 63.03
CA SER B 385 -5.27 -28.57 64.35
C SER B 385 -4.83 -29.54 65.44
N THR B 386 -5.18 -30.82 65.28
CA THR B 386 -4.74 -31.81 66.27
C THR B 386 -3.24 -31.96 66.29
N TRP B 387 -2.60 -31.98 65.12
CA TRP B 387 -1.15 -32.05 65.06
C TRP B 387 -0.50 -30.86 65.75
N LEU B 388 -1.00 -29.66 65.46
CA LEU B 388 -0.47 -28.47 66.09
C LEU B 388 -0.69 -28.49 67.60
N PHE B 389 -1.84 -28.99 68.05
CA PHE B 389 -2.11 -29.06 69.47
C PHE B 389 -1.17 -30.05 70.15
N CYS B 390 -0.89 -31.17 69.51
CA CYS B 390 0.06 -32.14 70.05
C CYS B 390 1.46 -31.52 70.14
N ARG B 391 1.86 -30.80 69.09
CA ARG B 391 3.16 -30.13 69.13
C ARG B 391 3.20 -29.10 70.25
N SER B 392 2.11 -28.37 70.44
CA SER B 392 2.02 -27.39 71.52
C SER B 392 2.13 -28.06 72.88
N ARG B 393 1.46 -29.21 73.04
CA ARG B 393 1.56 -29.95 74.30
C ARG B 393 2.98 -30.39 74.57
N VAL B 394 3.67 -30.89 73.54
CA VAL B 394 5.05 -31.31 73.72
C VAL B 394 5.92 -30.13 74.09
N ALA B 395 5.76 -29.01 73.37
CA ALA B 395 6.60 -27.85 73.61
C ALA B 395 6.37 -27.29 75.00
N CYS B 396 5.14 -27.37 75.51
CA CYS B 396 4.88 -26.90 76.86
C CYS B 396 5.47 -27.84 77.90
N LEU B 397 5.28 -29.15 77.72
CA LEU B 397 5.61 -30.07 78.79
C LEU B 397 7.09 -30.47 78.82
N THR B 398 7.63 -30.91 77.69
CA THR B 398 8.96 -31.53 77.70
C THR B 398 10.03 -30.63 78.31
N PRO B 399 10.11 -29.33 78.03
CA PRO B 399 11.06 -28.49 78.77
C PRO B 399 10.83 -28.50 80.27
N TYR B 400 9.58 -28.59 80.70
CA TYR B 400 9.26 -28.66 82.12
C TYR B 400 9.14 -30.08 82.63
N ARG B 401 9.03 -31.07 81.75
CA ARG B 401 8.91 -32.45 82.18
C ARG B 401 10.23 -33.00 82.70
N LEU B 402 11.32 -32.70 82.00
CA LEU B 402 12.62 -33.33 82.26
C LEU B 402 13.23 -32.74 83.53
N THR B 403 12.57 -33.00 84.65
CA THR B 403 12.96 -32.45 85.94
C THR B 403 12.36 -33.29 87.05
N PRO B 404 13.00 -33.37 88.21
CA PRO B 404 12.38 -34.09 89.34
C PRO B 404 11.05 -33.51 89.78
N ASN B 405 10.87 -32.19 89.74
CA ASN B 405 9.57 -31.61 90.02
C ASN B 405 8.59 -31.95 88.92
N ALA B 406 8.82 -31.43 87.71
CA ALA B 406 8.02 -31.67 86.52
C ALA B 406 6.55 -31.29 86.70
N ARG B 407 6.22 -30.47 87.69
CA ARG B 407 4.85 -30.03 87.88
C ARG B 407 4.82 -28.54 88.17
N ILE B 408 3.91 -27.84 87.50
CA ILE B 408 3.81 -26.39 87.62
C ILE B 408 2.34 -26.00 87.56
N PRO B 409 1.76 -25.52 88.65
CA PRO B 409 0.31 -25.22 88.64
C PRO B 409 -0.08 -24.17 87.62
N PHE B 410 0.76 -23.17 87.39
CA PHE B 410 0.38 -22.08 86.50
C PHE B 410 0.31 -22.55 85.04
N CYS B 411 1.30 -23.34 84.60
CA CYS B 411 1.27 -23.82 83.22
C CYS B 411 0.09 -24.76 82.99
N LEU B 412 -0.14 -25.68 83.92
CA LEU B 412 -1.28 -26.59 83.78
C LEU B 412 -2.60 -25.83 83.87
N ALA B 413 -2.63 -24.71 84.59
CA ALA B 413 -3.83 -23.92 84.67
C ALA B 413 -4.09 -23.14 83.39
N VAL B 414 -3.03 -22.61 82.77
CA VAL B 414 -3.23 -21.73 81.62
C VAL B 414 -3.34 -22.53 80.32
N LEU B 415 -2.78 -23.73 80.25
CA LEU B 415 -2.81 -24.47 79.00
C LEU B 415 -3.30 -25.90 79.19
N CYS B 416 -3.06 -26.47 80.37
CA CYS B 416 -3.42 -27.87 80.65
C CYS B 416 -2.80 -28.81 79.61
N CYS B 417 -1.49 -28.65 79.40
CA CYS B 417 -0.79 -29.49 78.43
C CYS B 417 -0.81 -30.95 78.85
N ALA B 418 -0.60 -31.22 80.13
CA ALA B 418 -0.56 -32.57 80.66
C ALA B 418 -1.79 -32.82 81.52
N ARG B 419 -2.44 -33.96 81.27
CA ARG B 419 -3.61 -34.34 82.05
C ARG B 419 -3.14 -35.01 83.34
N THR B 420 -3.44 -34.39 84.47
CA THR B 420 -3.05 -34.97 85.75
C THR B 420 -3.80 -36.25 86.03
N ALA B 421 -5.06 -36.33 85.57
CA ALA B 421 -5.84 -37.56 85.74
C ALA B 421 -5.29 -38.69 84.86
N ARG B 422 -5.00 -38.39 83.60
CA ARG B 422 -4.48 -39.41 82.71
C ARG B 422 -3.07 -39.83 83.12
N ALA B 423 -2.79 -41.13 82.98
CA ALA B 423 -1.50 -41.68 83.36
C ALA B 423 -1.05 -42.76 82.38
N LYS C 1 45.54 -30.06 95.16
CA LYS C 1 46.03 -31.17 94.35
C LYS C 1 44.90 -31.79 93.54
N ARG C 2 45.22 -32.23 92.31
CA ARG C 2 44.23 -32.88 91.47
C ARG C 2 43.97 -34.33 91.85
N GLN C 3 44.87 -34.95 92.62
CA GLN C 3 44.67 -36.33 93.04
C GLN C 3 43.44 -36.46 93.93
N ARG C 4 43.26 -35.52 94.87
CA ARG C 4 42.07 -35.54 95.72
C ARG C 4 40.80 -35.30 94.92
N MET C 5 40.88 -34.38 93.94
CA MET C 5 39.72 -34.14 93.07
C MET C 5 39.34 -35.40 92.31
N VAL C 6 40.33 -36.10 91.76
CA VAL C 6 40.06 -37.34 91.04
C VAL C 6 39.46 -38.38 91.98
N MET C 7 40.01 -38.50 93.19
CA MET C 7 39.50 -39.47 94.15
C MET C 7 38.05 -39.18 94.49
N LYS C 8 37.70 -37.92 94.72
CA LYS C 8 36.31 -37.57 94.97
C LYS C 8 35.44 -37.85 93.76
N LEU C 9 35.98 -37.62 92.56
CA LEU C 9 35.24 -37.87 91.34
C LEU C 9 34.90 -39.36 91.18
N GLU C 10 35.84 -40.23 91.50
CA GLU C 10 35.71 -41.66 91.26
C GLU C 10 34.99 -42.38 92.39
N SER C 11 34.19 -41.65 93.18
CA SER C 11 33.47 -42.27 94.28
C SER C 11 32.15 -42.88 93.81
N ASP C 12 31.30 -42.08 93.17
CA ASP C 12 30.00 -42.53 92.74
C ASP C 12 30.11 -43.41 91.49
N LYS C 13 29.05 -44.17 91.23
CA LYS C 13 28.99 -45.07 90.10
C LYS C 13 27.74 -44.79 89.27
N THR C 14 27.83 -45.11 87.99
CA THR C 14 26.72 -44.95 87.07
C THR C 14 26.42 -46.30 86.41
N PHE C 15 25.35 -46.33 85.63
CA PHE C 15 24.87 -47.58 85.02
C PHE C 15 24.98 -47.47 83.50
N PRO C 16 25.93 -48.16 82.88
CA PRO C 16 26.12 -48.04 81.43
C PRO C 16 25.07 -48.82 80.66
N ILE C 17 25.07 -48.59 79.35
CA ILE C 17 24.15 -49.24 78.42
C ILE C 17 24.97 -50.09 77.47
N MET C 18 24.59 -51.35 77.34
CA MET C 18 25.33 -52.31 76.53
C MET C 18 24.52 -52.66 75.29
N LEU C 19 25.22 -52.84 74.17
CA LEU C 19 24.60 -53.33 72.92
C LEU C 19 25.55 -54.36 72.32
N GLU C 20 25.18 -55.63 72.42
CA GLU C 20 25.96 -56.73 71.86
C GLU C 20 27.39 -56.70 72.41
N GLY C 21 27.51 -56.48 73.71
CA GLY C 21 28.82 -56.40 74.32
C GLY C 21 29.54 -55.09 74.11
N LYS C 22 28.87 -54.09 73.55
CA LYS C 22 29.47 -52.79 73.30
C LYS C 22 28.76 -51.72 74.12
N ILE C 23 29.55 -50.87 74.78
CA ILE C 23 29.01 -49.81 75.63
C ILE C 23 28.71 -48.59 74.78
N ASN C 24 27.47 -48.47 74.32
CA ASN C 24 27.09 -47.32 73.51
C ASN C 24 26.92 -46.06 74.35
N GLY C 25 26.72 -46.19 75.65
CA GLY C 25 26.49 -45.02 76.48
C GLY C 25 26.21 -45.42 77.91
N TYR C 26 25.72 -44.44 78.67
CA TYR C 26 25.39 -44.62 80.07
C TYR C 26 23.97 -44.16 80.32
N ALA C 27 23.33 -44.77 81.31
CA ALA C 27 21.98 -44.40 81.74
C ALA C 27 22.05 -44.10 83.24
N CYS C 28 22.06 -42.83 83.59
CA CYS C 28 22.09 -42.41 84.99
C CYS C 28 20.69 -42.04 85.47
N VAL C 29 20.51 -42.11 86.79
CA VAL C 29 19.24 -41.79 87.43
C VAL C 29 19.50 -40.66 88.41
N VAL C 30 18.74 -39.57 88.28
CA VAL C 30 18.85 -38.42 89.17
C VAL C 30 17.44 -37.99 89.58
N GLY C 31 17.22 -37.88 90.90
CA GLY C 31 15.95 -37.42 91.41
C GLY C 31 14.78 -38.33 91.16
N GLY C 32 15.01 -39.61 90.92
CA GLY C 32 13.95 -40.55 90.62
C GLY C 32 13.59 -40.65 89.15
N LYS C 33 14.40 -40.09 88.26
CA LYS C 33 14.14 -40.13 86.83
C LYS C 33 15.28 -40.87 86.13
N LEU C 34 14.93 -41.84 85.31
CA LEU C 34 15.92 -42.52 84.49
C LEU C 34 16.18 -41.73 83.21
N PHE C 35 17.46 -41.53 82.90
CA PHE C 35 17.84 -40.75 81.74
C PHE C 35 18.81 -41.55 80.89
N ARG C 36 18.60 -41.51 79.58
CA ARG C 36 19.55 -42.06 78.62
C ARG C 36 19.32 -41.40 77.28
N PRO C 37 20.38 -41.10 76.53
CA PRO C 37 20.19 -40.47 75.22
C PRO C 37 19.36 -41.34 74.30
N MET C 38 18.48 -40.70 73.54
CA MET C 38 17.58 -41.45 72.67
C MET C 38 18.31 -42.01 71.46
N HIS C 39 19.25 -41.26 70.91
CA HIS C 39 20.01 -41.76 69.77
C HIS C 39 20.87 -42.95 70.16
N VAL C 40 21.24 -43.06 71.43
CA VAL C 40 22.03 -44.19 71.92
C VAL C 40 21.08 -45.35 72.21
N GLU C 41 21.33 -46.48 71.57
CA GLU C 41 20.48 -47.66 71.70
C GLU C 41 21.24 -48.82 72.30
N GLY C 42 20.52 -49.66 73.03
CA GLY C 42 21.11 -50.80 73.68
C GLY C 42 20.22 -51.29 74.80
N LYS C 43 20.82 -52.09 75.69
CA LYS C 43 20.16 -52.54 76.90
C LYS C 43 20.96 -52.05 78.10
N ILE C 44 20.27 -51.49 79.09
CA ILE C 44 20.94 -51.05 80.30
C ILE C 44 21.44 -52.26 81.08
N ASP C 45 22.54 -52.08 81.81
CA ASP C 45 23.13 -53.19 82.54
C ASP C 45 22.17 -53.75 83.58
N ASN C 46 21.49 -52.87 84.32
CA ASN C 46 20.56 -53.33 85.34
C ASN C 46 19.30 -53.87 84.69
N ASP C 47 18.94 -55.10 85.06
CA ASP C 47 17.78 -55.74 84.46
C ASP C 47 16.50 -55.00 84.78
N VAL C 48 16.32 -54.58 86.03
CA VAL C 48 15.10 -53.88 86.42
C VAL C 48 15.01 -52.55 85.70
N LEU C 49 16.09 -51.78 85.69
CA LEU C 49 16.06 -50.49 85.02
C LEU C 49 15.75 -50.65 83.55
N ALA C 50 16.39 -51.62 82.90
CA ALA C 50 16.11 -51.88 81.49
C ALA C 50 14.68 -52.35 81.29
N ALA C 51 14.09 -52.99 82.30
CA ALA C 51 12.71 -53.43 82.20
C ALA C 51 11.70 -52.30 82.39
N LEU C 52 12.14 -51.14 82.86
CA LEU C 52 11.21 -50.03 83.07
C LEU C 52 10.75 -49.47 81.73
N LYS C 53 9.45 -49.19 81.63
CA LYS C 53 8.90 -48.58 80.43
C LYS C 53 9.41 -47.14 80.31
N THR C 54 9.77 -46.74 79.10
CA THR C 54 10.35 -45.43 78.87
C THR C 54 9.57 -44.67 77.81
N LYS C 55 9.68 -43.35 77.85
CA LYS C 55 9.13 -42.48 76.83
C LYS C 55 10.24 -41.62 76.26
N LYS C 56 10.06 -41.18 75.02
CA LYS C 56 11.10 -40.52 74.25
C LYS C 56 10.87 -39.01 74.19
N ALA C 57 11.98 -38.29 74.00
CA ALA C 57 11.97 -36.84 73.80
C ALA C 57 12.48 -36.56 72.39
N SER C 58 11.62 -35.98 71.56
CA SER C 58 11.96 -35.79 70.15
C SER C 58 13.08 -34.78 69.98
N LYS C 59 12.95 -33.62 70.62
CA LYS C 59 13.90 -32.54 70.41
C LYS C 59 15.05 -32.57 71.41
N TYR C 60 15.01 -33.42 72.42
CA TYR C 60 16.07 -33.49 73.41
C TYR C 60 16.93 -34.73 73.29
N ASP C 61 16.50 -35.73 72.52
CA ASP C 61 17.28 -36.93 72.24
C ASP C 61 17.66 -37.67 73.53
N LEU C 62 16.66 -37.90 74.37
CA LEU C 62 16.86 -38.65 75.60
C LEU C 62 15.53 -39.24 76.03
N GLU C 63 15.61 -40.24 76.92
CA GLU C 63 14.43 -40.90 77.46
C GLU C 63 14.29 -40.59 78.94
N TYR C 64 13.07 -40.75 79.45
CA TYR C 64 12.79 -40.50 80.85
C TYR C 64 11.92 -41.60 81.40
N ALA C 65 12.20 -42.01 82.64
CA ALA C 65 11.49 -43.10 83.29
C ALA C 65 11.66 -42.96 84.80
N ASP C 66 10.59 -43.23 85.53
CA ASP C 66 10.60 -43.07 86.99
C ASP C 66 10.98 -44.38 87.65
N VAL C 67 11.95 -44.33 88.56
CA VAL C 67 12.38 -45.51 89.31
C VAL C 67 11.28 -45.86 90.31
N PRO C 68 11.19 -47.11 90.75
CA PRO C 68 10.23 -47.45 91.80
C PRO C 68 10.53 -46.74 93.11
N GLN C 69 9.49 -46.60 93.94
CA GLN C 69 9.62 -45.81 95.16
C GLN C 69 10.70 -46.38 96.08
N ASN C 70 10.79 -47.70 96.17
CA ASN C 70 11.80 -48.31 97.02
C ASN C 70 13.22 -47.99 96.56
N MET C 71 13.38 -47.51 95.33
CA MET C 71 14.70 -47.21 94.79
C MET C 71 14.93 -45.73 94.56
N ARG C 72 13.95 -44.87 94.87
CA ARG C 72 14.13 -43.44 94.65
C ARG C 72 15.08 -42.81 95.65
N ALA C 73 15.30 -43.45 96.80
CA ALA C 73 16.32 -42.95 97.72
C ALA C 73 17.71 -43.07 97.12
N ASP C 74 17.99 -44.18 96.43
CA ASP C 74 19.31 -44.46 95.87
C ASP C 74 19.40 -43.83 94.48
N THR C 75 19.62 -42.51 94.47
CA THR C 75 19.76 -41.78 93.23
C THR C 75 20.65 -40.56 93.48
N PHE C 76 21.07 -39.93 92.40
CA PHE C 76 21.94 -38.77 92.50
C PHE C 76 21.13 -37.51 92.70
N LYS C 77 21.68 -36.59 93.49
CA LYS C 77 21.02 -35.33 93.79
C LYS C 77 21.41 -34.27 92.77
N TYR C 78 20.42 -33.56 92.28
CA TYR C 78 20.57 -32.53 91.25
C TYR C 78 20.78 -31.16 91.87
N THR C 79 21.25 -30.23 91.05
CA THR C 79 21.44 -28.86 91.46
C THR C 79 21.15 -27.95 90.28
N HIS C 80 20.25 -27.00 90.47
CA HIS C 80 19.89 -26.09 89.39
C HIS C 80 20.96 -25.04 89.15
N GLU C 81 21.68 -24.64 90.19
CA GLU C 81 22.63 -23.55 90.12
C GLU C 81 24.00 -24.04 89.66
N LYS C 82 24.64 -23.26 88.79
CA LYS C 82 25.96 -23.56 88.25
C LYS C 82 26.86 -22.34 88.39
N PRO C 83 27.45 -22.15 89.57
CA PRO C 83 28.40 -21.05 89.72
C PRO C 83 29.64 -21.27 88.88
N GLN C 84 30.28 -20.16 88.49
CA GLN C 84 31.45 -20.24 87.62
C GLN C 84 32.60 -20.98 88.30
N GLY C 85 33.34 -21.72 87.52
CA GLY C 85 34.46 -22.50 88.01
C GLY C 85 34.67 -23.73 87.16
N TYR C 86 35.33 -24.72 87.74
CA TYR C 86 35.57 -26.00 87.11
C TYR C 86 34.79 -27.09 87.85
N TYR C 87 34.32 -28.08 87.09
CA TYR C 87 33.54 -29.17 87.64
C TYR C 87 34.19 -30.50 87.32
N SER C 88 33.95 -31.48 88.19
CA SER C 88 34.57 -32.79 88.08
C SER C 88 33.70 -33.70 87.21
N TRP C 89 34.34 -34.38 86.27
CA TRP C 89 33.68 -35.31 85.36
C TRP C 89 34.53 -36.57 85.24
N HIS C 90 33.89 -37.66 84.81
CA HIS C 90 34.52 -38.98 84.89
C HIS C 90 35.87 -39.00 84.19
N HIS C 91 35.94 -38.48 82.96
CA HIS C 91 37.21 -38.50 82.24
C HIS C 91 38.18 -37.50 82.83
N GLY C 92 37.69 -36.35 83.28
CA GLY C 92 38.56 -35.36 83.87
C GLY C 92 37.76 -34.16 84.30
N ALA C 93 38.45 -33.23 84.96
CA ALA C 93 37.80 -32.00 85.40
C ALA C 93 37.38 -31.16 84.21
N VAL C 94 36.22 -30.53 84.34
CA VAL C 94 35.61 -29.76 83.25
C VAL C 94 35.75 -28.27 83.57
N GLN C 95 36.41 -27.54 82.69
CA GLN C 95 36.54 -26.09 82.82
C GLN C 95 35.44 -25.44 82.00
N TYR C 96 34.53 -24.73 82.68
CA TYR C 96 33.37 -24.15 82.02
C TYR C 96 33.32 -22.66 82.32
N GLU C 97 32.81 -21.90 81.35
CA GLU C 97 32.59 -20.48 81.53
C GLU C 97 31.56 -20.01 80.52
N ASN C 98 30.88 -18.92 80.86
CA ASN C 98 29.87 -18.32 79.98
C ASN C 98 28.73 -19.29 79.70
N GLY C 99 28.46 -20.20 80.63
CA GLY C 99 27.35 -21.11 80.50
C GLY C 99 27.59 -22.33 79.63
N ARG C 100 28.77 -22.45 79.02
CA ARG C 100 29.09 -23.60 78.20
C ARG C 100 30.27 -24.34 78.81
N PHE C 101 30.20 -25.67 78.81
CA PHE C 101 31.22 -26.50 79.42
C PHE C 101 32.28 -26.87 78.40
N THR C 102 33.54 -26.72 78.78
CA THR C 102 34.66 -27.05 77.90
C THR C 102 35.54 -28.10 78.57
N VAL C 103 36.10 -28.98 77.75
CA VAL C 103 37.05 -29.99 78.20
C VAL C 103 38.27 -29.92 77.30
N PRO C 104 39.43 -30.36 77.80
CA PRO C 104 40.64 -30.34 76.96
C PRO C 104 40.42 -31.15 75.69
N LYS C 105 40.98 -30.64 74.59
CA LYS C 105 40.81 -31.33 73.31
C LYS C 105 41.45 -32.71 73.37
N GLY C 106 40.82 -33.65 72.67
CA GLY C 106 41.23 -35.04 72.75
C GLY C 106 40.62 -35.82 73.89
N VAL C 107 39.72 -35.21 74.66
CA VAL C 107 39.04 -35.87 75.77
C VAL C 107 37.57 -35.98 75.41
N GLY C 108 37.02 -37.19 75.55
CA GLY C 108 35.63 -37.42 75.22
C GLY C 108 35.43 -37.86 73.79
N ALA C 109 34.73 -38.98 73.60
CA ALA C 109 34.52 -39.55 72.28
C ALA C 109 33.18 -40.28 72.31
N LYS C 110 32.96 -41.13 71.30
CA LYS C 110 31.73 -41.89 71.22
C LYS C 110 31.61 -42.87 72.39
N GLY C 111 30.39 -43.06 72.88
CA GLY C 111 30.16 -43.87 74.06
C GLY C 111 30.22 -43.12 75.38
N ASP C 112 30.61 -41.85 75.36
CA ASP C 112 30.69 -41.05 76.57
C ASP C 112 29.44 -40.23 76.81
N SER C 113 28.42 -40.39 75.99
CA SER C 113 27.18 -39.66 76.18
C SER C 113 26.43 -40.19 77.39
N GLY C 114 25.70 -39.31 78.06
CA GLY C 114 24.94 -39.67 79.23
C GLY C 114 25.68 -39.62 80.54
N ARG C 115 26.97 -39.33 80.52
CA ARG C 115 27.73 -39.27 81.78
C ARG C 115 27.48 -37.93 82.47
N PRO C 116 27.06 -37.93 83.73
CA PRO C 116 26.75 -36.67 84.41
C PRO C 116 28.00 -35.89 84.79
N ILE C 117 27.78 -34.62 85.10
CA ILE C 117 28.82 -33.73 85.60
C ILE C 117 28.54 -33.46 87.07
N LEU C 118 29.54 -33.68 87.92
CA LEU C 118 29.42 -33.45 89.35
C LEU C 118 30.08 -32.14 89.74
N ASP C 119 29.49 -31.46 90.73
CA ASP C 119 30.08 -30.27 91.31
C ASP C 119 31.07 -30.68 92.39
N ASN C 120 31.49 -29.72 93.21
CA ASN C 120 32.41 -30.04 94.30
C ASN C 120 31.78 -30.98 95.30
N GLN C 121 30.48 -30.83 95.58
CA GLN C 121 29.81 -31.64 96.58
C GLN C 121 29.22 -32.92 96.01
N GLY C 122 29.42 -33.20 94.72
CA GLY C 122 28.93 -34.42 94.12
C GLY C 122 27.57 -34.32 93.48
N ARG C 123 26.84 -33.23 93.69
CA ARG C 123 25.54 -33.07 93.07
C ARG C 123 25.68 -32.97 91.55
N VAL C 124 24.77 -33.62 90.83
CA VAL C 124 24.84 -33.63 89.38
C VAL C 124 24.37 -32.29 88.83
N VAL C 125 25.20 -31.66 88.01
CA VAL C 125 24.86 -30.39 87.41
C VAL C 125 24.20 -30.57 86.05
N ALA C 126 24.81 -31.39 85.19
CA ALA C 126 24.28 -31.64 83.86
C ALA C 126 24.89 -32.92 83.31
N ILE C 127 24.27 -33.45 82.26
CA ILE C 127 24.79 -34.60 81.54
C ILE C 127 25.08 -34.17 80.10
N VAL C 128 26.03 -34.86 79.48
CA VAL C 128 26.50 -34.52 78.14
C VAL C 128 25.92 -35.52 77.15
N LEU C 129 25.33 -35.01 76.07
CA LEU C 129 24.81 -35.84 75.01
C LEU C 129 25.79 -36.04 73.86
N GLY C 130 26.73 -35.12 73.70
CA GLY C 130 27.75 -35.22 72.67
C GLY C 130 28.71 -34.07 72.79
N GLY C 131 29.69 -34.06 71.91
CA GLY C 131 30.68 -32.99 71.95
C GLY C 131 31.43 -32.86 70.65
N VAL C 132 31.91 -31.64 70.41
CA VAL C 132 32.70 -31.31 69.24
C VAL C 132 33.92 -30.52 69.69
N ASN C 133 35.10 -30.95 69.24
CA ASN C 133 36.31 -30.22 69.53
C ASN C 133 36.40 -28.99 68.62
N GLU C 134 36.55 -27.82 69.22
CA GLU C 134 36.54 -26.57 68.49
C GLU C 134 37.79 -25.74 68.77
N GLY C 135 38.90 -26.41 69.07
CA GLY C 135 40.15 -25.72 69.33
C GLY C 135 40.91 -26.31 70.51
N SER C 136 41.49 -25.45 71.33
CA SER C 136 42.24 -25.93 72.48
C SER C 136 41.35 -26.64 73.49
N ARG C 137 40.11 -26.20 73.62
CA ARG C 137 39.11 -26.85 74.46
C ARG C 137 38.13 -27.62 73.58
N THR C 138 37.15 -28.25 74.21
CA THR C 138 36.12 -28.98 73.49
C THR C 138 34.77 -28.69 74.13
N ALA C 139 33.95 -27.88 73.47
CA ALA C 139 32.61 -27.62 73.96
C ALA C 139 31.74 -28.86 73.84
N LEU C 140 30.86 -29.04 74.82
CA LEU C 140 30.04 -30.23 74.91
C LEU C 140 28.56 -29.87 74.86
N SER C 141 27.79 -30.68 74.13
CA SER C 141 26.36 -30.47 73.99
C SER C 141 25.67 -31.06 75.22
N VAL C 142 25.71 -30.30 76.30
CA VAL C 142 25.17 -30.74 77.57
C VAL C 142 23.75 -30.19 77.72
N VAL C 143 22.96 -30.85 78.56
CA VAL C 143 21.60 -30.43 78.89
C VAL C 143 21.59 -30.09 80.38
N MET C 144 21.20 -28.86 80.70
CA MET C 144 21.20 -28.36 82.07
C MET C 144 19.78 -28.17 82.56
N TRP C 145 19.64 -28.03 83.88
CA TRP C 145 18.36 -27.80 84.51
C TRP C 145 18.32 -26.40 85.10
N ASN C 146 17.21 -25.71 84.88
CA ASN C 146 17.11 -24.29 85.22
C ASN C 146 16.72 -24.11 86.68
N GLU C 147 16.96 -22.89 87.17
CA GLU C 147 16.64 -22.58 88.56
C GLU C 147 15.14 -22.66 88.82
N LYS C 148 14.33 -22.21 87.86
CA LYS C 148 12.90 -22.24 87.99
C LYS C 148 12.33 -23.66 87.96
N GLY C 149 13.15 -24.65 87.64
CA GLY C 149 12.70 -26.00 87.44
C GLY C 149 12.46 -26.37 86.01
N VAL C 150 13.23 -25.80 85.07
CA VAL C 150 13.08 -26.10 83.65
C VAL C 150 14.35 -26.79 83.17
N THR C 151 14.35 -27.22 81.91
CA THR C 151 15.46 -27.98 81.35
C THR C 151 15.97 -27.28 80.10
N VAL C 152 17.28 -27.07 80.02
CA VAL C 152 17.91 -26.31 78.96
C VAL C 152 19.03 -27.14 78.34
N LYS C 153 19.09 -27.17 77.02
CA LYS C 153 20.11 -27.92 76.28
C LYS C 153 20.96 -26.93 75.49
N TYR C 154 22.09 -26.52 76.07
CA TYR C 154 23.05 -25.66 75.39
C TYR C 154 23.86 -26.51 74.43
N THR C 155 23.45 -26.51 73.16
CA THR C 155 24.11 -27.36 72.18
C THR C 155 24.98 -26.51 71.26
N PRO C 156 26.29 -26.72 71.25
CA PRO C 156 27.15 -26.02 70.29
C PRO C 156 26.85 -26.45 68.87
N GLU C 157 27.20 -25.57 67.95
CA GLU C 157 26.88 -25.78 66.54
C GLU C 157 27.56 -27.03 66.01
N ASN C 158 26.85 -27.72 65.11
CA ASN C 158 27.34 -28.93 64.44
C ASN C 158 28.08 -29.85 65.39
N CYS C 159 27.43 -30.15 66.52
CA CYS C 159 28.02 -31.04 67.50
C CYS C 159 28.03 -32.48 66.99
N GLU C 160 28.86 -33.30 67.62
CA GLU C 160 29.01 -34.71 67.28
C GLU C 160 28.33 -35.57 68.32
N GLN C 161 27.48 -36.48 67.87
CA GLN C 161 26.85 -37.42 68.77
C GLN C 161 27.88 -38.43 69.27
N TRP C 162 27.81 -38.76 70.54
CA TRP C 162 28.74 -39.73 71.11
C TRP C 162 27.98 -40.96 71.59
N TYR D 1 -10.17 -54.22 -10.92
CA TYR D 1 -8.88 -54.31 -10.25
C TYR D 1 -8.53 -52.98 -9.61
N GLU D 2 -8.13 -53.02 -8.35
CA GLU D 2 -7.82 -51.81 -7.60
C GLU D 2 -6.45 -51.25 -8.00
N HIS D 3 -6.41 -49.95 -8.28
CA HIS D 3 -5.17 -49.28 -8.64
C HIS D 3 -5.32 -47.79 -8.37
N ALA D 4 -4.28 -47.18 -7.83
CA ALA D 4 -4.28 -45.76 -7.51
C ALA D 4 -3.22 -45.04 -8.33
N THR D 5 -3.61 -43.91 -8.94
CA THR D 5 -2.71 -43.09 -9.74
C THR D 5 -3.07 -41.63 -9.54
N THR D 6 -2.05 -40.78 -9.53
CA THR D 6 -2.22 -39.33 -9.43
C THR D 6 -1.41 -38.65 -10.51
N MET D 7 -1.96 -37.57 -11.07
CA MET D 7 -1.31 -36.81 -12.11
C MET D 7 -1.41 -35.32 -11.81
N PRO D 8 -0.43 -34.53 -12.26
CA PRO D 8 -0.54 -33.08 -12.10
C PRO D 8 -1.74 -32.53 -12.86
N SER D 9 -2.37 -31.51 -12.26
CA SER D 9 -3.60 -30.94 -12.83
C SER D 9 -3.25 -29.86 -13.85
N GLN D 10 -2.74 -30.31 -14.99
CA GLN D 10 -2.40 -29.43 -16.10
C GLN D 10 -2.97 -29.99 -17.39
N ALA D 11 -3.54 -29.12 -18.21
CA ALA D 11 -4.24 -29.53 -19.42
C ALA D 11 -3.29 -29.61 -20.60
N GLY D 12 -3.68 -30.41 -21.58
CA GLY D 12 -2.97 -30.51 -22.83
C GLY D 12 -1.80 -31.47 -22.84
N ILE D 13 -1.44 -32.03 -21.70
CA ILE D 13 -0.33 -32.97 -21.60
C ILE D 13 -0.91 -34.33 -21.27
N SER D 14 -0.67 -35.30 -22.15
CA SER D 14 -1.24 -36.63 -21.96
C SER D 14 -0.46 -37.38 -20.89
N TYR D 15 -1.17 -38.03 -19.99
CA TYR D 15 -0.56 -38.85 -18.95
C TYR D 15 -0.62 -40.30 -19.38
N ASN D 16 0.52 -40.95 -19.44
CA ASN D 16 0.62 -42.34 -19.85
C ASN D 16 1.09 -43.20 -18.68
N THR D 17 0.41 -44.31 -18.47
CA THR D 17 0.79 -45.26 -17.43
C THR D 17 0.23 -46.63 -17.80
N ILE D 18 0.64 -47.63 -17.03
CA ILE D 18 0.28 -49.02 -17.27
C ILE D 18 -0.20 -49.64 -15.98
N VAL D 19 -1.30 -50.38 -16.04
CA VAL D 19 -1.77 -51.20 -14.93
C VAL D 19 -1.27 -52.61 -15.17
N ASN D 20 -0.42 -53.11 -14.28
CA ASN D 20 0.24 -54.39 -14.47
C ASN D 20 -0.02 -55.30 -13.28
N ARG D 21 -0.40 -56.54 -13.58
CA ARG D 21 -0.53 -57.60 -12.60
C ARG D 21 0.44 -58.72 -12.98
N ALA D 22 0.92 -59.45 -11.97
CA ALA D 22 1.95 -60.44 -12.20
C ALA D 22 1.51 -61.48 -13.22
N GLY D 23 0.26 -61.93 -13.13
CA GLY D 23 -0.23 -62.96 -14.01
C GLY D 23 -0.55 -62.47 -15.41
N TYR D 24 -1.50 -61.54 -15.50
CA TYR D 24 -1.91 -61.03 -16.78
C TYR D 24 -0.88 -60.06 -17.35
N ALA D 25 -1.03 -59.72 -18.61
CA ALA D 25 -0.13 -58.76 -19.21
C ALA D 25 -0.40 -57.36 -18.71
N PRO D 26 0.63 -56.51 -18.62
CA PRO D 26 0.41 -55.12 -18.24
C PRO D 26 -0.50 -54.42 -19.25
N LEU D 27 -1.40 -53.59 -18.73
CA LEU D 27 -2.37 -52.91 -19.57
C LEU D 27 -2.07 -51.42 -19.61
N PRO D 28 -1.77 -50.84 -20.77
CA PRO D 28 -1.56 -49.40 -20.83
C PRO D 28 -2.86 -48.64 -20.62
N ILE D 29 -2.76 -47.53 -19.89
CA ILE D 29 -3.88 -46.65 -19.64
C ILE D 29 -3.44 -45.22 -19.92
N SER D 30 -4.18 -44.50 -20.76
CA SER D 30 -3.83 -43.16 -21.17
C SER D 30 -4.94 -42.19 -20.78
N ILE D 31 -4.57 -41.10 -20.12
CA ILE D 31 -5.49 -40.04 -19.72
C ILE D 31 -4.87 -38.70 -20.11
N THR D 32 -5.66 -37.85 -20.75
CA THR D 32 -5.19 -36.55 -21.21
C THR D 32 -6.26 -35.50 -20.90
N PRO D 33 -6.04 -34.65 -19.92
CA PRO D 33 -7.03 -33.61 -19.60
C PRO D 33 -7.10 -32.54 -20.67
N THR D 34 -8.16 -32.58 -21.50
CA THR D 34 -8.34 -31.54 -22.50
C THR D 34 -8.70 -30.22 -21.84
N LYS D 35 -9.55 -30.27 -20.83
CA LYS D 35 -10.06 -29.08 -20.16
C LYS D 35 -10.36 -29.41 -18.71
N ILE D 36 -9.96 -28.51 -17.81
CA ILE D 36 -10.24 -28.61 -16.39
C ILE D 36 -10.97 -27.33 -15.97
N LYS D 37 -12.07 -27.48 -15.24
CA LYS D 37 -12.96 -26.37 -14.97
C LYS D 37 -13.16 -26.21 -13.46
N LEU D 38 -13.22 -24.95 -13.02
CA LEU D 38 -13.41 -24.62 -11.61
C LEU D 38 -14.58 -23.66 -11.50
N ILE D 39 -15.70 -24.15 -10.97
CA ILE D 39 -16.94 -23.39 -10.91
C ILE D 39 -17.23 -23.07 -9.44
N PRO D 40 -17.06 -21.83 -9.00
CA PRO D 40 -17.48 -21.46 -7.65
C PRO D 40 -18.98 -21.38 -7.53
N THR D 41 -19.47 -21.52 -6.30
CA THR D 41 -20.89 -21.35 -6.02
C THR D 41 -21.14 -19.87 -5.81
N VAL D 42 -21.66 -19.21 -6.84
CA VAL D 42 -21.94 -17.78 -6.78
C VAL D 42 -23.29 -17.56 -6.12
N ASN D 43 -23.53 -16.33 -5.70
CA ASN D 43 -24.84 -15.92 -5.19
C ASN D 43 -25.11 -14.50 -5.65
N LEU D 44 -26.05 -14.34 -6.58
CA LEU D 44 -26.38 -13.03 -7.09
C LEU D 44 -27.10 -12.25 -6.00
N GLU D 45 -26.39 -11.31 -5.38
CA GLU D 45 -26.98 -10.56 -4.28
C GLU D 45 -27.80 -9.38 -4.79
N TYR D 46 -27.19 -8.53 -5.61
CA TYR D 46 -27.93 -7.40 -6.19
C TYR D 46 -27.26 -6.99 -7.50
N VAL D 47 -27.99 -6.17 -8.25
CA VAL D 47 -27.58 -5.71 -9.57
C VAL D 47 -27.55 -4.19 -9.56
N THR D 48 -26.48 -3.63 -10.11
CA THR D 48 -26.30 -2.18 -10.16
C THR D 48 -26.04 -1.74 -11.59
N CYS D 49 -26.28 -0.46 -11.83
CA CYS D 49 -26.14 0.13 -13.17
C CYS D 49 -26.12 1.64 -13.03
N HIS D 50 -26.17 2.33 -14.16
CA HIS D 50 -26.37 3.77 -14.12
C HIS D 50 -27.78 4.07 -13.62
N TYR D 51 -28.04 5.36 -13.36
CA TYR D 51 -29.34 5.79 -12.89
C TYR D 51 -29.80 7.01 -13.66
N LYS D 52 -31.11 7.12 -13.82
CA LYS D 52 -31.74 8.29 -14.43
C LYS D 52 -32.41 9.10 -13.33
N THR D 53 -32.00 10.36 -13.20
CA THR D 53 -32.62 11.23 -12.21
C THR D 53 -34.06 11.55 -12.62
N GLY D 54 -34.99 11.38 -11.68
CA GLY D 54 -36.39 11.60 -11.96
C GLY D 54 -36.93 12.89 -11.37
N MET D 55 -37.16 13.90 -12.21
CA MET D 55 -37.67 15.19 -11.78
C MET D 55 -39.09 15.35 -12.30
N ASP D 56 -40.03 15.61 -11.39
CA ASP D 56 -41.40 15.87 -11.77
C ASP D 56 -41.55 17.30 -12.27
N SER D 57 -42.69 17.57 -12.89
CA SER D 57 -43.01 18.93 -13.29
C SER D 57 -43.17 19.80 -12.05
N PRO D 58 -42.51 20.95 -11.97
CA PRO D 58 -42.65 21.80 -10.78
C PRO D 58 -44.09 22.26 -10.60
N ALA D 59 -44.51 22.33 -9.35
CA ALA D 59 -45.81 22.87 -9.00
C ALA D 59 -45.62 24.26 -8.40
N ILE D 60 -46.27 25.26 -8.98
CA ILE D 60 -46.15 26.65 -8.56
C ILE D 60 -47.51 27.13 -8.09
N LYS D 61 -47.54 27.72 -6.90
CA LYS D 61 -48.75 28.33 -6.36
C LYS D 61 -48.66 29.83 -6.61
N CYS D 62 -49.22 30.27 -7.74
CA CYS D 62 -49.17 31.67 -8.10
C CYS D 62 -50.03 32.49 -7.14
N CYS D 63 -49.44 33.58 -6.63
CA CYS D 63 -50.15 34.48 -5.71
C CYS D 63 -50.74 33.71 -4.53
N GLY D 64 -49.98 32.76 -3.99
CA GLY D 64 -50.48 31.94 -2.92
C GLY D 64 -49.36 31.17 -2.25
N SER D 65 -49.76 30.26 -1.38
CA SER D 65 -48.84 29.42 -0.62
C SER D 65 -49.12 27.96 -0.93
N GLN D 66 -48.07 27.14 -0.93
CA GLN D 66 -48.20 25.71 -1.16
C GLN D 66 -47.09 24.98 -0.43
N GLU D 67 -47.39 23.75 0.00
CA GLU D 67 -46.43 22.90 0.69
C GLU D 67 -46.29 21.58 -0.04
N CYS D 68 -45.09 21.01 0.03
CA CYS D 68 -44.82 19.73 -0.62
C CYS D 68 -45.51 18.59 0.11
N THR D 69 -45.99 17.62 -0.66
CA THR D 69 -46.66 16.45 -0.11
C THR D 69 -45.66 15.32 0.04
N PRO D 70 -45.44 14.79 1.25
CA PRO D 70 -44.46 13.71 1.41
C PRO D 70 -44.90 12.41 0.76
N THR D 71 -44.34 12.10 -0.39
CA THR D 71 -44.57 10.84 -1.09
C THR D 71 -43.34 9.96 -0.97
N TYR D 72 -43.44 8.76 -1.53
CA TYR D 72 -42.39 7.76 -1.38
C TYR D 72 -41.80 7.42 -2.73
N ARG D 73 -40.55 7.83 -2.93
CA ARG D 73 -39.76 7.51 -4.11
C ARG D 73 -38.32 7.25 -3.65
N PRO D 74 -37.56 6.49 -4.43
CA PRO D 74 -36.16 6.23 -4.04
C PRO D 74 -35.33 7.49 -3.93
N ASP D 75 -34.85 7.79 -2.72
CA ASP D 75 -34.04 8.97 -2.44
C ASP D 75 -34.75 10.23 -2.91
N GLU D 76 -36.06 10.30 -2.65
CA GLU D 76 -36.85 11.44 -3.07
C GLU D 76 -36.52 12.67 -2.23
N GLN D 77 -36.45 13.82 -2.87
CA GLN D 77 -36.24 15.10 -2.19
C GLN D 77 -37.28 16.09 -2.67
N CYS D 78 -37.95 16.75 -1.74
CA CYS D 78 -38.92 17.79 -2.05
C CYS D 78 -38.55 19.08 -1.32
N LYS D 79 -38.59 20.19 -2.04
CA LYS D 79 -38.26 21.49 -1.48
C LYS D 79 -39.26 22.52 -1.97
N VAL D 80 -39.49 23.54 -1.14
CA VAL D 80 -40.44 24.60 -1.44
C VAL D 80 -39.68 25.91 -1.52
N PHE D 81 -39.88 26.66 -2.60
CA PHE D 81 -39.20 27.93 -2.83
C PHE D 81 -40.24 29.03 -2.94
N THR D 82 -40.07 30.07 -2.14
CA THR D 82 -41.02 31.17 -2.05
C THR D 82 -40.43 32.44 -2.65
N GLY D 83 -41.30 33.40 -2.93
CA GLY D 83 -40.86 34.63 -3.55
C GLY D 83 -40.21 34.42 -4.90
N VAL D 84 -40.76 33.52 -5.72
CA VAL D 84 -40.18 33.12 -6.99
C VAL D 84 -41.09 33.61 -8.10
N TYR D 85 -40.53 34.38 -9.04
CA TYR D 85 -41.31 35.00 -10.10
C TYR D 85 -41.11 34.20 -11.38
N PRO D 86 -41.99 33.26 -11.70
CA PRO D 86 -41.82 32.48 -12.92
C PRO D 86 -41.99 33.36 -14.15
N PHE D 87 -41.20 33.03 -15.17
CA PHE D 87 -41.24 33.75 -16.44
C PHE D 87 -41.30 32.71 -17.55
N MET D 88 -42.21 32.90 -18.49
CA MET D 88 -42.42 31.95 -19.57
C MET D 88 -42.25 32.64 -20.91
N TRP D 89 -42.28 31.84 -21.97
CA TRP D 89 -42.31 32.38 -23.33
C TRP D 89 -43.59 33.17 -23.57
N GLY D 90 -44.68 32.77 -22.94
CA GLY D 90 -45.92 33.53 -23.03
C GLY D 90 -46.04 34.55 -21.93
N GLY D 91 -44.95 35.28 -21.67
CA GLY D 91 -44.96 36.30 -20.66
C GLY D 91 -44.74 35.74 -19.27
N ALA D 92 -44.85 36.64 -18.29
CA ALA D 92 -44.68 36.23 -16.90
C ALA D 92 -45.85 35.37 -16.46
N TYR D 93 -45.54 34.19 -15.91
CA TYR D 93 -46.61 33.26 -15.52
C TYR D 93 -47.41 33.78 -14.34
N CYS D 94 -46.74 34.33 -13.34
CA CYS D 94 -47.37 34.86 -12.14
C CYS D 94 -47.02 36.34 -12.00
N PHE D 95 -48.00 37.17 -11.68
CA PHE D 95 -47.80 38.61 -11.58
C PHE D 95 -47.58 39.11 -10.15
N CYS D 96 -47.57 38.22 -9.16
CA CYS D 96 -47.31 38.63 -7.80
C CYS D 96 -45.82 38.52 -7.49
N ASP D 97 -45.30 39.54 -6.82
CA ASP D 97 -43.89 39.50 -6.43
C ASP D 97 -43.65 38.44 -5.37
N THR D 98 -44.42 38.47 -4.29
CA THR D 98 -44.35 37.47 -3.25
C THR D 98 -45.54 36.52 -3.38
N GLU D 99 -45.73 35.68 -2.36
CA GLU D 99 -46.76 34.64 -2.37
C GLU D 99 -46.65 33.77 -3.61
N ASN D 100 -45.42 33.35 -3.92
CA ASN D 100 -45.14 32.48 -5.05
C ASN D 100 -44.30 31.32 -4.54
N THR D 101 -44.99 30.29 -4.05
CA THR D 101 -44.33 29.09 -3.54
C THR D 101 -44.09 28.12 -4.68
N GLN D 102 -42.87 27.61 -4.78
CA GLN D 102 -42.48 26.66 -5.81
C GLN D 102 -42.31 25.29 -5.18
N VAL D 103 -43.02 24.30 -5.71
CA VAL D 103 -42.95 22.93 -5.20
C VAL D 103 -42.15 22.12 -6.20
N SER D 104 -41.01 21.60 -5.73
CA SER D 104 -40.09 20.84 -6.55
C SER D 104 -39.83 19.50 -5.90
N LYS D 105 -40.11 18.42 -6.63
CA LYS D 105 -39.90 17.06 -6.15
C LYS D 105 -39.03 16.31 -7.14
N ALA D 106 -38.02 15.62 -6.65
CA ALA D 106 -37.12 14.86 -7.50
C ALA D 106 -36.66 13.61 -6.77
N TYR D 107 -36.41 12.55 -7.52
CA TYR D 107 -35.94 11.29 -6.96
C TYR D 107 -34.96 10.65 -7.94
N VAL D 108 -34.70 9.38 -7.72
CA VAL D 108 -33.72 8.61 -8.49
C VAL D 108 -34.43 7.45 -9.15
N MET D 109 -34.22 7.28 -10.45
CA MET D 109 -34.74 6.15 -11.19
C MET D 109 -33.59 5.37 -11.79
N LYS D 110 -33.75 4.05 -11.87
CA LYS D 110 -32.74 3.22 -12.52
C LYS D 110 -32.67 3.55 -14.00
N SER D 111 -31.49 3.31 -14.59
CA SER D 111 -31.28 3.66 -15.98
C SER D 111 -32.20 2.85 -16.89
N ASP D 112 -32.60 3.47 -18.00
CA ASP D 112 -33.48 2.79 -18.95
C ASP D 112 -32.79 1.58 -19.57
N ASP D 113 -31.52 1.72 -19.93
CA ASP D 113 -30.75 0.62 -20.49
C ASP D 113 -30.13 -0.26 -19.41
N CYS D 114 -30.61 -0.18 -18.17
CA CYS D 114 -30.07 -1.01 -17.10
C CYS D 114 -30.33 -2.48 -17.37
N LEU D 115 -31.40 -2.80 -18.09
CA LEU D 115 -31.72 -4.20 -18.35
C LEU D 115 -30.63 -4.85 -19.19
N ALA D 116 -30.10 -4.14 -20.19
CA ALA D 116 -29.07 -4.69 -21.04
C ALA D 116 -27.68 -4.50 -20.43
N ASP D 117 -27.34 -3.27 -20.08
CA ASP D 117 -26.04 -2.95 -19.49
C ASP D 117 -26.20 -2.78 -17.99
N HIS D 118 -25.50 -3.61 -17.22
CA HIS D 118 -25.56 -3.54 -15.76
C HIS D 118 -24.41 -4.36 -15.20
N ALA D 119 -24.10 -4.10 -13.93
CA ALA D 119 -23.09 -4.85 -13.20
C ALA D 119 -23.78 -5.66 -12.11
N GLU D 120 -23.30 -6.89 -11.91
CA GLU D 120 -23.90 -7.82 -10.97
C GLU D 120 -22.91 -8.15 -9.89
N ALA D 121 -23.35 -8.08 -8.64
CA ALA D 121 -22.53 -8.45 -7.49
C ALA D 121 -22.87 -9.87 -7.08
N TYR D 122 -21.83 -10.69 -6.91
CA TYR D 122 -22.02 -12.09 -6.60
C TYR D 122 -21.31 -12.42 -5.28
N LYS D 123 -21.85 -13.42 -4.59
CA LYS D 123 -21.26 -13.97 -3.38
C LYS D 123 -20.68 -15.33 -3.74
N ALA D 124 -19.36 -15.42 -3.77
CA ALA D 124 -18.66 -16.60 -4.26
C ALA D 124 -18.04 -17.37 -3.11
N HIS D 125 -18.22 -18.69 -3.11
CA HIS D 125 -17.66 -19.56 -2.09
C HIS D 125 -17.74 -21.01 -2.56
N THR D 126 -16.88 -21.84 -1.98
CA THR D 126 -16.94 -23.30 -2.13
C THR D 126 -16.95 -23.73 -3.59
N ALA D 127 -15.82 -23.47 -4.24
CA ALA D 127 -15.69 -23.79 -5.66
C ALA D 127 -15.74 -25.29 -5.90
N SER D 128 -16.50 -25.70 -6.91
CA SER D 128 -16.58 -27.08 -7.35
C SER D 128 -15.76 -27.25 -8.63
N VAL D 129 -15.14 -28.42 -8.79
CA VAL D 129 -14.17 -28.67 -9.84
C VAL D 129 -14.73 -29.71 -10.80
N GLN D 130 -14.61 -29.44 -12.10
CA GLN D 130 -15.02 -30.36 -13.15
C GLN D 130 -13.94 -30.42 -14.22
N ALA D 131 -13.93 -31.50 -14.98
CA ALA D 131 -12.91 -31.65 -16.02
C ALA D 131 -13.41 -32.58 -17.11
N PHE D 132 -12.82 -32.43 -18.30
CA PHE D 132 -13.03 -33.33 -19.42
C PHE D 132 -11.80 -34.20 -19.56
N LEU D 133 -11.99 -35.52 -19.56
CA LEU D 133 -10.89 -36.47 -19.67
C LEU D 133 -11.08 -37.33 -20.91
N ASN D 134 -10.04 -37.40 -21.73
CA ASN D 134 -10.03 -38.19 -22.96
C ASN D 134 -9.25 -39.47 -22.66
N ILE D 135 -9.95 -40.43 -22.05
CA ILE D 135 -9.31 -41.61 -21.48
C ILE D 135 -9.28 -42.74 -22.51
N THR D 136 -8.18 -43.49 -22.52
CA THR D 136 -8.03 -44.65 -23.41
C THR D 136 -7.36 -45.76 -22.60
N VAL D 137 -8.14 -46.76 -22.23
CA VAL D 137 -7.64 -47.93 -21.51
C VAL D 137 -7.93 -49.15 -22.36
N GLY D 138 -6.89 -49.91 -22.70
CA GLY D 138 -7.08 -51.07 -23.55
C GLY D 138 -7.62 -50.72 -24.91
N GLU D 139 -7.08 -49.68 -25.54
CA GLU D 139 -7.55 -49.21 -26.84
C GLU D 139 -9.05 -48.92 -26.83
N HIS D 140 -9.51 -48.29 -25.75
CA HIS D 140 -10.89 -47.83 -25.61
C HIS D 140 -10.83 -46.32 -25.41
N SER D 141 -10.77 -45.58 -26.50
CA SER D 141 -10.72 -44.12 -26.43
C SER D 141 -12.07 -43.62 -25.96
N ILE D 142 -12.13 -43.14 -24.72
CA ILE D 142 -13.35 -42.66 -24.10
C ILE D 142 -13.14 -41.22 -23.67
N VAL D 143 -13.93 -40.32 -24.23
CA VAL D 143 -13.82 -38.89 -23.95
C VAL D 143 -15.11 -38.47 -23.26
N THR D 144 -14.98 -37.93 -22.05
CA THR D 144 -16.13 -37.62 -21.23
C THR D 144 -15.74 -36.61 -20.17
N THR D 145 -16.74 -36.06 -19.52
CA THR D 145 -16.56 -35.10 -18.45
C THR D 145 -16.80 -35.78 -17.10
N VAL D 146 -15.89 -35.55 -16.15
CA VAL D 146 -15.93 -36.20 -14.85
C VAL D 146 -15.81 -35.13 -13.78
N TYR D 147 -16.71 -35.18 -12.79
CA TYR D 147 -16.59 -34.29 -11.64
C TYR D 147 -15.39 -34.66 -10.80
N VAL D 148 -14.60 -33.64 -10.43
CA VAL D 148 -13.42 -33.88 -9.61
C VAL D 148 -13.75 -34.07 -8.14
N ASN D 149 -15.03 -34.07 -7.79
CA ASN D 149 -15.45 -34.45 -6.44
C ASN D 149 -15.00 -35.88 -6.17
N GLY D 150 -14.59 -36.13 -4.92
CA GLY D 150 -13.90 -37.37 -4.59
C GLY D 150 -14.69 -38.62 -4.90
N GLU D 151 -16.01 -38.60 -4.68
CA GLU D 151 -16.83 -39.79 -4.80
C GLU D 151 -17.73 -39.78 -6.03
N THR D 152 -17.28 -39.17 -7.13
CA THR D 152 -18.08 -39.17 -8.34
C THR D 152 -17.49 -40.14 -9.35
N PRO D 153 -18.12 -41.29 -9.60
CA PRO D 153 -17.54 -42.28 -10.52
C PRO D 153 -17.99 -42.08 -11.95
N VAL D 154 -17.19 -42.65 -12.86
CA VAL D 154 -17.52 -42.70 -14.28
C VAL D 154 -17.40 -44.15 -14.73
N ASN D 155 -18.46 -44.68 -15.33
CA ASN D 155 -18.53 -46.08 -15.72
C ASN D 155 -18.58 -46.20 -17.24
N PHE D 156 -17.67 -47.00 -17.80
CA PHE D 156 -17.65 -47.29 -19.22
C PHE D 156 -16.95 -48.63 -19.42
N ASN D 157 -17.57 -49.51 -20.21
CA ASN D 157 -17.03 -50.84 -20.48
C ASN D 157 -16.70 -51.56 -19.18
N GLY D 158 -17.54 -51.35 -18.15
CA GLY D 158 -17.31 -51.96 -16.87
C GLY D 158 -16.20 -51.34 -16.05
N VAL D 159 -15.64 -50.22 -16.49
CA VAL D 159 -14.53 -49.58 -15.80
C VAL D 159 -15.09 -48.48 -14.91
N LYS D 160 -14.91 -48.62 -13.60
CA LYS D 160 -15.30 -47.60 -12.64
C LYS D 160 -14.08 -46.82 -12.22
N ILE D 161 -14.09 -45.52 -12.47
CA ILE D 161 -12.96 -44.64 -12.15
C ILE D 161 -13.51 -43.44 -11.40
N THR D 162 -12.75 -43.00 -10.40
CA THR D 162 -13.14 -41.86 -9.58
C THR D 162 -12.02 -40.86 -9.54
N ALA D 163 -12.38 -39.59 -9.35
CA ALA D 163 -11.43 -38.50 -9.44
C ALA D 163 -11.46 -37.67 -8.17
N GLY D 164 -10.37 -36.95 -7.93
CA GLY D 164 -10.26 -36.11 -6.77
C GLY D 164 -9.93 -36.90 -5.52
N PRO D 165 -9.98 -36.24 -4.36
CA PRO D 165 -10.27 -34.80 -4.23
C PRO D 165 -9.08 -33.94 -4.61
N LEU D 166 -9.33 -32.65 -4.85
CA LEU D 166 -8.25 -31.75 -5.20
C LEU D 166 -7.24 -31.64 -4.06
N SER D 167 -5.97 -31.67 -4.43
CA SER D 167 -4.91 -31.62 -3.42
C SER D 167 -4.93 -30.30 -2.67
N THR D 168 -5.16 -29.19 -3.37
CA THR D 168 -5.20 -27.87 -2.77
C THR D 168 -6.56 -27.25 -3.00
N ALA D 169 -7.09 -26.58 -1.97
CA ALA D 169 -8.40 -25.96 -2.01
C ALA D 169 -8.35 -24.50 -2.43
N TRP D 170 -7.20 -24.01 -2.90
CA TRP D 170 -7.08 -22.61 -3.30
C TRP D 170 -7.96 -22.30 -4.49
N THR D 171 -8.57 -21.11 -4.48
CA THR D 171 -9.41 -20.65 -5.58
C THR D 171 -9.03 -19.22 -5.96
N PRO D 172 -8.87 -18.92 -7.25
CA PRO D 172 -8.58 -17.53 -7.63
C PRO D 172 -9.66 -16.56 -7.20
N PHE D 173 -10.92 -16.96 -7.17
CA PHE D 173 -11.98 -16.07 -6.76
C PHE D 173 -11.96 -15.88 -5.24
N ASP D 174 -12.45 -14.73 -4.81
CA ASP D 174 -12.57 -14.38 -3.41
C ASP D 174 -14.02 -14.41 -2.99
N ARG D 175 -14.29 -13.96 -1.75
CA ARG D 175 -15.65 -13.96 -1.24
C ARG D 175 -16.57 -13.06 -2.06
N LYS D 176 -16.10 -11.88 -2.43
CA LYS D 176 -16.90 -10.91 -3.16
C LYS D 176 -16.35 -10.73 -4.56
N ILE D 177 -17.19 -10.94 -5.57
CA ILE D 177 -16.82 -10.73 -6.96
C ILE D 177 -17.92 -9.92 -7.63
N VAL D 178 -17.54 -9.23 -8.70
CA VAL D 178 -18.48 -8.52 -9.55
C VAL D 178 -18.27 -8.97 -10.98
N GLN D 179 -19.32 -9.45 -11.63
CA GLN D 179 -19.27 -9.88 -13.02
C GLN D 179 -19.91 -8.80 -13.87
N TYR D 180 -19.17 -8.30 -14.85
CA TYR D 180 -19.69 -7.25 -15.71
C TYR D 180 -18.97 -7.27 -17.04
N ALA D 181 -19.72 -7.04 -18.12
CA ALA D 181 -19.18 -6.92 -19.47
C ALA D 181 -18.34 -8.14 -19.83
N GLY D 182 -18.80 -9.31 -19.41
CA GLY D 182 -18.06 -10.52 -19.69
C GLY D 182 -16.77 -10.67 -18.92
N GLU D 183 -16.61 -9.94 -17.83
CA GLU D 183 -15.42 -10.04 -17.00
C GLU D 183 -15.81 -10.02 -15.53
N ILE D 184 -14.97 -10.62 -14.70
CA ILE D 184 -15.18 -10.71 -13.26
C ILE D 184 -14.07 -9.95 -12.56
N TYR D 185 -14.44 -9.09 -11.62
CA TYR D 185 -13.49 -8.25 -10.90
C TYR D 185 -13.54 -8.54 -9.41
N ASN D 186 -12.37 -8.70 -8.81
CA ASN D 186 -12.27 -9.02 -7.37
C ASN D 186 -12.33 -7.74 -6.55
N TYR D 187 -13.44 -7.03 -6.72
CA TYR D 187 -13.65 -5.72 -6.11
C TYR D 187 -14.66 -5.85 -4.96
N ASP D 188 -14.26 -5.40 -3.77
CA ASP D 188 -15.17 -5.42 -2.64
C ASP D 188 -16.29 -4.40 -2.85
N PHE D 189 -17.52 -4.84 -2.57
CA PHE D 189 -18.69 -4.00 -2.76
C PHE D 189 -19.53 -3.97 -1.50
N PRO D 190 -20.14 -2.83 -1.19
CA PRO D 190 -21.09 -2.78 -0.08
C PRO D 190 -22.32 -3.62 -0.36
N GLU D 191 -22.89 -4.17 0.70
CA GLU D 191 -24.07 -5.01 0.56
C GLU D 191 -25.30 -4.16 0.27
N TYR D 192 -26.43 -4.83 0.06
CA TYR D 192 -27.66 -4.14 -0.28
C TYR D 192 -28.09 -3.24 0.87
N GLY D 193 -28.47 -2.01 0.53
CA GLY D 193 -28.84 -1.03 1.51
C GLY D 193 -27.68 -0.34 2.20
N ALA D 194 -26.45 -0.63 1.78
CA ALA D 194 -25.27 -0.01 2.37
C ALA D 194 -24.50 0.84 1.37
N GLY D 195 -25.10 1.19 0.24
CA GLY D 195 -24.39 1.95 -0.76
C GLY D 195 -24.16 3.40 -0.36
N GLN D 196 -23.17 4.01 -1.01
CA GLN D 196 -22.82 5.40 -0.78
C GLN D 196 -22.63 6.11 -2.10
N PRO D 197 -22.92 7.41 -2.15
CA PRO D 197 -22.82 8.15 -3.42
C PRO D 197 -21.39 8.17 -3.93
N GLY D 198 -21.27 8.19 -5.25
CA GLY D 198 -19.99 8.35 -5.91
C GLY D 198 -19.15 7.10 -5.99
N ALA D 199 -19.62 5.99 -5.45
CA ALA D 199 -18.89 4.74 -5.44
C ALA D 199 -19.83 3.60 -5.82
N PHE D 200 -19.27 2.41 -5.94
CA PHE D 200 -20.08 1.25 -6.33
C PHE D 200 -21.20 1.01 -5.33
N GLY D 201 -22.38 0.67 -5.84
CA GLY D 201 -23.52 0.43 -5.00
C GLY D 201 -24.37 1.66 -4.71
N ASP D 202 -24.14 2.76 -5.43
CA ASP D 202 -25.01 3.92 -5.26
C ASP D 202 -26.45 3.59 -5.63
N ILE D 203 -26.64 2.72 -6.61
CA ILE D 203 -27.95 2.17 -6.95
C ILE D 203 -27.86 0.66 -6.82
N GLN D 204 -28.72 0.08 -5.98
CA GLN D 204 -28.71 -1.35 -5.72
C GLN D 204 -30.09 -1.93 -5.97
N SER D 205 -30.15 -3.00 -6.75
CA SER D 205 -31.39 -3.70 -7.03
C SER D 205 -31.18 -5.19 -6.85
N ARG D 206 -32.07 -5.83 -6.08
CA ARG D 206 -31.94 -7.26 -5.81
C ARG D 206 -32.02 -8.06 -7.11
N THR D 207 -32.87 -7.64 -8.03
CA THR D 207 -32.93 -8.23 -9.37
C THR D 207 -32.96 -7.11 -10.39
N VAL D 208 -32.57 -7.45 -11.62
CA VAL D 208 -32.60 -6.46 -12.70
C VAL D 208 -34.03 -5.95 -12.91
N SER D 209 -35.00 -6.86 -12.85
CA SER D 209 -36.40 -6.51 -13.03
C SER D 209 -37.10 -6.18 -11.71
N SER D 210 -36.42 -6.31 -10.58
CA SER D 210 -37.06 -6.03 -9.30
C SER D 210 -37.35 -4.54 -9.17
N SER D 211 -38.58 -4.21 -8.80
CA SER D 211 -39.00 -2.81 -8.79
C SER D 211 -38.27 -2.02 -7.72
N ASP D 212 -38.08 -2.60 -6.54
CA ASP D 212 -37.46 -1.88 -5.44
C ASP D 212 -35.97 -1.70 -5.69
N LEU D 213 -35.46 -0.52 -5.32
CA LEU D 213 -34.05 -0.24 -5.47
C LEU D 213 -33.65 0.76 -4.42
N TYR D 214 -32.42 0.62 -3.93
CA TYR D 214 -31.87 1.49 -2.91
C TYR D 214 -31.07 2.58 -3.59
N ALA D 215 -31.44 3.83 -3.32
CA ALA D 215 -30.78 4.98 -3.92
C ALA D 215 -30.14 5.83 -2.83
N ASN D 216 -28.84 6.03 -2.94
CA ASN D 216 -28.11 6.91 -2.02
C ASN D 216 -27.11 7.68 -2.89
N THR D 217 -27.54 8.84 -3.39
CA THR D 217 -26.72 9.63 -4.30
C THR D 217 -26.47 11.03 -3.75
N ASN D 218 -26.81 11.29 -2.48
CA ASN D 218 -26.59 12.59 -1.86
C ASN D 218 -27.25 13.71 -2.67
N LEU D 219 -28.44 13.43 -3.19
CA LEU D 219 -29.13 14.38 -4.03
C LEU D 219 -29.74 15.49 -3.18
N VAL D 220 -29.39 16.73 -3.47
CA VAL D 220 -29.91 17.90 -2.76
C VAL D 220 -30.25 18.97 -3.78
N LEU D 221 -31.39 19.62 -3.59
CA LEU D 221 -31.84 20.67 -4.47
C LEU D 221 -31.32 22.03 -3.99
N GLN D 222 -31.15 22.93 -4.94
CA GLN D 222 -30.73 24.30 -4.68
C GLN D 222 -31.85 25.26 -5.09
N ARG D 223 -31.56 26.55 -4.95
CA ARG D 223 -32.54 27.57 -5.30
C ARG D 223 -32.72 27.65 -6.81
N PRO D 224 -33.95 27.63 -7.32
CA PRO D 224 -34.15 27.88 -8.74
C PRO D 224 -33.76 29.30 -9.11
N LYS D 225 -33.25 29.45 -10.33
CA LYS D 225 -32.91 30.78 -10.81
C LYS D 225 -34.17 31.61 -11.01
N ALA D 226 -34.12 32.86 -10.55
CA ALA D 226 -35.28 33.74 -10.67
C ALA D 226 -35.60 33.97 -12.13
N GLY D 227 -36.89 33.91 -12.45
CA GLY D 227 -37.33 34.06 -13.83
C GLY D 227 -37.20 32.81 -14.67
N ALA D 228 -36.80 31.69 -14.08
CA ALA D 228 -36.64 30.44 -14.82
C ALA D 228 -37.36 29.33 -14.08
N ILE D 229 -37.91 28.39 -14.85
CA ILE D 229 -38.65 27.26 -14.30
C ILE D 229 -37.87 25.99 -14.61
N HIS D 230 -37.52 25.25 -13.56
CA HIS D 230 -36.72 24.04 -13.68
C HIS D 230 -36.70 23.37 -12.30
N VAL D 231 -35.94 22.29 -12.19
CA VAL D 231 -35.62 21.71 -10.89
C VAL D 231 -34.11 21.78 -10.71
N PRO D 232 -33.62 22.74 -9.94
CA PRO D 232 -32.16 22.83 -9.73
C PRO D 232 -31.69 21.82 -8.69
N TYR D 233 -31.05 20.75 -9.15
CA TYR D 233 -30.61 19.67 -8.30
C TYR D 233 -29.12 19.43 -8.52
N THR D 234 -28.43 19.08 -7.45
CA THR D 234 -27.02 18.71 -7.53
C THR D 234 -26.83 17.37 -6.83
N GLN D 235 -25.99 16.52 -7.43
CA GLN D 235 -25.68 15.21 -6.85
C GLN D 235 -24.37 14.73 -7.43
N ALA D 236 -23.75 13.78 -6.72
CA ALA D 236 -22.50 13.21 -7.19
C ALA D 236 -22.73 12.39 -8.46
N PRO D 237 -21.70 12.22 -9.29
CA PRO D 237 -21.85 11.38 -10.48
C PRO D 237 -22.12 9.94 -10.08
N SER D 238 -22.48 9.15 -11.09
CA SER D 238 -22.82 7.75 -10.84
C SER D 238 -21.61 6.99 -10.32
N GLY D 239 -21.75 6.40 -9.14
CA GLY D 239 -20.67 5.58 -8.61
C GLY D 239 -20.35 4.41 -9.51
N PHE D 240 -21.37 3.88 -10.18
CA PHE D 240 -21.12 2.88 -11.21
C PHE D 240 -20.25 3.46 -12.32
N GLU D 241 -20.55 4.69 -12.74
CA GLU D 241 -19.77 5.33 -13.78
C GLU D 241 -18.32 5.56 -13.33
N GLN D 242 -18.15 6.02 -12.09
CA GLN D 242 -16.80 6.25 -11.58
C GLN D 242 -16.02 4.95 -11.49
N TRP D 243 -16.67 3.89 -11.01
CA TRP D 243 -16.00 2.60 -10.92
C TRP D 243 -15.61 2.09 -12.30
N LYS D 244 -16.46 2.33 -13.29
CA LYS D 244 -16.10 1.97 -14.67
C LYS D 244 -14.91 2.78 -15.14
N LYS D 245 -14.88 4.08 -14.79
CA LYS D 245 -13.74 4.92 -15.16
C LYS D 245 -12.45 4.38 -14.52
N ASP D 246 -12.53 3.98 -13.25
CA ASP D 246 -11.42 3.28 -12.64
C ASP D 246 -11.16 1.99 -13.39
N LYS D 247 -9.89 1.71 -13.66
CA LYS D 247 -9.54 0.50 -14.39
C LYS D 247 -9.91 -0.74 -13.58
N ALA D 248 -9.09 -1.05 -12.56
CA ALA D 248 -9.18 -2.32 -11.86
C ALA D 248 -9.22 -3.45 -12.87
N PRO D 249 -8.07 -3.83 -13.44
CA PRO D 249 -8.08 -4.83 -14.51
C PRO D 249 -8.68 -6.15 -14.04
N SER D 250 -9.35 -6.84 -14.96
CA SER D 250 -10.14 -8.00 -14.59
C SER D 250 -9.26 -9.13 -14.06
N LEU D 251 -9.89 -9.99 -13.26
CA LEU D 251 -9.21 -11.16 -12.74
C LEU D 251 -8.65 -12.03 -13.86
N LYS D 252 -9.30 -11.99 -15.03
CA LYS D 252 -8.83 -12.80 -16.15
C LYS D 252 -7.39 -12.48 -16.51
N PHE D 253 -7.00 -11.22 -16.37
CA PHE D 253 -5.62 -10.82 -16.62
C PHE D 253 -4.74 -10.93 -15.38
N THR D 254 -5.32 -11.15 -14.20
CA THR D 254 -4.58 -11.11 -12.94
C THR D 254 -4.72 -12.40 -12.15
N ALA D 255 -5.24 -13.46 -12.76
CA ALA D 255 -5.39 -14.72 -12.05
C ALA D 255 -4.04 -15.42 -11.91
N PRO D 256 -3.62 -15.76 -10.69
CA PRO D 256 -2.39 -16.54 -10.54
C PRO D 256 -2.53 -17.90 -11.18
N PHE D 257 -1.37 -18.48 -11.53
CA PHE D 257 -1.28 -19.74 -12.26
C PHE D 257 -1.86 -19.64 -13.67
N GLY D 258 -1.98 -18.43 -14.20
CA GLY D 258 -2.43 -18.26 -15.57
C GLY D 258 -3.80 -18.84 -15.79
N CYS D 259 -4.73 -18.58 -14.88
CA CYS D 259 -6.05 -19.15 -14.93
C CYS D 259 -6.95 -18.34 -15.84
N GLU D 260 -7.77 -19.04 -16.61
CA GLU D 260 -8.68 -18.42 -17.57
C GLU D 260 -10.08 -18.32 -16.96
N ILE D 261 -10.75 -17.21 -17.24
CA ILE D 261 -12.02 -16.87 -16.61
C ILE D 261 -13.07 -16.67 -17.69
N TYR D 262 -14.23 -17.29 -17.51
CA TYR D 262 -15.36 -17.16 -18.40
C TYR D 262 -16.55 -16.53 -17.67
N THR D 263 -17.45 -15.95 -18.45
CA THR D 263 -18.50 -15.09 -17.90
C THR D 263 -19.82 -15.83 -17.66
N ASN D 264 -20.46 -16.29 -18.74
CA ASN D 264 -21.84 -16.78 -18.61
C ASN D 264 -21.95 -17.94 -17.63
N PRO D 265 -21.11 -18.97 -17.67
CA PRO D 265 -20.90 -19.78 -16.47
C PRO D 265 -19.76 -19.17 -15.68
N ILE D 266 -19.98 -18.83 -14.41
CA ILE D 266 -18.89 -18.23 -13.64
C ILE D 266 -17.94 -19.37 -13.31
N ARG D 267 -16.83 -19.44 -14.05
CA ARG D 267 -15.98 -20.61 -13.98
C ARG D 267 -14.53 -20.20 -14.19
N ALA D 268 -13.63 -21.01 -13.65
CA ALA D 268 -12.20 -20.84 -13.81
C ALA D 268 -11.64 -22.08 -14.46
N GLU D 269 -10.88 -21.91 -15.54
CA GLU D 269 -10.38 -23.04 -16.30
C GLU D 269 -8.87 -22.96 -16.46
N ASN D 270 -8.27 -24.13 -16.68
CA ASN D 270 -6.82 -24.26 -16.85
C ASN D 270 -6.07 -23.65 -15.66
N CYS D 271 -6.65 -23.80 -14.47
CA CYS D 271 -6.00 -23.33 -13.26
C CYS D 271 -4.97 -24.38 -12.85
N ALA D 272 -3.80 -24.31 -13.50
CA ALA D 272 -2.79 -25.34 -13.39
C ALA D 272 -2.13 -25.26 -12.02
N VAL D 273 -2.63 -26.07 -11.08
CA VAL D 273 -2.05 -26.12 -9.75
C VAL D 273 -2.44 -27.46 -9.12
N GLY D 274 -1.48 -28.08 -8.46
CA GLY D 274 -1.74 -29.31 -7.73
C GLY D 274 -1.88 -30.53 -8.62
N SER D 275 -2.34 -31.61 -8.00
CA SER D 275 -2.48 -32.90 -8.65
C SER D 275 -3.85 -33.50 -8.33
N ILE D 276 -4.34 -34.32 -9.24
CA ILE D 276 -5.64 -34.95 -9.10
C ILE D 276 -5.47 -36.45 -8.92
N PRO D 277 -5.61 -36.97 -7.70
CA PRO D 277 -5.50 -38.42 -7.50
C PRO D 277 -6.68 -39.15 -8.14
N LEU D 278 -6.40 -40.35 -8.65
CA LEU D 278 -7.39 -41.16 -9.34
C LEU D 278 -7.31 -42.59 -8.85
N ALA D 279 -8.46 -43.25 -8.78
CA ALA D 279 -8.56 -44.66 -8.42
C ALA D 279 -9.33 -45.39 -9.50
N PHE D 280 -8.82 -46.54 -9.93
CA PHE D 280 -9.40 -47.30 -11.02
C PHE D 280 -9.82 -48.68 -10.54
N ASP D 281 -10.97 -49.14 -11.04
CA ASP D 281 -11.46 -50.50 -10.80
C ASP D 281 -11.68 -51.15 -12.16
N ILE D 282 -10.65 -51.82 -12.66
CA ILE D 282 -10.73 -52.47 -13.96
C ILE D 282 -11.22 -53.91 -13.79
N PRO D 283 -12.26 -54.31 -14.51
CA PRO D 283 -12.60 -55.74 -14.55
C PRO D 283 -11.50 -56.51 -15.25
N ASP D 284 -11.30 -57.74 -14.79
CA ASP D 284 -10.22 -58.58 -15.33
C ASP D 284 -10.51 -59.04 -16.75
N ALA D 285 -11.68 -58.74 -17.30
CA ALA D 285 -11.95 -59.03 -18.70
C ALA D 285 -10.97 -58.30 -19.61
N LEU D 286 -10.63 -57.06 -19.26
CA LEU D 286 -9.62 -56.34 -20.03
C LEU D 286 -8.23 -56.95 -19.86
N PHE D 287 -7.99 -57.64 -18.76
CA PHE D 287 -6.73 -58.35 -18.57
C PHE D 287 -6.61 -59.50 -19.57
N THR D 288 -5.39 -59.68 -20.09
CA THR D 288 -5.08 -60.81 -20.95
C THR D 288 -3.86 -61.54 -20.42
N ARG D 289 -3.82 -62.85 -20.62
CA ARG D 289 -2.71 -63.64 -20.12
C ARG D 289 -1.40 -63.19 -20.77
N VAL D 290 -0.33 -63.18 -19.96
CA VAL D 290 0.96 -62.74 -20.47
C VAL D 290 1.44 -63.64 -21.60
N SER D 291 1.07 -64.91 -21.57
CA SER D 291 1.49 -65.83 -22.63
C SER D 291 0.89 -65.43 -23.97
N GLU D 292 -0.37 -64.99 -23.97
CA GLU D 292 -1.01 -64.59 -25.21
C GLU D 292 -0.31 -63.39 -25.83
N THR D 293 0.00 -62.39 -25.02
CA THR D 293 0.72 -61.23 -25.51
C THR D 293 2.18 -61.59 -25.79
N PRO D 294 2.84 -60.90 -26.72
CA PRO D 294 4.26 -61.19 -26.99
C PRO D 294 5.12 -60.99 -25.76
N THR D 295 6.08 -61.88 -25.58
CA THR D 295 7.04 -61.80 -24.48
C THR D 295 8.39 -61.38 -25.01
N LEU D 296 9.10 -60.58 -24.23
CA LEU D 296 10.37 -60.01 -24.65
C LEU D 296 11.52 -60.68 -23.92
N SER D 297 12.52 -61.10 -24.69
CA SER D 297 13.76 -61.65 -24.15
C SER D 297 14.92 -60.99 -24.87
N ALA D 298 16.05 -60.88 -24.16
CA ALA D 298 17.26 -60.26 -24.69
C ALA D 298 16.97 -58.85 -25.21
N ALA D 299 16.57 -57.99 -24.28
CA ALA D 299 16.26 -56.60 -24.61
C ALA D 299 17.46 -55.72 -24.32
N GLU D 300 17.81 -54.86 -25.29
CA GLU D 300 18.88 -53.91 -25.12
C GLU D 300 18.39 -52.53 -25.48
N CYS D 301 18.65 -51.56 -24.62
CA CYS D 301 18.32 -50.16 -24.87
C CYS D 301 19.61 -49.37 -25.05
N THR D 302 19.68 -48.60 -26.13
CA THR D 302 20.85 -47.78 -26.43
C THR D 302 20.37 -46.35 -26.65
N LEU D 303 20.64 -45.47 -25.70
CA LEU D 303 20.30 -44.06 -25.82
C LEU D 303 21.25 -43.43 -26.81
N ASN D 304 20.83 -43.41 -28.09
CA ASN D 304 21.71 -42.92 -29.15
C ASN D 304 22.08 -41.46 -28.92
N GLU D 305 21.10 -40.56 -29.02
CA GLU D 305 21.34 -39.14 -28.86
C GLU D 305 20.17 -38.50 -28.13
N CYS D 306 20.48 -37.74 -27.09
CA CYS D 306 19.46 -37.06 -26.28
C CYS D 306 19.82 -35.61 -26.09
N VAL D 307 18.81 -34.74 -26.13
CA VAL D 307 18.97 -33.34 -25.81
C VAL D 307 17.85 -32.96 -24.86
N TYR D 308 18.15 -32.89 -23.56
CA TYR D 308 17.10 -32.61 -22.59
C TYR D 308 16.51 -31.24 -22.87
N SER D 309 15.18 -31.17 -22.80
CA SER D 309 14.45 -29.95 -23.15
C SER D 309 13.08 -30.02 -22.50
N SER D 310 12.26 -29.01 -22.81
CA SER D 310 10.88 -29.02 -22.31
C SER D 310 10.10 -30.16 -22.93
N ASP D 311 10.24 -30.35 -24.25
CA ASP D 311 9.50 -31.37 -24.98
C ASP D 311 10.36 -32.62 -25.09
N PHE D 312 9.89 -33.59 -25.91
CA PHE D 312 10.60 -34.86 -26.08
C PHE D 312 11.85 -34.65 -26.93
N GLY D 313 12.82 -33.98 -26.33
CA GLY D 313 14.06 -33.74 -27.03
C GLY D 313 15.00 -34.93 -27.10
N GLY D 314 14.71 -35.99 -26.36
CA GLY D 314 15.56 -37.17 -26.32
C GLY D 314 14.90 -38.35 -27.01
N ILE D 315 15.69 -39.09 -27.78
CA ILE D 315 15.23 -40.28 -28.47
C ILE D 315 16.10 -41.44 -28.04
N ALA D 316 15.46 -42.54 -27.65
CA ALA D 316 16.16 -43.73 -27.18
C ALA D 316 15.89 -44.89 -28.12
N THR D 317 16.92 -45.68 -28.39
CA THR D 317 16.83 -46.84 -29.26
C THR D 317 16.89 -48.11 -28.42
N VAL D 318 15.93 -49.00 -28.61
CA VAL D 318 15.85 -50.26 -27.88
C VAL D 318 15.92 -51.41 -28.86
N LYS D 319 16.89 -52.30 -28.67
CA LYS D 319 17.01 -53.51 -29.47
C LYS D 319 16.40 -54.67 -28.68
N TYR D 320 15.57 -55.46 -29.36
CA TYR D 320 14.81 -56.51 -28.72
C TYR D 320 14.95 -57.80 -29.51
N SER D 321 14.62 -58.91 -28.84
CA SER D 321 14.40 -60.20 -29.49
C SER D 321 13.06 -60.71 -28.97
N ALA D 322 11.98 -60.26 -29.60
CA ALA D 322 10.64 -60.60 -29.14
C ALA D 322 10.32 -62.04 -29.51
N SER D 323 9.67 -62.75 -28.59
CA SER D 323 9.32 -64.14 -28.85
C SER D 323 8.21 -64.24 -29.88
N LYS D 324 7.30 -63.26 -29.91
CA LYS D 324 6.20 -63.28 -30.86
C LYS D 324 6.00 -61.86 -31.39
N SER D 325 5.49 -61.78 -32.61
CA SER D 325 5.16 -60.49 -33.21
C SER D 325 3.91 -59.91 -32.57
N GLY D 326 3.91 -58.60 -32.35
CA GLY D 326 2.81 -57.95 -31.70
C GLY D 326 3.27 -56.63 -31.11
N LYS D 327 2.41 -56.06 -30.27
CA LYS D 327 2.68 -54.78 -29.62
C LYS D 327 2.94 -54.99 -28.13
N CYS D 328 3.81 -54.16 -27.58
CA CYS D 328 4.20 -54.23 -26.18
C CYS D 328 4.10 -52.83 -25.56
N ALA D 329 3.39 -52.74 -24.45
CA ALA D 329 3.28 -51.46 -23.75
C ALA D 329 4.62 -51.09 -23.14
N VAL D 330 4.94 -49.80 -23.18
CA VAL D 330 6.21 -49.30 -22.68
C VAL D 330 5.94 -48.16 -21.71
N HIS D 331 6.65 -48.16 -20.59
CA HIS D 331 6.46 -47.16 -19.55
C HIS D 331 7.74 -47.05 -18.75
N VAL D 332 7.96 -45.88 -18.14
CA VAL D 332 9.08 -45.68 -17.23
C VAL D 332 8.51 -45.51 -15.82
N PRO D 333 8.69 -46.49 -14.93
CA PRO D 333 8.20 -46.31 -13.55
C PRO D 333 8.85 -45.14 -12.85
N SER D 334 10.11 -44.83 -13.15
CA SER D 334 10.79 -43.71 -12.54
C SER D 334 10.22 -42.39 -13.06
N GLY D 335 10.35 -41.35 -12.24
CA GLY D 335 9.95 -40.02 -12.62
C GLY D 335 10.98 -39.24 -13.40
N THR D 336 12.12 -39.84 -13.71
CA THR D 336 13.20 -39.11 -14.38
C THR D 336 12.79 -38.69 -15.79
N ALA D 337 12.13 -39.57 -16.54
CA ALA D 337 11.77 -39.31 -17.93
C ALA D 337 10.37 -39.80 -18.21
N THR D 338 9.76 -39.24 -19.25
CA THR D 338 8.42 -39.63 -19.69
C THR D 338 8.45 -40.04 -21.15
N LEU D 339 7.93 -41.22 -21.44
CA LEU D 339 7.86 -41.73 -22.80
C LEU D 339 6.62 -41.18 -23.50
N LYS D 340 6.78 -40.80 -24.77
CA LYS D 340 5.65 -40.25 -25.50
C LYS D 340 4.63 -41.31 -25.90
N GLU D 341 5.10 -42.53 -26.15
CA GLU D 341 4.25 -43.61 -26.66
C GLU D 341 3.99 -44.62 -25.57
N ALA D 342 2.72 -44.93 -25.34
CA ALA D 342 2.35 -45.90 -24.31
C ALA D 342 2.70 -47.32 -24.74
N ALA D 343 2.39 -47.68 -25.99
CA ALA D 343 2.64 -49.02 -26.49
C ALA D 343 3.28 -48.93 -27.87
N VAL D 344 4.09 -49.93 -28.19
CA VAL D 344 4.84 -49.95 -29.45
C VAL D 344 4.74 -51.35 -30.05
N GLU D 345 4.48 -51.41 -31.36
CA GLU D 345 4.47 -52.69 -32.06
C GLU D 345 5.88 -53.24 -32.16
N LEU D 346 6.02 -54.55 -31.97
CA LEU D 346 7.31 -55.22 -31.98
C LEU D 346 7.36 -56.23 -33.11
N THR D 347 8.48 -56.27 -33.83
CA THR D 347 8.73 -57.31 -34.80
C THR D 347 9.30 -58.53 -34.07
N GLU D 348 9.85 -59.48 -34.82
CA GLU D 348 10.40 -60.68 -34.20
C GLU D 348 11.70 -60.36 -33.46
N GLN D 349 12.72 -59.90 -34.20
CA GLN D 349 14.03 -59.63 -33.63
C GLN D 349 14.59 -58.32 -34.14
N GLY D 350 13.73 -57.31 -34.25
CA GLY D 350 14.15 -55.97 -34.62
C GLY D 350 14.49 -55.11 -33.41
N SER D 351 14.69 -53.83 -33.68
CA SER D 351 14.93 -52.84 -32.66
C SER D 351 13.92 -51.71 -32.82
N ALA D 352 13.50 -51.14 -31.69
CA ALA D 352 12.48 -50.11 -31.70
C ALA D 352 13.00 -48.85 -31.02
N THR D 353 12.48 -47.70 -31.45
CA THR D 353 12.88 -46.40 -30.94
C THR D 353 11.68 -45.70 -30.33
N ILE D 354 11.94 -44.90 -29.29
CA ILE D 354 10.91 -44.17 -28.57
C ILE D 354 11.36 -42.73 -28.40
N HIS D 355 10.38 -41.85 -28.20
CA HIS D 355 10.64 -40.44 -27.96
C HIS D 355 10.29 -40.13 -26.51
N PHE D 356 11.24 -39.52 -25.79
CA PHE D 356 11.06 -39.23 -24.38
C PHE D 356 11.56 -37.83 -24.06
N SER D 357 11.03 -37.26 -22.99
CA SER D 357 11.45 -35.96 -22.49
C SER D 357 12.06 -36.16 -21.10
N THR D 358 13.15 -35.45 -20.83
CA THR D 358 13.86 -35.60 -19.58
C THR D 358 14.43 -34.26 -19.14
N ALA D 359 14.80 -34.18 -17.87
CA ALA D 359 15.51 -33.03 -17.35
C ALA D 359 16.91 -33.35 -16.83
N ASN D 360 17.15 -34.59 -16.42
CA ASN D 360 18.49 -34.95 -15.96
C ASN D 360 19.44 -35.04 -17.13
N ILE D 361 20.68 -34.63 -16.89
CA ILE D 361 21.67 -34.54 -17.96
C ILE D 361 22.41 -35.85 -18.17
N HIS D 362 22.43 -36.72 -17.16
CA HIS D 362 22.98 -38.06 -17.28
C HIS D 362 21.88 -39.04 -16.85
N PRO D 363 20.85 -39.21 -17.67
CA PRO D 363 19.72 -40.06 -17.26
C PRO D 363 20.09 -41.54 -17.34
N GLU D 364 19.91 -42.24 -16.23
CA GLU D 364 20.11 -43.68 -16.13
C GLU D 364 18.86 -44.27 -15.50
N PHE D 365 17.86 -44.56 -16.31
CA PHE D 365 16.56 -45.01 -15.84
C PHE D 365 16.23 -46.38 -16.42
N ARG D 366 15.64 -47.24 -15.60
CA ARG D 366 15.26 -48.59 -16.03
C ARG D 366 13.85 -48.52 -16.58
N LEU D 367 13.76 -48.35 -17.90
CA LEU D 367 12.45 -48.31 -18.54
C LEU D 367 11.79 -49.68 -18.46
N GLN D 368 10.47 -49.67 -18.32
CA GLN D 368 9.69 -50.88 -18.13
C GLN D 368 9.03 -51.27 -19.45
N ILE D 369 9.18 -52.53 -19.83
CA ILE D 369 8.58 -53.03 -21.05
C ILE D 369 7.54 -54.09 -20.68
N CYS D 370 6.89 -54.67 -21.68
CA CYS D 370 5.77 -55.57 -21.43
C CYS D 370 6.12 -56.69 -20.47
N THR D 371 7.37 -57.16 -20.50
CA THR D 371 7.76 -58.26 -19.62
C THR D 371 8.82 -57.86 -18.61
N SER D 372 9.94 -57.33 -19.05
CA SER D 372 11.09 -57.13 -18.18
C SER D 372 11.52 -55.67 -18.21
N TYR D 373 12.51 -55.37 -17.37
CA TYR D 373 13.12 -54.05 -17.30
C TYR D 373 14.43 -54.05 -18.07
N VAL D 374 14.88 -52.85 -18.42
CA VAL D 374 16.21 -52.65 -18.98
C VAL D 374 16.68 -51.26 -18.58
N THR D 375 17.87 -51.20 -18.00
CA THR D 375 18.45 -49.92 -17.62
C THR D 375 19.07 -49.27 -18.85
N CYS D 376 18.85 -47.98 -18.99
CA CYS D 376 19.34 -47.24 -20.15
C CYS D 376 19.97 -45.95 -19.65
N LYS D 377 21.27 -45.83 -19.87
CA LYS D 377 22.06 -44.71 -19.36
C LYS D 377 22.76 -44.03 -20.52
N GLY D 378 22.83 -42.71 -20.45
CA GLY D 378 23.48 -41.94 -21.49
C GLY D 378 23.66 -40.51 -21.05
N ASP D 379 24.17 -39.70 -21.96
CA ASP D 379 24.45 -38.29 -21.71
C ASP D 379 23.61 -37.43 -22.66
N CYS D 380 22.88 -36.48 -22.10
CA CYS D 380 22.05 -35.60 -22.90
C CYS D 380 22.78 -34.30 -23.20
N HIS D 381 22.10 -33.39 -23.90
CA HIS D 381 22.66 -32.13 -24.32
C HIS D 381 21.70 -30.99 -24.00
N PRO D 382 22.22 -29.77 -23.80
CA PRO D 382 21.35 -28.66 -23.45
C PRO D 382 20.45 -28.26 -24.61
N PRO D 383 19.30 -27.66 -24.32
CA PRO D 383 18.43 -27.19 -25.41
C PRO D 383 19.08 -26.04 -26.16
N LYS D 384 18.67 -25.88 -27.42
CA LYS D 384 19.21 -24.80 -28.24
C LYS D 384 18.52 -23.48 -27.92
N ASP D 385 17.21 -23.40 -28.17
CA ASP D 385 16.48 -22.17 -27.94
C ASP D 385 16.26 -21.93 -26.46
N HIS D 386 16.37 -20.67 -26.03
CA HIS D 386 16.23 -20.34 -24.62
C HIS D 386 14.82 -20.56 -24.13
N ILE D 387 13.82 -20.17 -24.92
CA ILE D 387 12.43 -20.16 -24.47
C ILE D 387 11.57 -20.84 -25.53
N VAL D 388 10.71 -21.76 -25.08
CA VAL D 388 9.80 -22.49 -25.94
C VAL D 388 8.37 -22.18 -25.50
N THR D 389 7.46 -22.14 -26.46
CA THR D 389 6.04 -21.93 -26.15
C THR D 389 5.36 -23.25 -25.83
N HIS D 390 5.97 -24.02 -24.93
CA HIS D 390 5.39 -25.27 -24.45
C HIS D 390 5.58 -25.36 -22.95
N PRO D 391 4.55 -25.78 -22.22
CA PRO D 391 4.72 -25.99 -20.79
C PRO D 391 5.72 -27.10 -20.53
N GLN D 392 6.39 -27.01 -19.38
CA GLN D 392 7.47 -27.92 -19.09
C GLN D 392 6.95 -29.32 -18.79
N TYR D 393 7.37 -30.29 -19.60
CA TYR D 393 7.01 -31.68 -19.34
C TYR D 393 7.72 -32.21 -18.10
N HIS D 394 8.95 -31.76 -17.86
CA HIS D 394 9.78 -32.29 -16.79
C HIS D 394 10.37 -31.17 -15.95
N ALA D 395 9.83 -30.98 -14.75
CA ALA D 395 10.31 -29.99 -13.80
C ALA D 395 10.82 -30.63 -12.52
N GLN D 396 11.21 -31.90 -12.59
CA GLN D 396 11.70 -32.63 -11.43
C GLN D 396 13.19 -32.42 -11.33
N THR D 397 13.63 -31.80 -10.23
CA THR D 397 15.05 -31.47 -10.03
C THR D 397 15.47 -31.86 -8.61
N PHE D 398 15.10 -33.06 -8.17
CA PHE D 398 15.54 -33.52 -6.86
C PHE D 398 17.07 -33.58 -6.80
N THR D 399 17.70 -34.14 -7.83
CA THR D 399 19.15 -34.02 -8.00
C THR D 399 19.49 -33.26 -9.26
N ALA D 400 19.06 -33.74 -10.42
CA ALA D 400 19.31 -33.07 -11.70
C ALA D 400 20.77 -32.65 -11.83
N ALA D 401 21.66 -33.62 -11.58
CA ALA D 401 23.09 -33.33 -11.55
C ALA D 401 23.53 -32.73 -12.87
N VAL D 402 24.31 -31.65 -12.78
CA VAL D 402 24.75 -30.96 -13.98
C VAL D 402 25.73 -31.83 -14.77
N SER D 403 26.65 -32.49 -14.08
CA SER D 403 27.62 -33.34 -14.78
C SER D 403 28.18 -34.36 -13.80
N LYS D 404 28.54 -35.53 -14.34
CA LYS D 404 29.31 -36.50 -13.58
C LYS D 404 30.61 -35.86 -13.13
N THR D 405 31.17 -34.98 -13.95
CA THR D 405 32.36 -34.24 -13.56
C THR D 405 32.10 -33.38 -12.34
N ALA D 406 30.95 -32.71 -12.29
CA ALA D 406 30.60 -31.90 -11.14
C ALA D 406 30.49 -32.75 -9.88
N TRP D 407 29.86 -33.92 -10.00
CA TRP D 407 29.77 -34.82 -8.86
C TRP D 407 31.15 -35.28 -8.43
N THR D 408 32.02 -35.54 -9.39
CA THR D 408 33.38 -35.96 -9.06
C THR D 408 34.11 -34.88 -8.28
N TRP D 409 34.00 -33.63 -8.74
CA TRP D 409 34.66 -32.54 -8.03
C TRP D 409 34.06 -32.36 -6.63
N LEU D 410 32.73 -32.45 -6.53
CA LEU D 410 32.09 -32.28 -5.24
C LEU D 410 32.53 -33.36 -4.25
N THR D 411 32.64 -34.60 -4.72
CA THR D 411 33.19 -35.65 -3.87
C THR D 411 34.65 -35.38 -3.55
N SER D 412 35.39 -34.82 -4.51
CA SER D 412 36.82 -34.60 -4.31
C SER D 412 37.07 -33.61 -3.17
N LEU D 413 36.44 -32.44 -3.24
CA LEU D 413 36.69 -31.43 -2.23
C LEU D 413 35.82 -31.59 -0.99
N LEU D 414 34.77 -32.40 -1.06
CA LEU D 414 33.93 -32.71 0.10
C LEU D 414 33.93 -34.23 0.23
N GLY D 415 34.74 -34.74 1.15
CA GLY D 415 34.96 -36.15 1.29
C GLY D 415 36.44 -36.45 1.38
N GLY D 416 37.23 -35.70 0.60
CA GLY D 416 38.67 -35.71 0.82
C GLY D 416 39.04 -35.11 2.15
N SER D 417 38.30 -34.08 2.58
CA SER D 417 38.49 -33.54 3.92
C SER D 417 38.18 -34.60 4.97
N ALA D 418 37.17 -35.44 4.72
CA ALA D 418 36.90 -36.56 5.62
C ALA D 418 38.06 -37.53 5.65
N VAL D 419 38.70 -37.77 4.50
CA VAL D 419 39.86 -38.65 4.46
C VAL D 419 40.99 -38.05 5.28
N ILE D 420 41.18 -36.73 5.19
CA ILE D 420 42.20 -36.07 5.98
C ILE D 420 41.91 -36.20 7.46
N ILE D 421 40.64 -36.06 7.84
CA ILE D 421 40.23 -36.22 9.23
C ILE D 421 40.53 -37.64 9.71
N ILE D 422 40.23 -38.63 8.87
CA ILE D 422 40.52 -40.02 9.22
C ILE D 422 42.02 -40.22 9.41
N ILE D 423 42.81 -39.64 8.53
CA ILE D 423 44.27 -39.74 8.64
C ILE D 423 44.73 -39.13 9.96
N GLY D 424 44.18 -37.96 10.30
CA GLY D 424 44.56 -37.31 11.55
C GLY D 424 44.17 -38.13 12.76
N LEU D 425 42.97 -38.71 12.75
CA LEU D 425 42.53 -39.54 13.87
C LEU D 425 43.39 -40.77 14.01
N VAL D 426 43.74 -41.41 12.90
CA VAL D 426 44.61 -42.58 12.95
C VAL D 426 46.00 -42.22 13.47
N LEU D 427 46.52 -41.07 13.02
CA LEU D 427 47.82 -40.63 13.52
C LEU D 427 47.77 -40.35 15.01
N ALA D 428 46.69 -39.71 15.48
CA ALA D 428 46.56 -39.47 16.92
C ALA D 428 46.50 -40.77 17.69
N THR D 429 45.75 -41.75 17.17
CA THR D 429 45.65 -43.04 17.84
C THR D 429 47.01 -43.73 17.92
N ILE D 430 47.75 -43.74 16.80
CA ILE D 430 49.02 -44.45 16.80
C ILE D 430 50.05 -43.74 17.65
N VAL D 431 50.01 -42.40 17.71
CA VAL D 431 50.97 -41.73 18.58
C VAL D 431 50.60 -41.92 20.05
N ALA D 432 49.31 -42.01 20.37
CA ALA D 432 48.92 -42.34 21.73
C ALA D 432 49.41 -43.74 22.12
N MET D 433 49.23 -44.71 21.22
CA MET D 433 49.74 -46.06 21.48
C MET D 433 51.26 -46.07 21.57
N TYR D 434 51.93 -45.25 20.76
CA TYR D 434 53.37 -45.14 20.84
C TYR D 434 53.81 -44.58 22.19
N VAL D 435 53.08 -43.59 22.69
CA VAL D 435 53.37 -43.06 24.03
C VAL D 435 53.20 -44.15 25.07
N LEU D 436 52.11 -44.90 24.98
CA LEU D 436 51.86 -45.96 25.95
C LEU D 436 52.97 -47.01 25.92
N THR D 437 53.38 -47.43 24.72
CA THR D 437 54.41 -48.46 24.66
C THR D 437 55.78 -47.92 25.02
N ASN D 438 56.06 -46.66 24.73
CA ASN D 438 57.32 -46.06 25.17
C ASN D 438 57.39 -46.01 26.69
N GLN D 439 56.26 -45.69 27.34
CA GLN D 439 56.20 -45.79 28.79
C GLN D 439 56.46 -47.22 29.25
N LYS D 440 55.62 -48.16 28.83
CA LYS D 440 55.78 -49.56 29.22
C LYS D 440 55.22 -50.43 28.09
N HIS D 441 56.10 -50.97 27.25
CA HIS D 441 55.68 -51.96 26.26
C HIS D 441 55.20 -53.24 26.92
N ASN D 442 55.90 -53.69 27.96
CA ASN D 442 55.54 -54.89 28.69
C ASN D 442 54.79 -54.54 29.98
N SER E 1 -44.05 -1.28 -36.86
CA SER E 1 -43.49 0.07 -36.76
C SER E 1 -44.60 1.10 -36.54
N THR E 2 -45.74 0.84 -37.17
CA THR E 2 -46.86 1.76 -37.07
C THR E 2 -47.42 1.81 -35.65
N GLU E 3 -47.42 0.68 -34.96
CA GLU E 3 -48.09 0.58 -33.67
C GLU E 3 -47.49 1.53 -32.64
N GLU E 4 -46.17 1.47 -32.45
CA GLU E 4 -45.55 2.29 -31.41
C GLU E 4 -45.51 3.75 -31.81
N LEU E 5 -45.33 4.04 -33.09
CA LEU E 5 -45.39 5.42 -33.55
C LEU E 5 -46.76 6.01 -33.28
N PHE E 6 -47.81 5.24 -33.54
CA PHE E 6 -49.17 5.70 -33.27
C PHE E 6 -49.39 5.89 -31.77
N ASN E 7 -48.88 4.96 -30.96
CA ASN E 7 -49.04 5.08 -29.52
C ASN E 7 -48.35 6.34 -29.00
N GLU E 8 -47.18 6.66 -29.54
CA GLU E 8 -46.47 7.84 -29.11
C GLU E 8 -47.12 9.11 -29.64
N TYR E 9 -47.68 9.07 -30.84
CA TYR E 9 -48.17 10.26 -31.52
C TYR E 9 -49.63 10.57 -31.24
N LYS E 10 -50.39 9.63 -30.66
CA LYS E 10 -51.72 9.99 -30.22
C LYS E 10 -51.68 10.91 -29.02
N LEU E 11 -50.62 10.83 -28.22
CA LEU E 11 -50.47 11.65 -27.02
C LEU E 11 -49.05 12.22 -26.98
N THR E 12 -48.62 12.84 -28.08
CA THR E 12 -47.27 13.39 -28.15
C THR E 12 -47.21 14.80 -27.56
N ARG E 13 -47.98 15.73 -28.11
CA ARG E 13 -48.03 17.12 -27.65
C ARG E 13 -46.63 17.72 -27.58
N PRO E 14 -45.98 18.00 -28.73
CA PRO E 14 -44.68 18.66 -28.68
C PRO E 14 -44.78 20.02 -28.01
N TYR E 15 -43.68 20.42 -27.37
CA TYR E 15 -43.66 21.63 -26.55
C TYR E 15 -42.36 22.39 -26.82
N MET E 16 -42.24 23.55 -26.19
CA MET E 16 -41.01 24.31 -26.15
C MET E 16 -40.55 24.43 -24.72
N ALA E 17 -39.26 24.30 -24.49
CA ALA E 17 -38.69 24.35 -23.17
C ALA E 17 -37.70 25.50 -23.06
N ARG E 18 -37.52 25.98 -21.83
CA ARG E 18 -36.50 26.98 -21.57
C ARG E 18 -35.13 26.44 -21.93
N CYS E 19 -34.37 27.22 -22.70
CA CYS E 19 -33.01 26.85 -23.10
C CYS E 19 -32.04 27.90 -22.62
N ILE E 20 -30.91 27.43 -22.08
CA ILE E 20 -29.93 28.36 -21.52
C ILE E 20 -29.27 29.19 -22.62
N ARG E 21 -29.02 28.59 -23.78
CA ARG E 21 -28.33 29.27 -24.87
C ARG E 21 -29.19 29.13 -26.13
N CYS E 22 -29.87 30.22 -26.50
CA CYS E 22 -30.73 30.26 -27.66
C CYS E 22 -30.03 30.86 -28.88
N ALA E 23 -28.70 30.86 -28.87
CA ALA E 23 -27.87 31.49 -29.90
C ALA E 23 -27.94 33.02 -29.79
N VAL E 24 -28.82 33.51 -28.93
CA VAL E 24 -28.83 34.92 -28.53
C VAL E 24 -29.30 34.98 -27.09
N GLY E 25 -28.41 35.35 -26.17
CA GLY E 25 -28.78 35.43 -24.77
C GLY E 25 -29.36 34.12 -24.27
N SER E 26 -30.52 34.22 -23.64
CA SER E 26 -31.27 33.03 -23.20
C SER E 26 -32.74 33.24 -23.53
N CYS E 27 -33.43 32.14 -23.81
CA CYS E 27 -34.83 32.20 -24.21
C CYS E 27 -35.47 30.84 -23.96
N HIS E 28 -36.65 30.64 -24.53
CA HIS E 28 -37.32 29.36 -24.55
C HIS E 28 -37.26 28.83 -25.98
N SER E 29 -36.64 27.67 -26.15
CA SER E 29 -36.39 27.16 -27.49
C SER E 29 -37.22 25.93 -27.76
N PRO E 30 -37.87 25.84 -28.93
CA PRO E 30 -38.63 24.64 -29.26
C PRO E 30 -37.76 23.40 -29.44
N ILE E 31 -36.48 23.58 -29.75
CA ILE E 31 -35.58 22.46 -29.96
C ILE E 31 -34.78 22.15 -28.70
N ALA E 32 -35.20 22.66 -27.55
CA ALA E 32 -34.44 22.48 -26.32
C ALA E 32 -34.31 21.00 -25.99
N ILE E 33 -33.10 20.61 -25.57
CA ILE E 33 -32.77 19.22 -25.26
C ILE E 33 -32.65 19.10 -23.74
N GLU E 34 -33.31 18.09 -23.18
CA GLU E 34 -33.39 17.91 -21.74
C GLU E 34 -32.57 16.75 -21.22
N ALA E 35 -32.19 15.79 -22.07
CA ALA E 35 -31.43 14.63 -21.62
C ALA E 35 -30.59 14.09 -22.77
N VAL E 36 -29.33 13.79 -22.46
CA VAL E 36 -28.41 13.18 -23.41
C VAL E 36 -27.71 12.01 -22.73
N LYS E 37 -27.73 10.85 -23.38
CA LYS E 37 -27.03 9.66 -22.89
C LYS E 37 -25.89 9.35 -23.85
N SER E 38 -24.68 9.23 -23.32
CA SER E 38 -23.48 9.09 -24.13
C SER E 38 -22.66 7.89 -23.67
N ASP E 39 -23.32 6.78 -23.42
CA ASP E 39 -22.62 5.55 -23.04
C ASP E 39 -22.33 4.65 -24.23
N GLY E 40 -22.80 5.01 -25.42
CA GLY E 40 -22.57 4.16 -26.59
C GLY E 40 -21.09 4.03 -26.90
N HIS E 41 -20.64 2.78 -27.08
CA HIS E 41 -19.22 2.53 -27.31
C HIS E 41 -18.76 3.13 -28.64
N ASP E 42 -19.55 2.96 -29.70
CA ASP E 42 -19.13 3.46 -31.00
C ASP E 42 -19.16 4.98 -31.05
N GLY E 43 -19.98 5.61 -30.21
CA GLY E 43 -20.05 7.05 -30.20
C GLY E 43 -21.47 7.54 -30.42
N TYR E 44 -22.37 6.61 -30.71
CA TYR E 44 -23.77 6.97 -30.86
C TYR E 44 -24.33 7.47 -29.53
N VAL E 45 -25.17 8.49 -29.60
CA VAL E 45 -25.79 9.07 -28.42
C VAL E 45 -27.30 9.01 -28.57
N ARG E 46 -27.97 8.51 -27.55
CA ARG E 46 -29.43 8.45 -27.52
C ARG E 46 -29.93 9.57 -26.62
N LEU E 47 -30.68 10.50 -27.21
CA LEU E 47 -31.14 11.68 -26.49
C LEU E 47 -32.59 11.97 -26.85
N GLN E 48 -33.30 12.60 -25.92
CA GLN E 48 -34.70 12.95 -26.10
C GLN E 48 -34.85 14.47 -26.12
N THR E 49 -35.70 14.95 -27.01
CA THR E 49 -35.93 16.39 -27.16
C THR E 49 -37.43 16.66 -27.10
N SER E 50 -37.77 17.94 -26.96
CA SER E 50 -39.17 18.34 -27.05
C SER E 50 -39.71 18.05 -28.44
N SER E 51 -38.92 18.34 -29.47
CA SER E 51 -39.35 18.10 -30.84
C SER E 51 -39.45 16.60 -31.12
N GLN E 52 -40.41 16.24 -31.96
CA GLN E 52 -40.64 14.84 -32.33
C GLN E 52 -40.12 14.56 -33.73
N TYR E 53 -39.81 13.28 -33.97
CA TYR E 53 -39.33 12.84 -35.27
C TYR E 53 -40.01 11.54 -35.63
N GLY E 54 -40.05 11.25 -36.93
CA GLY E 54 -40.65 10.04 -37.43
C GLY E 54 -42.07 10.17 -37.92
N LEU E 55 -42.73 11.31 -37.66
CA LEU E 55 -44.06 11.55 -38.17
C LEU E 55 -44.22 13.02 -38.53
N ASP E 56 -45.23 13.30 -39.33
CA ASP E 56 -45.53 14.65 -39.77
C ASP E 56 -46.27 15.40 -38.68
N SER E 57 -46.87 16.54 -39.03
CA SER E 57 -47.68 17.30 -38.10
C SER E 57 -49.08 16.72 -37.92
N SER E 58 -49.49 15.79 -38.78
CA SER E 58 -50.82 15.21 -38.76
C SER E 58 -50.82 13.78 -38.22
N GLY E 59 -49.75 13.35 -37.57
CA GLY E 59 -49.68 12.01 -37.03
C GLY E 59 -49.64 10.89 -38.05
N ASN E 60 -48.86 11.05 -39.11
CA ASN E 60 -48.71 10.04 -40.13
C ASN E 60 -47.24 9.62 -40.22
N LEU E 61 -47.00 8.34 -40.49
CA LEU E 61 -45.65 7.80 -40.49
C LEU E 61 -44.78 8.48 -41.54
N LYS E 62 -43.87 9.34 -41.09
CA LYS E 62 -42.96 10.06 -41.98
C LYS E 62 -41.64 10.24 -41.24
N GLY E 63 -40.76 9.25 -41.38
CA GLY E 63 -39.51 9.25 -40.63
C GLY E 63 -38.46 10.22 -41.13
N ARG E 64 -38.68 10.82 -42.30
CA ARG E 64 -37.71 11.71 -42.90
C ARG E 64 -37.87 13.15 -42.47
N THR E 65 -38.80 13.45 -41.56
CA THR E 65 -39.08 14.81 -41.14
C THR E 65 -39.00 14.92 -39.61
N MET E 66 -38.75 16.15 -39.16
CA MET E 66 -38.72 16.48 -37.74
C MET E 66 -39.93 17.35 -37.41
N ARG E 67 -40.62 17.01 -36.33
CA ARG E 67 -41.83 17.71 -35.92
C ARG E 67 -41.60 18.43 -34.61
N TYR E 68 -42.17 19.64 -34.50
CA TYR E 68 -41.97 20.50 -33.34
C TYR E 68 -43.19 21.40 -33.21
N ASP E 69 -43.05 22.47 -32.44
CA ASP E 69 -44.12 23.45 -32.30
C ASP E 69 -43.50 24.81 -31.99
N MET E 70 -44.26 25.86 -32.28
CA MET E 70 -43.83 27.23 -31.99
C MET E 70 -45.01 27.99 -31.40
N HIS E 71 -44.92 28.30 -30.11
CA HIS E 71 -45.93 29.09 -29.40
C HIS E 71 -47.31 28.45 -29.53
N GLY E 72 -47.34 27.12 -29.42
CA GLY E 72 -48.58 26.39 -29.56
C GLY E 72 -48.99 26.10 -30.98
N THR E 73 -48.22 26.54 -31.97
CA THR E 73 -48.50 26.25 -33.36
C THR E 73 -47.60 25.11 -33.81
N ILE E 74 -48.21 23.99 -34.21
CA ILE E 74 -47.47 22.79 -34.56
C ILE E 74 -46.92 22.93 -35.96
N LYS E 75 -45.60 22.76 -36.10
CA LYS E 75 -44.92 22.89 -37.37
C LYS E 75 -43.92 21.75 -37.52
N GLU E 76 -43.56 21.48 -38.77
CA GLU E 76 -42.73 20.34 -39.12
C GLU E 76 -41.61 20.78 -40.05
N ILE E 77 -40.51 20.02 -40.00
CA ILE E 77 -39.37 20.27 -40.87
C ILE E 77 -38.77 18.95 -41.30
N PRO E 78 -38.22 18.89 -42.51
CA PRO E 78 -37.50 17.68 -42.93
C PRO E 78 -36.32 17.40 -42.03
N LEU E 79 -36.04 16.11 -41.80
CA LEU E 79 -35.03 15.73 -40.83
C LEU E 79 -33.65 16.21 -41.24
N HIS E 80 -33.29 16.05 -42.51
CA HIS E 80 -31.96 16.45 -42.96
C HIS E 80 -31.73 17.95 -42.86
N GLN E 81 -32.81 18.74 -42.80
CA GLN E 81 -32.68 20.19 -42.76
C GLN E 81 -31.97 20.65 -41.49
N VAL E 82 -32.25 20.01 -40.37
CA VAL E 82 -31.74 20.43 -39.07
C VAL E 82 -30.68 19.43 -38.61
N SER E 83 -29.55 19.96 -38.14
CA SER E 83 -28.41 19.14 -37.73
C SER E 83 -27.88 19.63 -36.39
N LEU E 84 -27.26 18.72 -35.65
CA LEU E 84 -26.59 19.02 -34.40
C LEU E 84 -25.08 18.80 -34.54
N TYR E 85 -24.32 19.43 -33.66
CA TYR E 85 -22.88 19.29 -33.68
C TYR E 85 -22.32 19.32 -32.26
N THR E 86 -21.01 19.15 -32.17
CA THR E 86 -20.24 19.06 -30.93
C THR E 86 -18.87 19.68 -31.22
N SER E 87 -17.87 19.32 -30.41
CA SER E 87 -16.48 19.64 -30.73
C SER E 87 -16.19 19.44 -32.21
N ARG E 88 -16.78 18.40 -32.78
CA ARG E 88 -16.83 18.21 -34.22
C ARG E 88 -18.28 17.97 -34.63
N PRO E 89 -18.64 18.33 -35.84
CA PRO E 89 -20.04 18.13 -36.28
C PRO E 89 -20.44 16.67 -36.22
N CYS E 90 -21.70 16.44 -35.86
CA CYS E 90 -22.20 15.08 -35.72
C CYS E 90 -22.80 14.57 -37.03
N HIS E 91 -23.37 13.37 -36.96
CA HIS E 91 -24.16 12.81 -38.04
C HIS E 91 -25.40 12.18 -37.43
N ILE E 92 -26.56 12.54 -37.95
CA ILE E 92 -27.82 12.08 -37.40
C ILE E 92 -28.18 10.75 -38.05
N VAL E 93 -28.51 9.77 -37.23
CA VAL E 93 -28.82 8.43 -37.72
C VAL E 93 -30.30 8.36 -38.06
N ASP E 94 -31.15 8.50 -37.04
CA ASP E 94 -32.59 8.41 -37.23
C ASP E 94 -33.27 9.00 -36.01
N GLY E 95 -34.54 9.35 -36.19
CA GLY E 95 -35.34 9.89 -35.10
C GLY E 95 -36.63 9.10 -34.95
N HIS E 96 -37.09 9.03 -33.70
CA HIS E 96 -38.27 8.23 -33.37
C HIS E 96 -39.03 8.96 -32.26
N GLY E 97 -40.01 9.75 -32.66
CA GLY E 97 -40.81 10.45 -31.66
C GLY E 97 -39.96 11.39 -30.83
N TYR E 98 -40.12 11.29 -29.51
CA TYR E 98 -39.36 12.13 -28.60
C TYR E 98 -37.86 11.84 -28.70
N PHE E 99 -37.49 10.57 -28.76
CA PHE E 99 -36.08 10.20 -28.72
C PHE E 99 -35.44 10.32 -30.09
N LEU E 100 -34.16 10.69 -30.10
CA LEU E 100 -33.39 10.91 -31.32
C LEU E 100 -32.04 10.21 -31.22
N LEU E 101 -31.62 9.57 -32.31
CA LEU E 101 -30.37 8.84 -32.37
C LEU E 101 -29.43 9.49 -33.38
N ALA E 102 -28.19 9.69 -32.98
CA ALA E 102 -27.24 10.37 -33.84
C ALA E 102 -25.83 9.89 -33.54
N ARG E 103 -24.93 10.16 -34.50
CA ARG E 103 -23.53 9.78 -34.42
C ARG E 103 -22.73 11.06 -34.12
N CYS E 104 -22.48 11.30 -32.83
CA CYS E 104 -21.72 12.45 -32.40
C CYS E 104 -20.33 12.02 -31.93
N PRO E 105 -19.27 12.69 -32.37
CA PRO E 105 -17.96 12.42 -31.80
C PRO E 105 -17.84 13.03 -30.41
N ALA E 106 -16.66 12.90 -29.79
CA ALA E 106 -16.48 13.38 -28.43
C ALA E 106 -16.67 14.90 -28.36
N GLY E 107 -17.31 15.34 -27.29
CA GLY E 107 -17.59 16.75 -27.12
C GLY E 107 -18.02 17.04 -25.70
N ASP E 108 -17.91 18.31 -25.34
CA ASP E 108 -18.31 18.76 -24.00
C ASP E 108 -19.76 19.23 -23.94
N SER E 109 -20.34 19.66 -25.06
CA SER E 109 -21.68 20.20 -25.08
C SER E 109 -22.40 19.73 -26.32
N ILE E 110 -23.73 19.73 -26.25
CA ILE E 110 -24.59 19.24 -27.32
C ILE E 110 -25.41 20.42 -27.83
N THR E 111 -25.36 20.66 -29.13
CA THR E 111 -26.04 21.81 -29.73
C THR E 111 -26.61 21.42 -31.08
N MET E 112 -27.85 21.80 -31.33
CA MET E 112 -28.53 21.54 -32.59
C MET E 112 -29.01 22.87 -33.16
N GLU E 113 -28.57 23.19 -34.38
CA GLU E 113 -28.93 24.45 -35.01
C GLU E 113 -30.15 24.25 -35.88
N PHE E 114 -31.23 24.96 -35.54
CA PHE E 114 -32.47 24.94 -36.31
C PHE E 114 -32.60 26.28 -37.02
N LYS E 115 -32.42 26.27 -38.34
CA LYS E 115 -32.54 27.47 -39.16
C LYS E 115 -33.87 27.43 -39.89
N LYS E 116 -34.79 28.30 -39.51
CA LYS E 116 -36.03 28.50 -40.23
C LYS E 116 -35.78 29.39 -41.43
N ASP E 117 -36.84 29.92 -42.01
CA ASP E 117 -36.72 30.76 -43.19
C ASP E 117 -35.82 31.97 -42.92
N SER E 118 -36.02 32.63 -41.78
CA SER E 118 -35.18 33.78 -41.45
C SER E 118 -34.56 33.62 -40.06
N VAL E 119 -35.27 32.95 -39.16
CA VAL E 119 -34.83 32.82 -37.77
C VAL E 119 -34.06 31.52 -37.63
N ARG E 120 -32.81 31.63 -37.16
CA ARG E 120 -31.97 30.48 -36.86
C ARG E 120 -31.82 30.41 -35.34
N HIS E 121 -32.45 29.42 -34.73
CA HIS E 121 -32.42 29.24 -33.28
C HIS E 121 -31.82 27.89 -32.94
N SER E 122 -30.89 27.87 -31.99
CA SER E 122 -30.20 26.66 -31.58
C SER E 122 -30.15 26.61 -30.06
N CYS E 123 -30.09 25.40 -29.51
CA CYS E 123 -29.98 25.19 -28.07
C CYS E 123 -28.73 24.38 -27.78
N SER E 124 -27.91 24.88 -26.85
CA SER E 124 -26.69 24.20 -26.43
C SER E 124 -26.81 23.83 -24.96
N VAL E 125 -26.47 22.58 -24.65
CA VAL E 125 -26.57 22.09 -23.28
C VAL E 125 -25.21 21.56 -22.85
N PRO E 126 -24.73 21.93 -21.67
CA PRO E 126 -23.39 21.51 -21.21
C PRO E 126 -23.37 20.07 -20.71
N TYR E 127 -23.67 19.13 -21.60
CA TYR E 127 -23.61 17.71 -21.29
C TYR E 127 -22.45 17.09 -22.07
N GLU E 128 -21.59 16.39 -21.36
CA GLU E 128 -20.41 15.81 -21.98
C GLU E 128 -20.79 14.67 -22.91
N VAL E 129 -19.94 14.44 -23.90
CA VAL E 129 -20.10 13.33 -24.84
C VAL E 129 -18.94 12.38 -24.60
N LYS E 130 -19.22 11.25 -23.96
CA LYS E 130 -18.20 10.27 -23.63
C LYS E 130 -17.99 9.33 -24.81
N PHE E 131 -16.87 9.49 -25.51
CA PHE E 131 -16.51 8.59 -26.61
C PHE E 131 -15.62 7.50 -26.03
N ASN E 132 -16.25 6.55 -25.36
CA ASN E 132 -15.53 5.47 -24.70
C ASN E 132 -15.19 4.39 -25.70
N PRO E 133 -13.91 4.08 -25.92
CA PRO E 133 -13.56 3.06 -26.91
C PRO E 133 -13.89 1.66 -26.43
N VAL E 134 -13.50 0.66 -27.23
CA VAL E 134 -13.73 -0.74 -26.92
C VAL E 134 -12.39 -1.43 -26.79
N GLY E 135 -12.22 -2.20 -25.72
CA GLY E 135 -11.00 -2.93 -25.52
C GLY E 135 -9.89 -2.10 -24.90
N ARG E 136 -8.70 -2.68 -24.92
CA ARG E 136 -7.53 -2.07 -24.32
C ARG E 136 -6.73 -1.22 -25.30
N GLU E 137 -7.18 -1.12 -26.55
CA GLU E 137 -6.51 -0.29 -27.56
C GLU E 137 -7.30 0.99 -27.72
N LEU E 138 -6.75 2.10 -27.23
CA LEU E 138 -7.49 3.35 -27.13
C LEU E 138 -7.44 4.07 -28.46
N TYR E 139 -8.54 4.03 -29.20
CA TYR E 139 -8.68 4.70 -30.48
C TYR E 139 -9.68 5.84 -30.38
N THR E 140 -9.34 6.97 -30.99
CA THR E 140 -10.22 8.13 -31.00
C THR E 140 -11.25 8.09 -32.11
N HIS E 141 -11.18 7.11 -33.02
CA HIS E 141 -12.13 6.99 -34.11
C HIS E 141 -12.13 5.54 -34.54
N PRO E 142 -13.27 4.96 -34.90
CA PRO E 142 -13.31 3.54 -35.26
C PRO E 142 -12.32 3.23 -36.37
N PRO E 143 -11.54 2.17 -36.21
CA PRO E 143 -10.53 1.85 -37.23
C PRO E 143 -11.18 1.28 -38.49
N GLU E 144 -10.46 1.43 -39.60
CA GLU E 144 -10.97 0.93 -40.87
C GLU E 144 -11.05 -0.59 -40.87
N HIS E 145 -10.05 -1.26 -40.32
CA HIS E 145 -9.99 -2.71 -40.26
C HIS E 145 -9.58 -3.14 -38.86
N GLY E 146 -9.41 -4.45 -38.68
CA GLY E 146 -8.92 -5.00 -37.43
C GLY E 146 -9.82 -6.11 -36.92
N VAL E 147 -9.44 -6.64 -35.76
CA VAL E 147 -10.23 -7.68 -35.12
C VAL E 147 -11.51 -7.10 -34.54
N GLU E 148 -12.44 -7.98 -34.21
CA GLU E 148 -13.75 -7.60 -33.68
C GLU E 148 -13.92 -8.09 -32.25
N GLN E 149 -14.61 -7.29 -31.44
CA GLN E 149 -14.96 -7.65 -30.07
C GLN E 149 -16.44 -7.43 -29.86
N ALA E 150 -16.94 -7.87 -28.71
CA ALA E 150 -18.31 -7.59 -28.33
C ALA E 150 -18.44 -6.12 -27.96
N CYS E 151 -19.42 -5.44 -28.55
CA CYS E 151 -19.61 -4.01 -28.33
C CYS E 151 -21.07 -3.74 -28.01
N GLN E 152 -21.31 -2.78 -27.13
CA GLN E 152 -22.66 -2.39 -26.74
C GLN E 152 -22.92 -0.99 -27.29
N VAL E 153 -23.81 -0.91 -28.28
CA VAL E 153 -24.20 0.37 -28.87
C VAL E 153 -25.71 0.40 -28.99
N TYR E 154 -26.26 1.61 -29.05
CA TYR E 154 -27.70 1.77 -29.18
C TYR E 154 -28.13 1.38 -30.59
N ALA E 155 -28.82 0.25 -30.70
CA ALA E 155 -29.32 -0.18 -31.99
C ALA E 155 -30.43 0.75 -32.47
N HIS E 156 -30.45 1.02 -33.77
CA HIS E 156 -31.40 1.96 -34.35
C HIS E 156 -32.79 1.37 -34.53
N ASP E 157 -33.01 0.11 -34.17
CA ASP E 157 -34.33 -0.49 -34.34
C ASP E 157 -35.36 0.23 -33.48
N ALA E 158 -36.58 0.32 -34.02
CA ALA E 158 -37.69 0.99 -33.36
C ALA E 158 -38.40 0.10 -32.36
N GLN E 159 -37.88 -1.10 -32.09
CA GLN E 159 -38.47 -1.96 -31.07
C GLN E 159 -38.39 -1.27 -29.72
N ASN E 160 -39.40 -1.49 -28.89
CA ASN E 160 -39.50 -0.85 -27.58
C ASN E 160 -39.91 -1.94 -26.60
N ARG E 161 -38.93 -2.54 -25.95
CA ARG E 161 -39.15 -3.78 -25.22
C ARG E 161 -39.40 -3.56 -23.73
N GLY E 162 -38.38 -3.10 -23.01
CA GLY E 162 -38.46 -3.14 -21.55
C GLY E 162 -38.23 -1.83 -20.85
N ALA E 163 -38.52 -0.72 -21.52
CA ALA E 163 -38.41 0.58 -20.88
C ALA E 163 -39.53 1.47 -21.40
N TYR E 164 -39.96 2.40 -20.56
CA TYR E 164 -41.04 3.31 -20.93
C TYR E 164 -40.96 4.54 -20.05
N VAL E 165 -41.66 5.58 -20.46
CA VAL E 165 -41.72 6.83 -19.72
C VAL E 165 -43.19 7.18 -19.51
N GLU E 166 -43.43 8.01 -18.51
CA GLU E 166 -44.78 8.39 -18.11
C GLU E 166 -45.12 9.74 -18.73
N MET E 167 -46.24 9.79 -19.42
CA MET E 167 -46.76 11.02 -20.00
C MET E 167 -48.00 11.44 -19.21
N HIS E 168 -48.07 12.71 -18.87
CA HIS E 168 -49.21 13.24 -18.14
C HIS E 168 -49.99 14.21 -19.02
N LEU E 169 -51.21 14.48 -18.62
CA LEU E 169 -51.99 15.50 -19.29
C LEU E 169 -51.32 16.85 -19.06
N PRO E 170 -50.93 17.57 -20.11
CA PRO E 170 -50.19 18.81 -19.90
C PRO E 170 -51.02 19.83 -19.13
N GLY E 171 -50.32 20.61 -18.32
CA GLY E 171 -50.97 21.65 -17.55
C GLY E 171 -51.25 22.88 -18.38
N SER E 172 -51.92 23.83 -17.75
CA SER E 172 -52.24 25.08 -18.42
C SER E 172 -50.96 25.87 -18.71
N GLU E 173 -50.87 26.39 -19.93
CA GLU E 173 -49.73 27.21 -20.33
C GLU E 173 -50.21 28.64 -20.54
N VAL E 174 -49.43 29.59 -20.04
CA VAL E 174 -49.78 30.99 -20.12
C VAL E 174 -49.51 31.49 -21.54
N ASP E 175 -50.37 32.39 -22.03
CA ASP E 175 -50.20 32.95 -23.36
C ASP E 175 -50.67 34.40 -23.30
N SER E 176 -49.74 35.32 -23.10
CA SER E 176 -50.05 36.74 -23.06
C SER E 176 -50.28 37.33 -24.44
N SER E 177 -49.95 36.59 -25.50
CA SER E 177 -50.18 37.09 -26.85
C SER E 177 -51.67 37.23 -27.12
N LEU E 178 -52.48 36.35 -26.54
CA LEU E 178 -53.93 36.42 -26.70
C LEU E 178 -54.55 37.60 -25.98
N VAL E 179 -53.83 38.26 -25.09
CA VAL E 179 -54.34 39.42 -24.38
C VAL E 179 -54.36 40.61 -25.34
N SER E 180 -55.55 41.15 -25.60
CA SER E 180 -55.70 42.31 -26.45
C SER E 180 -56.32 43.44 -25.65
N LEU E 181 -55.86 44.67 -25.91
CA LEU E 181 -56.26 45.84 -25.15
C LEU E 181 -57.38 46.55 -25.91
N SER E 182 -58.59 46.49 -25.37
CA SER E 182 -59.74 47.17 -25.95
C SER E 182 -60.03 48.44 -25.15
N GLY E 183 -61.10 49.13 -25.50
CA GLY E 183 -61.45 50.36 -24.81
C GLY E 183 -61.92 50.11 -23.40
N SER E 184 -61.09 50.49 -22.42
CA SER E 184 -61.39 50.32 -21.01
C SER E 184 -61.65 48.87 -20.63
N SER E 185 -61.07 47.94 -21.39
CA SER E 185 -61.26 46.52 -21.13
C SER E 185 -60.18 45.73 -21.85
N VAL E 186 -60.07 44.45 -21.51
CA VAL E 186 -59.14 43.53 -22.13
C VAL E 186 -59.95 42.43 -22.81
N THR E 187 -59.63 42.16 -24.07
CA THR E 187 -60.34 41.18 -24.88
C THR E 187 -59.37 40.05 -25.24
N VAL E 188 -59.33 39.02 -24.39
CA VAL E 188 -58.55 37.83 -24.68
C VAL E 188 -59.38 36.94 -25.59
N THR E 189 -59.01 36.87 -26.87
CA THR E 189 -59.77 36.09 -27.83
C THR E 189 -59.11 34.73 -27.99
N PRO E 190 -59.72 33.65 -27.53
CA PRO E 190 -59.10 32.34 -27.68
C PRO E 190 -59.06 31.93 -29.14
N PRO E 191 -58.09 31.11 -29.54
CA PRO E 191 -58.08 30.61 -30.92
C PRO E 191 -59.23 29.64 -31.17
N ASP E 192 -59.29 29.12 -32.38
CA ASP E 192 -60.45 28.32 -32.79
C ASP E 192 -60.55 27.04 -31.97
N GLY E 193 -61.69 26.86 -31.31
CA GLY E 193 -61.91 25.65 -30.53
C GLY E 193 -60.94 25.46 -29.38
N THR E 194 -60.62 26.52 -28.66
CA THR E 194 -59.63 26.48 -27.59
C THR E 194 -60.20 27.18 -26.35
N SER E 195 -60.01 26.56 -25.19
CA SER E 195 -60.42 27.15 -23.93
C SER E 195 -59.27 27.97 -23.37
N ALA E 196 -59.48 29.27 -23.23
CA ALA E 196 -58.48 30.19 -22.72
C ALA E 196 -58.89 30.60 -21.31
N LEU E 197 -58.35 29.91 -20.31
CA LEU E 197 -58.72 30.16 -18.92
C LEU E 197 -58.21 31.54 -18.54
N VAL E 198 -59.09 32.52 -18.58
CA VAL E 198 -58.70 33.91 -18.38
C VAL E 198 -58.65 34.21 -16.88
N GLU E 199 -57.46 34.56 -16.40
CA GLU E 199 -57.26 34.98 -15.02
C GLU E 199 -56.98 36.47 -15.02
N CYS E 200 -57.79 37.23 -14.28
CA CYS E 200 -57.66 38.67 -14.21
C CYS E 200 -57.36 39.11 -12.79
N GLU E 201 -56.39 40.00 -12.65
CA GLU E 201 -55.97 40.50 -11.34
C GLU E 201 -56.45 41.93 -11.18
N CYS E 202 -57.51 42.09 -10.41
CA CYS E 202 -58.09 43.40 -10.07
C CYS E 202 -58.97 43.19 -8.85
N GLY E 203 -59.72 44.23 -8.47
CA GLY E 203 -60.66 44.09 -7.38
C GLY E 203 -61.72 43.06 -7.70
N GLY E 204 -61.78 41.98 -6.92
CA GLY E 204 -62.67 40.89 -7.24
C GLY E 204 -62.12 40.00 -8.33
N THR E 205 -61.05 39.27 -8.01
CA THR E 205 -60.37 38.43 -9.00
C THR E 205 -61.34 37.41 -9.60
N LYS E 206 -61.32 37.31 -10.92
CA LYS E 206 -62.26 36.48 -11.66
C LYS E 206 -61.51 35.46 -12.51
N ILE E 207 -62.11 34.29 -12.67
CA ILE E 207 -61.59 33.24 -13.56
C ILE E 207 -62.76 32.68 -14.36
N SER E 208 -62.57 32.55 -15.66
CA SER E 208 -63.60 32.00 -16.52
C SER E 208 -62.97 31.25 -17.68
N GLU E 209 -63.73 30.34 -18.27
CA GLU E 209 -63.25 29.59 -19.43
C GLU E 209 -63.28 30.46 -20.68
N THR E 210 -64.45 31.00 -21.02
CA THR E 210 -64.61 31.86 -22.19
C THR E 210 -64.06 31.18 -23.44
N ILE E 211 -64.33 29.88 -23.55
CA ILE E 211 -63.66 29.05 -24.56
C ILE E 211 -64.05 29.49 -25.96
N ASN E 212 -65.32 29.77 -26.19
CA ASN E 212 -65.79 30.01 -27.55
C ASN E 212 -65.59 31.45 -27.99
N LYS E 213 -65.92 32.41 -27.14
CA LYS E 213 -65.82 33.82 -27.49
C LYS E 213 -65.09 34.59 -26.41
N THR E 214 -64.45 35.68 -26.80
CA THR E 214 -63.75 36.53 -25.86
C THR E 214 -64.75 37.23 -24.93
N LYS E 215 -64.26 37.59 -23.75
CA LYS E 215 -65.09 38.20 -22.72
C LYS E 215 -64.53 39.57 -22.35
N GLN E 216 -65.42 40.56 -22.27
CA GLN E 216 -65.02 41.88 -21.82
C GLN E 216 -64.69 41.84 -20.33
N PHE E 217 -63.57 42.45 -19.96
CA PHE E 217 -63.07 42.41 -18.59
C PHE E 217 -63.16 43.81 -17.99
N SER E 218 -64.17 44.03 -17.17
CA SER E 218 -64.27 45.26 -16.40
C SER E 218 -63.37 45.19 -15.17
N GLN E 219 -63.03 46.37 -14.64
CA GLN E 219 -62.17 46.57 -13.48
C GLN E 219 -60.73 46.14 -13.75
N CYS E 220 -60.44 45.57 -14.91
CA CYS E 220 -59.12 45.06 -15.26
C CYS E 220 -58.68 45.66 -16.59
N THR E 221 -58.80 46.99 -16.69
CA THR E 221 -58.56 47.69 -17.95
C THR E 221 -57.16 47.43 -18.47
N LYS E 222 -56.16 47.50 -17.60
CA LYS E 222 -54.79 47.24 -18.03
C LYS E 222 -54.64 45.80 -18.49
N LYS E 223 -53.89 45.62 -19.59
CA LYS E 223 -53.71 44.28 -20.13
C LYS E 223 -52.94 43.39 -19.17
N GLU E 224 -51.94 43.94 -18.49
CA GLU E 224 -51.14 43.16 -17.56
C GLU E 224 -51.96 42.64 -16.39
N GLN E 225 -53.10 43.26 -16.10
CA GLN E 225 -53.93 42.79 -15.00
C GLN E 225 -54.46 41.38 -15.25
N CYS E 226 -54.83 41.09 -16.49
CA CYS E 226 -55.34 39.77 -16.86
C CYS E 226 -54.21 38.96 -17.49
N ARG E 227 -54.02 37.74 -17.02
CA ARG E 227 -53.08 36.80 -17.61
C ARG E 227 -53.87 35.60 -18.14
N ALA E 228 -53.65 35.26 -19.40
CA ALA E 228 -54.43 34.24 -20.08
C ALA E 228 -53.73 32.89 -20.01
N TYR E 229 -54.47 31.87 -19.58
CA TYR E 229 -53.95 30.52 -19.45
C TYR E 229 -54.62 29.63 -20.51
N ARG E 230 -53.92 29.39 -21.60
CA ARG E 230 -54.42 28.49 -22.63
C ARG E 230 -54.56 27.08 -22.06
N LEU E 231 -55.67 26.43 -22.39
CA LEU E 231 -55.95 25.08 -21.90
C LEU E 231 -56.45 24.26 -23.09
N GLN E 232 -55.54 23.52 -23.74
CA GLN E 232 -55.89 22.70 -24.88
C GLN E 232 -56.05 21.23 -24.50
N ASN E 233 -54.99 20.61 -24.00
CA ASN E 233 -55.01 19.22 -23.52
C ASN E 233 -55.47 18.25 -24.61
N ASP E 234 -55.14 18.57 -25.87
CA ASP E 234 -55.49 17.68 -26.97
C ASP E 234 -54.78 16.34 -26.84
N LYS E 235 -53.50 16.35 -26.45
CA LYS E 235 -52.72 15.14 -26.31
C LYS E 235 -51.93 15.23 -25.01
N TRP E 236 -51.62 14.07 -24.44
CA TRP E 236 -50.76 14.04 -23.28
C TRP E 236 -49.35 14.46 -23.68
N VAL E 237 -48.58 14.87 -22.69
CA VAL E 237 -47.22 15.34 -22.91
C VAL E 237 -46.28 14.58 -21.99
N TYR E 238 -45.03 14.49 -22.41
CA TYR E 238 -44.02 13.84 -21.58
C TYR E 238 -43.78 14.67 -20.31
N ASN E 239 -43.52 13.97 -19.21
CA ASN E 239 -43.21 14.64 -17.96
C ASN E 239 -41.83 15.27 -18.08
N SER E 240 -41.79 16.54 -18.46
CA SER E 240 -40.55 17.28 -18.64
C SER E 240 -40.29 18.16 -17.44
N ASP E 241 -39.02 18.52 -17.27
CA ASP E 241 -38.64 19.36 -16.14
C ASP E 241 -39.11 20.80 -16.32
N LYS E 242 -39.33 21.23 -17.57
CA LYS E 242 -39.70 22.61 -17.84
C LYS E 242 -41.20 22.84 -17.91
N LEU E 243 -42.02 21.80 -17.70
CA LEU E 243 -43.43 22.11 -17.81
C LEU E 243 -44.05 22.29 -16.43
N PRO E 244 -45.10 23.10 -16.32
CA PRO E 244 -45.84 23.16 -15.06
C PRO E 244 -46.54 21.85 -14.77
N LYS E 245 -46.81 21.63 -13.49
CA LYS E 245 -47.47 20.40 -13.03
C LYS E 245 -48.96 20.66 -12.91
N ALA E 246 -49.75 19.91 -13.65
CA ALA E 246 -51.20 20.01 -13.55
C ALA E 246 -51.67 19.18 -12.35
N ALA E 247 -52.21 19.86 -11.34
CA ALA E 247 -52.57 19.18 -10.10
C ALA E 247 -53.68 18.16 -10.31
N GLY E 248 -54.73 18.54 -11.05
CA GLY E 248 -55.83 17.64 -11.27
C GLY E 248 -55.63 16.63 -12.37
N ALA E 249 -54.51 16.72 -13.10
CA ALA E 249 -54.25 15.84 -14.25
C ALA E 249 -53.26 14.76 -13.83
N THR E 250 -53.76 13.74 -13.15
CA THR E 250 -52.97 12.54 -12.85
C THR E 250 -53.28 11.55 -13.96
N LEU E 251 -52.65 11.79 -15.11
CA LEU E 251 -52.95 11.02 -16.32
C LEU E 251 -51.70 10.32 -16.81
N LYS E 252 -50.99 9.65 -15.92
CA LYS E 252 -49.79 8.91 -16.30
C LYS E 252 -50.11 7.90 -17.38
N GLY E 253 -49.27 7.86 -18.41
CA GLY E 253 -49.37 6.87 -19.46
C GLY E 253 -48.00 6.38 -19.89
N LYS E 254 -47.82 5.06 -19.92
CA LYS E 254 -46.51 4.52 -20.26
C LYS E 254 -46.23 4.75 -21.74
N LEU E 255 -44.99 5.11 -22.04
CA LEU E 255 -44.55 5.38 -23.41
C LEU E 255 -43.25 4.64 -23.63
N HIS E 256 -43.34 3.45 -24.25
CA HIS E 256 -42.16 2.63 -24.50
C HIS E 256 -41.14 3.39 -25.33
N VAL E 257 -39.87 3.26 -24.95
CA VAL E 257 -38.79 4.07 -25.51
C VAL E 257 -38.10 3.34 -26.65
N PRO E 258 -37.67 4.04 -27.70
CA PRO E 258 -36.94 3.38 -28.77
C PRO E 258 -35.43 3.44 -28.58
N PHE E 259 -34.69 2.93 -29.56
CA PHE E 259 -33.24 3.03 -29.61
C PHE E 259 -32.59 2.47 -28.36
N LEU E 260 -33.14 1.37 -27.85
CA LEU E 260 -32.61 0.78 -26.63
C LEU E 260 -31.22 0.24 -26.86
N LEU E 261 -30.35 0.42 -25.87
CA LEU E 261 -28.98 -0.07 -25.96
C LEU E 261 -28.98 -1.58 -26.12
N ALA E 262 -28.22 -2.07 -27.09
CA ALA E 262 -28.21 -3.48 -27.43
C ALA E 262 -26.76 -3.94 -27.63
N ASP E 263 -26.55 -5.23 -27.40
CA ASP E 263 -25.24 -5.82 -27.59
C ASP E 263 -24.96 -6.04 -29.08
N GLY E 264 -23.68 -6.13 -29.41
CA GLY E 264 -23.28 -6.38 -30.77
C GLY E 264 -21.80 -6.63 -30.85
N LYS E 265 -21.31 -6.71 -32.08
CA LYS E 265 -19.89 -6.88 -32.34
C LYS E 265 -19.43 -5.79 -33.28
N CYS E 266 -18.33 -5.13 -32.93
CA CYS E 266 -17.75 -4.06 -33.74
C CYS E 266 -16.25 -4.29 -33.87
N THR E 267 -15.70 -3.89 -35.00
CA THR E 267 -14.29 -4.07 -35.25
C THR E 267 -13.46 -3.21 -34.30
N VAL E 268 -12.28 -3.72 -33.92
CA VAL E 268 -11.40 -3.02 -33.01
C VAL E 268 -10.00 -2.99 -33.63
N PRO E 269 -9.21 -1.94 -33.40
CA PRO E 269 -7.89 -1.88 -34.03
C PRO E 269 -6.96 -2.91 -33.43
N LEU E 270 -5.99 -3.35 -34.23
CA LEU E 270 -5.01 -4.33 -33.81
C LEU E 270 -3.63 -3.69 -33.85
N ALA E 271 -2.95 -3.65 -32.71
CA ALA E 271 -1.63 -3.05 -32.64
C ALA E 271 -0.61 -3.92 -33.37
N PRO E 272 0.46 -3.33 -33.90
CA PRO E 272 1.45 -4.12 -34.63
C PRO E 272 2.12 -5.13 -33.72
N GLU E 273 2.53 -6.24 -34.32
CA GLU E 273 3.15 -7.32 -33.56
C GLU E 273 4.50 -6.88 -33.01
N PRO E 274 4.75 -7.02 -31.72
CA PRO E 274 6.01 -6.57 -31.15
C PRO E 274 7.19 -7.40 -31.64
N MET E 275 8.36 -6.77 -31.63
CA MET E 275 9.61 -7.44 -31.97
C MET E 275 10.26 -7.93 -30.67
N ILE E 276 10.44 -9.23 -30.55
CA ILE E 276 10.88 -9.85 -29.31
C ILE E 276 12.15 -10.65 -29.55
N THR E 277 13.09 -10.53 -28.62
CA THR E 277 14.35 -11.27 -28.66
C THR E 277 14.41 -12.21 -27.46
N PHE E 278 14.79 -13.46 -27.70
CA PHE E 278 14.86 -14.45 -26.65
C PHE E 278 16.27 -14.53 -26.08
N GLY E 279 16.46 -13.97 -24.89
CA GLY E 279 17.67 -14.18 -24.13
C GLY E 279 17.51 -15.36 -23.16
N PHE E 280 18.55 -15.58 -22.38
CA PHE E 280 18.52 -16.67 -21.40
C PHE E 280 17.63 -16.26 -20.24
N ARG E 281 16.44 -16.87 -20.17
CA ARG E 281 15.47 -16.59 -19.12
C ARG E 281 15.15 -15.10 -19.05
N SER E 282 15.16 -14.44 -20.21
CA SER E 282 14.94 -13.01 -20.29
C SER E 282 14.48 -12.68 -21.69
N VAL E 283 13.46 -11.82 -21.80
CA VAL E 283 12.90 -11.43 -23.08
C VAL E 283 12.80 -9.92 -23.14
N SER E 284 13.32 -9.34 -24.21
CA SER E 284 13.20 -7.91 -24.47
C SER E 284 12.13 -7.70 -25.52
N LEU E 285 11.06 -7.00 -25.14
CA LEU E 285 9.97 -6.67 -26.05
C LEU E 285 10.17 -5.28 -26.59
N LYS E 286 10.38 -5.18 -27.91
CA LYS E 286 10.45 -3.91 -28.60
C LYS E 286 9.14 -3.74 -29.35
N LEU E 287 8.34 -2.76 -28.93
CA LEU E 287 7.03 -2.53 -29.53
C LEU E 287 6.89 -1.06 -29.91
N HIS E 288 6.13 -0.82 -30.97
CA HIS E 288 5.94 0.53 -31.52
C HIS E 288 4.44 0.75 -31.66
N PRO E 289 3.79 1.18 -30.59
CA PRO E 289 2.32 1.34 -30.60
C PRO E 289 1.90 2.44 -31.56
N LYS E 290 1.06 2.08 -32.54
CA LYS E 290 0.48 3.09 -33.42
C LYS E 290 -0.42 4.03 -32.63
N ASN E 291 -1.20 3.50 -31.72
CA ASN E 291 -2.11 4.24 -30.85
C ASN E 291 -1.83 3.81 -29.42
N PRO E 292 -2.23 4.62 -28.44
CA PRO E 292 -2.02 4.22 -27.04
C PRO E 292 -2.74 2.91 -26.75
N THR E 293 -1.96 1.86 -26.50
CA THR E 293 -2.50 0.52 -26.30
C THR E 293 -1.90 -0.08 -25.04
N TYR E 294 -2.76 -0.70 -24.23
CA TYR E 294 -2.33 -1.26 -22.96
C TYR E 294 -1.41 -2.45 -23.19
N LEU E 295 -0.45 -2.60 -22.27
CA LEU E 295 0.38 -3.79 -22.20
C LEU E 295 0.22 -4.41 -20.83
N ILE E 296 -0.13 -5.69 -20.81
CA ILE E 296 -0.36 -6.43 -19.57
C ILE E 296 0.65 -7.56 -19.51
N THR E 297 1.40 -7.62 -18.42
CA THR E 297 2.37 -8.67 -18.17
C THR E 297 1.94 -9.44 -16.94
N ARG E 298 1.93 -10.76 -17.04
CA ARG E 298 1.51 -11.60 -15.93
C ARG E 298 2.41 -12.82 -15.84
N GLN E 299 2.87 -13.13 -14.62
CA GLN E 299 3.62 -14.35 -14.38
C GLN E 299 2.67 -15.49 -14.05
N LEU E 300 3.08 -16.70 -14.40
CA LEU E 300 2.25 -17.89 -14.23
C LEU E 300 2.46 -18.56 -12.87
N ALA E 301 3.26 -17.96 -11.99
CA ALA E 301 3.57 -18.56 -10.70
C ALA E 301 2.45 -18.27 -9.70
N ASP E 302 2.72 -18.56 -8.43
CA ASP E 302 1.75 -18.30 -7.37
C ASP E 302 1.46 -16.81 -7.26
N GLU E 303 2.49 -15.98 -7.32
CA GLU E 303 2.32 -14.53 -7.33
C GLU E 303 2.30 -14.04 -8.76
N PRO E 304 1.18 -13.54 -9.28
CA PRO E 304 1.16 -13.10 -10.67
C PRO E 304 2.15 -11.98 -10.93
N HIS E 305 2.35 -11.09 -9.97
CA HIS E 305 3.18 -9.91 -10.16
C HIS E 305 2.75 -9.15 -11.41
N TYR E 306 1.44 -9.10 -11.63
CA TYR E 306 0.91 -8.57 -12.88
C TYR E 306 1.24 -7.10 -13.02
N THR E 307 1.51 -6.70 -14.27
CA THR E 307 1.82 -5.31 -14.57
C THR E 307 0.90 -4.83 -15.68
N HIS E 308 0.15 -3.77 -15.40
CA HIS E 308 -0.69 -3.11 -16.40
C HIS E 308 -0.20 -1.68 -16.57
N GLU E 309 0.00 -1.28 -17.83
CA GLU E 309 0.43 0.08 -18.10
C GLU E 309 -0.01 0.47 -19.51
N LEU E 310 0.01 1.76 -19.77
CA LEU E 310 -0.31 2.31 -21.08
C LEU E 310 0.97 2.83 -21.72
N ILE E 311 1.21 2.44 -22.96
CA ILE E 311 2.36 2.89 -23.73
C ILE E 311 1.84 3.59 -24.99
N SER E 312 2.39 4.76 -25.28
CA SER E 312 2.00 5.53 -26.45
C SER E 312 3.14 5.84 -27.40
N GLU E 313 4.36 5.48 -27.06
CA GLU E 313 5.55 5.77 -27.86
C GLU E 313 6.40 4.52 -27.98
N PRO E 314 7.18 4.40 -29.05
CA PRO E 314 8.03 3.22 -29.22
C PRO E 314 8.97 3.06 -28.03
N ALA E 315 8.94 1.87 -27.43
CA ALA E 315 9.75 1.61 -26.25
C ALA E 315 10.17 0.15 -26.23
N VAL E 316 11.21 -0.12 -25.44
CA VAL E 316 11.76 -1.46 -25.30
C VAL E 316 11.68 -1.86 -23.84
N ARG E 317 11.11 -3.03 -23.57
CA ARG E 317 10.95 -3.55 -22.23
C ARG E 317 11.66 -4.89 -22.10
N ASN E 318 12.49 -5.01 -21.07
CA ASN E 318 13.15 -6.26 -20.74
C ASN E 318 12.38 -6.94 -19.61
N PHE E 319 12.13 -8.23 -19.77
CA PHE E 319 11.36 -9.00 -18.81
C PHE E 319 12.11 -10.27 -18.45
N THR E 320 11.79 -10.80 -17.27
CA THR E 320 12.39 -12.02 -16.76
C THR E 320 11.38 -13.15 -16.89
N VAL E 321 11.79 -14.24 -17.52
CA VAL E 321 10.95 -15.42 -17.69
C VAL E 321 11.57 -16.57 -16.92
N THR E 322 10.77 -17.19 -16.06
CA THR E 322 11.21 -18.33 -15.28
C THR E 322 10.62 -19.61 -15.85
N GLU E 323 11.02 -20.74 -15.26
CA GLU E 323 10.44 -22.02 -15.64
C GLU E 323 8.97 -22.11 -15.26
N LYS E 324 8.51 -21.26 -14.33
CA LYS E 324 7.11 -21.25 -13.96
C LYS E 324 6.21 -20.78 -15.09
N GLY E 325 6.76 -20.08 -16.06
CA GLY E 325 5.93 -19.65 -17.16
C GLY E 325 5.69 -18.16 -17.12
N TRP E 326 5.57 -17.57 -18.31
CA TRP E 326 5.36 -16.14 -18.42
C TRP E 326 4.47 -15.87 -19.63
N GLU E 327 3.50 -14.98 -19.45
CA GLU E 327 2.51 -14.67 -20.48
C GLU E 327 2.25 -13.17 -20.48
N PHE E 328 1.89 -12.65 -21.65
CA PHE E 328 1.53 -11.26 -21.80
C PHE E 328 0.44 -11.14 -22.85
N VAL E 329 -0.30 -10.03 -22.79
CA VAL E 329 -1.26 -9.68 -23.83
C VAL E 329 -0.91 -8.29 -24.33
N TRP E 330 -0.65 -8.16 -25.62
CA TRP E 330 -0.31 -6.89 -26.24
C TRP E 330 -1.42 -6.49 -27.20
N GLY E 331 -2.03 -5.34 -26.94
CA GLY E 331 -3.15 -4.90 -27.76
C GLY E 331 -4.28 -5.91 -27.68
N ASN E 332 -5.02 -6.02 -28.77
CA ASN E 332 -6.08 -7.01 -28.84
C ASN E 332 -5.58 -8.37 -29.28
N HIS E 333 -4.29 -8.52 -29.51
CA HIS E 333 -3.75 -9.84 -29.83
C HIS E 333 -4.05 -10.80 -28.69
N PRO E 334 -4.50 -12.02 -28.99
CA PRO E 334 -4.74 -13.00 -27.94
C PRO E 334 -3.46 -13.31 -27.18
N PRO E 335 -3.56 -13.54 -25.88
CA PRO E 335 -2.34 -13.72 -25.08
C PRO E 335 -1.57 -14.95 -25.52
N LYS E 336 -0.25 -14.86 -25.44
CA LYS E 336 0.64 -15.94 -25.83
C LYS E 336 1.60 -16.23 -24.69
N ARG E 337 1.71 -17.50 -24.33
CA ARG E 337 2.46 -17.92 -23.16
C ARG E 337 3.88 -18.30 -23.51
N PHE E 338 4.74 -18.32 -22.49
CA PHE E 338 6.13 -18.67 -22.64
C PHE E 338 6.60 -19.46 -21.43
N TRP E 339 7.63 -20.28 -21.62
CA TRP E 339 8.28 -21.00 -20.54
C TRP E 339 9.78 -20.91 -20.73
N ALA E 340 10.50 -20.72 -19.64
CA ALA E 340 11.96 -20.71 -19.67
C ALA E 340 12.50 -22.10 -19.39
N GLN E 341 13.64 -22.41 -20.02
CA GLN E 341 14.35 -23.66 -19.80
C GLN E 341 15.83 -23.36 -19.69
N GLU E 342 16.55 -24.20 -18.95
CA GLU E 342 17.97 -23.97 -18.69
C GLU E 342 18.75 -24.13 -19.99
N THR E 343 19.24 -23.00 -20.52
CA THR E 343 19.91 -23.01 -21.81
C THR E 343 21.37 -22.58 -21.71
N ALA E 344 21.65 -21.37 -21.22
CA ALA E 344 23.01 -20.85 -21.24
C ALA E 344 23.35 -20.17 -19.92
N PRO E 345 24.61 -20.26 -19.48
CA PRO E 345 25.67 -21.07 -20.09
C PRO E 345 25.63 -22.50 -19.56
N GLY E 346 24.54 -22.86 -18.91
CA GLY E 346 24.33 -24.24 -18.49
C GLY E 346 25.37 -24.67 -17.49
N ASN E 347 26.12 -25.72 -17.85
CA ASN E 347 27.25 -26.19 -17.06
C ASN E 347 28.18 -27.01 -17.94
N PRO E 348 29.41 -26.56 -18.18
CA PRO E 348 30.30 -27.32 -19.06
C PRO E 348 31.00 -28.44 -18.30
N HIS E 349 31.90 -29.14 -18.99
CA HIS E 349 32.71 -30.19 -18.41
C HIS E 349 34.15 -29.73 -18.40
N GLY E 350 34.78 -29.78 -17.24
CA GLY E 350 36.10 -29.19 -17.09
C GLY E 350 36.03 -27.69 -16.96
N LEU E 351 37.21 -27.07 -16.88
CA LEU E 351 37.33 -25.64 -16.60
C LEU E 351 36.55 -25.31 -15.33
N PRO E 352 37.05 -25.73 -14.16
CA PRO E 352 36.22 -25.64 -12.94
C PRO E 352 35.71 -24.24 -12.64
N HIS E 353 36.47 -23.21 -12.96
CA HIS E 353 35.97 -21.84 -12.80
C HIS E 353 34.76 -21.61 -13.71
N GLU E 354 34.85 -22.04 -14.97
CA GLU E 354 33.71 -21.95 -15.86
C GLU E 354 32.56 -22.81 -15.34
N VAL E 355 32.88 -23.98 -14.79
CA VAL E 355 31.84 -24.86 -14.26
C VAL E 355 31.07 -24.18 -13.15
N ILE E 356 31.78 -23.56 -12.20
CA ILE E 356 31.08 -22.93 -11.08
C ILE E 356 30.34 -21.69 -11.56
N THR E 357 30.91 -20.93 -12.50
CA THR E 357 30.20 -19.77 -13.01
C THR E 357 28.90 -20.17 -13.68
N HIS E 358 28.91 -21.26 -14.45
CA HIS E 358 27.69 -21.68 -15.13
C HIS E 358 26.72 -22.35 -14.17
N TYR E 359 27.22 -23.08 -13.17
CA TYR E 359 26.34 -23.67 -12.18
C TYR E 359 25.67 -22.60 -11.34
N TYR E 360 26.36 -21.48 -11.10
CA TYR E 360 25.76 -20.36 -10.37
C TYR E 360 24.89 -19.48 -11.27
N HIS E 361 25.17 -19.48 -12.58
CA HIS E 361 24.33 -18.74 -13.51
C HIS E 361 22.89 -19.21 -13.43
N ARG E 362 22.70 -20.52 -13.36
CA ARG E 362 21.43 -21.11 -12.97
C ARG E 362 21.37 -21.22 -11.46
N TYR E 363 20.16 -21.26 -10.93
CA TYR E 363 19.91 -21.35 -9.50
C TYR E 363 20.67 -20.28 -8.71
N PRO E 364 20.42 -18.99 -9.02
CA PRO E 364 21.14 -17.93 -8.29
C PRO E 364 20.87 -17.95 -6.80
N MET E 365 21.91 -18.16 -5.99
CA MET E 365 21.85 -18.31 -4.53
C MET E 365 21.12 -19.59 -4.14
N SER E 366 20.61 -20.35 -5.10
CA SER E 366 19.91 -21.60 -4.84
C SER E 366 20.96 -22.71 -4.87
N THR E 367 21.33 -23.19 -3.69
CA THR E 367 22.38 -24.17 -3.41
C THR E 367 23.77 -23.58 -3.65
N ILE E 368 23.86 -22.34 -4.14
CA ILE E 368 25.15 -21.68 -4.29
C ILE E 368 25.81 -21.50 -2.93
N LEU E 369 25.02 -21.31 -1.88
CA LEU E 369 25.58 -21.25 -0.53
C LEU E 369 26.18 -22.59 -0.11
N GLY E 370 25.78 -23.66 -0.80
CA GLY E 370 26.37 -24.96 -0.52
C GLY E 370 27.86 -25.01 -0.80
N LEU E 371 28.31 -24.26 -1.80
CA LEU E 371 29.74 -24.21 -2.10
C LEU E 371 30.51 -23.61 -0.92
N SER E 372 29.98 -22.53 -0.35
CA SER E 372 30.58 -21.92 0.82
C SER E 372 30.55 -22.88 2.01
N ILE E 373 29.45 -23.61 2.18
CA ILE E 373 29.36 -24.56 3.29
C ILE E 373 30.42 -25.64 3.15
N CYS E 374 30.60 -26.16 1.94
CA CYS E 374 31.62 -27.18 1.71
C CYS E 374 33.02 -26.63 1.95
N ALA E 375 33.25 -25.38 1.55
CA ALA E 375 34.56 -24.77 1.78
C ALA E 375 34.83 -24.64 3.27
N ALA E 376 33.81 -24.24 4.03
CA ALA E 376 33.97 -24.15 5.47
C ALA E 376 34.27 -25.51 6.07
N ILE E 377 33.59 -26.55 5.57
CA ILE E 377 33.84 -27.90 6.07
C ILE E 377 35.29 -28.30 5.79
N ALA E 378 35.77 -28.02 4.58
CA ALA E 378 37.13 -28.39 4.23
C ALA E 378 38.14 -27.64 5.08
N THR E 379 37.90 -26.34 5.31
CA THR E 379 38.83 -25.56 6.12
C THR E 379 38.85 -26.06 7.56
N VAL E 380 37.67 -26.39 8.11
CA VAL E 380 37.62 -26.91 9.48
C VAL E 380 38.32 -28.25 9.55
N SER E 381 38.17 -29.09 8.53
CA SER E 381 38.87 -30.36 8.51
C SER E 381 40.38 -30.17 8.47
N VAL E 382 40.85 -29.20 7.67
CA VAL E 382 42.27 -28.93 7.61
C VAL E 382 42.79 -28.43 8.96
N ALA E 383 42.01 -27.56 9.61
CA ALA E 383 42.41 -27.05 10.92
C ALA E 383 42.47 -28.17 11.96
N ALA E 384 41.49 -29.07 11.93
CA ALA E 384 41.50 -30.20 12.86
C ALA E 384 42.69 -31.10 12.59
N SER E 385 43.00 -31.34 11.31
CA SER E 385 44.15 -32.17 10.98
C SER E 385 45.45 -31.52 11.46
N THR E 386 45.55 -30.20 11.32
CA THR E 386 46.75 -29.51 11.81
C THR E 386 46.86 -29.61 13.32
N TRP E 387 45.74 -29.47 14.02
CA TRP E 387 45.74 -29.64 15.48
C TRP E 387 46.20 -31.04 15.86
N LEU E 388 45.66 -32.04 15.18
CA LEU E 388 46.04 -33.41 15.48
C LEU E 388 47.51 -33.67 15.19
N PHE E 389 48.02 -33.11 14.10
CA PHE E 389 49.43 -33.29 13.76
C PHE E 389 50.33 -32.60 14.76
N CYS E 390 49.93 -31.42 15.24
CA CYS E 390 50.70 -30.75 16.29
C CYS E 390 50.70 -31.58 17.57
N ARG E 391 49.56 -32.12 17.95
CA ARG E 391 49.50 -32.99 19.12
C ARG E 391 50.39 -34.22 18.92
N SER E 392 50.41 -34.77 17.70
CA SER E 392 51.25 -35.91 17.40
C SER E 392 52.73 -35.57 17.57
N ARG E 393 53.18 -34.46 16.99
CA ARG E 393 54.59 -34.13 17.09
C ARG E 393 54.96 -33.72 18.51
N VAL E 394 54.00 -33.19 19.27
CA VAL E 394 54.24 -32.92 20.69
C VAL E 394 54.47 -34.23 21.43
N ALA E 395 53.61 -35.22 21.21
CA ALA E 395 53.78 -36.51 21.87
C ALA E 395 55.07 -37.18 21.42
N CYS E 396 55.49 -36.93 20.19
CA CYS E 396 56.77 -37.44 19.71
C CYS E 396 57.94 -36.79 20.45
N LEU E 397 57.93 -35.45 20.50
CA LEU E 397 59.13 -34.73 20.92
C LEU E 397 59.26 -34.68 22.43
N THR E 398 58.16 -34.37 23.13
CA THR E 398 58.24 -34.04 24.55
C THR E 398 58.90 -35.14 25.38
N PRO E 399 58.54 -36.41 25.28
CA PRO E 399 59.18 -37.41 26.16
C PRO E 399 60.69 -37.48 25.97
N TYR E 400 61.16 -37.61 24.73
CA TYR E 400 62.59 -37.68 24.49
C TYR E 400 63.27 -36.35 24.79
N ARG E 401 62.70 -35.26 24.29
CA ARG E 401 63.31 -33.96 24.53
C ARG E 401 63.32 -33.61 26.01
N LEU E 402 62.44 -34.24 26.79
CA LEU E 402 62.42 -34.01 28.23
C LEU E 402 63.74 -34.41 28.89
N THR E 403 64.33 -35.50 28.42
CA THR E 403 65.55 -36.02 29.04
C THR E 403 66.70 -35.02 28.85
N PRO E 404 67.66 -35.01 29.79
CA PRO E 404 68.72 -33.98 29.72
C PRO E 404 69.49 -33.99 28.43
N ASN E 405 69.80 -35.18 27.91
CA ASN E 405 70.50 -35.34 26.64
C ASN E 405 69.77 -36.38 25.81
N ALA E 406 69.32 -35.98 24.63
CA ALA E 406 68.55 -36.85 23.75
C ALA E 406 69.02 -36.69 22.31
N ARG E 407 69.21 -37.81 21.63
CA ARG E 407 69.49 -37.82 20.21
C ARG E 407 68.57 -38.86 19.56
N ILE E 408 67.84 -38.43 18.53
CA ILE E 408 66.81 -39.28 17.92
C ILE E 408 66.79 -39.11 16.40
N PRO E 409 67.87 -39.45 15.69
CA PRO E 409 67.82 -39.33 14.21
C PRO E 409 66.72 -40.16 13.59
N PHE E 410 66.39 -41.29 14.20
CA PHE E 410 65.31 -42.14 13.70
C PHE E 410 63.97 -41.42 13.75
N CYS E 411 63.68 -40.76 14.87
CA CYS E 411 62.40 -40.08 15.01
C CYS E 411 62.29 -38.89 14.07
N LEU E 412 63.36 -38.11 13.96
CA LEU E 412 63.34 -36.98 13.04
C LEU E 412 63.26 -37.45 11.59
N ALA E 413 63.77 -38.64 11.31
CA ALA E 413 63.66 -39.19 9.96
C ALA E 413 62.25 -39.66 9.66
N VAL E 414 61.60 -40.29 10.65
CA VAL E 414 60.30 -40.90 10.39
C VAL E 414 59.13 -39.95 10.56
N LEU E 415 59.28 -38.89 11.35
CA LEU E 415 58.15 -38.00 11.63
C LEU E 415 58.53 -36.54 11.46
N CYS E 416 59.83 -36.24 11.60
CA CYS E 416 60.33 -34.87 11.46
C CYS E 416 59.61 -33.92 12.41
N CYS E 417 59.46 -34.35 13.66
CA CYS E 417 58.88 -33.47 14.68
C CYS E 417 59.73 -32.23 14.85
N ALA E 418 61.04 -32.42 15.03
CA ALA E 418 61.95 -31.29 15.18
C ALA E 418 62.26 -30.65 13.83
N ARG E 419 62.60 -29.36 13.86
CA ARG E 419 63.06 -28.63 12.69
C ARG E 419 64.55 -28.35 12.84
N THR E 420 65.36 -28.96 11.99
CA THR E 420 66.81 -28.72 12.06
C THR E 420 67.17 -27.34 11.49
N ALA E 421 66.54 -26.94 10.38
CA ALA E 421 66.86 -25.66 9.78
C ALA E 421 66.30 -24.51 10.62
N ARG E 422 65.04 -24.61 11.04
CA ARG E 422 64.42 -23.54 11.81
C ARG E 422 64.99 -23.49 13.22
N ALA E 423 65.17 -22.28 13.73
CA ALA E 423 65.73 -22.09 15.06
C ALA E 423 65.27 -20.77 15.65
N LYS F 1 75.53 -45.90 59.85
CA LYS F 1 74.96 -44.77 60.57
C LYS F 1 74.28 -43.80 59.60
N ARG F 2 73.08 -43.33 59.97
CA ARG F 2 72.35 -42.41 59.12
C ARG F 2 72.94 -41.01 59.12
N GLN F 3 73.76 -40.68 60.13
CA GLN F 3 74.37 -39.35 60.20
C GLN F 3 75.28 -39.10 59.00
N ARG F 4 76.09 -40.10 58.62
CA ARG F 4 76.95 -39.96 57.46
C ARG F 4 76.14 -39.79 56.18
N MET F 5 75.02 -40.53 56.06
CA MET F 5 74.16 -40.37 54.90
C MET F 5 73.58 -38.97 54.83
N VAL F 6 73.15 -38.42 55.97
CA VAL F 6 72.62 -37.06 55.99
C VAL F 6 73.72 -36.07 55.59
N MET F 7 74.93 -36.26 56.10
CA MET F 7 76.03 -35.37 55.77
C MET F 7 76.32 -35.40 54.27
N LYS F 8 76.34 -36.59 53.67
CA LYS F 8 76.52 -36.69 52.23
C LYS F 8 75.37 -36.03 51.48
N LEU F 9 74.16 -36.16 52.03
CA LEU F 9 72.99 -35.55 51.40
C LEU F 9 73.09 -34.03 51.35
N GLU F 10 73.54 -33.41 52.45
CA GLU F 10 73.50 -31.97 52.60
C GLU F 10 74.70 -31.28 51.98
N SER F 11 75.40 -31.92 51.05
CA SER F 11 76.57 -31.32 50.43
C SER F 11 76.18 -30.43 49.26
N ASP F 12 75.46 -30.97 48.29
CA ASP F 12 75.10 -30.23 47.10
C ASP F 12 73.98 -29.23 47.40
N LYS F 13 73.83 -28.26 46.50
CA LYS F 13 72.84 -27.21 46.66
C LYS F 13 71.97 -27.12 45.41
N THR F 14 70.76 -26.59 45.60
CA THR F 14 69.81 -26.38 44.53
C THR F 14 69.40 -24.90 44.51
N PHE F 15 68.59 -24.55 43.53
CA PHE F 15 68.18 -23.16 43.34
C PHE F 15 66.68 -23.01 43.52
N PRO F 16 66.22 -22.35 44.58
CA PRO F 16 64.80 -22.28 44.87
C PRO F 16 64.08 -21.28 43.96
N ILE F 17 62.75 -21.32 44.05
CA ILE F 17 61.88 -20.40 43.33
C ILE F 17 61.18 -19.53 44.35
N MET F 18 61.29 -18.22 44.19
CA MET F 18 60.73 -17.28 45.14
C MET F 18 59.57 -16.52 44.49
N LEU F 19 58.53 -16.28 45.27
CA LEU F 19 57.38 -15.51 44.82
C LEU F 19 56.94 -14.62 45.98
N GLU F 20 57.26 -13.33 45.88
CA GLU F 20 56.94 -12.35 46.91
C GLU F 20 57.50 -12.76 48.27
N GLY F 21 58.77 -13.15 48.27
CA GLY F 21 59.42 -13.55 49.50
C GLY F 21 59.01 -14.91 50.01
N LYS F 22 58.27 -15.68 49.21
CA LYS F 22 57.79 -17.00 49.60
C LYS F 22 58.46 -18.05 48.73
N ILE F 23 59.01 -19.09 49.36
CA ILE F 23 59.68 -20.16 48.62
C ILE F 23 58.63 -21.14 48.12
N ASN F 24 58.09 -20.89 46.92
CA ASN F 24 57.06 -21.76 46.39
C ASN F 24 57.62 -23.08 45.90
N GLY F 25 58.92 -23.15 45.61
CA GLY F 25 59.50 -24.37 45.12
C GLY F 25 60.96 -24.17 44.77
N TYR F 26 61.52 -25.18 44.10
CA TYR F 26 62.91 -25.19 43.71
C TYR F 26 63.03 -25.55 42.25
N ALA F 27 64.07 -25.03 41.60
CA ALA F 27 64.35 -25.28 40.19
C ALA F 27 65.77 -25.83 40.08
N CYS F 28 65.88 -27.11 39.74
CA CYS F 28 67.17 -27.78 39.65
C CYS F 28 67.66 -27.84 38.22
N VAL F 29 68.98 -27.92 38.06
CA VAL F 29 69.62 -28.08 36.76
C VAL F 29 70.40 -29.40 36.78
N VAL F 30 70.09 -30.28 35.83
CA VAL F 30 70.76 -31.57 35.71
C VAL F 30 71.08 -31.82 34.25
N GLY F 31 72.35 -32.11 33.96
CA GLY F 31 72.76 -32.39 32.60
C GLY F 31 72.72 -31.22 31.65
N GLY F 32 72.76 -29.99 32.16
CA GLY F 32 72.66 -28.83 31.32
C GLY F 32 71.23 -28.38 31.04
N LYS F 33 70.25 -28.96 31.72
CA LYS F 33 68.84 -28.65 31.48
C LYS F 33 68.23 -28.07 32.75
N LEU F 34 67.57 -26.93 32.61
CA LEU F 34 66.86 -26.31 33.71
C LEU F 34 65.44 -26.86 33.81
N PHE F 35 65.01 -27.17 35.02
CA PHE F 35 63.69 -27.74 35.25
C PHE F 35 63.01 -27.03 36.41
N ARG F 36 61.71 -26.81 36.26
CA ARG F 36 60.89 -26.37 37.38
C ARG F 36 59.45 -26.74 37.08
N PRO F 37 58.69 -27.19 38.08
CA PRO F 37 57.32 -27.61 37.82
C PRO F 37 56.49 -26.47 37.24
N MET F 38 55.63 -26.82 36.29
CA MET F 38 54.82 -25.80 35.63
C MET F 38 53.74 -25.26 36.55
N HIS F 39 53.20 -26.10 37.43
CA HIS F 39 52.18 -25.62 38.35
C HIS F 39 52.73 -24.63 39.36
N VAL F 40 54.02 -24.74 39.69
CA VAL F 40 54.66 -23.81 40.62
C VAL F 40 55.09 -22.56 39.86
N GLU F 41 54.66 -21.40 40.34
CA GLU F 41 54.96 -20.13 39.70
C GLU F 41 55.81 -19.27 40.62
N GLY F 42 56.69 -18.48 40.02
CA GLY F 42 57.55 -17.60 40.78
C GLY F 42 58.76 -17.21 39.96
N LYS F 43 59.75 -16.67 40.67
CA LYS F 43 61.02 -16.28 40.08
C LYS F 43 62.14 -17.09 40.72
N ILE F 44 63.06 -17.58 39.89
CA ILE F 44 64.21 -18.31 40.41
C ILE F 44 65.10 -17.35 41.21
N ASP F 45 65.79 -17.90 42.20
CA ASP F 45 66.71 -17.07 42.98
C ASP F 45 67.84 -16.52 42.11
N ASN F 46 68.38 -17.35 41.23
CA ASN F 46 69.46 -16.91 40.35
C ASN F 46 68.89 -16.07 39.22
N ASP F 47 69.43 -14.86 39.05
CA ASP F 47 68.94 -13.96 38.01
C ASP F 47 69.19 -14.53 36.62
N VAL F 48 70.38 -15.09 36.39
CA VAL F 48 70.71 -15.61 35.06
C VAL F 48 69.75 -16.73 34.70
N LEU F 49 69.53 -17.67 35.63
CA LEU F 49 68.54 -18.71 35.38
C LEU F 49 67.16 -18.12 35.18
N ALA F 50 66.81 -17.10 35.99
CA ALA F 50 65.49 -16.49 35.90
C ALA F 50 65.28 -15.84 34.55
N ALA F 51 66.33 -15.29 33.94
CA ALA F 51 66.19 -14.63 32.66
C ALA F 51 66.11 -15.60 31.49
N LEU F 52 66.38 -16.88 31.71
CA LEU F 52 66.38 -17.84 30.60
C LEU F 52 64.97 -18.05 30.08
N LYS F 53 64.86 -18.11 28.75
CA LYS F 53 63.60 -18.44 28.11
C LYS F 53 63.26 -19.91 28.34
N THR F 54 62.01 -20.19 28.69
CA THR F 54 61.57 -21.56 28.97
C THR F 54 60.33 -21.88 28.15
N LYS F 55 60.11 -23.18 27.97
CA LYS F 55 58.90 -23.70 27.36
C LYS F 55 58.21 -24.65 28.33
N LYS F 56 56.92 -24.83 28.14
CA LYS F 56 56.09 -25.57 29.06
C LYS F 56 55.79 -26.97 28.54
N ALA F 57 55.50 -27.88 29.46
CA ALA F 57 55.06 -29.24 29.15
C ALA F 57 53.65 -29.40 29.70
N SER F 58 52.70 -29.69 28.81
CA SER F 58 51.30 -29.70 29.22
C SER F 58 51.00 -30.78 30.24
N LYS F 59 51.42 -32.01 29.94
CA LYS F 59 51.14 -33.15 30.82
C LYS F 59 52.24 -33.38 31.85
N TYR F 60 53.50 -33.13 31.50
CA TYR F 60 54.57 -33.36 32.44
C TYR F 60 54.56 -32.34 33.56
N ASP F 61 53.91 -31.19 33.34
CA ASP F 61 53.74 -30.15 34.37
C ASP F 61 55.10 -29.62 34.84
N LEU F 62 55.92 -29.19 33.89
CA LEU F 62 57.22 -28.64 34.19
C LEU F 62 57.74 -27.88 32.97
N GLU F 63 58.72 -27.02 33.21
CA GLU F 63 59.38 -26.26 32.16
C GLU F 63 60.80 -26.75 31.97
N TYR F 64 61.36 -26.43 30.80
CA TYR F 64 62.72 -26.82 30.48
C TYR F 64 63.45 -25.65 29.86
N ALA F 65 64.76 -25.58 30.13
CA ALA F 65 65.59 -24.48 29.66
C ALA F 65 67.03 -24.95 29.61
N ASP F 66 67.75 -24.53 28.59
CA ASP F 66 69.13 -24.93 28.38
C ASP F 66 70.07 -23.87 28.97
N VAL F 67 70.96 -24.29 29.86
CA VAL F 67 71.90 -23.39 30.51
C VAL F 67 72.98 -22.98 29.50
N PRO F 68 73.65 -21.85 29.70
CA PRO F 68 74.77 -21.51 28.82
C PRO F 68 75.91 -22.50 28.95
N GLN F 69 76.69 -22.62 27.87
CA GLN F 69 77.70 -23.67 27.79
C GLN F 69 78.75 -23.51 28.88
N ASN F 70 79.14 -22.26 29.17
CA ASN F 70 80.16 -22.04 30.19
C ASN F 70 79.70 -22.50 31.57
N MET F 71 78.41 -22.73 31.75
CA MET F 71 77.88 -23.20 33.03
C MET F 71 77.29 -24.60 32.95
N ARG F 72 77.36 -25.27 31.79
CA ARG F 72 76.88 -26.64 31.70
C ARG F 72 77.78 -27.61 32.46
N ALA F 73 79.05 -27.26 32.65
CA ALA F 73 79.92 -28.11 33.46
C ALA F 73 79.40 -28.19 34.89
N ASP F 74 78.93 -27.07 35.43
CA ASP F 74 78.43 -27.00 36.80
C ASP F 74 76.94 -27.40 36.79
N THR F 75 76.71 -28.71 36.72
CA THR F 75 75.36 -29.23 36.77
C THR F 75 75.40 -30.61 37.41
N PHE F 76 74.23 -31.08 37.83
CA PHE F 76 74.15 -32.35 38.53
C PHE F 76 74.10 -33.51 37.54
N LYS F 77 74.75 -34.60 37.91
CA LYS F 77 74.83 -35.77 37.05
C LYS F 77 73.62 -36.67 37.29
N TYR F 78 73.05 -37.19 36.21
CA TYR F 78 71.84 -37.99 36.28
C TYR F 78 72.17 -39.47 36.12
N THR F 79 71.20 -40.30 36.48
CA THR F 79 71.30 -41.75 36.35
C THR F 79 69.96 -42.29 35.93
N HIS F 80 69.93 -42.98 34.79
CA HIS F 80 68.68 -43.56 34.31
C HIS F 80 68.30 -44.81 35.10
N GLU F 81 69.29 -45.55 35.59
CA GLU F 81 69.05 -46.80 36.29
C GLU F 81 68.73 -46.54 37.76
N LYS F 82 67.75 -47.26 38.27
CA LYS F 82 67.27 -47.09 39.64
C LYS F 82 67.19 -48.45 40.32
N PRO F 83 68.29 -48.92 40.87
CA PRO F 83 68.26 -50.19 41.62
C PRO F 83 67.42 -50.07 42.89
N GLN F 84 66.85 -51.19 43.30
CA GLN F 84 66.02 -51.21 44.48
C GLN F 84 66.82 -50.86 45.73
N GLY F 85 66.19 -50.15 46.65
CA GLY F 85 66.82 -49.78 47.90
C GLY F 85 66.28 -48.46 48.40
N TYR F 86 67.08 -47.80 49.23
CA TYR F 86 66.76 -46.48 49.75
C TYR F 86 67.69 -45.43 49.17
N TYR F 87 67.15 -44.23 48.98
CA TYR F 87 67.91 -43.12 48.42
C TYR F 87 67.82 -41.91 49.33
N SER F 88 68.84 -41.06 49.27
CA SER F 88 68.93 -39.89 50.11
C SER F 88 68.20 -38.72 49.47
N TRP F 89 67.40 -38.02 50.27
CA TRP F 89 66.65 -36.86 49.81
C TRP F 89 66.79 -35.76 50.86
N HIS F 90 66.56 -34.52 50.44
CA HIS F 90 66.89 -33.36 51.26
C HIS F 90 66.27 -33.47 52.65
N HIS F 91 64.98 -33.80 52.71
CA HIS F 91 64.32 -33.91 54.01
C HIS F 91 64.76 -35.16 54.75
N GLY F 92 65.00 -36.24 54.02
CA GLY F 92 65.45 -37.47 54.65
C GLY F 92 65.63 -38.55 53.61
N ALA F 93 66.04 -39.73 54.07
CA ALA F 93 66.19 -40.86 53.19
C ALA F 93 64.84 -41.29 52.64
N VAL F 94 64.84 -41.74 51.38
CA VAL F 94 63.62 -42.20 50.71
C VAL F 94 63.71 -43.70 50.54
N GLN F 95 62.71 -44.41 51.06
CA GLN F 95 62.60 -45.85 50.89
C GLN F 95 61.69 -46.13 49.70
N TYR F 96 62.24 -46.75 48.66
CA TYR F 96 61.50 -46.96 47.43
C TYR F 96 61.50 -48.44 47.07
N GLU F 97 60.36 -48.92 46.59
CA GLU F 97 60.20 -50.32 46.21
C GLU F 97 59.06 -50.42 45.22
N ASN F 98 59.10 -51.46 44.39
CA ASN F 98 58.06 -51.74 43.40
C ASN F 98 57.89 -50.57 42.42
N GLY F 99 58.97 -49.85 42.15
CA GLY F 99 58.95 -48.78 41.17
C GLY F 99 58.43 -47.45 41.66
N ARG F 100 57.99 -47.35 42.91
CA ARG F 100 57.48 -46.10 43.46
C ARG F 100 58.29 -45.71 44.70
N PHE F 101 58.53 -44.42 44.86
CA PHE F 101 59.29 -43.90 45.99
C PHE F 101 58.36 -43.57 47.14
N THR F 102 58.72 -43.99 48.34
CA THR F 102 57.92 -43.76 49.54
C THR F 102 58.76 -43.03 50.58
N VAL F 103 58.09 -42.20 51.37
CA VAL F 103 58.72 -41.48 52.47
C VAL F 103 57.83 -41.62 53.70
N PRO F 104 58.39 -41.47 54.90
CA PRO F 104 57.57 -41.56 56.10
C PRO F 104 56.47 -40.51 56.10
N LYS F 105 55.31 -40.88 56.65
CA LYS F 105 54.19 -39.97 56.72
C LYS F 105 54.55 -38.74 57.55
N GLY F 106 54.01 -37.59 57.16
CA GLY F 106 54.35 -36.34 57.79
C GLY F 106 55.60 -35.69 57.28
N VAL F 107 56.21 -36.22 56.21
CA VAL F 107 57.43 -35.68 55.63
C VAL F 107 57.10 -35.16 54.24
N GLY F 108 57.48 -33.91 53.98
CA GLY F 108 57.24 -33.33 52.67
C GLY F 108 55.87 -32.69 52.56
N ALA F 109 55.82 -31.45 52.08
CA ALA F 109 54.57 -30.71 52.00
C ALA F 109 54.66 -29.75 50.82
N LYS F 110 53.81 -28.72 50.83
CA LYS F 110 53.83 -27.70 49.79
C LYS F 110 55.17 -26.99 49.76
N GLY F 111 55.60 -26.60 48.56
CA GLY F 111 56.87 -25.96 48.36
C GLY F 111 58.02 -26.92 48.16
N ASP F 112 57.79 -28.21 48.28
CA ASP F 112 58.83 -29.22 48.15
C ASP F 112 58.89 -29.82 46.76
N SER F 113 58.15 -29.27 45.80
CA SER F 113 58.25 -29.72 44.43
C SER F 113 59.58 -29.27 43.83
N GLY F 114 60.11 -30.08 42.94
CA GLY F 114 61.38 -29.78 42.31
C GLY F 114 62.61 -30.19 43.08
N ARG F 115 62.46 -30.73 44.28
CA ARG F 115 63.62 -31.15 45.04
C ARG F 115 64.09 -32.51 44.53
N PRO F 116 65.33 -32.63 44.07
CA PRO F 116 65.79 -33.88 43.47
C PRO F 116 66.06 -34.95 44.51
N ILE F 117 66.08 -36.19 44.03
CA ILE F 117 66.45 -37.35 44.84
C ILE F 117 67.79 -37.86 44.35
N LEU F 118 68.76 -37.98 45.27
CA LEU F 118 70.10 -38.41 44.95
C LEU F 118 70.29 -39.88 45.29
N ASP F 119 71.17 -40.54 44.55
CA ASP F 119 71.56 -41.91 44.84
C ASP F 119 72.65 -41.89 45.91
N ASN F 120 73.27 -43.05 46.14
CA ASN F 120 74.41 -43.09 47.06
C ASN F 120 75.58 -42.29 46.54
N GLN F 121 75.79 -42.27 45.22
CA GLN F 121 76.92 -41.58 44.63
C GLN F 121 76.62 -40.13 44.29
N GLY F 122 75.43 -39.63 44.58
CA GLY F 122 75.08 -38.26 44.30
C GLY F 122 74.42 -38.03 42.97
N ARG F 123 74.42 -39.01 42.07
CA ARG F 123 73.72 -38.88 40.81
C ARG F 123 72.21 -38.85 41.05
N VAL F 124 71.54 -37.88 40.47
CA VAL F 124 70.12 -37.68 40.73
C VAL F 124 69.32 -38.72 39.97
N VAL F 125 68.41 -39.40 40.68
CA VAL F 125 67.56 -40.41 40.05
C VAL F 125 66.29 -39.79 39.50
N ALA F 126 65.60 -38.97 40.29
CA ALA F 126 64.35 -38.37 39.86
C ALA F 126 64.07 -37.16 40.74
N ILE F 127 63.13 -36.33 40.28
CA ILE F 127 62.62 -35.20 41.05
C ILE F 127 61.13 -35.41 41.29
N VAL F 128 60.64 -34.81 42.35
CA VAL F 128 59.27 -35.02 42.82
C VAL F 128 58.44 -33.78 42.53
N LEU F 129 57.26 -33.98 41.96
CA LEU F 129 56.30 -32.89 41.74
C LEU F 129 55.33 -32.71 42.88
N GLY F 130 55.02 -33.77 43.60
CA GLY F 130 54.09 -33.70 44.71
C GLY F 130 53.97 -35.06 45.36
N GLY F 131 53.09 -35.13 46.35
CA GLY F 131 52.92 -36.38 47.07
C GLY F 131 51.60 -36.45 47.79
N VAL F 132 51.17 -37.69 48.06
CA VAL F 132 49.95 -37.96 48.81
C VAL F 132 50.26 -39.01 49.86
N ASN F 133 49.87 -38.75 51.10
CA ASN F 133 50.01 -39.74 52.16
C ASN F 133 48.88 -40.75 52.08
N GLU F 134 49.23 -42.03 52.14
CA GLU F 134 48.26 -43.12 52.03
C GLU F 134 48.32 -44.04 53.24
N GLY F 135 48.86 -43.56 54.35
CA GLY F 135 49.04 -44.38 55.53
C GLY F 135 50.37 -44.15 56.22
N SER F 136 51.07 -45.24 56.55
CA SER F 136 52.34 -45.10 57.25
C SER F 136 53.40 -44.41 56.39
N ARG F 137 53.40 -44.66 55.08
CA ARG F 137 54.33 -44.04 54.16
C ARG F 137 53.59 -43.04 53.28
N THR F 138 54.34 -42.34 52.45
CA THR F 138 53.77 -41.31 51.57
C THR F 138 54.40 -41.44 50.19
N ALA F 139 53.60 -41.87 49.23
CA ALA F 139 54.06 -41.90 47.85
C ALA F 139 54.16 -40.49 47.30
N LEU F 140 55.15 -40.29 46.43
CA LEU F 140 55.42 -38.98 45.85
C LEU F 140 55.29 -39.08 44.33
N SER F 141 54.66 -38.08 43.73
CA SER F 141 54.44 -38.06 42.28
C SER F 141 55.72 -37.60 41.61
N VAL F 142 56.64 -38.55 41.46
CA VAL F 142 57.96 -38.28 40.95
C VAL F 142 58.01 -38.57 39.46
N VAL F 143 58.95 -37.90 38.77
CA VAL F 143 59.19 -38.12 37.35
C VAL F 143 60.62 -38.63 37.20
N MET F 144 60.75 -39.83 36.63
CA MET F 144 62.04 -40.49 36.43
C MET F 144 62.39 -40.53 34.95
N TRP F 145 63.64 -40.89 34.67
CA TRP F 145 64.13 -41.04 33.31
C TRP F 145 64.48 -42.50 33.05
N ASN F 146 64.02 -43.00 31.91
CA ASN F 146 64.19 -44.41 31.59
C ASN F 146 65.57 -44.69 31.03
N GLU F 147 65.93 -45.98 31.04
CA GLU F 147 67.26 -46.39 30.59
C GLU F 147 67.46 -46.06 29.11
N LYS F 148 66.39 -46.12 28.32
CA LYS F 148 66.50 -45.80 26.90
C LYS F 148 66.76 -44.32 26.64
N GLY F 149 66.68 -43.49 27.67
CA GLY F 149 66.73 -42.05 27.48
C GLY F 149 65.37 -41.41 27.35
N VAL F 150 64.35 -41.96 28.01
CA VAL F 150 63.00 -41.43 27.93
C VAL F 150 62.63 -40.87 29.30
N THR F 151 61.46 -40.24 29.40
CA THR F 151 61.02 -39.59 30.62
C THR F 151 59.66 -40.15 31.03
N VAL F 152 59.58 -40.67 32.25
CA VAL F 152 58.38 -41.33 32.76
C VAL F 152 58.01 -40.72 34.09
N LYS F 153 56.73 -40.38 34.26
CA LYS F 153 56.22 -39.74 35.48
C LYS F 153 55.25 -40.69 36.18
N TYR F 154 55.73 -41.37 37.20
CA TYR F 154 54.91 -42.27 38.01
C TYR F 154 54.13 -41.44 39.02
N THR F 155 52.83 -41.27 38.77
CA THR F 155 51.98 -40.45 39.61
C THR F 155 51.01 -41.33 40.40
N PRO F 156 51.06 -41.31 41.73
CA PRO F 156 50.03 -42.02 42.50
C PRO F 156 48.68 -41.35 42.33
N GLU F 157 47.63 -42.14 42.54
CA GLU F 157 46.28 -41.64 42.34
C GLU F 157 45.96 -40.51 43.31
N ASN F 158 45.19 -39.53 42.82
CA ASN F 158 44.78 -38.35 43.58
C ASN F 158 45.92 -37.77 44.40
N CYS F 159 47.04 -37.51 43.73
CA CYS F 159 48.17 -36.90 44.39
C CYS F 159 47.87 -35.42 44.68
N GLU F 160 48.65 -34.87 45.61
CA GLU F 160 48.49 -33.49 46.05
C GLU F 160 49.66 -32.67 45.49
N GLN F 161 49.33 -31.54 44.87
CA GLN F 161 50.35 -30.70 44.27
C GLN F 161 51.17 -30.01 45.36
N TRP F 162 52.48 -29.99 45.17
CA TRP F 162 53.38 -29.39 46.14
C TRP F 162 54.20 -28.28 45.50
N TYR G 1 -21.54 56.70 37.49
CA TYR G 1 -20.85 55.77 38.37
C TYR G 1 -19.76 55.04 37.62
N GLU G 2 -18.56 55.03 38.18
CA GLU G 2 -17.41 54.43 37.51
C GLU G 2 -17.49 52.92 37.56
N HIS G 3 -17.26 52.28 36.41
CA HIS G 3 -17.21 50.83 36.31
C HIS G 3 -16.50 50.46 35.02
N ALA G 4 -15.52 49.58 35.11
CA ALA G 4 -14.71 49.19 33.97
C ALA G 4 -14.83 47.68 33.74
N THR G 5 -15.08 47.31 32.49
CA THR G 5 -15.26 45.91 32.12
C THR G 5 -14.63 45.67 30.75
N THR G 6 -14.13 44.46 30.54
CA THR G 6 -13.59 44.07 29.25
C THR G 6 -14.28 42.80 28.80
N MET G 7 -14.55 42.71 27.50
CA MET G 7 -15.20 41.55 26.94
C MET G 7 -14.45 41.08 25.70
N PRO G 8 -14.43 39.77 25.45
CA PRO G 8 -13.73 39.27 24.26
C PRO G 8 -14.35 39.84 22.99
N SER G 9 -13.48 40.17 22.03
CA SER G 9 -13.91 40.84 20.81
C SER G 9 -14.39 39.81 19.80
N GLN G 10 -15.54 39.21 20.11
CA GLN G 10 -16.18 38.24 19.24
C GLN G 10 -17.65 38.59 19.09
N ALA G 11 -18.15 38.51 17.86
CA ALA G 11 -19.54 38.81 17.57
C ALA G 11 -20.41 37.56 17.74
N GLY G 12 -21.70 37.80 17.94
CA GLY G 12 -22.66 36.72 18.09
C GLY G 12 -22.83 36.21 19.51
N ILE G 13 -22.06 36.73 20.46
CA ILE G 13 -22.15 36.30 21.85
C ILE G 13 -22.58 37.50 22.69
N SER G 14 -23.62 37.32 23.49
CA SER G 14 -24.05 38.36 24.42
C SER G 14 -23.27 38.22 25.72
N TYR G 15 -22.74 39.35 26.20
CA TYR G 15 -21.97 39.39 27.43
C TYR G 15 -22.87 39.88 28.56
N ASN G 16 -22.93 39.11 29.64
CA ASN G 16 -23.80 39.41 30.77
C ASN G 16 -22.97 39.80 31.98
N THR G 17 -23.32 40.92 32.60
CA THR G 17 -22.72 41.36 33.85
C THR G 17 -23.71 42.30 34.53
N ILE G 18 -23.40 42.65 35.77
CA ILE G 18 -24.26 43.51 36.58
C ILE G 18 -23.41 44.60 37.22
N VAL G 19 -23.92 45.83 37.22
CA VAL G 19 -23.34 46.92 37.99
C VAL G 19 -24.14 47.02 39.28
N ASN G 20 -23.50 46.65 40.40
CA ASN G 20 -24.16 46.61 41.69
C ASN G 20 -23.41 47.48 42.69
N ARG G 21 -24.16 48.22 43.48
CA ARG G 21 -23.62 49.05 44.54
C ARG G 21 -24.15 48.58 45.89
N ALA G 22 -23.38 48.86 46.95
CA ALA G 22 -23.76 48.40 48.28
C ALA G 22 -25.09 48.99 48.72
N GLY G 23 -25.33 50.26 48.44
CA GLY G 23 -26.58 50.90 48.79
C GLY G 23 -27.71 50.56 47.84
N TYR G 24 -27.49 50.78 46.55
CA TYR G 24 -28.53 50.55 45.57
C TYR G 24 -28.64 49.05 45.25
N ALA G 25 -29.66 48.71 44.46
CA ALA G 25 -29.85 47.36 43.97
C ALA G 25 -28.92 47.08 42.78
N PRO G 26 -28.55 45.81 42.57
CA PRO G 26 -27.75 45.47 41.38
C PRO G 26 -28.48 45.83 40.09
N LEU G 27 -27.72 46.33 39.12
CA LEU G 27 -28.27 46.73 37.83
C LEU G 27 -27.72 45.82 36.74
N PRO G 28 -28.56 45.02 36.08
CA PRO G 28 -28.06 44.22 34.96
C PRO G 28 -27.66 45.08 33.79
N ILE G 29 -26.55 44.72 33.15
CA ILE G 29 -26.06 45.38 31.95
C ILE G 29 -25.72 44.32 30.92
N SER G 30 -26.25 44.46 29.72
CA SER G 30 -26.08 43.49 28.65
C SER G 30 -25.47 44.17 27.44
N ILE G 31 -24.39 43.57 26.92
CA ILE G 31 -23.73 44.03 25.71
C ILE G 31 -23.57 42.86 24.76
N THR G 32 -23.95 43.06 23.50
CA THR G 32 -23.79 42.05 22.47
C THR G 32 -23.26 42.72 21.22
N PRO G 33 -21.95 42.63 20.95
CA PRO G 33 -21.41 43.23 19.73
C PRO G 33 -21.92 42.53 18.50
N THR G 34 -22.89 43.15 17.81
CA THR G 34 -23.46 42.53 16.63
C THR G 34 -22.46 42.49 15.48
N LYS G 35 -21.68 43.56 15.33
CA LYS G 35 -20.71 43.68 14.25
C LYS G 35 -19.52 44.49 14.73
N ILE G 36 -18.32 44.02 14.42
CA ILE G 36 -17.09 44.74 14.74
C ILE G 36 -16.30 44.91 13.44
N LYS G 37 -15.90 46.15 13.17
CA LYS G 37 -15.37 46.52 11.87
C LYS G 37 -14.01 47.19 12.02
N LEU G 38 -13.11 46.90 11.09
CA LEU G 38 -11.74 47.45 11.10
C LEU G 38 -11.46 48.04 9.73
N ILE G 39 -11.39 49.36 9.65
CA ILE G 39 -11.18 50.07 8.39
C ILE G 39 -9.76 50.63 8.39
N PRO G 40 -8.87 50.10 7.56
CA PRO G 40 -7.55 50.71 7.41
C PRO G 40 -7.63 52.05 6.68
N THR G 41 -6.64 52.91 6.95
CA THR G 41 -6.51 54.16 6.23
C THR G 41 -5.81 53.86 4.92
N VAL G 42 -6.59 53.70 3.86
CA VAL G 42 -6.07 53.34 2.56
C VAL G 42 -5.59 54.59 1.83
N ASN G 43 -4.82 54.39 0.77
CA ASN G 43 -4.36 55.48 -0.08
C ASN G 43 -4.22 54.96 -1.50
N LEU G 44 -5.07 55.45 -2.40
CA LEU G 44 -5.05 55.03 -3.79
C LEU G 44 -3.77 55.53 -4.44
N GLU G 45 -2.83 54.63 -4.71
CA GLU G 45 -1.58 55.06 -5.32
C GLU G 45 -1.71 55.18 -6.84
N TYR G 46 -2.09 54.10 -7.51
CA TYR G 46 -2.27 54.14 -8.95
C TYR G 46 -3.25 53.05 -9.37
N VAL G 47 -3.72 53.16 -10.62
CA VAL G 47 -4.68 52.23 -11.19
C VAL G 47 -4.06 51.59 -12.41
N THR G 48 -4.16 50.26 -12.49
CA THR G 48 -3.63 49.50 -13.60
C THR G 48 -4.73 48.61 -14.17
N CYS G 49 -4.59 48.27 -15.44
CA CYS G 49 -5.60 47.51 -16.16
C CYS G 49 -4.95 46.91 -17.39
N HIS G 50 -5.76 46.37 -18.28
CA HIS G 50 -5.25 45.93 -19.57
C HIS G 50 -4.83 47.14 -20.39
N TYR G 51 -4.11 46.88 -21.47
CA TYR G 51 -3.65 47.95 -22.35
C TYR G 51 -3.94 47.59 -23.80
N LYS G 52 -4.31 48.61 -24.57
CA LYS G 52 -4.50 48.48 -26.01
C LYS G 52 -3.29 49.11 -26.70
N THR G 53 -2.56 48.29 -27.47
CA THR G 53 -1.41 48.80 -28.20
C THR G 53 -1.85 49.80 -29.24
N GLY G 54 -1.14 50.92 -29.32
CA GLY G 54 -1.43 51.94 -30.31
C GLY G 54 -0.43 52.01 -31.43
N MET G 55 -0.78 51.44 -32.60
CA MET G 55 0.07 51.49 -33.78
C MET G 55 -0.62 52.35 -34.83
N ASP G 56 0.07 53.40 -35.27
CA ASP G 56 -0.48 54.31 -36.25
C ASP G 56 -0.32 53.75 -37.66
N SER G 57 -0.98 54.40 -38.60
CA SER G 57 -0.93 53.96 -39.99
C SER G 57 0.49 54.10 -40.51
N PRO G 58 1.03 53.10 -41.20
CA PRO G 58 2.40 53.21 -41.72
C PRO G 58 2.55 54.39 -42.67
N ALA G 59 3.68 55.06 -42.56
CA ALA G 59 4.06 56.13 -43.48
C ALA G 59 5.19 55.60 -44.36
N ILE G 60 4.96 55.61 -45.66
CA ILE G 60 5.90 55.05 -46.63
C ILE G 60 6.35 56.15 -47.57
N LYS G 61 7.66 56.27 -47.75
CA LYS G 61 8.24 57.22 -48.71
C LYS G 61 8.57 56.44 -49.97
N CYS G 62 7.64 56.43 -50.92
CA CYS G 62 7.86 55.74 -52.18
C CYS G 62 8.91 56.47 -53.01
N CYS G 63 9.87 55.72 -53.52
CA CYS G 63 10.93 56.26 -54.37
C CYS G 63 11.67 57.40 -53.67
N GLY G 64 11.93 57.24 -52.38
CA GLY G 64 12.60 58.28 -51.63
C GLY G 64 13.04 57.79 -50.27
N SER G 65 13.50 58.74 -49.46
CA SER G 65 13.98 58.47 -48.12
C SER G 65 13.15 59.25 -47.11
N GLN G 66 12.95 58.65 -45.94
CA GLN G 66 12.21 59.31 -44.86
C GLN G 66 12.71 58.80 -43.53
N GLU G 67 12.60 59.65 -42.50
CA GLU G 67 13.02 59.32 -41.15
C GLU G 67 11.90 59.62 -40.16
N CYS G 68 11.91 58.88 -39.06
CA CYS G 68 10.90 59.04 -38.02
C CYS G 68 11.09 60.33 -37.23
N THR G 69 9.98 60.95 -36.85
CA THR G 69 10.01 62.15 -36.02
C THR G 69 9.83 61.75 -34.56
N PRO G 70 10.76 62.08 -33.68
CA PRO G 70 10.60 61.68 -32.27
C PRO G 70 9.47 62.44 -31.59
N THR G 71 8.32 61.79 -31.44
CA THR G 71 7.19 62.34 -30.72
C THR G 71 7.09 61.65 -29.36
N TYR G 72 6.10 62.06 -28.58
CA TYR G 72 5.95 61.59 -27.21
C TYR G 72 4.66 60.79 -27.08
N ARG G 73 4.81 59.50 -26.86
CA ARG G 73 3.71 58.59 -26.55
C ARG G 73 4.21 57.59 -25.52
N PRO G 74 3.32 57.03 -24.71
CA PRO G 74 3.77 56.08 -23.68
C PRO G 74 4.46 54.86 -24.28
N ASP G 75 5.74 54.67 -23.91
CA ASP G 75 6.56 53.58 -24.43
C ASP G 75 6.56 53.58 -25.95
N GLU G 76 6.62 54.77 -26.54
CA GLU G 76 6.56 54.91 -27.98
C GLU G 76 7.85 54.47 -28.63
N GLN G 77 7.74 53.74 -29.74
CA GLN G 77 8.89 53.34 -30.54
C GLN G 77 8.62 53.67 -31.99
N CYS G 78 9.60 54.28 -32.64
CA CYS G 78 9.52 54.60 -34.07
C CYS G 78 10.70 53.98 -34.79
N LYS G 79 10.44 53.33 -35.92
CA LYS G 79 11.46 52.66 -36.69
C LYS G 79 11.25 52.95 -38.17
N VAL G 80 12.36 52.99 -38.90
CA VAL G 80 12.35 53.25 -40.33
C VAL G 80 12.91 52.03 -41.05
N PHE G 81 12.16 51.52 -42.02
CA PHE G 81 12.53 50.30 -42.74
C PHE G 81 12.69 50.61 -44.21
N THR G 82 13.83 50.22 -44.77
CA THR G 82 14.20 50.54 -46.14
C THR G 82 14.18 49.27 -46.99
N GLY G 83 14.24 49.48 -48.30
CA GLY G 83 14.21 48.37 -49.25
C GLY G 83 12.93 47.57 -49.17
N VAL G 84 11.80 48.24 -49.01
CA VAL G 84 10.51 47.58 -48.80
C VAL G 84 9.61 47.88 -49.99
N TYR G 85 9.10 46.84 -50.63
CA TYR G 85 8.26 46.97 -51.81
C TYR G 85 6.82 46.66 -51.43
N PRO G 86 6.04 47.65 -51.02
CA PRO G 86 4.67 47.36 -50.60
C PRO G 86 3.82 46.85 -51.76
N PHE G 87 2.85 46.01 -51.40
CA PHE G 87 1.94 45.41 -52.37
C PHE G 87 0.52 45.59 -51.84
N MET G 88 -0.38 46.04 -52.72
CA MET G 88 -1.76 46.28 -52.35
C MET G 88 -2.69 45.51 -53.27
N TRP G 89 -3.99 45.58 -52.95
CA TRP G 89 -4.99 44.96 -53.81
C TRP G 89 -5.02 45.62 -55.18
N GLY G 90 -4.78 46.92 -55.25
CA GLY G 90 -4.71 47.61 -56.52
C GLY G 90 -3.31 47.61 -57.10
N GLY G 91 -2.67 46.45 -57.09
CA GLY G 91 -1.33 46.34 -57.63
C GLY G 91 -0.28 46.82 -56.65
N ALA G 92 0.95 46.93 -57.15
CA ALA G 92 2.04 47.42 -56.33
C ALA G 92 1.88 48.91 -56.07
N TYR G 93 1.94 49.30 -54.79
CA TYR G 93 1.79 50.70 -54.42
C TYR G 93 2.97 51.54 -54.91
N CYS G 94 4.19 51.03 -54.74
CA CYS G 94 5.41 51.73 -55.10
C CYS G 94 6.17 50.90 -56.12
N PHE G 95 6.63 51.54 -57.21
CA PHE G 95 7.30 50.84 -58.29
C PHE G 95 8.83 50.93 -58.22
N CYS G 96 9.39 51.60 -57.23
CA CYS G 96 10.84 51.64 -57.06
C CYS G 96 11.28 50.50 -56.15
N ASP G 97 12.34 49.79 -56.56
CA ASP G 97 12.84 48.67 -55.77
C ASP G 97 13.50 49.16 -54.48
N THR G 98 14.44 50.08 -54.60
CA THR G 98 15.04 50.72 -53.45
C THR G 98 14.41 52.09 -53.24
N GLU G 99 15.01 52.88 -52.36
CA GLU G 99 14.47 54.19 -51.96
C GLU G 99 13.03 54.05 -51.47
N ASN G 100 12.79 53.06 -50.62
CA ASN G 100 11.47 52.82 -50.04
C ASN G 100 11.65 52.73 -48.53
N THR G 101 11.59 53.87 -47.87
CA THR G 101 11.66 53.93 -46.41
C THR G 101 10.26 53.84 -45.84
N GLN G 102 10.08 52.93 -44.88
CA GLN G 102 8.80 52.70 -44.22
C GLN G 102 8.89 53.22 -42.80
N VAL G 103 7.97 54.10 -42.43
CA VAL G 103 7.95 54.74 -41.11
C VAL G 103 6.86 54.07 -40.29
N SER G 104 7.26 53.39 -39.22
CA SER G 104 6.33 52.69 -38.34
C SER G 104 6.53 53.21 -36.92
N LYS G 105 5.45 53.73 -36.34
CA LYS G 105 5.47 54.20 -34.95
C LYS G 105 4.37 53.48 -34.20
N ALA G 106 4.69 52.99 -33.00
CA ALA G 106 3.72 52.26 -32.20
C ALA G 106 3.95 52.59 -30.74
N TYR G 107 2.87 52.64 -29.97
CA TYR G 107 2.94 52.93 -28.55
C TYR G 107 1.85 52.16 -27.83
N VAL G 108 1.63 52.51 -26.57
CA VAL G 108 0.72 51.79 -25.68
C VAL G 108 -0.35 52.75 -25.20
N MET G 109 -1.60 52.34 -25.31
CA MET G 109 -2.74 53.08 -24.79
C MET G 109 -3.46 52.21 -23.76
N LYS G 110 -3.99 52.85 -22.73
CA LYS G 110 -4.78 52.11 -21.75
C LYS G 110 -6.02 51.53 -22.42
N SER G 111 -6.44 50.36 -21.95
CA SER G 111 -7.52 49.65 -22.61
C SER G 111 -8.82 50.43 -22.55
N ASP G 112 -9.68 50.20 -23.54
CA ASP G 112 -10.95 50.91 -23.61
C ASP G 112 -11.82 50.63 -22.39
N ASP G 113 -11.85 49.37 -21.96
CA ASP G 113 -12.64 48.96 -20.82
C ASP G 113 -11.92 49.17 -19.49
N CYS G 114 -10.85 49.97 -19.49
CA CYS G 114 -10.15 50.23 -18.24
C CYS G 114 -11.02 50.98 -17.25
N LEU G 115 -12.01 51.73 -17.75
CA LEU G 115 -12.90 52.46 -16.85
C LEU G 115 -13.69 51.51 -15.98
N ALA G 116 -14.20 50.42 -16.56
CA ALA G 116 -15.00 49.46 -15.82
C ALA G 116 -14.13 48.41 -15.14
N ASP G 117 -13.31 47.72 -15.91
CA ASP G 117 -12.42 46.69 -15.39
C ASP G 117 -11.04 47.27 -15.17
N HIS G 118 -10.58 47.24 -13.93
CA HIS G 118 -9.25 47.73 -13.60
C HIS G 118 -8.89 47.28 -12.19
N ALA G 119 -7.59 47.27 -11.90
CA ALA G 119 -7.08 46.93 -10.58
C ALA G 119 -6.43 48.17 -9.98
N GLU G 120 -6.69 48.41 -8.70
CA GLU G 120 -6.22 49.60 -8.00
C GLU G 120 -5.31 49.19 -6.86
N ALA G 121 -4.15 49.84 -6.78
CA ALA G 121 -3.18 49.58 -5.73
C ALA G 121 -3.35 50.62 -4.64
N TYR G 122 -3.37 50.18 -3.38
CA TYR G 122 -3.56 51.06 -2.25
C TYR G 122 -2.44 50.89 -1.24
N LYS G 123 -2.16 51.97 -0.51
CA LYS G 123 -1.23 51.96 0.60
C LYS G 123 -2.04 51.93 1.87
N ALA G 124 -2.07 50.77 2.53
CA ALA G 124 -2.93 50.54 3.68
C ALA G 124 -2.11 50.59 4.96
N HIS G 125 -2.59 51.36 5.94
CA HIS G 125 -1.89 51.53 7.19
C HIS G 125 -2.85 52.12 8.23
N THR G 126 -2.50 51.93 9.50
CA THR G 126 -3.16 52.59 10.64
C THR G 126 -4.67 52.33 10.62
N ALA G 127 -5.02 51.06 10.75
CA ALA G 127 -6.42 50.66 10.71
C ALA G 127 -7.18 51.22 11.91
N SER G 128 -8.40 51.71 11.65
CA SER G 128 -9.30 52.19 12.68
C SER G 128 -10.34 51.13 13.00
N VAL G 129 -10.71 51.03 14.28
CA VAL G 129 -11.58 49.96 14.76
C VAL G 129 -12.94 50.56 15.10
N GLN G 130 -14.00 49.92 14.60
CA GLN G 130 -15.36 50.34 14.89
C GLN G 130 -16.17 49.11 15.27
N ALA G 131 -17.25 49.32 16.02
CA ALA G 131 -18.06 48.20 16.47
C ALA G 131 -19.49 48.66 16.69
N PHE G 132 -20.42 47.73 16.50
CA PHE G 132 -21.83 47.97 16.74
C PHE G 132 -22.24 47.21 17.99
N LEU G 133 -22.78 47.93 18.97
CA LEU G 133 -23.17 47.35 20.24
C LEU G 133 -24.67 47.45 20.43
N ASN G 134 -25.31 46.33 20.75
CA ASN G 134 -26.73 46.30 21.08
C ASN G 134 -26.81 46.26 22.61
N ILE G 135 -26.60 47.41 23.22
CA ILE G 135 -26.44 47.52 24.66
C ILE G 135 -27.80 47.61 25.32
N THR G 136 -27.96 46.90 26.44
CA THR G 136 -29.20 46.93 27.21
C THR G 136 -28.82 47.01 28.69
N VAL G 137 -28.93 48.22 29.26
CA VAL G 137 -28.67 48.45 30.67
C VAL G 137 -29.93 48.97 31.32
N GLY G 138 -30.41 48.26 32.34
CA GLY G 138 -31.65 48.67 33.00
C GLY G 138 -32.85 48.66 32.09
N GLU G 139 -32.99 47.61 31.27
CA GLU G 139 -34.08 47.50 30.31
C GLU G 139 -34.12 48.70 29.37
N HIS G 140 -32.94 49.17 28.97
CA HIS G 140 -32.80 50.24 27.98
C HIS G 140 -32.04 49.63 26.81
N SER G 141 -32.77 48.93 25.95
CA SER G 141 -32.15 48.27 24.80
C SER G 141 -31.71 49.32 23.80
N ILE G 142 -30.40 49.53 23.70
CA ILE G 142 -29.84 50.55 22.84
C ILE G 142 -28.89 49.88 21.86
N VAL G 143 -29.19 50.02 20.57
CA VAL G 143 -28.32 49.51 19.51
C VAL G 143 -27.70 50.72 18.83
N THR G 144 -26.38 50.78 18.84
CA THR G 144 -25.67 51.94 18.35
C THR G 144 -24.26 51.52 17.95
N THR G 145 -23.62 52.38 17.17
CA THR G 145 -22.26 52.16 16.71
C THR G 145 -21.32 52.99 17.56
N VAL G 146 -20.28 52.35 18.09
CA VAL G 146 -19.34 52.98 19.00
C VAL G 146 -17.94 52.77 18.46
N TYR G 147 -17.19 53.86 18.29
CA TYR G 147 -15.82 53.75 17.83
C TYR G 147 -14.94 53.15 18.92
N VAL G 148 -14.14 52.15 18.55
CA VAL G 148 -13.29 51.47 19.53
C VAL G 148 -12.09 52.31 19.93
N ASN G 149 -11.94 53.51 19.38
CA ASN G 149 -10.91 54.41 19.86
C ASN G 149 -11.13 54.72 21.34
N GLY G 150 -10.04 54.84 22.08
CA GLY G 150 -10.13 54.90 23.54
C GLY G 150 -10.92 56.08 24.07
N GLU G 151 -10.82 57.23 23.40
CA GLU G 151 -11.37 58.48 23.93
C GLU G 151 -12.64 58.93 23.23
N THR G 152 -13.42 58.02 22.66
CA THR G 152 -14.66 58.38 22.01
C THR G 152 -15.84 57.93 22.86
N PRO G 153 -16.61 58.83 23.47
CA PRO G 153 -17.74 58.42 24.30
C PRO G 153 -19.05 58.34 23.52
N VAL G 154 -19.97 57.56 24.07
CA VAL G 154 -21.34 57.44 23.55
C VAL G 154 -22.30 57.67 24.70
N ASN G 155 -23.22 58.62 24.52
CA ASN G 155 -24.12 59.04 25.59
C ASN G 155 -25.56 58.69 25.24
N PHE G 156 -26.23 58.00 26.16
CA PHE G 156 -27.66 57.73 26.03
C PHE G 156 -28.22 57.56 27.43
N ASN G 157 -29.37 58.19 27.69
CA ASN G 157 -30.01 58.15 29.00
C ASN G 157 -29.05 58.62 30.09
N GLY G 158 -28.17 59.55 29.72
CA GLY G 158 -27.17 60.03 30.65
C GLY G 158 -26.04 59.07 30.93
N VAL G 159 -25.97 57.97 30.20
CA VAL G 159 -24.95 56.95 30.42
C VAL G 159 -23.79 57.21 29.47
N LYS G 160 -22.62 57.49 30.03
CA LYS G 160 -21.42 57.74 29.24
C LYS G 160 -20.59 56.47 29.22
N ILE G 161 -20.37 55.93 28.02
CA ILE G 161 -19.63 54.70 27.83
C ILE G 161 -18.55 54.94 26.78
N THR G 162 -17.38 54.36 27.00
CA THR G 162 -16.26 54.49 26.08
C THR G 162 -15.73 53.10 25.75
N ALA G 163 -15.07 52.98 24.60
CA ALA G 163 -14.63 51.71 24.08
C ALA G 163 -13.12 51.73 23.82
N GLY G 164 -12.52 50.54 23.87
CA GLY G 164 -11.12 50.39 23.54
C GLY G 164 -10.19 50.92 24.62
N PRO G 165 -8.90 51.05 24.28
CA PRO G 165 -8.34 50.69 22.98
C PRO G 165 -8.14 49.18 22.82
N LEU G 166 -7.95 48.73 21.58
CA LEU G 166 -7.81 47.31 21.31
C LEU G 166 -6.54 46.75 21.96
N SER G 167 -6.66 45.53 22.49
CA SER G 167 -5.53 44.91 23.16
C SER G 167 -4.37 44.67 22.21
N THR G 168 -4.65 44.25 20.99
CA THR G 168 -3.63 43.92 20.01
C THR G 168 -3.73 44.85 18.81
N ALA G 169 -2.58 45.24 18.26
CA ALA G 169 -2.51 46.09 17.09
C ALA G 169 -2.39 45.31 15.79
N TRP G 170 -2.59 44.00 15.83
CA TRP G 170 -2.48 43.19 14.62
C TRP G 170 -3.53 43.59 13.59
N THR G 171 -3.13 43.63 12.33
CA THR G 171 -4.03 43.97 11.24
C THR G 171 -3.90 42.94 10.14
N PRO G 172 -5.02 42.39 9.65
CA PRO G 172 -4.95 41.47 8.51
C PRO G 172 -4.35 42.10 7.28
N PHE G 173 -4.58 43.39 7.07
CA PHE G 173 -4.00 44.08 5.94
C PHE G 173 -2.52 44.34 6.16
N ASP G 174 -1.78 44.40 5.05
CA ASP G 174 -0.38 44.76 5.05
C ASP G 174 -0.19 46.14 4.44
N ARG G 175 1.07 46.56 4.28
CA ARG G 175 1.37 47.90 3.81
C ARG G 175 0.85 48.13 2.40
N LYS G 176 1.03 47.16 1.52
CA LYS G 176 0.61 47.26 0.13
C LYS G 176 -0.51 46.27 -0.14
N ILE G 177 -1.64 46.76 -0.64
CA ILE G 177 -2.78 45.93 -0.98
C ILE G 177 -3.23 46.28 -2.39
N VAL G 178 -3.88 45.31 -3.04
CA VAL G 178 -4.44 45.50 -4.37
C VAL G 178 -5.90 45.09 -4.31
N GLN G 179 -6.78 46.00 -4.70
CA GLN G 179 -8.21 45.76 -4.68
C GLN G 179 -8.68 45.55 -6.10
N TYR G 180 -9.27 44.38 -6.36
CA TYR G 180 -9.72 44.05 -7.70
C TYR G 180 -10.86 43.05 -7.63
N ALA G 181 -11.84 43.23 -8.51
CA ALA G 181 -12.97 42.32 -8.65
C ALA G 181 -13.67 42.11 -7.31
N GLY G 182 -13.75 43.19 -6.52
CA GLY G 182 -14.33 43.07 -5.20
C GLY G 182 -13.51 42.25 -4.24
N GLU G 183 -12.22 42.07 -4.51
CA GLU G 183 -11.35 41.28 -3.65
C GLU G 183 -10.07 42.05 -3.41
N ILE G 184 -9.48 41.84 -2.23
CA ILE G 184 -8.25 42.50 -1.84
C ILE G 184 -7.16 41.44 -1.73
N TYR G 185 -6.03 41.69 -2.37
CA TYR G 185 -4.92 40.76 -2.39
C TYR G 185 -3.70 41.44 -1.75
N ASN G 186 -3.04 40.75 -0.83
CA ASN G 186 -1.88 41.31 -0.13
C ASN G 186 -0.63 41.16 -0.98
N TYR G 187 -0.71 41.69 -2.19
CA TYR G 187 0.29 41.48 -3.22
C TYR G 187 1.18 42.72 -3.31
N ASP G 188 2.49 42.52 -3.15
CA ASP G 188 3.43 43.62 -3.29
C ASP G 188 3.53 44.03 -4.76
N PHE G 189 3.48 45.34 -4.99
CA PHE G 189 3.44 45.89 -6.33
C PHE G 189 4.50 46.97 -6.50
N PRO G 190 5.01 47.15 -7.72
CA PRO G 190 5.93 48.25 -7.97
C PRO G 190 5.23 49.58 -7.79
N GLU G 191 6.01 50.57 -7.35
CA GLU G 191 5.47 51.91 -7.21
C GLU G 191 5.36 52.56 -8.59
N TYR G 192 4.78 53.76 -8.62
CA TYR G 192 4.44 54.38 -9.89
C TYR G 192 5.70 54.61 -10.72
N GLY G 193 5.59 54.29 -12.00
CA GLY G 193 6.68 54.48 -12.93
C GLY G 193 7.77 53.43 -12.86
N ALA G 194 7.61 52.41 -12.04
CA ALA G 194 8.64 51.40 -11.86
C ALA G 194 8.20 50.01 -12.29
N GLY G 195 7.12 49.90 -13.05
CA GLY G 195 6.68 48.59 -13.51
C GLY G 195 7.58 48.04 -14.59
N GLN G 196 7.50 46.72 -14.77
CA GLN G 196 8.27 45.99 -15.75
C GLN G 196 7.36 45.10 -16.58
N PRO G 197 7.70 44.86 -17.84
CA PRO G 197 6.84 44.04 -18.69
C PRO G 197 6.69 42.64 -18.14
N GLY G 198 5.50 42.08 -18.33
CA GLY G 198 5.20 40.73 -17.88
C GLY G 198 4.80 40.62 -16.42
N ALA G 199 4.70 41.72 -15.70
CA ALA G 199 4.34 41.69 -14.29
C ALA G 199 3.30 42.77 -14.01
N PHE G 200 2.73 42.71 -12.81
CA PHE G 200 1.75 43.71 -12.39
C PHE G 200 2.39 45.09 -12.39
N GLY G 201 1.66 46.07 -12.91
CA GLY G 201 2.16 47.42 -13.00
C GLY G 201 2.89 47.77 -14.27
N ASP G 202 2.80 46.93 -15.31
CA ASP G 202 3.40 47.29 -16.59
C ASP G 202 2.77 48.54 -17.15
N ILE G 203 1.52 48.81 -16.81
CA ILE G 203 0.86 50.06 -17.10
C ILE G 203 0.46 50.67 -15.76
N GLN G 204 0.92 51.90 -15.50
CA GLN G 204 0.63 52.58 -14.26
C GLN G 204 0.00 53.94 -14.55
N SER G 205 -1.15 54.20 -13.95
CA SER G 205 -1.86 55.47 -14.10
C SER G 205 -2.24 55.98 -12.72
N ARG G 206 -1.95 57.26 -12.46
CA ARG G 206 -2.26 57.83 -11.16
C ARG G 206 -3.75 57.77 -10.87
N THR G 207 -4.58 57.98 -11.87
CA THR G 207 -6.02 57.90 -11.72
C THR G 207 -6.62 57.15 -12.90
N VAL G 208 -7.86 56.68 -12.71
CA VAL G 208 -8.58 56.01 -13.78
C VAL G 208 -8.78 56.95 -14.96
N SER G 209 -9.17 58.19 -14.68
CA SER G 209 -9.37 59.20 -15.71
C SER G 209 -8.13 60.03 -15.98
N SER G 210 -7.02 59.75 -15.31
CA SER G 210 -5.78 60.48 -15.58
C SER G 210 -5.23 60.07 -16.95
N SER G 211 -4.92 61.08 -17.77
CA SER G 211 -4.40 60.79 -19.10
C SER G 211 -2.98 60.25 -19.03
N ASP G 212 -2.17 60.76 -18.12
CA ASP G 212 -0.78 60.34 -18.03
C ASP G 212 -0.69 58.91 -17.51
N LEU G 213 0.21 58.14 -18.12
CA LEU G 213 0.41 56.77 -17.70
C LEU G 213 1.82 56.35 -18.06
N TYR G 214 2.39 55.48 -17.23
CA TYR G 214 3.73 54.93 -17.45
C TYR G 214 3.59 53.58 -18.13
N ALA G 215 4.21 53.44 -19.29
CA ALA G 215 4.13 52.22 -20.07
C ALA G 215 5.53 51.61 -20.19
N ASN G 216 5.66 50.35 -19.77
CA ASN G 216 6.92 49.62 -19.87
C ASN G 216 6.56 48.19 -20.27
N THR G 217 6.56 47.94 -21.58
CA THR G 217 6.15 46.64 -22.11
C THR G 217 7.23 45.98 -22.94
N ASN G 218 8.45 46.53 -22.95
CA ASN G 218 9.53 46.03 -23.80
C ASN G 218 9.08 45.95 -25.25
N LEU G 219 8.34 46.96 -25.69
CA LEU G 219 7.79 46.97 -27.03
C LEU G 219 8.91 47.20 -28.04
N VAL G 220 9.11 46.25 -28.94
CA VAL G 220 10.17 46.33 -29.94
C VAL G 220 9.58 45.96 -31.29
N LEU G 221 9.92 46.75 -32.30
CA LEU G 221 9.46 46.52 -33.66
C LEU G 221 10.42 45.59 -34.39
N GLN G 222 9.89 44.85 -35.35
CA GLN G 222 10.68 43.98 -36.22
C GLN G 222 10.50 44.41 -37.67
N ARG G 223 11.14 43.68 -38.56
CA ARG G 223 11.08 44.00 -39.98
C ARG G 223 9.70 43.64 -40.54
N PRO G 224 9.02 44.56 -41.23
CA PRO G 224 7.80 44.20 -41.93
C PRO G 224 8.08 43.18 -43.02
N LYS G 225 7.12 42.28 -43.22
CA LYS G 225 7.25 41.27 -44.25
C LYS G 225 7.16 41.90 -45.63
N ALA G 226 8.00 41.44 -46.55
CA ALA G 226 8.01 42.00 -47.90
C ALA G 226 6.67 41.78 -48.58
N GLY G 227 6.18 42.81 -49.27
CA GLY G 227 4.91 42.74 -49.95
C GLY G 227 3.70 42.95 -49.08
N ALA G 228 3.89 43.28 -47.80
CA ALA G 228 2.80 43.47 -46.87
C ALA G 228 2.99 44.76 -46.11
N ILE G 229 1.87 45.38 -45.73
CA ILE G 229 1.86 46.63 -44.99
C ILE G 229 1.22 46.38 -43.63
N HIS G 230 1.96 46.67 -42.58
CA HIS G 230 1.49 46.48 -41.21
C HIS G 230 2.51 47.10 -40.27
N VAL G 231 2.27 46.94 -38.97
CA VAL G 231 3.25 47.32 -37.96
C VAL G 231 3.69 46.06 -37.23
N PRO G 232 4.84 45.49 -37.59
CA PRO G 232 5.30 44.27 -36.91
C PRO G 232 5.94 44.57 -35.57
N TYR G 233 5.20 44.33 -34.49
CA TYR G 233 5.65 44.62 -33.14
C TYR G 233 5.56 43.36 -32.29
N THR G 234 6.54 43.19 -31.42
CA THR G 234 6.54 42.11 -30.44
C THR G 234 6.72 42.72 -29.06
N GLN G 235 5.90 42.29 -28.11
CA GLN G 235 5.95 42.83 -26.76
C GLN G 235 5.50 41.76 -25.78
N ALA G 236 5.84 41.96 -24.51
CA ALA G 236 5.46 41.01 -23.49
C ALA G 236 3.95 40.98 -23.33
N PRO G 237 3.38 39.85 -22.92
CA PRO G 237 1.96 39.79 -22.63
C PRO G 237 1.62 40.71 -21.46
N SER G 238 0.33 41.01 -21.33
CA SER G 238 -0.11 41.96 -20.32
C SER G 238 0.21 41.44 -18.92
N GLY G 239 1.03 42.20 -18.20
CA GLY G 239 1.35 41.80 -16.84
C GLY G 239 0.12 41.77 -15.95
N PHE G 240 -0.83 42.67 -16.22
CA PHE G 240 -2.12 42.61 -15.56
C PHE G 240 -2.80 41.28 -15.87
N GLU G 241 -2.79 40.89 -17.14
CA GLU G 241 -3.37 39.62 -17.53
C GLU G 241 -2.64 38.46 -16.87
N GLN G 242 -1.30 38.52 -16.80
CA GLN G 242 -0.55 37.45 -16.18
C GLN G 242 -0.90 37.32 -14.70
N TRP G 243 -1.00 38.45 -14.00
CA TRP G 243 -1.37 38.39 -12.59
C TRP G 243 -2.76 37.81 -12.42
N LYS G 244 -3.67 38.17 -13.34
CA LYS G 244 -5.00 37.58 -13.29
C LYS G 244 -4.94 36.07 -13.48
N LYS G 245 -4.11 35.60 -14.41
CA LYS G 245 -3.96 34.17 -14.63
C LYS G 245 -3.42 33.48 -13.39
N ASP G 246 -2.44 34.08 -12.73
CA ASP G 246 -1.98 33.57 -11.46
C ASP G 246 -3.11 33.61 -10.45
N LYS G 247 -3.23 32.56 -9.65
CA LYS G 247 -4.29 32.50 -8.66
C LYS G 247 -4.14 33.61 -7.64
N ALA G 248 -3.19 33.44 -6.71
CA ALA G 248 -3.03 34.34 -5.58
C ALA G 248 -4.38 34.54 -4.91
N PRO G 249 -4.86 33.57 -4.14
CA PRO G 249 -6.21 33.66 -3.59
C PRO G 249 -6.39 34.90 -2.74
N SER G 250 -7.60 35.45 -2.75
CA SER G 250 -7.86 36.72 -2.09
C SER G 250 -7.66 36.60 -0.59
N LEU G 251 -7.38 37.75 0.04
CA LEU G 251 -7.19 37.79 1.47
C LEU G 251 -8.43 37.28 2.20
N LYS G 252 -9.61 37.41 1.57
CA LYS G 252 -10.84 36.94 2.20
C LYS G 252 -10.78 35.45 2.49
N PHE G 253 -10.16 34.67 1.60
CA PHE G 253 -10.03 33.24 1.84
C PHE G 253 -8.86 32.91 2.74
N THR G 254 -7.94 33.84 2.97
CA THR G 254 -6.72 33.58 3.74
C THR G 254 -6.56 34.53 4.91
N ALA G 255 -7.63 35.21 5.32
CA ALA G 255 -7.53 36.11 6.46
C ALA G 255 -7.42 35.31 7.75
N PRO G 256 -6.40 35.56 8.58
CA PRO G 256 -6.32 34.88 9.87
C PRO G 256 -7.49 35.29 10.76
N PHE G 257 -7.82 34.40 11.70
CA PHE G 257 -8.88 34.62 12.68
C PHE G 257 -10.26 34.70 12.03
N GLY G 258 -10.40 34.14 10.83
CA GLY G 258 -11.70 34.10 10.17
C GLY G 258 -12.27 35.48 9.91
N CYS G 259 -11.42 36.39 9.45
CA CYS G 259 -11.83 37.76 9.22
C CYS G 259 -12.45 37.90 7.85
N GLU G 260 -13.52 38.68 7.78
CA GLU G 260 -14.24 38.91 6.54
C GLU G 260 -13.82 40.25 5.95
N ILE G 261 -13.68 40.29 4.63
CA ILE G 261 -13.15 41.45 3.91
C ILE G 261 -14.21 41.95 2.95
N TYR G 262 -14.46 43.25 2.98
CA TYR G 262 -15.42 43.88 2.08
C TYR G 262 -14.71 44.85 1.15
N THR G 263 -15.36 45.13 0.01
CA THR G 263 -14.72 45.82 -1.10
C THR G 263 -14.96 47.32 -1.09
N ASN G 264 -16.21 47.74 -1.23
CA ASN G 264 -16.48 49.17 -1.43
C ASN G 264 -15.96 50.01 -0.27
N PRO G 265 -16.22 49.68 1.00
CA PRO G 265 -15.31 50.14 2.04
C PRO G 265 -14.23 49.07 2.26
N ILE G 266 -12.96 49.46 2.16
CA ILE G 266 -11.89 48.52 2.44
C ILE G 266 -11.87 48.32 3.95
N ARG G 267 -12.30 47.16 4.43
CA ARG G 267 -12.52 46.99 5.84
C ARG G 267 -12.31 45.54 6.24
N ALA G 268 -12.05 45.35 7.53
CA ALA G 268 -11.96 44.04 8.16
C ALA G 268 -13.04 43.93 9.20
N GLU G 269 -13.88 42.89 9.10
CA GLU G 269 -15.01 42.73 10.01
C GLU G 269 -14.98 41.34 10.62
N ASN G 270 -15.61 41.23 11.79
CA ASN G 270 -15.66 39.99 12.56
C ASN G 270 -14.24 39.48 12.84
N CYS G 271 -13.30 40.40 12.99
CA CYS G 271 -11.90 40.05 13.20
C CYS G 271 -11.74 39.68 14.68
N ALA G 272 -12.09 38.43 14.98
CA ALA G 272 -12.18 37.97 16.37
C ALA G 272 -10.77 37.78 16.91
N VAL G 273 -10.27 38.81 17.60
CA VAL G 273 -8.96 38.75 18.22
C VAL G 273 -8.94 39.75 19.37
N GLY G 274 -8.45 39.29 20.51
CA GLY G 274 -8.36 40.13 21.68
C GLY G 274 -9.71 40.42 22.33
N SER G 275 -9.68 41.35 23.27
CA SER G 275 -10.87 41.76 24.00
C SER G 275 -10.94 43.29 24.02
N ILE G 276 -12.15 43.80 24.15
CA ILE G 276 -12.38 45.25 24.07
C ILE G 276 -12.65 45.81 25.46
N PRO G 277 -11.72 46.55 26.05
CA PRO G 277 -12.00 47.20 27.33
C PRO G 277 -13.06 48.27 27.20
N LEU G 278 -13.91 48.37 28.22
CA LEU G 278 -15.01 49.33 28.25
C LEU G 278 -15.07 49.99 29.62
N ALA G 279 -15.44 51.26 29.64
CA ALA G 279 -15.66 52.00 30.88
C ALA G 279 -17.03 52.64 30.82
N PHE G 280 -17.80 52.48 31.89
CA PHE G 280 -19.16 53.02 31.97
C PHE G 280 -19.24 54.07 33.07
N ASP G 281 -19.95 55.14 32.77
CA ASP G 281 -20.27 56.18 33.76
C ASP G 281 -21.78 56.23 33.86
N ILE G 282 -22.34 55.39 34.73
CA ILE G 282 -23.79 55.29 34.90
C ILE G 282 -24.24 56.31 35.94
N PRO G 283 -25.18 57.17 35.62
CA PRO G 283 -25.73 58.05 36.65
C PRO G 283 -26.49 57.26 37.68
N ASP G 284 -26.52 57.80 38.91
CA ASP G 284 -27.21 57.11 39.99
C ASP G 284 -28.72 57.07 39.82
N ALA G 285 -29.25 57.80 38.83
CA ALA G 285 -30.69 57.74 38.56
C ALA G 285 -31.11 56.33 38.18
N LEU G 286 -30.30 55.65 37.36
CA LEU G 286 -30.61 54.26 37.02
C LEU G 286 -30.57 53.35 38.24
N PHE G 287 -29.73 53.70 39.22
CA PHE G 287 -29.64 52.90 40.44
C PHE G 287 -30.94 52.97 41.22
N THR G 288 -31.36 51.82 41.75
CA THR G 288 -32.52 51.72 42.61
C THR G 288 -32.12 51.12 43.95
N ARG G 289 -32.76 51.58 45.02
CA ARG G 289 -32.40 51.13 46.35
C ARG G 289 -32.65 49.64 46.49
N VAL G 290 -31.73 48.95 47.18
CA VAL G 290 -31.86 47.51 47.37
C VAL G 290 -33.11 47.18 48.17
N SER G 291 -33.54 48.10 49.05
CA SER G 291 -34.72 47.86 49.85
C SER G 291 -35.97 47.77 48.99
N GLU G 292 -36.09 48.65 47.99
CA GLU G 292 -37.27 48.65 47.14
C GLU G 292 -37.40 47.36 46.34
N THR G 293 -36.29 46.88 45.80
CA THR G 293 -36.31 45.61 45.09
C THR G 293 -36.51 44.45 46.07
N PRO G 294 -37.08 43.34 45.61
CA PRO G 294 -37.18 42.18 46.49
C PRO G 294 -35.80 41.70 46.91
N THR G 295 -35.67 41.32 48.17
CA THR G 295 -34.43 40.82 48.72
C THR G 295 -34.55 39.31 48.91
N LEU G 296 -33.46 38.59 48.69
CA LEU G 296 -33.47 37.14 48.70
C LEU G 296 -32.89 36.62 50.02
N SER G 297 -33.61 35.71 50.65
CA SER G 297 -33.17 35.07 51.89
C SER G 297 -33.41 33.58 51.76
N ALA G 298 -32.57 32.80 52.44
CA ALA G 298 -32.65 31.34 52.42
C ALA G 298 -32.65 30.81 50.98
N ALA G 299 -31.54 31.07 50.30
CA ALA G 299 -31.40 30.69 48.89
C ALA G 299 -30.66 29.38 48.77
N GLU G 300 -31.20 28.47 47.96
CA GLU G 300 -30.60 27.17 47.72
C GLU G 300 -30.52 26.90 46.22
N CYS G 301 -29.34 26.50 45.74
CA CYS G 301 -29.14 26.15 44.35
C CYS G 301 -28.86 24.65 44.23
N THR G 302 -29.55 23.99 43.32
CA THR G 302 -29.39 22.56 43.08
C THR G 302 -29.19 22.32 41.60
N LEU G 303 -27.97 21.95 41.21
CA LEU G 303 -27.66 21.60 39.83
C LEU G 303 -28.22 20.23 39.54
N ASN G 304 -29.37 20.20 38.86
CA ASN G 304 -30.01 18.92 38.54
C ASN G 304 -29.12 18.07 37.63
N GLU G 305 -28.89 18.54 36.41
CA GLU G 305 -28.09 17.81 35.43
C GLU G 305 -27.32 18.81 34.57
N CYS G 306 -26.03 18.54 34.37
CA CYS G 306 -25.17 19.42 33.61
C CYS G 306 -24.40 18.63 32.56
N VAL G 307 -24.19 19.25 31.40
CA VAL G 307 -23.36 18.69 30.34
C VAL G 307 -22.52 19.83 29.77
N TYR G 308 -21.24 19.87 30.14
CA TYR G 308 -20.38 20.93 29.63
C TYR G 308 -20.20 20.81 28.13
N SER G 309 -20.27 21.93 27.42
CA SER G 309 -20.13 21.94 25.98
C SER G 309 -19.84 23.37 25.54
N SER G 310 -19.81 23.58 24.22
CA SER G 310 -19.60 24.93 23.69
C SER G 310 -20.75 25.84 24.09
N ASP G 311 -21.97 25.36 23.95
CA ASP G 311 -23.15 26.15 24.24
C ASP G 311 -23.55 25.96 25.70
N PHE G 312 -24.72 26.50 26.07
CA PHE G 312 -25.21 26.40 27.44
C PHE G 312 -25.78 24.99 27.68
N GLY G 313 -24.86 24.04 27.73
CA GLY G 313 -25.23 22.66 27.96
C GLY G 313 -25.58 22.32 29.39
N GLY G 314 -25.40 23.25 30.31
CA GLY G 314 -25.71 23.04 31.72
C GLY G 314 -26.91 23.85 32.15
N ILE G 315 -27.81 23.19 32.89
CA ILE G 315 -29.00 23.82 33.45
C ILE G 315 -28.98 23.63 34.96
N ALA G 316 -29.10 24.72 35.70
CA ALA G 316 -29.09 24.69 37.16
C ALA G 316 -30.41 25.23 37.68
N THR G 317 -30.92 24.58 38.72
CA THR G 317 -32.17 24.98 39.37
C THR G 317 -31.86 25.55 40.75
N VAL G 318 -32.41 26.72 41.04
CA VAL G 318 -32.18 27.40 42.30
C VAL G 318 -33.51 27.55 43.03
N LYS G 319 -33.57 27.07 44.27
CA LYS G 319 -34.74 27.23 45.11
C LYS G 319 -34.53 28.45 46.01
N TYR G 320 -35.52 29.34 46.02
CA TYR G 320 -35.38 30.63 46.67
C TYR G 320 -36.58 30.88 47.57
N SER G 321 -36.38 31.78 48.55
CA SER G 321 -37.45 32.32 49.36
C SER G 321 -37.30 33.84 49.32
N ALA G 322 -37.89 34.44 48.29
CA ALA G 322 -37.77 35.88 48.09
C ALA G 322 -38.65 36.64 49.07
N SER G 323 -38.16 37.81 49.50
CA SER G 323 -38.95 38.64 50.41
C SER G 323 -40.14 39.27 49.69
N LYS G 324 -40.02 39.53 48.39
CA LYS G 324 -41.09 40.14 47.62
C LYS G 324 -41.13 39.52 46.23
N SER G 325 -42.30 39.58 45.61
CA SER G 325 -42.42 39.19 44.21
C SER G 325 -41.71 40.21 43.32
N GLY G 326 -41.04 39.72 42.30
CA GLY G 326 -40.34 40.60 41.38
C GLY G 326 -39.18 39.88 40.73
N LYS G 327 -38.35 40.68 40.05
CA LYS G 327 -37.20 40.17 39.33
C LYS G 327 -35.94 40.44 40.13
N CYS G 328 -34.96 39.54 39.99
CA CYS G 328 -33.68 39.68 40.66
C CYS G 328 -32.57 39.47 39.64
N ALA G 329 -31.66 40.44 39.56
CA ALA G 329 -30.53 40.31 38.64
C ALA G 329 -29.61 39.20 39.09
N VAL G 330 -29.13 38.41 38.13
CA VAL G 330 -28.37 37.20 38.42
C VAL G 330 -27.06 37.24 37.63
N HIS G 331 -25.97 36.84 38.27
CA HIS G 331 -24.65 36.91 37.66
C HIS G 331 -23.73 35.89 38.34
N VAL G 332 -22.67 35.52 37.63
CA VAL G 332 -21.63 34.66 38.19
C VAL G 332 -20.33 35.46 38.24
N PRO G 333 -19.85 35.86 39.42
CA PRO G 333 -18.58 36.59 39.48
C PRO G 333 -17.41 35.81 38.93
N SER G 334 -17.37 34.50 39.14
CA SER G 334 -16.32 33.68 38.59
C SER G 334 -16.54 33.43 37.10
N GLY G 335 -15.45 33.16 36.38
CA GLY G 335 -15.50 32.87 34.97
C GLY G 335 -15.78 31.44 34.60
N THR G 336 -16.04 30.57 35.60
CA THR G 336 -16.25 29.15 35.31
C THR G 336 -17.45 28.94 34.40
N ALA G 337 -18.55 29.63 34.66
CA ALA G 337 -19.74 29.53 33.84
C ALA G 337 -20.36 30.91 33.66
N THR G 338 -21.12 31.07 32.58
CA THR G 338 -21.81 32.30 32.27
C THR G 338 -23.31 32.03 32.17
N LEU G 339 -24.10 32.85 32.86
CA LEU G 339 -25.55 32.73 32.78
C LEU G 339 -26.05 33.31 31.46
N LYS G 340 -26.97 32.59 30.83
CA LYS G 340 -27.57 33.08 29.60
C LYS G 340 -28.52 34.24 29.87
N GLU G 341 -29.08 34.31 31.08
CA GLU G 341 -30.05 35.33 31.46
C GLU G 341 -29.44 36.30 32.45
N ALA G 342 -29.58 37.60 32.17
CA ALA G 342 -29.04 38.61 33.07
C ALA G 342 -29.87 38.72 34.34
N ALA G 343 -31.19 38.68 34.21
CA ALA G 343 -32.09 38.81 35.35
C ALA G 343 -33.19 37.77 35.25
N VAL G 344 -33.75 37.41 36.41
CA VAL G 344 -34.81 36.42 36.49
C VAL G 344 -35.89 36.92 37.45
N GLU G 345 -37.14 36.74 37.06
CA GLU G 345 -38.26 37.03 37.96
C GLU G 345 -38.33 35.99 39.06
N LEU G 346 -38.59 36.45 40.28
CA LEU G 346 -38.71 35.59 41.45
C LEU G 346 -40.12 35.66 41.99
N THR G 347 -40.70 34.50 42.29
CA THR G 347 -41.97 34.46 43.01
C THR G 347 -41.67 34.65 44.49
N GLU G 348 -42.66 34.39 45.34
CA GLU G 348 -42.46 34.61 46.78
C GLU G 348 -41.51 33.57 47.35
N GLN G 349 -41.88 32.30 47.28
CA GLN G 349 -41.07 31.21 47.80
C GLN G 349 -41.02 30.05 46.83
N GLY G 350 -40.92 30.35 45.53
CA GLY G 350 -40.77 29.35 44.51
C GLY G 350 -39.32 29.05 44.19
N SER G 351 -39.12 28.29 43.13
CA SER G 351 -37.79 27.91 42.66
C SER G 351 -37.59 28.40 41.24
N ALA G 352 -36.35 28.75 40.92
CA ALA G 352 -36.01 29.32 39.62
C ALA G 352 -34.94 28.47 38.96
N THR G 353 -34.96 28.48 37.63
CA THR G 353 -34.02 27.71 36.82
C THR G 353 -33.22 28.64 35.92
N ILE G 354 -31.94 28.30 35.72
CA ILE G 354 -31.04 29.08 34.89
C ILE G 354 -30.30 28.14 33.95
N HIS G 355 -29.83 28.71 32.84
CA HIS G 355 -29.08 27.98 31.83
C HIS G 355 -27.68 28.57 31.74
N PHE G 356 -26.67 27.72 31.82
CA PHE G 356 -25.29 28.15 31.88
C PHE G 356 -24.43 27.28 30.99
N SER G 357 -23.30 27.84 30.55
CA SER G 357 -22.30 27.14 29.77
C SER G 357 -20.99 27.13 30.55
N THR G 358 -20.34 25.98 30.63
CA THR G 358 -19.09 25.85 31.36
C THR G 358 -18.21 24.81 30.68
N ALA G 359 -16.96 24.76 31.13
CA ALA G 359 -16.00 23.80 30.61
C ALA G 359 -15.42 22.90 31.69
N ASN G 360 -15.87 23.01 32.93
CA ASN G 360 -15.33 22.22 34.04
C ASN G 360 -16.23 21.03 34.31
N ILE G 361 -15.62 19.86 34.45
CA ILE G 361 -16.37 18.63 34.66
C ILE G 361 -17.02 18.62 36.04
N HIS G 362 -16.38 19.23 37.03
CA HIS G 362 -16.91 19.31 38.40
C HIS G 362 -16.96 20.78 38.78
N PRO G 363 -17.93 21.53 38.26
CA PRO G 363 -17.99 22.97 38.56
C PRO G 363 -18.56 23.23 39.95
N GLU G 364 -17.84 24.03 40.73
CA GLU G 364 -18.31 24.53 42.02
C GLU G 364 -18.10 26.04 42.01
N PHE G 365 -19.11 26.76 41.53
CA PHE G 365 -19.03 28.20 41.38
C PHE G 365 -20.07 28.86 42.30
N ARG G 366 -19.68 29.99 42.89
CA ARG G 366 -20.57 30.76 43.74
C ARG G 366 -21.22 31.85 42.90
N LEU G 367 -22.38 31.54 42.33
CA LEU G 367 -23.11 32.52 41.54
C LEU G 367 -23.67 33.63 42.42
N GLN G 368 -23.71 34.83 41.87
CA GLN G 368 -24.13 36.02 42.60
C GLN G 368 -25.55 36.39 42.22
N ILE G 369 -26.40 36.60 43.23
CA ILE G 369 -27.80 36.97 42.98
C ILE G 369 -28.01 38.38 43.50
N CYS G 370 -29.24 38.89 43.37
CA CYS G 370 -29.51 40.29 43.65
C CYS G 370 -29.03 40.72 45.02
N THR G 371 -29.05 39.83 46.01
CA THR G 371 -28.64 40.20 47.36
C THR G 371 -27.39 39.45 47.81
N SER G 372 -27.40 38.12 47.80
CA SER G 372 -26.35 37.34 48.43
C SER G 372 -25.78 36.32 47.45
N TYR G 373 -24.82 35.55 47.94
CA TYR G 373 -24.15 34.50 47.20
C TYR G 373 -24.73 33.14 47.54
N VAL G 374 -24.45 32.18 46.67
CA VAL G 374 -24.75 30.77 46.93
C VAL G 374 -23.79 29.93 46.11
N THR G 375 -23.14 28.97 46.76
CA THR G 375 -22.26 28.05 46.06
C THR G 375 -23.08 26.88 45.54
N CYS G 376 -22.79 26.48 44.31
CA CYS G 376 -23.54 25.42 43.64
C CYS G 376 -22.56 24.49 42.94
N LYS G 377 -22.56 23.23 43.34
CA LYS G 377 -21.59 22.27 42.86
C LYS G 377 -22.30 21.06 42.28
N GLY G 378 -21.71 20.48 41.25
CA GLY G 378 -22.25 19.27 40.65
C GLY G 378 -21.25 18.65 39.71
N ASP G 379 -21.68 17.59 39.04
CA ASP G 379 -20.87 16.90 38.05
C ASP G 379 -21.53 17.03 36.69
N CYS G 380 -20.76 17.50 35.72
CA CYS G 380 -21.24 17.65 34.35
C CYS G 380 -20.88 16.40 33.54
N HIS G 381 -21.24 16.41 32.26
CA HIS G 381 -20.98 15.29 31.37
C HIS G 381 -20.42 15.80 30.05
N PRO G 382 -19.61 14.98 29.36
CA PRO G 382 -19.02 15.42 28.11
C PRO G 382 -20.08 15.63 27.04
N PRO G 383 -19.83 16.50 26.06
CA PRO G 383 -20.82 16.71 25.00
C PRO G 383 -21.00 15.47 24.14
N LYS G 384 -22.18 15.36 23.54
CA LYS G 384 -22.48 14.20 22.70
C LYS G 384 -21.81 14.33 21.34
N ASP G 385 -22.17 15.36 20.58
CA ASP G 385 -21.64 15.54 19.24
C ASP G 385 -20.19 16.01 19.29
N HIS G 386 -19.38 15.49 18.36
CA HIS G 386 -17.97 15.84 18.34
C HIS G 386 -17.75 17.30 17.94
N ILE G 387 -18.51 17.79 16.97
CA ILE G 387 -18.29 19.10 16.37
C ILE G 387 -19.60 19.87 16.40
N VAL G 388 -19.54 21.12 16.87
CA VAL G 388 -20.69 22.00 16.91
C VAL G 388 -20.42 23.17 15.99
N THR G 389 -21.45 23.62 15.27
CA THR G 389 -21.36 24.81 14.45
C THR G 389 -21.63 26.06 15.27
N HIS G 390 -20.97 26.17 16.41
CA HIS G 390 -21.07 27.34 17.27
C HIS G 390 -19.68 27.68 17.80
N PRO G 391 -19.36 28.96 17.89
CA PRO G 391 -18.10 29.35 18.53
C PRO G 391 -18.11 29.00 20.01
N GLN G 392 -16.92 28.79 20.55
CA GLN G 392 -16.80 28.36 21.93
C GLN G 392 -17.13 29.50 22.89
N TYR G 393 -18.19 29.32 23.67
CA TYR G 393 -18.53 30.32 24.69
C TYR G 393 -17.49 30.35 25.80
N HIS G 394 -16.96 29.20 26.18
CA HIS G 394 -16.01 29.08 27.27
C HIS G 394 -14.82 28.26 26.81
N ALA G 395 -13.68 28.92 26.61
CA ALA G 395 -12.45 28.23 26.24
C ALA G 395 -11.34 28.44 27.25
N GLN G 396 -11.65 29.01 28.41
CA GLN G 396 -10.64 29.25 29.43
C GLN G 396 -10.22 27.92 30.05
N THR G 397 -8.94 27.58 29.89
CA THR G 397 -8.42 26.30 30.35
C THR G 397 -7.01 26.53 30.89
N PHE G 398 -6.91 26.76 32.21
CA PHE G 398 -5.63 26.78 32.90
C PHE G 398 -5.52 25.68 33.95
N THR G 399 -6.49 25.58 34.86
CA THR G 399 -6.54 24.44 35.76
C THR G 399 -7.42 23.37 35.12
N ALA G 400 -8.70 23.70 34.92
CA ALA G 400 -9.66 22.83 34.24
C ALA G 400 -9.59 21.41 34.80
N ALA G 401 -9.94 21.31 36.08
CA ALA G 401 -9.90 20.05 36.81
C ALA G 401 -10.62 18.96 36.03
N VAL G 402 -9.87 17.94 35.62
CA VAL G 402 -10.46 16.92 34.76
C VAL G 402 -11.50 16.11 35.52
N SER G 403 -11.15 15.63 36.72
CA SER G 403 -12.08 14.81 37.49
C SER G 403 -11.57 14.70 38.91
N LYS G 404 -12.48 14.32 39.82
CA LYS G 404 -12.07 14.00 41.17
C LYS G 404 -11.15 12.80 41.19
N THR G 405 -11.42 11.80 40.34
CA THR G 405 -10.54 10.66 40.24
C THR G 405 -9.16 11.07 39.76
N ALA G 406 -9.10 12.03 38.83
CA ALA G 406 -7.80 12.48 38.34
C ALA G 406 -6.97 13.08 39.46
N TRP G 407 -7.55 13.98 40.24
CA TRP G 407 -6.82 14.57 41.34
C TRP G 407 -6.49 13.54 42.40
N THR G 408 -7.39 12.58 42.62
CA THR G 408 -7.14 11.53 43.60
C THR G 408 -5.92 10.70 43.21
N TRP G 409 -5.88 10.25 41.96
CA TRP G 409 -4.73 9.47 41.51
C TRP G 409 -3.46 10.30 41.53
N LEU G 410 -3.55 11.57 41.10
CA LEU G 410 -2.36 12.42 41.08
C LEU G 410 -1.81 12.62 42.49
N THR G 411 -2.70 12.78 43.46
CA THR G 411 -2.28 12.82 44.86
C THR G 411 -1.67 11.48 45.26
N SER G 412 -2.24 10.38 44.80
CA SER G 412 -1.78 9.06 45.22
C SER G 412 -0.35 8.80 44.76
N LEU G 413 -0.08 8.96 43.47
CA LEU G 413 1.25 8.64 42.96
C LEU G 413 2.21 9.82 43.03
N LEU G 414 1.73 11.02 43.34
CA LEU G 414 2.58 12.17 43.61
C LEU G 414 2.16 12.71 44.97
N GLY G 415 2.92 12.37 46.00
CA GLY G 415 2.58 12.68 47.36
C GLY G 415 2.77 11.48 48.26
N GLY G 416 2.42 10.29 47.75
CA GLY G 416 2.81 9.07 48.43
C GLY G 416 4.31 8.88 48.41
N SER G 417 4.96 9.26 47.32
CA SER G 417 6.41 9.30 47.28
C SER G 417 6.95 10.24 48.35
N ALA G 418 6.28 11.36 48.57
CA ALA G 418 6.66 12.26 49.65
C ALA G 418 6.53 11.57 51.00
N VAL G 419 5.47 10.78 51.19
CA VAL G 419 5.29 10.05 52.44
C VAL G 419 6.43 9.08 52.66
N ILE G 420 6.82 8.36 51.60
CA ILE G 420 7.92 7.41 51.72
C ILE G 420 9.22 8.14 52.05
N ILE G 421 9.43 9.32 51.45
CA ILE G 421 10.61 10.12 51.76
C ILE G 421 10.60 10.52 53.24
N ILE G 422 9.44 10.94 53.73
CA ILE G 422 9.34 11.33 55.15
C ILE G 422 9.64 10.14 56.05
N ILE G 423 9.12 8.96 55.70
CA ILE G 423 9.37 7.77 56.50
C ILE G 423 10.86 7.45 56.53
N GLY G 424 11.51 7.54 55.36
CA GLY G 424 12.94 7.29 55.32
C GLY G 424 13.73 8.28 56.15
N LEU G 425 13.36 9.55 56.09
CA LEU G 425 14.04 10.57 56.90
C LEU G 425 13.85 10.29 58.38
N VAL G 426 12.64 9.90 58.77
CA VAL G 426 12.37 9.58 60.17
C VAL G 426 13.20 8.39 60.62
N LEU G 427 13.28 7.37 59.77
CA LEU G 427 14.09 6.20 60.10
C LEU G 427 15.56 6.57 60.25
N ALA G 428 16.07 7.42 59.35
CA ALA G 428 17.46 7.84 59.45
C ALA G 428 17.71 8.61 60.74
N THR G 429 16.78 9.51 61.09
CA THR G 429 16.95 10.29 62.32
C THR G 429 16.93 9.38 63.55
N ILE G 430 15.99 8.45 63.61
CA ILE G 430 15.88 7.61 64.79
C ILE G 430 17.05 6.65 64.88
N VAL G 431 17.59 6.20 63.75
CA VAL G 431 18.76 5.33 63.86
C VAL G 431 20.00 6.15 64.20
N ALA G 432 20.05 7.43 63.82
CA ALA G 432 21.15 8.28 64.28
C ALA G 432 21.10 8.43 65.81
N MET G 433 19.91 8.70 66.34
CA MET G 433 19.77 8.75 67.79
C MET G 433 20.04 7.40 68.44
N TYR G 434 19.72 6.32 67.72
CA TYR G 434 20.02 4.97 68.19
C TYR G 434 21.52 4.77 68.32
N VAL G 435 22.28 5.21 67.32
CA VAL G 435 23.74 5.14 67.40
C VAL G 435 24.24 5.98 68.57
N LEU G 436 23.66 7.17 68.73
CA LEU G 436 24.07 8.04 69.84
C LEU G 436 23.88 7.35 71.18
N THR G 437 22.70 6.74 71.38
CA THR G 437 22.44 6.11 72.67
C THR G 437 23.20 4.81 72.83
N ASN G 438 23.45 4.08 71.75
CA ASN G 438 24.26 2.87 71.85
C ASN G 438 25.70 3.20 72.25
N GLN G 439 26.25 4.26 71.65
CA GLN G 439 27.59 4.70 72.04
C GLN G 439 27.62 5.14 73.49
N LYS G 440 26.79 6.12 73.85
CA LYS G 440 26.72 6.55 75.24
C LYS G 440 25.31 7.09 75.50
N HIS G 441 24.44 6.23 76.04
CA HIS G 441 23.13 6.71 76.48
C HIS G 441 23.27 7.64 77.67
N ASN G 442 24.19 7.32 78.58
CA ASN G 442 24.50 8.18 79.71
C ASN G 442 25.65 9.11 79.34
N SER H 1 -30.07 55.79 -30.19
CA SER H 1 -29.44 54.76 -31.01
C SER H 1 -29.04 55.33 -32.37
N THR H 2 -29.86 56.24 -32.89
CA THR H 2 -29.56 56.88 -34.16
C THR H 2 -28.33 57.76 -34.05
N GLU H 3 -28.14 58.40 -32.91
CA GLU H 3 -27.09 59.41 -32.77
C GLU H 3 -25.70 58.81 -32.98
N GLU H 4 -25.38 57.74 -32.24
CA GLU H 4 -24.02 57.20 -32.31
C GLU H 4 -23.78 56.46 -33.62
N LEU H 5 -24.82 55.79 -34.14
CA LEU H 5 -24.68 55.14 -35.44
C LEU H 5 -24.40 56.17 -36.52
N PHE H 6 -25.12 57.29 -36.47
CA PHE H 6 -24.89 58.37 -37.44
C PHE H 6 -23.50 58.96 -37.26
N ASN H 7 -23.05 59.14 -36.02
CA ASN H 7 -21.73 59.70 -35.77
C ASN H 7 -20.64 58.79 -36.33
N GLU H 8 -20.79 57.47 -36.17
CA GLU H 8 -19.80 56.55 -36.73
C GLU H 8 -19.91 56.48 -38.24
N TYR H 9 -21.11 56.55 -38.79
CA TYR H 9 -21.33 56.30 -40.20
C TYR H 9 -21.16 57.52 -41.09
N LYS H 10 -21.10 58.72 -40.51
CA LYS H 10 -20.77 59.88 -41.32
C LYS H 10 -19.32 59.87 -41.75
N LEU H 11 -18.45 59.20 -41.01
CA LEU H 11 -17.02 59.12 -41.32
C LEU H 11 -16.56 57.68 -41.16
N THR H 12 -17.25 56.74 -41.80
CA THR H 12 -16.90 55.33 -41.65
C THR H 12 -15.79 54.93 -42.61
N ARG H 13 -16.04 55.06 -43.91
CA ARG H 13 -15.08 54.66 -44.95
C ARG H 13 -14.60 53.23 -44.74
N PRO H 14 -15.46 52.22 -44.95
CA PRO H 14 -14.99 50.83 -44.81
C PRO H 14 -13.89 50.53 -45.83
N TYR H 15 -13.00 49.64 -45.44
CA TYR H 15 -11.78 49.38 -46.19
C TYR H 15 -11.53 47.87 -46.25
N MET H 16 -10.52 47.49 -47.00
CA MET H 16 -10.02 46.12 -47.01
C MET H 16 -8.59 46.10 -46.48
N ALA H 17 -8.29 45.13 -45.64
CA ALA H 17 -6.99 45.03 -45.00
C ALA H 17 -6.29 43.76 -45.44
N ARG H 18 -4.96 43.79 -45.42
CA ARG H 18 -4.17 42.60 -45.70
C ARG H 18 -4.47 41.51 -44.69
N CYS H 19 -4.81 40.32 -45.19
CA CYS H 19 -5.14 39.19 -44.35
C CYS H 19 -4.16 38.06 -44.60
N ILE H 20 -3.68 37.45 -43.52
CA ILE H 20 -2.67 36.42 -43.65
C ILE H 20 -3.24 35.17 -44.29
N ARG H 21 -4.50 34.82 -43.97
CA ARG H 21 -5.14 33.62 -44.50
C ARG H 21 -6.43 34.05 -45.19
N CYS H 22 -6.39 34.12 -46.53
CA CYS H 22 -7.54 34.51 -47.32
C CYS H 22 -8.34 33.32 -47.83
N ALA H 23 -8.20 32.17 -47.17
CA ALA H 23 -8.80 30.90 -47.57
C ALA H 23 -8.11 30.36 -48.82
N VAL H 24 -7.24 31.17 -49.42
CA VAL H 24 -6.30 30.72 -50.44
C VAL H 24 -5.04 31.57 -50.33
N GLY H 25 -3.94 30.97 -49.90
CA GLY H 25 -2.70 31.72 -49.75
C GLY H 25 -2.90 32.90 -48.81
N SER H 26 -2.41 34.06 -49.26
CA SER H 26 -2.59 35.31 -48.55
C SER H 26 -2.98 36.39 -49.54
N CYS H 27 -3.76 37.36 -49.08
CA CYS H 27 -4.28 38.41 -49.95
C CYS H 27 -4.70 39.59 -49.08
N HIS H 28 -5.44 40.51 -49.69
CA HIS H 28 -6.11 41.59 -48.99
C HIS H 28 -7.60 41.26 -48.98
N SER H 29 -8.15 41.08 -47.79
CA SER H 29 -9.54 40.65 -47.69
C SER H 29 -10.39 41.76 -47.10
N PRO H 30 -11.57 42.01 -47.67
CA PRO H 30 -12.44 43.07 -47.13
C PRO H 30 -12.94 42.79 -45.74
N ILE H 31 -12.91 41.54 -45.29
CA ILE H 31 -13.47 41.16 -44.00
C ILE H 31 -12.37 40.98 -42.95
N ALA H 32 -11.17 41.48 -43.22
CA ALA H 32 -10.04 41.22 -42.33
C ALA H 32 -10.28 41.80 -40.93
N ILE H 33 -9.79 41.09 -39.92
CA ILE H 33 -9.92 41.47 -38.53
C ILE H 33 -8.57 41.99 -38.05
N GLU H 34 -8.59 43.08 -37.28
CA GLU H 34 -7.38 43.66 -36.73
C GLU H 34 -7.21 43.44 -35.24
N ALA H 35 -8.30 43.27 -34.50
CA ALA H 35 -8.21 43.12 -33.05
C ALA H 35 -9.41 42.33 -32.54
N VAL H 36 -9.15 41.40 -31.63
CA VAL H 36 -10.19 40.65 -30.94
C VAL H 36 -9.90 40.69 -29.44
N LYS H 37 -10.89 41.08 -28.66
CA LYS H 37 -10.77 41.13 -27.20
C LYS H 37 -11.57 39.97 -26.62
N SER H 38 -10.90 39.15 -25.82
CA SER H 38 -11.47 37.90 -25.33
C SER H 38 -11.44 37.85 -23.80
N ASP H 39 -11.81 38.96 -23.18
CA ASP H 39 -11.90 39.00 -21.72
C ASP H 39 -13.30 38.73 -21.21
N GLY H 40 -14.27 38.48 -22.09
CA GLY H 40 -15.63 38.24 -21.64
C GLY H 40 -15.70 36.99 -20.77
N HIS H 41 -16.30 37.14 -19.58
CA HIS H 41 -16.37 36.02 -18.64
C HIS H 41 -17.22 34.89 -19.18
N ASP H 42 -18.37 35.22 -19.78
CA ASP H 42 -19.21 34.16 -20.33
C ASP H 42 -18.61 33.58 -21.61
N GLY H 43 -17.76 34.34 -22.28
CA GLY H 43 -17.15 33.87 -23.51
C GLY H 43 -17.36 34.85 -24.65
N TYR H 44 -18.15 35.89 -24.40
CA TYR H 44 -18.43 36.88 -25.42
C TYR H 44 -17.18 37.66 -25.77
N VAL H 45 -17.03 37.95 -27.06
CA VAL H 45 -15.87 38.67 -27.58
C VAL H 45 -16.35 39.92 -28.30
N ARG H 46 -15.73 41.05 -28.00
CA ARG H 46 -15.96 42.29 -28.72
C ARG H 46 -14.78 42.53 -29.64
N LEU H 47 -15.06 42.58 -30.95
CA LEU H 47 -14.00 42.69 -31.94
C LEU H 47 -14.36 43.77 -32.96
N GLN H 48 -13.34 44.40 -33.52
CA GLN H 48 -13.51 45.39 -34.57
C GLN H 48 -12.91 44.86 -35.86
N THR H 49 -13.63 45.06 -36.97
CA THR H 49 -13.17 44.61 -38.27
C THR H 49 -13.28 45.74 -39.28
N SER H 50 -12.69 45.51 -40.45
CA SER H 50 -12.76 46.52 -41.50
C SER H 50 -14.20 46.79 -41.92
N SER H 51 -15.00 45.74 -42.07
CA SER H 51 -16.39 45.89 -42.47
C SER H 51 -17.20 46.49 -41.33
N GLN H 52 -18.25 47.23 -41.70
CA GLN H 52 -19.14 47.89 -40.75
C GLN H 52 -20.43 47.11 -40.57
N TYR H 53 -21.08 47.35 -39.43
CA TYR H 53 -22.34 46.69 -39.11
C TYR H 53 -23.31 47.70 -38.54
N GLY H 54 -24.61 47.40 -38.65
CA GLY H 54 -25.64 48.22 -38.07
C GLY H 54 -26.25 49.23 -38.99
N LEU H 55 -25.64 49.48 -40.15
CA LEU H 55 -26.21 50.40 -41.13
C LEU H 55 -25.91 49.89 -42.54
N ASP H 56 -26.68 50.39 -43.49
CA ASP H 56 -26.60 49.95 -44.87
C ASP H 56 -25.43 50.66 -45.57
N SER H 57 -25.36 50.53 -46.89
CA SER H 57 -24.36 51.26 -47.67
C SER H 57 -24.75 52.71 -47.90
N SER H 58 -26.00 53.08 -47.58
CA SER H 58 -26.51 54.43 -47.81
C SER H 58 -26.59 55.24 -46.52
N GLY H 59 -25.92 54.79 -45.46
CA GLY H 59 -25.93 55.51 -44.20
C GLY H 59 -27.29 55.55 -43.51
N ASN H 60 -28.02 54.44 -43.54
CA ASN H 60 -29.32 54.34 -42.88
C ASN H 60 -29.28 53.23 -41.86
N LEU H 61 -29.96 53.44 -40.73
CA LEU H 61 -29.92 52.48 -39.64
C LEU H 61 -30.50 51.16 -40.08
N LYS H 62 -29.64 50.15 -40.27
CA LYS H 62 -30.07 48.83 -40.69
C LYS H 62 -29.13 47.82 -40.01
N GLY H 63 -29.50 47.40 -38.80
CA GLY H 63 -28.65 46.55 -38.01
C GLY H 63 -28.59 45.11 -38.44
N ARG H 64 -29.49 44.70 -39.33
CA ARG H 64 -29.55 43.31 -39.78
C ARG H 64 -28.64 43.02 -40.96
N THR H 65 -27.89 44.00 -41.43
CA THR H 65 -26.99 43.81 -42.56
C THR H 65 -25.57 44.21 -42.19
N MET H 66 -24.62 43.61 -42.87
CA MET H 66 -23.20 43.91 -42.72
C MET H 66 -22.73 44.68 -43.93
N ARG H 67 -22.03 45.79 -43.70
CA ARG H 67 -21.59 46.66 -44.77
C ARG H 67 -20.08 46.61 -44.88
N TYR H 68 -19.58 46.58 -46.12
CA TYR H 68 -18.16 46.43 -46.40
C TYR H 68 -17.85 47.19 -47.68
N ASP H 69 -16.67 46.93 -48.24
CA ASP H 69 -16.29 47.53 -49.51
C ASP H 69 -15.40 46.55 -50.26
N MET H 70 -15.41 46.67 -51.59
CA MET H 70 -14.58 45.82 -52.43
C MET H 70 -13.97 46.66 -53.55
N HIS H 71 -12.65 46.82 -53.51
CA HIS H 71 -11.90 47.55 -54.53
C HIS H 71 -12.43 48.97 -54.70
N GLY H 72 -12.75 49.60 -53.57
CA GLY H 72 -13.31 50.94 -53.57
C GLY H 72 -14.80 50.99 -53.82
N THR H 73 -15.45 49.86 -54.05
CA THR H 73 -16.89 49.80 -54.27
C THR H 73 -17.56 49.32 -52.99
N ILE H 74 -18.45 50.12 -52.44
CA ILE H 74 -19.09 49.82 -51.17
C ILE H 74 -20.25 48.86 -51.42
N LYS H 75 -20.23 47.72 -50.74
CA LYS H 75 -21.26 46.70 -50.86
C LYS H 75 -21.64 46.21 -49.48
N GLU H 76 -22.84 45.65 -49.38
CA GLU H 76 -23.42 45.25 -48.11
C GLU H 76 -23.98 43.84 -48.20
N ILE H 77 -24.06 43.17 -47.05
CA ILE H 77 -24.55 41.80 -46.99
C ILE H 77 -25.41 41.64 -45.74
N PRO H 78 -26.42 40.76 -45.81
CA PRO H 78 -27.20 40.46 -44.62
C PRO H 78 -26.35 39.83 -43.52
N LEU H 79 -26.69 40.16 -42.27
CA LEU H 79 -25.86 39.74 -41.14
C LEU H 79 -25.84 38.23 -40.98
N HIS H 80 -26.99 37.58 -41.10
CA HIS H 80 -27.06 36.13 -40.92
C HIS H 80 -26.35 35.36 -42.02
N GLN H 81 -26.14 35.99 -43.19
CA GLN H 81 -25.52 35.30 -44.30
C GLN H 81 -24.08 34.93 -44.00
N VAL H 82 -23.36 35.79 -43.30
CA VAL H 82 -21.93 35.62 -43.01
C VAL H 82 -21.77 35.27 -41.54
N SER H 83 -20.99 34.23 -41.27
CA SER H 83 -20.78 33.74 -39.91
C SER H 83 -19.30 33.52 -39.66
N LEU H 84 -18.92 33.63 -38.39
CA LEU H 84 -17.57 33.35 -37.92
C LEU H 84 -17.59 32.09 -37.06
N TYR H 85 -16.41 31.47 -36.93
CA TYR H 85 -16.30 30.25 -36.15
C TYR H 85 -14.93 30.22 -35.46
N THR H 86 -14.69 29.14 -34.73
CA THR H 86 -13.50 28.93 -33.92
C THR H 86 -13.22 27.42 -33.94
N SER H 87 -12.47 26.95 -32.94
CA SER H 87 -12.36 25.52 -32.69
C SER H 87 -13.75 24.87 -32.72
N ARG H 88 -14.75 25.59 -32.24
CA ARG H 88 -16.14 25.25 -32.43
C ARG H 88 -16.87 26.46 -33.00
N PRO H 89 -17.91 26.24 -33.80
CA PRO H 89 -18.61 27.36 -34.42
C PRO H 89 -19.21 28.30 -33.39
N CYS H 90 -19.20 29.60 -33.72
CA CYS H 90 -19.68 30.63 -32.81
C CYS H 90 -21.13 31.01 -33.11
N HIS H 91 -21.61 32.04 -32.41
CA HIS H 91 -22.91 32.62 -32.66
C HIS H 91 -22.77 34.14 -32.63
N ILE H 92 -23.35 34.80 -33.61
CA ILE H 92 -23.26 36.25 -33.73
C ILE H 92 -24.33 36.88 -32.86
N VAL H 93 -23.93 37.83 -32.01
CA VAL H 93 -24.88 38.49 -31.13
C VAL H 93 -25.42 39.74 -31.80
N ASP H 94 -24.54 40.69 -32.09
CA ASP H 94 -24.97 41.95 -32.71
C ASP H 94 -23.74 42.67 -33.26
N GLY H 95 -23.99 43.57 -34.19
CA GLY H 95 -22.94 44.37 -34.77
C GLY H 95 -23.27 45.84 -34.73
N HIS H 96 -22.24 46.66 -34.61
CA HIS H 96 -22.41 48.09 -34.42
C HIS H 96 -21.21 48.80 -35.05
N GLY H 97 -21.38 49.23 -36.30
CA GLY H 97 -20.28 49.91 -36.98
C GLY H 97 -19.09 48.99 -37.13
N TYR H 98 -17.91 49.51 -36.79
CA TYR H 98 -16.70 48.71 -36.86
C TYR H 98 -16.74 47.54 -35.89
N PHE H 99 -17.24 47.77 -34.68
CA PHE H 99 -17.16 46.75 -33.64
C PHE H 99 -18.30 45.74 -33.76
N LEU H 100 -17.99 44.49 -33.43
CA LEU H 100 -18.92 43.38 -33.57
C LEU H 100 -18.91 42.55 -32.29
N LEU H 101 -20.09 42.09 -31.89
CA LEU H 101 -20.24 41.26 -30.70
C LEU H 101 -20.77 39.89 -31.11
N ALA H 102 -20.13 38.83 -30.61
CA ALA H 102 -20.53 37.47 -30.96
C ALA H 102 -20.19 36.54 -29.82
N ARG H 103 -20.83 35.38 -29.84
CA ARG H 103 -20.67 34.37 -28.79
C ARG H 103 -19.78 33.27 -29.34
N CYS H 104 -18.48 33.37 -29.05
CA CYS H 104 -17.51 32.38 -29.49
C CYS H 104 -17.06 31.51 -28.33
N PRO H 105 -17.06 30.20 -28.49
CA PRO H 105 -16.46 29.33 -27.47
C PRO H 105 -14.95 29.37 -27.53
N ALA H 106 -14.29 28.54 -26.72
CA ALA H 106 -12.84 28.56 -26.64
C ALA H 106 -12.22 28.13 -27.97
N GLY H 107 -11.17 28.84 -28.37
CA GLY H 107 -10.48 28.55 -29.61
C GLY H 107 -9.19 29.32 -29.68
N ASP H 108 -8.26 28.80 -30.50
CA ASP H 108 -6.96 29.44 -30.67
C ASP H 108 -6.95 30.49 -31.78
N SER H 109 -7.93 30.46 -32.69
CA SER H 109 -7.95 31.37 -33.83
C SER H 109 -9.39 31.77 -34.13
N ILE H 110 -9.52 32.90 -34.82
CA ILE H 110 -10.81 33.44 -35.22
C ILE H 110 -10.84 33.58 -36.73
N THR H 111 -11.88 33.04 -37.35
CA THR H 111 -12.06 33.15 -38.79
C THR H 111 -13.53 33.38 -39.09
N MET H 112 -13.79 34.31 -40.01
CA MET H 112 -15.16 34.66 -40.41
C MET H 112 -15.30 34.37 -41.90
N GLU H 113 -16.24 33.48 -42.23
CA GLU H 113 -16.39 33.02 -43.60
C GLU H 113 -17.44 33.86 -44.31
N PHE H 114 -17.01 34.59 -45.32
CA PHE H 114 -17.88 35.41 -46.17
C PHE H 114 -17.95 34.72 -47.52
N LYS H 115 -19.11 34.13 -47.83
CA LYS H 115 -19.33 33.45 -49.10
C LYS H 115 -20.25 34.30 -49.96
N LYS H 116 -19.71 34.87 -51.02
CA LYS H 116 -20.50 35.64 -51.98
C LYS H 116 -21.22 34.67 -52.92
N ASP H 117 -21.74 35.21 -54.03
CA ASP H 117 -22.45 34.39 -55.00
C ASP H 117 -21.55 33.29 -55.56
N SER H 118 -20.30 33.62 -55.85
CA SER H 118 -19.36 32.63 -56.35
C SER H 118 -18.09 32.60 -55.51
N VAL H 119 -17.72 33.76 -54.95
CA VAL H 119 -16.46 33.89 -54.23
C VAL H 119 -16.71 33.66 -52.74
N ARG H 120 -15.99 32.71 -52.18
CA ARG H 120 -16.03 32.42 -50.75
C ARG H 120 -14.68 32.82 -50.16
N HIS H 121 -14.65 33.95 -49.47
CA HIS H 121 -13.41 34.48 -48.89
C HIS H 121 -13.58 34.64 -47.38
N SER H 122 -12.59 34.15 -46.63
CA SER H 122 -12.59 34.25 -45.19
C SER H 122 -11.21 34.71 -44.73
N CYS H 123 -11.17 35.36 -43.57
CA CYS H 123 -9.93 35.82 -42.98
C CYS H 123 -9.73 35.15 -41.62
N SER H 124 -8.58 34.50 -41.45
CA SER H 124 -8.24 33.80 -40.22
C SER H 124 -7.05 34.48 -39.56
N VAL H 125 -7.17 34.71 -38.26
CA VAL H 125 -6.12 35.39 -37.50
C VAL H 125 -5.77 34.55 -36.27
N PRO H 126 -4.50 34.34 -35.98
CA PRO H 126 -4.09 33.58 -34.79
C PRO H 126 -4.20 34.40 -33.51
N TYR H 127 -5.43 34.75 -33.14
CA TYR H 127 -5.73 35.36 -31.85
C TYR H 127 -6.50 34.33 -31.03
N GLU H 128 -5.99 34.02 -29.84
CA GLU H 128 -6.63 33.04 -29.00
C GLU H 128 -7.92 33.60 -28.40
N VAL H 129 -8.83 32.69 -28.08
CA VAL H 129 -10.11 33.04 -27.47
C VAL H 129 -10.11 32.49 -26.05
N LYS H 130 -10.07 33.38 -25.07
CA LYS H 130 -9.99 32.99 -23.66
C LYS H 130 -11.40 32.79 -23.12
N PHE H 131 -11.74 31.54 -22.80
CA PHE H 131 -13.03 31.23 -22.18
C PHE H 131 -12.79 31.09 -20.68
N ASN H 132 -12.73 32.23 -20.02
CA ASN H 132 -12.39 32.27 -18.61
C ASN H 132 -13.64 32.06 -17.76
N PRO H 133 -13.69 31.05 -16.91
CA PRO H 133 -14.90 30.81 -16.12
C PRO H 133 -15.09 31.84 -15.01
N VAL H 134 -16.19 31.70 -14.27
CA VAL H 134 -16.51 32.59 -13.15
C VAL H 134 -16.61 31.74 -11.90
N GLY H 135 -16.05 32.24 -10.81
CA GLY H 135 -16.01 31.48 -9.58
C GLY H 135 -14.88 30.48 -9.57
N ARG H 136 -14.92 29.61 -8.57
CA ARG H 136 -13.88 28.61 -8.37
C ARG H 136 -14.22 27.28 -9.04
N GLU H 137 -15.32 27.21 -9.77
CA GLU H 137 -15.73 26.00 -10.49
C GLU H 137 -15.48 26.21 -11.98
N LEU H 138 -14.51 25.47 -12.52
CA LEU H 138 -14.08 25.69 -13.90
C LEU H 138 -14.98 24.88 -14.84
N TYR H 139 -15.89 25.58 -15.51
CA TYR H 139 -16.80 24.98 -16.47
C TYR H 139 -16.41 25.40 -17.88
N THR H 140 -16.41 24.45 -18.81
CA THR H 140 -16.15 24.72 -20.21
C THR H 140 -17.36 25.28 -20.93
N HIS H 141 -18.52 25.30 -20.28
CA HIS H 141 -19.75 25.77 -20.91
C HIS H 141 -20.68 26.21 -19.79
N PRO H 142 -21.45 27.28 -19.97
CA PRO H 142 -22.30 27.78 -18.90
C PRO H 142 -23.25 26.71 -18.41
N PRO H 143 -23.43 26.59 -17.09
CA PRO H 143 -24.34 25.57 -16.57
C PRO H 143 -25.80 25.91 -16.84
N GLU H 144 -26.61 24.86 -16.89
CA GLU H 144 -28.04 25.06 -17.09
C GLU H 144 -28.68 25.72 -15.88
N HIS H 145 -28.28 25.32 -14.67
CA HIS H 145 -28.82 25.85 -13.43
C HIS H 145 -27.66 26.16 -12.48
N GLY H 146 -28.00 26.62 -11.29
CA GLY H 146 -27.03 26.86 -10.25
C GLY H 146 -27.15 28.25 -9.66
N VAL H 147 -26.25 28.54 -8.72
CA VAL H 147 -26.26 29.85 -8.06
C VAL H 147 -25.67 30.90 -9.00
N GLU H 148 -25.96 32.16 -8.66
CA GLU H 148 -25.54 33.30 -9.47
C GLU H 148 -24.56 34.19 -8.71
N GLN H 149 -23.56 34.70 -9.42
CA GLN H 149 -22.56 35.60 -8.87
C GLN H 149 -22.42 36.81 -9.77
N ALA H 150 -21.64 37.79 -9.31
CA ALA H 150 -21.33 38.94 -10.15
C ALA H 150 -20.44 38.52 -11.31
N CYS H 151 -20.78 38.97 -12.51
CA CYS H 151 -20.06 38.58 -13.72
C CYS H 151 -19.71 39.81 -14.54
N GLN H 152 -18.61 39.72 -15.27
CA GLN H 152 -18.17 40.78 -16.19
C GLN H 152 -18.25 40.26 -17.62
N VAL H 153 -19.25 40.73 -18.37
CA VAL H 153 -19.38 40.41 -19.78
C VAL H 153 -19.67 41.70 -20.53
N TYR H 154 -19.38 41.69 -21.83
CA TYR H 154 -19.65 42.85 -22.66
C TYR H 154 -21.15 42.94 -22.92
N ALA H 155 -21.79 43.94 -22.32
CA ALA H 155 -23.21 44.15 -22.56
C ALA H 155 -23.44 44.58 -24.00
N HIS H 156 -24.50 44.05 -24.60
CA HIS H 156 -24.76 44.29 -26.02
C HIS H 156 -25.34 45.67 -26.30
N ASP H 157 -25.54 46.49 -25.27
CA ASP H 157 -26.07 47.82 -25.49
C ASP H 157 -25.12 48.67 -26.33
N ALA H 158 -25.69 49.50 -27.18
CA ALA H 158 -24.94 50.35 -28.09
C ALA H 158 -24.46 51.64 -27.45
N GLN H 159 -24.68 51.82 -26.15
CA GLN H 159 -24.22 53.02 -25.47
C GLN H 159 -22.70 53.11 -25.53
N ASN H 160 -22.20 54.33 -25.61
CA ASN H 160 -20.76 54.58 -25.69
C ASN H 160 -20.45 55.70 -24.72
N ARG H 161 -20.01 55.34 -23.51
CA ARG H 161 -19.92 56.28 -22.41
C ARG H 161 -18.52 56.89 -22.28
N GLY H 162 -17.51 56.05 -22.04
CA GLY H 162 -16.20 56.58 -21.72
C GLY H 162 -15.04 55.99 -22.50
N ALA H 163 -15.28 55.54 -23.73
CA ALA H 163 -14.21 55.04 -24.56
C ALA H 163 -14.47 55.45 -26.00
N TYR H 164 -13.38 55.68 -26.74
CA TYR H 164 -13.49 56.10 -28.13
C TYR H 164 -12.18 55.81 -28.84
N VAL H 165 -12.23 55.91 -30.17
CA VAL H 165 -11.07 55.72 -31.03
C VAL H 165 -10.90 56.95 -31.89
N GLU H 166 -9.72 57.05 -32.50
CA GLU H 166 -9.39 58.17 -33.38
C GLU H 166 -9.57 57.74 -34.83
N MET H 167 -10.31 58.54 -35.59
CA MET H 167 -10.47 58.34 -37.02
C MET H 167 -9.77 59.47 -37.75
N HIS H 168 -9.00 59.14 -38.77
CA HIS H 168 -8.27 60.11 -39.56
C HIS H 168 -8.79 60.11 -40.99
N LEU H 169 -8.49 61.18 -41.71
CA LEU H 169 -8.78 61.20 -43.13
C LEU H 169 -7.93 60.16 -43.82
N PRO H 170 -8.53 59.25 -44.59
CA PRO H 170 -7.72 58.20 -45.25
C PRO H 170 -6.75 58.81 -46.23
N GLY H 171 -5.59 58.17 -46.35
CA GLY H 171 -4.58 58.59 -47.30
C GLY H 171 -4.90 58.12 -48.71
N SER H 172 -4.02 58.45 -49.62
CA SER H 172 -4.18 58.03 -51.00
C SER H 172 -4.03 56.52 -51.12
N GLU H 173 -4.88 55.90 -51.91
CA GLU H 173 -4.85 54.47 -52.13
C GLU H 173 -4.48 54.19 -53.58
N VAL H 174 -3.59 53.22 -53.79
CA VAL H 174 -3.18 52.84 -55.13
C VAL H 174 -4.26 51.97 -55.74
N ASP H 175 -4.45 52.11 -57.05
CA ASP H 175 -5.43 51.31 -57.78
C ASP H 175 -4.90 51.14 -59.19
N SER H 176 -4.22 50.02 -59.44
CA SER H 176 -3.62 49.78 -60.75
C SER H 176 -4.66 49.41 -61.80
N SER H 177 -5.90 49.11 -61.39
CA SER H 177 -6.93 48.74 -62.35
C SER H 177 -7.25 49.88 -63.31
N LEU H 178 -7.27 51.12 -62.80
CA LEU H 178 -7.63 52.27 -63.63
C LEU H 178 -6.60 52.57 -64.71
N VAL H 179 -5.41 51.97 -64.63
CA VAL H 179 -4.37 52.19 -65.62
C VAL H 179 -4.73 51.42 -66.89
N SER H 180 -4.87 52.14 -67.99
CA SER H 180 -5.14 51.54 -69.29
C SER H 180 -3.98 51.85 -70.24
N LEU H 181 -3.65 50.89 -71.09
CA LEU H 181 -2.55 51.02 -72.03
C LEU H 181 -3.11 51.50 -73.36
N SER H 182 -2.86 52.76 -73.69
CA SER H 182 -3.29 53.35 -74.95
C SER H 182 -2.11 53.39 -75.92
N GLY H 183 -2.31 54.00 -77.07
CA GLY H 183 -1.27 54.05 -78.07
C GLY H 183 -0.11 54.94 -77.65
N SER H 184 1.02 54.31 -77.30
CA SER H 184 2.23 55.01 -76.88
C SER H 184 1.97 55.93 -75.68
N SER H 185 0.98 55.59 -74.86
CA SER H 185 0.65 56.40 -73.69
C SER H 185 -0.17 55.56 -72.73
N VAL H 186 -0.36 56.08 -71.53
CA VAL H 186 -1.17 55.46 -70.50
C VAL H 186 -2.38 56.35 -70.25
N THR H 187 -3.57 55.76 -70.33
CA THR H 187 -4.83 56.49 -70.16
C THR H 187 -5.47 56.00 -68.86
N VAL H 188 -5.09 56.61 -67.74
CA VAL H 188 -5.67 56.30 -66.45
C VAL H 188 -6.98 57.08 -66.34
N THR H 189 -8.10 56.36 -66.36
CA THR H 189 -9.40 56.99 -66.31
C THR H 189 -9.92 56.95 -64.88
N PRO H 190 -9.98 58.08 -64.18
CA PRO H 190 -10.54 58.06 -62.82
C PRO H 190 -12.03 57.76 -62.88
N PRO H 191 -12.57 57.15 -61.83
CA PRO H 191 -14.02 56.93 -61.80
C PRO H 191 -14.77 58.23 -61.59
N ASP H 192 -16.10 58.15 -61.60
CA ASP H 192 -16.92 59.36 -61.58
C ASP H 192 -16.76 60.09 -60.26
N GLY H 193 -16.47 61.38 -60.33
CA GLY H 193 -16.31 62.18 -59.13
C GLY H 193 -15.17 61.74 -58.23
N THR H 194 -14.05 61.33 -58.82
CA THR H 194 -12.90 60.87 -58.06
C THR H 194 -11.63 61.45 -58.66
N SER H 195 -10.74 61.92 -57.79
CA SER H 195 -9.45 62.46 -58.20
C SER H 195 -8.42 61.34 -58.17
N ALA H 196 -7.85 61.02 -59.32
CA ALA H 196 -6.84 59.97 -59.45
C ALA H 196 -5.48 60.64 -59.59
N LEU H 197 -4.78 60.77 -58.46
CA LEU H 197 -3.46 61.40 -58.45
C LEU H 197 -2.49 60.48 -59.16
N VAL H 198 -2.29 60.72 -60.45
CA VAL H 198 -1.51 59.81 -61.29
C VAL H 198 -0.03 60.16 -61.17
N GLU H 199 0.76 59.19 -60.73
CA GLU H 199 2.20 59.34 -60.64
C GLU H 199 2.85 58.47 -61.71
N CYS H 200 3.66 59.09 -62.56
CA CYS H 200 4.30 58.42 -63.67
C CYS H 200 5.82 58.48 -63.52
N GLU H 201 6.48 57.34 -63.70
CA GLU H 201 7.91 57.22 -63.51
C GLU H 201 8.58 57.08 -64.87
N CYS H 202 9.21 58.14 -65.33
CA CYS H 202 9.92 58.19 -66.61
C CYS H 202 10.77 59.45 -66.61
N GLY H 203 11.27 59.83 -67.78
CA GLY H 203 11.92 61.12 -67.91
C GLY H 203 10.94 62.23 -67.58
N GLY H 204 11.21 62.96 -66.51
CA GLY H 204 10.28 63.99 -66.07
C GLY H 204 9.12 63.42 -65.29
N THR H 205 9.40 62.91 -64.09
CA THR H 205 8.35 62.34 -63.25
C THR H 205 7.27 63.38 -62.98
N LYS H 206 6.02 62.99 -63.22
CA LYS H 206 4.91 63.93 -63.23
C LYS H 206 3.83 63.48 -62.24
N ILE H 207 3.20 64.46 -61.60
CA ILE H 207 2.07 64.25 -60.71
C ILE H 207 0.96 65.18 -61.14
N SER H 208 -0.25 64.64 -61.29
CA SER H 208 -1.36 65.42 -61.80
C SER H 208 -2.64 64.99 -61.11
N GLU H 209 -3.62 65.90 -61.08
CA GLU H 209 -4.92 65.57 -60.52
C GLU H 209 -5.72 64.72 -61.51
N THR H 210 -6.05 65.29 -62.67
CA THR H 210 -6.83 64.60 -63.69
C THR H 210 -8.11 64.03 -63.11
N ILE H 211 -8.71 64.79 -62.19
CA ILE H 211 -9.88 64.29 -61.46
C ILE H 211 -11.05 64.09 -62.41
N ASN H 212 -11.29 65.04 -63.30
CA ASN H 212 -12.49 65.03 -64.11
C ASN H 212 -12.35 64.15 -65.34
N LYS H 213 -11.21 64.25 -66.04
CA LYS H 213 -10.98 63.51 -67.26
C LYS H 213 -9.60 62.87 -67.24
N THR H 214 -9.47 61.77 -67.98
CA THR H 214 -8.19 61.07 -68.08
C THR H 214 -7.18 61.89 -68.87
N LYS H 215 -5.90 61.62 -68.62
CA LYS H 215 -4.80 62.35 -69.26
C LYS H 215 -3.85 61.38 -69.95
N GLN H 216 -3.50 61.70 -71.20
CA GLN H 216 -2.46 60.96 -71.89
C GLN H 216 -1.11 61.25 -71.25
N PHE H 217 -0.32 60.19 -71.05
CA PHE H 217 0.97 60.30 -70.37
C PHE H 217 2.07 60.01 -71.39
N SER H 218 2.71 61.05 -71.88
CA SER H 218 3.85 60.90 -72.78
C SER H 218 5.11 60.56 -71.96
N GLN H 219 6.09 59.97 -72.65
CA GLN H 219 7.35 59.50 -72.11
C GLN H 219 7.17 58.33 -71.15
N CYS H 220 5.93 57.96 -70.83
CA CYS H 220 5.59 56.91 -69.88
C CYS H 220 4.65 55.91 -70.52
N THR H 221 5.00 55.47 -71.74
CA THR H 221 4.13 54.62 -72.53
C THR H 221 3.79 53.33 -71.79
N LYS H 222 4.78 52.70 -71.19
CA LYS H 222 4.54 51.46 -70.47
C LYS H 222 3.62 51.70 -69.28
N LYS H 223 2.69 50.77 -69.08
CA LYS H 223 1.69 50.96 -68.02
C LYS H 223 2.33 50.97 -66.65
N GLU H 224 3.35 50.13 -66.44
CA GLU H 224 3.98 50.03 -65.12
C GLU H 224 4.67 51.32 -64.72
N GLN H 225 5.02 52.18 -65.68
CA GLN H 225 5.70 53.42 -65.36
C GLN H 225 4.78 54.37 -64.57
N CYS H 226 3.49 54.34 -64.86
CA CYS H 226 2.52 55.19 -64.17
C CYS H 226 1.79 54.37 -63.12
N ARG H 227 1.67 54.93 -61.92
CA ARG H 227 0.92 54.33 -60.83
C ARG H 227 -0.21 55.29 -60.45
N ALA H 228 -1.42 54.76 -60.34
CA ALA H 228 -2.60 55.56 -60.04
C ALA H 228 -2.89 55.52 -58.55
N TYR H 229 -3.01 56.69 -57.94
CA TYR H 229 -3.33 56.82 -56.52
C TYR H 229 -4.71 57.48 -56.40
N ARG H 230 -5.73 56.66 -56.15
CA ARG H 230 -7.07 57.19 -55.94
C ARG H 230 -7.11 58.08 -54.71
N LEU H 231 -7.80 59.20 -54.81
CA LEU H 231 -7.92 60.16 -53.71
C LEU H 231 -9.39 60.59 -53.62
N GLN H 232 -10.14 59.94 -52.75
CA GLN H 232 -11.56 60.21 -52.59
C GLN H 232 -11.86 61.06 -51.35
N ASN H 233 -11.49 60.57 -50.17
CA ASN H 233 -11.63 61.31 -48.92
C ASN H 233 -13.08 61.72 -48.66
N ASP H 234 -14.03 60.89 -49.07
CA ASP H 234 -15.43 61.17 -48.79
C ASP H 234 -15.70 61.15 -47.29
N LYS H 235 -15.12 60.20 -46.58
CA LYS H 235 -15.32 60.06 -45.15
C LYS H 235 -13.99 59.74 -44.48
N TRP H 236 -13.90 60.06 -43.20
CA TRP H 236 -12.74 59.65 -42.43
C TRP H 236 -12.74 58.14 -42.25
N VAL H 237 -11.58 57.61 -41.89
CA VAL H 237 -11.42 56.18 -41.70
C VAL H 237 -10.76 55.95 -40.35
N TYR H 238 -11.01 54.77 -39.78
CA TYR H 238 -10.36 54.38 -38.54
C TYR H 238 -8.86 54.24 -38.76
N ASN H 239 -8.09 54.62 -37.74
CA ASN H 239 -6.65 54.50 -37.83
C ASN H 239 -6.27 53.02 -37.80
N SER H 240 -6.13 52.43 -38.98
CA SER H 240 -5.92 50.99 -39.12
C SER H 240 -4.45 50.69 -39.40
N ASP H 241 -4.05 49.48 -39.04
CA ASP H 241 -2.65 49.11 -39.14
C ASP H 241 -2.24 48.88 -40.59
N LYS H 242 -3.19 48.53 -41.45
CA LYS H 242 -2.88 48.22 -42.85
C LYS H 242 -3.03 49.42 -43.77
N LEU H 243 -3.36 50.59 -43.27
CA LEU H 243 -3.61 51.63 -44.26
C LEU H 243 -2.47 52.63 -44.31
N PRO H 244 -2.23 53.25 -45.45
CA PRO H 244 -1.20 54.30 -45.52
C PRO H 244 -1.59 55.51 -44.69
N LYS H 245 -0.57 56.22 -44.22
CA LYS H 245 -0.73 57.40 -43.41
C LYS H 245 -0.51 58.64 -44.28
N ALA H 246 -1.53 59.47 -44.40
CA ALA H 246 -1.39 60.74 -45.09
C ALA H 246 -0.81 61.76 -44.13
N ALA H 247 0.40 62.23 -44.43
CA ALA H 247 1.09 63.14 -43.52
C ALA H 247 0.32 64.44 -43.34
N GLY H 248 -0.20 65.00 -44.42
CA GLY H 248 -0.96 66.23 -44.32
C GLY H 248 -2.36 66.06 -43.79
N ALA H 249 -2.81 64.83 -43.57
CA ALA H 249 -4.15 64.56 -43.05
C ALA H 249 -4.02 64.22 -41.57
N THR H 250 -3.88 65.26 -40.75
CA THR H 250 -4.00 65.12 -39.31
C THR H 250 -5.44 65.47 -38.97
N LEU H 251 -6.33 64.52 -39.20
CA LEU H 251 -7.76 64.75 -39.09
C LEU H 251 -8.34 63.85 -38.01
N LYS H 252 -7.72 63.89 -36.85
CA LYS H 252 -8.13 63.06 -35.72
C LYS H 252 -9.60 63.31 -35.39
N GLY H 253 -10.34 62.23 -35.18
CA GLY H 253 -11.72 62.31 -34.79
C GLY H 253 -12.13 61.25 -33.80
N LYS H 254 -12.75 61.66 -32.69
CA LYS H 254 -13.18 60.71 -31.68
C LYS H 254 -14.37 59.92 -32.17
N LEU H 255 -14.32 58.60 -31.98
CA LEU H 255 -15.43 57.71 -32.32
C LEU H 255 -15.68 56.82 -31.12
N HIS H 256 -16.69 57.15 -30.34
CA HIS H 256 -17.02 56.37 -29.15
C HIS H 256 -17.37 54.94 -29.54
N VAL H 257 -16.88 53.99 -28.74
CA VAL H 257 -16.93 52.56 -29.10
C VAL H 257 -18.11 51.87 -28.43
N PRO H 258 -18.71 50.88 -29.08
CA PRO H 258 -19.86 50.20 -28.50
C PRO H 258 -19.49 48.97 -27.68
N PHE H 259 -20.50 48.28 -27.16
CA PHE H 259 -20.35 46.98 -26.51
C PHE H 259 -19.34 47.06 -25.35
N LEU H 260 -19.42 48.12 -24.57
CA LEU H 260 -18.49 48.31 -23.48
C LEU H 260 -18.70 47.24 -22.42
N LEU H 261 -17.59 46.75 -21.86
CA LEU H 261 -17.68 45.75 -20.80
C LEU H 261 -18.38 46.33 -19.58
N ALA H 262 -19.36 45.59 -19.07
CA ALA H 262 -20.17 46.06 -17.96
C ALA H 262 -20.34 44.94 -16.96
N ASP H 263 -20.60 45.33 -15.71
CA ASP H 263 -20.83 44.34 -14.67
C ASP H 263 -22.21 43.70 -14.85
N GLY H 264 -22.34 42.50 -14.31
CA GLY H 264 -23.61 41.81 -14.36
C GLY H 264 -23.59 40.62 -13.43
N LYS H 265 -24.67 39.85 -13.47
CA LYS H 265 -24.77 38.63 -12.68
C LYS H 265 -25.18 37.49 -13.60
N CYS H 266 -24.41 36.41 -13.56
CA CYS H 266 -24.70 35.22 -14.34
C CYS H 266 -24.57 34.00 -13.43
N THR H 267 -25.41 33.00 -13.70
CA THR H 267 -25.43 31.83 -12.85
C THR H 267 -24.11 31.06 -12.94
N VAL H 268 -23.78 30.36 -11.86
CA VAL H 268 -22.52 29.64 -11.76
C VAL H 268 -22.85 28.19 -11.41
N PRO H 269 -22.07 27.22 -11.85
CA PRO H 269 -22.34 25.84 -11.46
C PRO H 269 -22.07 25.64 -9.99
N LEU H 270 -22.88 24.78 -9.37
CA LEU H 270 -22.77 24.53 -7.94
C LEU H 270 -22.29 23.11 -7.71
N ALA H 271 -21.22 22.96 -6.94
CA ALA H 271 -20.63 21.66 -6.71
C ALA H 271 -21.56 20.79 -5.85
N PRO H 272 -21.49 19.46 -6.00
CA PRO H 272 -22.28 18.59 -5.13
C PRO H 272 -21.85 18.73 -3.68
N GLU H 273 -22.81 18.59 -2.78
CA GLU H 273 -22.52 18.76 -1.37
C GLU H 273 -21.67 17.61 -0.86
N PRO H 274 -20.54 17.90 -0.22
CA PRO H 274 -19.67 16.81 0.24
C PRO H 274 -20.35 15.95 1.29
N MET H 275 -20.01 14.66 1.26
CA MET H 275 -20.43 13.71 2.28
C MET H 275 -19.35 13.68 3.35
N ILE H 276 -19.66 14.21 4.52
CA ILE H 276 -18.65 14.48 5.54
C ILE H 276 -18.95 13.65 6.77
N THR H 277 -17.90 13.07 7.34
CA THR H 277 -17.99 12.34 8.61
C THR H 277 -17.24 13.12 9.67
N PHE H 278 -17.92 13.39 10.78
CA PHE H 278 -17.32 14.10 11.89
C PHE H 278 -16.67 13.09 12.82
N GLY H 279 -15.33 13.04 12.80
CA GLY H 279 -14.59 12.25 13.75
C GLY H 279 -14.26 13.06 15.00
N PHE H 280 -13.49 12.45 15.88
CA PHE H 280 -13.06 13.16 17.08
C PHE H 280 -12.00 14.18 16.68
N ARG H 281 -12.42 15.43 16.61
CA ARG H 281 -11.53 16.54 16.26
C ARG H 281 -10.89 16.33 14.89
N SER H 282 -11.63 15.74 13.97
CA SER H 282 -11.13 15.48 12.63
C SER H 282 -12.32 15.21 11.71
N VAL H 283 -12.21 15.63 10.46
CA VAL H 283 -13.25 15.40 9.46
C VAL H 283 -12.63 14.75 8.24
N SER H 284 -13.27 13.68 7.77
CA SER H 284 -12.95 13.09 6.47
C SER H 284 -14.00 13.56 5.48
N LEU H 285 -13.56 14.32 4.48
CA LEU H 285 -14.48 14.88 3.48
C LEU H 285 -14.47 14.00 2.24
N LYS H 286 -15.60 13.38 1.96
CA LYS H 286 -15.79 12.58 0.75
C LYS H 286 -16.56 13.43 -0.25
N LEU H 287 -15.90 13.79 -1.35
CA LEU H 287 -16.50 14.65 -2.36
C LEU H 287 -16.29 14.07 -3.74
N HIS H 288 -17.26 14.29 -4.62
CA HIS H 288 -17.24 13.78 -5.99
C HIS H 288 -17.53 14.95 -6.92
N PRO H 289 -16.50 15.70 -7.31
CA PRO H 289 -16.71 16.89 -8.12
C PRO H 289 -17.21 16.54 -9.51
N LYS H 290 -18.37 17.09 -9.88
CA LYS H 290 -18.87 16.90 -11.23
C LYS H 290 -17.94 17.54 -12.26
N ASN H 291 -17.41 18.72 -11.95
CA ASN H 291 -16.47 19.45 -12.79
C ASN H 291 -15.29 19.85 -11.93
N PRO H 292 -14.14 20.15 -12.53
CA PRO H 292 -12.98 20.56 -11.72
C PRO H 292 -13.27 21.83 -10.93
N THR H 293 -13.31 21.70 -9.60
CA THR H 293 -13.61 22.80 -8.71
C THR H 293 -12.57 22.86 -7.61
N TYR H 294 -12.16 24.08 -7.25
CA TYR H 294 -11.17 24.26 -6.21
C TYR H 294 -11.76 23.93 -4.83
N LEU H 295 -10.90 23.43 -3.96
CA LEU H 295 -11.23 23.24 -2.55
C LEU H 295 -10.29 24.11 -1.73
N ILE H 296 -10.86 24.95 -0.88
CA ILE H 296 -10.09 25.92 -0.10
C ILE H 296 -10.30 25.61 1.38
N THR H 297 -9.19 25.34 2.07
CA THR H 297 -9.22 24.97 3.48
C THR H 297 -8.44 26.01 4.26
N ARG H 298 -9.01 26.48 5.36
CA ARG H 298 -8.37 27.48 6.21
C ARG H 298 -8.70 27.21 7.67
N GLN H 299 -7.68 27.28 8.52
CA GLN H 299 -7.88 27.21 9.96
C GLN H 299 -8.23 28.60 10.50
N LEU H 300 -8.94 28.62 11.62
CA LEU H 300 -9.36 29.87 12.24
C LEU H 300 -8.35 30.38 13.26
N ALA H 301 -7.24 29.69 13.44
CA ALA H 301 -6.25 30.05 14.45
C ALA H 301 -5.32 31.13 13.92
N ASP H 302 -4.22 31.36 14.62
CA ASP H 302 -3.26 32.40 14.21
C ASP H 302 -2.62 32.06 12.88
N GLU H 303 -2.17 30.82 12.70
CA GLU H 303 -1.57 30.40 11.45
C GLU H 303 -2.65 29.79 10.58
N PRO H 304 -3.03 30.42 9.47
CA PRO H 304 -4.11 29.84 8.64
C PRO H 304 -3.79 28.45 8.14
N HIS H 305 -2.54 28.20 7.76
CA HIS H 305 -2.16 26.96 7.10
C HIS H 305 -3.12 26.64 5.96
N TYR H 306 -3.48 27.67 5.21
CA TYR H 306 -4.55 27.55 4.23
C TYR H 306 -4.14 26.60 3.12
N THR H 307 -5.12 25.84 2.63
CA THR H 307 -4.89 24.83 1.60
C THR H 307 -5.74 25.18 0.39
N HIS H 308 -5.08 25.39 -0.74
CA HIS H 308 -5.75 25.67 -2.01
C HIS H 308 -5.34 24.59 -3.01
N GLU H 309 -6.33 23.91 -3.57
CA GLU H 309 -6.04 22.83 -4.51
C GLU H 309 -7.22 22.64 -5.45
N LEU H 310 -6.95 21.97 -6.56
CA LEU H 310 -7.97 21.59 -7.53
C LEU H 310 -8.15 20.08 -7.49
N ILE H 311 -9.39 19.63 -7.34
CA ILE H 311 -9.73 18.22 -7.37
C ILE H 311 -10.76 18.00 -8.47
N SER H 312 -10.50 17.03 -9.35
CA SER H 312 -11.38 16.76 -10.47
C SER H 312 -11.95 15.35 -10.48
N GLU H 313 -11.60 14.51 -9.52
CA GLU H 313 -12.09 13.14 -9.42
C GLU H 313 -12.58 12.90 -8.01
N PRO H 314 -13.50 11.96 -7.83
CA PRO H 314 -14.00 11.68 -6.48
C PRO H 314 -12.85 11.34 -5.54
N ALA H 315 -12.71 12.12 -4.48
CA ALA H 315 -11.59 11.93 -3.57
C ALA H 315 -12.07 12.12 -2.15
N VAL H 316 -11.33 11.53 -1.22
CA VAL H 316 -11.62 11.62 0.20
C VAL H 316 -10.41 12.20 0.91
N ARG H 317 -10.63 13.27 1.66
CA ARG H 317 -9.56 14.02 2.29
C ARG H 317 -9.71 13.95 3.80
N ASN H 318 -8.63 13.56 4.49
CA ASN H 318 -8.61 13.51 5.94
C ASN H 318 -8.06 14.82 6.47
N PHE H 319 -8.80 15.44 7.39
CA PHE H 319 -8.44 16.74 7.91
C PHE H 319 -8.55 16.75 9.43
N THR H 320 -7.76 17.62 10.04
CA THR H 320 -7.68 17.75 11.49
C THR H 320 -8.40 19.02 11.92
N VAL H 321 -9.32 18.88 12.88
CA VAL H 321 -10.14 19.99 13.36
C VAL H 321 -9.80 20.23 14.82
N THR H 322 -9.48 21.47 15.16
CA THR H 322 -9.18 21.81 16.54
C THR H 322 -10.33 22.60 17.17
N GLU H 323 -10.19 22.87 18.46
CA GLU H 323 -11.12 23.74 19.15
C GLU H 323 -11.05 25.17 18.61
N LYS H 324 -9.92 25.56 18.04
CA LYS H 324 -9.75 26.91 17.53
C LYS H 324 -10.66 27.22 16.37
N GLY H 325 -11.10 26.21 15.64
CA GLY H 325 -11.98 26.48 14.55
C GLY H 325 -11.33 26.16 13.21
N TRP H 326 -12.13 25.66 12.29
CA TRP H 326 -11.65 25.28 10.98
C TRP H 326 -12.76 25.53 9.99
N GLU H 327 -12.41 26.07 8.83
CA GLU H 327 -13.39 26.44 7.82
C GLU H 327 -12.94 25.93 6.47
N PHE H 328 -13.92 25.58 5.63
CA PHE H 328 -13.64 25.18 4.26
C PHE H 328 -14.75 25.72 3.37
N VAL H 329 -14.39 26.01 2.13
CA VAL H 329 -15.36 26.37 1.10
C VAL H 329 -15.14 25.42 -0.06
N TRP H 330 -16.19 24.67 -0.40
CA TRP H 330 -16.12 23.67 -1.46
C TRP H 330 -16.98 24.14 -2.61
N GLY H 331 -16.34 24.53 -3.71
CA GLY H 331 -17.06 25.11 -4.82
C GLY H 331 -17.70 26.42 -4.43
N ASN H 332 -18.81 26.72 -5.10
CA ASN H 332 -19.50 27.99 -4.88
C ASN H 332 -20.33 28.01 -3.60
N HIS H 333 -20.42 26.89 -2.90
CA HIS H 333 -21.17 26.87 -1.65
C HIS H 333 -20.56 27.84 -0.66
N PRO H 334 -21.37 28.58 0.08
CA PRO H 334 -20.83 29.53 1.07
C PRO H 334 -20.01 28.82 2.13
N PRO H 335 -18.96 29.46 2.62
CA PRO H 335 -18.11 28.79 3.62
C PRO H 335 -18.90 28.48 4.89
N LYS H 336 -18.55 27.35 5.50
CA LYS H 336 -19.17 26.93 6.75
C LYS H 336 -18.07 26.52 7.72
N ARG H 337 -18.21 26.92 8.98
CA ARG H 337 -17.19 26.73 9.99
C ARG H 337 -17.48 25.53 10.87
N PHE H 338 -16.45 25.09 11.59
CA PHE H 338 -16.57 23.98 12.53
C PHE H 338 -15.63 24.22 13.71
N TRP H 339 -16.01 23.69 14.86
CA TRP H 339 -15.20 23.75 16.07
C TRP H 339 -15.23 22.40 16.76
N ALA H 340 -14.09 21.98 17.29
CA ALA H 340 -13.99 20.71 17.99
C ALA H 340 -14.15 20.89 19.49
N GLN H 341 -14.75 19.89 20.13
CA GLN H 341 -14.87 19.84 21.58
C GLN H 341 -14.61 18.41 22.04
N GLU H 342 -14.16 18.27 23.29
CA GLU H 342 -13.66 16.99 23.77
C GLU H 342 -14.79 15.97 23.82
N THR H 343 -14.67 14.92 23.00
CA THR H 343 -15.71 13.90 22.89
C THR H 343 -15.22 12.52 23.30
N ALA H 344 -14.25 11.96 22.58
CA ALA H 344 -13.84 10.59 22.79
C ALA H 344 -12.33 10.44 22.70
N PRO H 345 -11.73 9.54 23.47
CA PRO H 345 -12.40 8.77 24.52
C PRO H 345 -12.45 9.54 25.84
N GLY H 346 -12.07 10.81 25.81
CA GLY H 346 -12.27 11.69 26.94
C GLY H 346 -11.50 11.25 28.16
N ASN H 347 -12.24 10.93 29.23
CA ASN H 347 -11.66 10.36 30.44
C ASN H 347 -12.73 9.65 31.24
N PRO H 348 -12.66 8.33 31.37
CA PRO H 348 -13.65 7.61 32.18
C PRO H 348 -13.27 7.64 33.65
N HIS H 349 -14.00 6.87 34.45
CA HIS H 349 -13.70 6.72 35.87
C HIS H 349 -13.39 5.26 36.15
N GLY H 350 -12.23 5.01 36.77
CA GLY H 350 -11.78 3.65 36.97
C GLY H 350 -11.07 3.11 35.75
N LEU H 351 -10.57 1.88 35.89
CA LEU H 351 -9.72 1.25 34.88
C LEU H 351 -8.58 2.20 34.56
N PRO H 352 -7.62 2.38 35.47
CA PRO H 352 -6.65 3.48 35.32
C PRO H 352 -5.90 3.47 34.00
N HIS H 353 -5.64 2.29 33.42
CA HIS H 353 -5.04 2.25 32.09
C HIS H 353 -5.95 2.92 31.07
N GLU H 354 -7.26 2.62 31.13
CA GLU H 354 -8.20 3.28 30.25
C GLU H 354 -8.24 4.77 30.51
N VAL H 355 -8.19 5.17 31.79
CA VAL H 355 -8.22 6.59 32.14
C VAL H 355 -7.03 7.32 31.54
N ILE H 356 -5.83 6.76 31.69
CA ILE H 356 -4.65 7.44 31.20
C ILE H 356 -4.62 7.44 29.67
N THR H 357 -5.08 6.35 29.04
CA THR H 357 -5.13 6.36 27.58
C THR H 357 -6.07 7.42 27.06
N HIS H 358 -7.24 7.55 27.68
CA HIS H 358 -8.19 8.57 27.25
C HIS H 358 -7.67 9.96 27.57
N TYR H 359 -6.94 10.11 28.67
CA TYR H 359 -6.38 11.39 29.07
C TYR H 359 -5.21 11.80 28.19
N TYR H 360 -4.52 10.83 27.58
CA TYR H 360 -3.49 11.14 26.60
C TYR H 360 -4.09 11.42 25.23
N HIS H 361 -5.16 10.71 24.88
CA HIS H 361 -5.82 10.96 23.60
C HIS H 361 -6.21 12.43 23.49
N ARG H 362 -6.73 13.00 24.56
CA ARG H 362 -6.80 14.45 24.67
C ARG H 362 -5.45 14.98 25.11
N TYR H 363 -5.15 16.21 24.66
CA TYR H 363 -3.89 16.88 24.97
C TYR H 363 -2.69 16.07 24.49
N PRO H 364 -2.54 15.85 23.19
CA PRO H 364 -1.37 15.11 22.70
C PRO H 364 -0.08 15.85 23.02
N MET H 365 0.97 15.10 23.30
CA MET H 365 2.26 15.63 23.76
C MET H 365 2.13 16.53 24.98
N SER H 366 0.96 16.55 25.61
CA SER H 366 0.68 17.38 26.76
C SER H 366 0.26 16.49 27.91
N THR H 367 0.78 16.79 29.10
CA THR H 367 0.62 16.02 30.33
C THR H 367 1.30 14.66 30.25
N ILE H 368 1.81 14.27 29.10
CA ILE H 368 2.70 13.11 29.03
C ILE H 368 3.98 13.39 29.77
N LEU H 369 4.53 14.60 29.57
CA LEU H 369 5.67 15.02 30.37
C LEU H 369 5.31 15.06 31.84
N GLY H 370 4.05 15.38 32.15
CA GLY H 370 3.63 15.33 33.54
C GLY H 370 3.70 13.94 34.13
N LEU H 371 3.22 12.95 33.39
CA LEU H 371 3.32 11.57 33.86
C LEU H 371 4.77 11.14 34.01
N SER H 372 5.61 11.52 33.04
CA SER H 372 7.02 11.16 33.11
C SER H 372 7.69 11.79 34.32
N ILE H 373 7.38 13.06 34.59
CA ILE H 373 7.97 13.75 35.73
C ILE H 373 7.50 13.12 37.04
N CYS H 374 6.22 12.76 37.11
CA CYS H 374 5.72 12.11 38.32
C CYS H 374 6.39 10.76 38.53
N ALA H 375 6.57 9.99 37.46
CA ALA H 375 7.26 8.71 37.58
C ALA H 375 8.69 8.91 38.04
N ALA H 376 9.38 9.91 37.50
CA ALA H 376 10.74 10.19 37.92
C ALA H 376 10.78 10.58 39.40
N ILE H 377 9.83 11.40 39.84
CA ILE H 377 9.79 11.80 41.25
C ILE H 377 9.58 10.58 42.14
N ALA H 378 8.65 9.70 41.74
CA ALA H 378 8.38 8.52 42.54
C ALA H 378 9.61 7.61 42.61
N THR H 379 10.29 7.44 41.48
CA THR H 379 11.48 6.59 41.47
C THR H 379 12.59 7.17 42.32
N VAL H 380 12.78 8.49 42.27
CA VAL H 380 13.81 9.13 43.08
C VAL H 380 13.46 8.99 44.55
N SER H 381 12.19 9.14 44.90
CA SER H 381 11.78 8.96 46.29
C SER H 381 12.04 7.54 46.77
N VAL H 382 11.73 6.55 45.94
CA VAL H 382 11.98 5.16 46.33
C VAL H 382 13.48 4.91 46.49
N ALA H 383 14.29 5.46 45.59
CA ALA H 383 15.73 5.26 45.69
C ALA H 383 16.29 5.89 46.95
N ALA H 384 15.84 7.10 47.28
CA ALA H 384 16.29 7.74 48.51
C ALA H 384 15.83 6.97 49.73
N SER H 385 14.62 6.42 49.69
CA SER H 385 14.15 5.59 50.79
C SER H 385 15.04 4.34 50.95
N THR H 386 15.45 3.74 49.83
CA THR H 386 16.35 2.60 49.90
C THR H 386 17.69 2.98 50.51
N TRP H 387 18.24 4.13 50.10
CA TRP H 387 19.50 4.60 50.66
C TRP H 387 19.36 4.82 52.17
N LEU H 388 18.29 5.48 52.58
CA LEU H 388 18.10 5.78 53.99
C LEU H 388 17.83 4.52 54.80
N PHE H 389 17.17 3.52 54.22
CA PHE H 389 16.95 2.28 54.95
C PHE H 389 18.23 1.46 55.05
N CYS H 390 19.07 1.50 54.03
CA CYS H 390 20.40 0.89 54.15
C CYS H 390 21.21 1.56 55.24
N ARG H 391 21.15 2.90 55.29
CA ARG H 391 21.78 3.63 56.39
C ARG H 391 21.21 3.20 57.72
N SER H 392 19.90 2.98 57.78
CA SER H 392 19.25 2.56 59.03
C SER H 392 19.75 1.18 59.45
N ARG H 393 19.83 0.25 58.51
CA ARG H 393 20.34 -1.08 58.83
C ARG H 393 21.78 -1.01 59.35
N VAL H 394 22.61 -0.21 58.68
CA VAL H 394 24.00 -0.07 59.12
C VAL H 394 24.05 0.53 60.52
N ALA H 395 23.28 1.60 60.75
CA ALA H 395 23.32 2.29 62.03
C ALA H 395 22.79 1.41 63.15
N CYS H 396 21.84 0.52 62.84
CA CYS H 396 21.34 -0.38 63.86
C CYS H 396 22.33 -1.49 64.17
N LEU H 397 22.94 -2.08 63.14
CA LEU H 397 23.72 -3.28 63.37
C LEU H 397 25.16 -2.98 63.79
N THR H 398 25.80 -2.04 63.12
CA THR H 398 27.23 -1.81 63.34
C THR H 398 27.60 -1.59 64.80
N PRO H 399 26.86 -0.79 65.59
CA PRO H 399 27.16 -0.75 67.02
C PRO H 399 27.03 -2.10 67.69
N TYR H 400 26.10 -2.95 67.25
CA TYR H 400 25.89 -4.24 67.87
C TYR H 400 26.60 -5.38 67.15
N ARG H 401 27.04 -5.18 65.91
CA ARG H 401 27.79 -6.23 65.23
C ARG H 401 29.17 -6.40 65.84
N LEU H 402 29.83 -5.30 66.20
CA LEU H 402 31.21 -5.33 66.68
C LEU H 402 31.23 -5.77 68.15
N THR H 403 30.93 -7.04 68.34
CA THR H 403 30.89 -7.67 69.65
C THR H 403 30.97 -9.18 69.47
N PRO H 404 31.50 -9.91 70.45
CA PRO H 404 31.49 -11.38 70.34
C PRO H 404 30.09 -11.97 70.27
N ASN H 405 29.12 -11.36 70.94
CA ASN H 405 27.74 -11.79 70.78
C ASN H 405 27.21 -11.42 69.41
N ALA H 406 27.12 -10.12 69.12
CA ALA H 406 26.65 -9.57 67.87
C ALA H 406 25.24 -10.00 67.48
N ARG H 407 24.46 -10.53 68.43
CA ARG H 407 23.08 -10.90 68.15
C ARG H 407 22.19 -10.46 69.30
N ILE H 408 21.07 -9.84 68.99
CA ILE H 408 20.16 -9.28 69.99
C ILE H 408 18.72 -9.55 69.53
N PRO H 409 17.96 -10.35 70.28
CA PRO H 409 16.60 -10.68 69.82
C PRO H 409 15.69 -9.47 69.69
N PHE H 410 15.81 -8.50 70.58
CA PHE H 410 14.88 -7.38 70.60
C PHE H 410 15.05 -6.51 69.36
N CYS H 411 16.29 -6.19 68.99
CA CYS H 411 16.51 -5.35 67.82
C CYS H 411 16.08 -6.07 66.54
N LEU H 412 16.41 -7.35 66.41
CA LEU H 412 15.96 -8.09 65.24
C LEU H 412 14.44 -8.19 65.20
N ALA H 413 13.80 -8.16 66.36
CA ALA H 413 12.34 -8.17 66.39
C ALA H 413 11.77 -6.82 65.97
N VAL H 414 12.38 -5.73 66.42
CA VAL H 414 11.77 -4.42 66.23
C VAL H 414 12.12 -3.82 64.87
N LEU H 415 13.27 -4.18 64.29
CA LEU H 415 13.69 -3.56 63.04
C LEU H 415 14.11 -4.60 62.02
N CYS H 416 14.62 -5.74 62.49
CA CYS H 416 15.12 -6.80 61.60
C CYS H 416 16.18 -6.25 60.66
N CYS H 417 17.19 -5.59 61.24
CA CYS H 417 18.23 -4.97 60.44
C CYS H 417 19.03 -5.99 59.66
N ALA H 418 19.36 -7.12 60.27
CA ALA H 418 20.14 -8.17 59.64
C ALA H 418 19.23 -9.36 59.32
N ARG H 419 19.37 -9.89 58.11
CA ARG H 419 18.57 -11.02 57.69
C ARG H 419 19.21 -12.31 58.20
N THR H 420 18.50 -13.02 59.07
CA THR H 420 19.06 -14.24 59.66
C THR H 420 19.17 -15.35 58.62
N ALA H 421 18.21 -15.46 57.70
CA ALA H 421 18.26 -16.49 56.68
C ALA H 421 19.36 -16.20 55.66
N ARG H 422 19.45 -14.95 55.20
CA ARG H 422 20.49 -14.57 54.27
C ARG H 422 21.85 -14.57 54.96
N ALA H 423 22.88 -14.97 54.22
CA ALA H 423 24.23 -15.01 54.76
C ALA H 423 25.25 -14.54 53.74
N LYS I 1 56.30 -3.86 91.57
CA LYS I 1 57.34 -3.99 90.56
C LYS I 1 56.73 -4.12 89.16
N ARG I 2 57.25 -3.33 88.22
CA ARG I 2 56.72 -3.34 86.86
C ARG I 2 57.25 -4.49 86.02
N GLN I 3 58.34 -5.14 86.45
CA GLN I 3 58.91 -6.22 85.66
C GLN I 3 57.94 -7.39 85.52
N ARG I 4 57.27 -7.76 86.60
CA ARG I 4 56.30 -8.84 86.54
C ARG I 4 55.11 -8.45 85.66
N MET I 5 54.68 -7.19 85.74
CA MET I 5 53.60 -6.72 84.88
C MET I 5 53.99 -6.85 83.41
N VAL I 6 55.21 -6.44 83.07
CA VAL I 6 55.67 -6.56 81.69
C VAL I 6 55.73 -8.03 81.27
N MET I 7 56.20 -8.90 82.17
CA MET I 7 56.28 -10.32 81.86
C MET I 7 54.90 -10.89 81.57
N LYS I 8 53.90 -10.54 82.38
CA LYS I 8 52.54 -11.01 82.13
C LYS I 8 51.99 -10.42 80.84
N LEU I 9 52.32 -9.16 80.55
CA LEU I 9 51.86 -8.51 79.34
C LEU I 9 52.41 -9.20 78.10
N GLU I 10 53.68 -9.61 78.13
CA GLU I 10 54.35 -10.17 76.96
C GLU I 10 54.07 -11.64 76.79
N SER I 11 52.98 -12.16 77.37
CA SER I 11 52.69 -13.58 77.31
C SER I 11 51.96 -13.94 76.03
N ASP I 12 50.82 -13.31 75.77
CA ASP I 12 50.00 -13.64 74.62
C ASP I 12 50.55 -12.97 73.35
N LYS I 13 50.07 -13.47 72.21
CA LYS I 13 50.52 -13.02 70.90
C LYS I 13 49.35 -12.56 70.06
N THR I 14 49.63 -11.70 69.10
CA THR I 14 48.64 -11.23 68.13
C THR I 14 49.13 -11.56 66.72
N PHE I 15 48.27 -11.28 65.74
CA PHE I 15 48.57 -11.56 64.34
C PHE I 15 48.74 -10.25 63.58
N PRO I 16 49.95 -9.92 63.15
CA PRO I 16 50.18 -8.60 62.53
C PRO I 16 49.59 -8.53 61.12
N ILE I 17 49.53 -7.30 60.61
CA ILE I 17 49.04 -7.02 59.27
C ILE I 17 50.24 -6.58 58.43
N MET I 18 50.45 -7.24 57.31
CA MET I 18 51.60 -6.96 56.45
C MET I 18 51.14 -6.33 55.15
N LEU I 19 51.92 -5.37 54.66
CA LEU I 19 51.70 -4.79 53.33
C LEU I 19 53.08 -4.63 52.70
N GLU I 20 53.42 -5.54 51.79
CA GLU I 20 54.69 -5.51 51.07
C GLU I 20 55.87 -5.51 52.03
N GLY I 21 55.83 -6.42 53.01
CA GLY I 21 56.89 -6.50 53.98
C GLY I 21 56.86 -5.41 55.03
N LYS I 22 55.81 -4.60 55.06
CA LYS I 22 55.66 -3.53 56.03
C LYS I 22 54.44 -3.81 56.90
N ILE I 23 54.61 -3.69 58.21
CA ILE I 23 53.54 -3.96 59.16
C ILE I 23 52.75 -2.70 59.43
N ASN I 24 51.65 -2.50 58.69
CA ASN I 24 50.83 -1.32 58.87
C ASN I 24 49.97 -1.40 60.12
N GLY I 25 49.79 -2.59 60.69
CA GLY I 25 48.93 -2.73 61.85
C GLY I 25 48.87 -4.17 62.31
N TYR I 26 47.92 -4.43 63.20
CA TYR I 26 47.72 -5.75 63.79
C TYR I 26 46.27 -6.16 63.66
N ALA I 27 46.06 -7.47 63.55
CA ALA I 27 44.72 -8.05 63.40
C ALA I 27 44.54 -9.09 64.52
N CYS I 28 43.78 -8.73 65.54
CA CYS I 28 43.54 -9.59 66.69
C CYS I 28 42.16 -10.24 66.61
N VAL I 29 42.02 -11.36 67.31
CA VAL I 29 40.76 -12.09 67.43
C VAL I 29 40.38 -12.14 68.90
N VAL I 30 39.17 -11.70 69.22
CA VAL I 30 38.64 -11.75 70.57
C VAL I 30 37.20 -12.27 70.51
N GLY I 31 36.92 -13.33 71.25
CA GLY I 31 35.58 -13.87 71.33
C GLY I 31 35.06 -14.52 70.07
N GLY I 32 35.94 -14.95 69.17
CA GLY I 32 35.51 -15.54 67.92
C GLY I 32 35.28 -14.57 66.79
N LYS I 33 35.66 -13.31 66.96
CA LYS I 33 35.47 -12.29 65.95
C LYS I 33 36.82 -11.72 65.54
N LEU I 34 37.07 -11.70 64.23
CA LEU I 34 38.31 -11.13 63.71
C LEU I 34 38.17 -9.64 63.49
N PHE I 35 39.16 -8.87 63.95
CA PHE I 35 39.11 -7.42 63.88
C PHE I 35 40.39 -6.87 63.29
N ARG I 36 40.25 -5.81 62.50
CA ARG I 36 41.39 -5.05 62.02
C ARG I 36 40.90 -3.70 61.57
N PRO I 37 41.67 -2.63 61.80
CA PRO I 37 41.24 -1.30 61.38
C PRO I 37 41.05 -1.23 59.88
N MET I 38 39.99 -0.53 59.46
CA MET I 38 39.69 -0.42 58.04
C MET I 38 40.65 0.54 57.35
N HIS I 39 41.03 1.63 58.03
CA HIS I 39 41.96 2.57 57.41
C HIS I 39 43.33 1.93 57.19
N VAL I 40 43.71 0.98 58.04
CA VAL I 40 44.94 0.24 57.82
C VAL I 40 44.67 -0.89 56.84
N GLU I 41 45.43 -0.93 55.75
CA GLU I 41 45.27 -1.97 54.75
C GLU I 41 46.53 -2.81 54.66
N GLY I 42 46.35 -4.06 54.28
CA GLY I 42 47.46 -4.98 54.16
C GLY I 42 46.93 -6.40 54.09
N LYS I 43 47.85 -7.34 54.31
CA LYS I 43 47.50 -8.75 54.39
C LYS I 43 47.83 -9.25 55.78
N ILE I 44 46.88 -9.95 56.41
CA ILE I 44 47.12 -10.51 57.73
C ILE I 44 48.20 -11.58 57.64
N ASP I 45 48.98 -11.72 58.71
CA ASP I 45 50.11 -12.63 58.68
C ASP I 45 49.65 -14.07 58.44
N ASN I 46 48.59 -14.50 59.14
CA ASN I 46 48.09 -15.86 58.98
C ASN I 46 47.27 -15.97 57.71
N ASP I 47 47.54 -17.00 56.91
CA ASP I 47 46.84 -17.18 55.65
C ASP I 47 45.36 -17.46 55.87
N VAL I 48 45.04 -18.32 56.83
CA VAL I 48 43.65 -18.77 56.99
C VAL I 48 42.74 -17.60 57.29
N LEU I 49 43.12 -16.77 58.26
CA LEU I 49 42.31 -15.62 58.58
C LEU I 49 42.27 -14.65 57.41
N ALA I 50 43.39 -14.52 56.69
CA ALA I 50 43.42 -13.67 55.51
C ALA I 50 42.43 -14.14 54.45
N ALA I 51 42.09 -15.43 54.45
CA ALA I 51 41.13 -15.95 53.50
C ALA I 51 39.69 -15.66 53.89
N LEU I 52 39.45 -15.21 55.12
CA LEU I 52 38.08 -15.00 55.56
C LEU I 52 37.46 -13.77 54.90
N LYS I 53 36.18 -13.90 54.54
CA LYS I 53 35.43 -12.75 54.06
C LYS I 53 35.11 -11.83 55.23
N THR I 54 35.32 -10.53 55.03
CA THR I 54 35.10 -9.54 56.07
C THR I 54 34.15 -8.46 55.55
N LYS I 55 33.55 -7.73 56.49
CA LYS I 55 32.68 -6.61 56.16
C LYS I 55 33.19 -5.35 56.85
N LYS I 56 32.85 -4.21 56.26
CA LYS I 56 33.39 -2.92 56.66
C LYS I 56 32.41 -2.15 57.53
N ALA I 57 32.97 -1.28 58.37
CA ALA I 57 32.19 -0.40 59.23
C ALA I 57 32.50 1.03 58.83
N SER I 58 31.48 1.74 58.30
CA SER I 58 31.72 3.06 57.75
C SER I 58 32.14 4.05 58.83
N LYS I 59 31.43 4.06 59.95
CA LYS I 59 31.72 5.01 61.02
C LYS I 59 32.67 4.45 62.08
N TYR I 60 33.02 3.18 62.01
CA TYR I 60 33.87 2.58 63.02
C TYR I 60 35.27 2.24 62.51
N ASP I 61 35.49 2.32 61.20
CA ASP I 61 36.83 2.23 60.61
C ASP I 61 37.54 0.93 60.99
N LEU I 62 36.80 -0.17 60.90
CA LEU I 62 37.38 -1.49 61.13
C LEU I 62 36.51 -2.53 60.44
N GLU I 63 37.08 -3.71 60.26
CA GLU I 63 36.38 -4.85 59.68
C GLU I 63 36.17 -5.93 60.74
N TYR I 64 35.17 -6.77 60.49
CA TYR I 64 34.81 -7.84 61.40
C TYR I 64 34.62 -9.14 60.62
N ALA I 65 34.91 -10.25 61.27
CA ALA I 65 34.81 -11.55 60.63
C ALA I 65 34.67 -12.64 61.69
N ASP I 66 33.86 -13.64 61.39
CA ASP I 66 33.68 -14.78 62.27
C ASP I 66 34.80 -15.78 62.04
N VAL I 67 35.49 -16.16 63.11
CA VAL I 67 36.54 -17.15 63.04
C VAL I 67 35.91 -18.52 62.83
N PRO I 68 36.62 -19.49 62.29
CA PRO I 68 36.05 -20.83 62.17
C PRO I 68 35.79 -21.45 63.53
N GLN I 69 34.83 -22.37 63.57
CA GLN I 69 34.47 -23.00 64.83
C GLN I 69 35.66 -23.75 65.42
N ASN I 70 36.41 -24.47 64.59
CA ASN I 70 37.50 -25.29 65.10
C ASN I 70 38.64 -24.46 65.68
N MET I 71 38.60 -23.14 65.52
CA MET I 71 39.62 -22.27 66.09
C MET I 71 39.06 -21.23 67.05
N ARG I 72 37.76 -21.26 67.35
CA ARG I 72 37.19 -20.25 68.22
C ARG I 72 37.63 -20.41 69.67
N ALA I 73 38.12 -21.59 70.06
CA ALA I 73 38.64 -21.76 71.41
C ALA I 73 39.85 -20.86 71.64
N ASP I 74 40.73 -20.77 70.63
CA ASP I 74 41.95 -19.96 70.73
C ASP I 74 41.59 -18.52 70.40
N THR I 75 40.97 -17.85 71.37
CA THR I 75 40.60 -16.46 71.22
C THR I 75 40.78 -15.77 72.56
N PHE I 76 40.88 -14.44 72.51
CA PHE I 76 41.10 -13.67 73.72
C PHE I 76 39.77 -13.31 74.37
N LYS I 77 39.75 -13.35 75.70
CA LYS I 77 38.54 -13.10 76.45
C LYS I 77 38.37 -11.61 76.70
N TYR I 78 37.13 -11.14 76.59
CA TYR I 78 36.81 -9.73 76.69
C TYR I 78 36.28 -9.38 78.06
N THR I 79 36.19 -8.08 78.31
CA THR I 79 35.62 -7.56 79.55
C THR I 79 34.90 -6.26 79.25
N HIS I 80 33.59 -6.24 79.49
CA HIS I 80 32.82 -5.03 79.29
C HIS I 80 33.08 -4.02 80.41
N GLU I 81 33.42 -4.50 81.60
CA GLU I 81 33.66 -3.64 82.75
C GLU I 81 35.09 -3.11 82.72
N LYS I 82 35.23 -1.83 83.04
CA LYS I 82 36.53 -1.14 83.02
C LYS I 82 36.72 -0.40 84.34
N PRO I 83 37.23 -1.07 85.36
CA PRO I 83 37.55 -0.37 86.62
C PRO I 83 38.65 0.64 86.42
N GLN I 84 38.59 1.72 87.21
CA GLN I 84 39.59 2.77 87.12
C GLN I 84 40.95 2.24 87.55
N GLY I 85 42.00 2.71 86.88
CA GLY I 85 43.34 2.31 87.20
C GLY I 85 44.20 2.26 85.95
N TYR I 86 45.24 1.44 86.01
CA TYR I 86 46.17 1.24 84.91
C TYR I 86 45.99 -0.15 84.32
N TYR I 87 46.21 -0.25 83.01
CA TYR I 87 46.07 -1.50 82.28
C TYR I 87 47.33 -1.80 81.49
N SER I 88 47.54 -3.07 81.21
CA SER I 88 48.72 -3.52 80.46
C SER I 88 48.46 -3.40 78.97
N TRP I 89 49.42 -2.82 78.26
CA TRP I 89 49.38 -2.72 76.81
C TRP I 89 50.76 -3.12 76.28
N HIS I 90 50.79 -3.52 75.01
CA HIS I 90 51.98 -4.16 74.45
C HIS I 90 53.22 -3.30 74.68
N HIS I 91 53.13 -2.01 74.37
CA HIS I 91 54.28 -1.13 74.58
C HIS I 91 54.55 -0.89 76.05
N GLY I 92 53.49 -0.76 76.84
CA GLY I 92 53.66 -0.53 78.27
C GLY I 92 52.31 -0.38 78.93
N ALA I 93 52.35 -0.19 80.24
CA ALA I 93 51.13 -0.03 81.00
C ALA I 93 50.41 1.25 80.59
N VAL I 94 49.08 1.20 80.58
CA VAL I 94 48.24 2.33 80.19
C VAL I 94 47.54 2.86 81.43
N GLN I 95 47.80 4.12 81.76
CA GLN I 95 47.13 4.78 82.87
C GLN I 95 45.92 5.53 82.31
N TYR I 96 44.74 5.15 82.76
CA TYR I 96 43.50 5.71 82.23
C TYR I 96 42.67 6.29 83.36
N GLU I 97 41.95 7.37 83.06
CA GLU I 97 41.10 8.03 84.03
C GLU I 97 40.04 8.80 83.27
N ASN I 98 38.91 9.05 83.94
CA ASN I 98 37.79 9.78 83.35
C ASN I 98 37.26 9.09 82.10
N GLY I 99 37.45 7.77 82.03
CA GLY I 99 36.96 7.00 80.91
C GLY I 99 37.83 7.04 79.67
N ARG I 100 38.93 7.79 79.68
CA ARG I 100 39.82 7.88 78.53
C ARG I 100 41.19 7.33 78.92
N PHE I 101 41.82 6.62 77.98
CA PHE I 101 43.08 5.95 78.23
C PHE I 101 44.24 6.83 77.78
N THR I 102 45.24 6.97 78.64
CA THR I 102 46.40 7.81 78.37
C THR I 102 47.66 6.99 78.46
N VAL I 103 48.64 7.37 77.64
CA VAL I 103 49.96 6.73 77.63
C VAL I 103 51.01 7.83 77.75
N PRO I 104 52.20 7.49 78.23
CA PRO I 104 53.28 8.49 78.25
C PRO I 104 53.54 9.03 76.85
N LYS I 105 53.83 10.32 76.78
CA LYS I 105 54.07 10.95 75.48
C LYS I 105 55.28 10.33 74.82
N GLY I 106 55.21 10.19 73.49
CA GLY I 106 56.25 9.52 72.74
C GLY I 106 56.12 8.02 72.66
N VAL I 107 55.02 7.44 73.15
CA VAL I 107 54.78 6.01 73.09
C VAL I 107 53.62 5.77 72.13
N GLY I 108 53.83 4.91 71.15
CA GLY I 108 52.78 4.60 70.19
C GLY I 108 52.81 5.50 68.97
N ALA I 109 52.75 4.91 67.79
CA ALA I 109 52.77 5.65 66.55
C ALA I 109 52.05 4.84 65.49
N LYS I 110 52.29 5.15 64.21
CA LYS I 110 51.67 4.41 63.12
C LYS I 110 52.11 2.94 63.15
N GLY I 111 51.17 2.07 62.80
CA GLY I 111 51.41 0.64 62.86
C GLY I 111 51.09 0.01 64.21
N ASP I 112 50.79 0.81 65.22
CA ASP I 112 50.41 0.30 66.52
C ASP I 112 48.89 0.26 66.69
N SER I 113 48.15 0.57 65.64
CA SER I 113 46.70 0.50 65.70
C SER I 113 46.24 -0.95 65.77
N GLY I 114 45.15 -1.17 66.51
CA GLY I 114 44.58 -2.49 66.64
C GLY I 114 45.19 -3.35 67.74
N ARG I 115 46.22 -2.87 68.43
CA ARG I 115 46.81 -3.68 69.48
C ARG I 115 45.93 -3.65 70.72
N PRO I 116 45.46 -4.80 71.21
CA PRO I 116 44.48 -4.81 72.29
C PRO I 116 45.06 -4.34 73.61
N ILE I 117 44.16 -3.91 74.49
CA ILE I 117 44.52 -3.51 75.85
C ILE I 117 44.08 -4.60 76.79
N LEU I 118 45.00 -5.11 77.60
CA LEU I 118 44.73 -6.20 78.52
C LEU I 118 44.59 -5.69 79.95
N ASP I 119 43.72 -6.34 80.72
CA ASP I 119 43.54 -6.03 82.13
C ASP I 119 44.59 -6.79 82.94
N ASN I 120 44.43 -6.80 84.27
CA ASN I 120 45.32 -7.57 85.12
C ASN I 120 45.18 -9.07 84.86
N GLN I 121 43.97 -9.53 84.55
CA GLN I 121 43.70 -10.95 84.33
C GLN I 121 43.87 -11.37 82.87
N GLY I 122 44.29 -10.47 81.99
CA GLY I 122 44.51 -10.80 80.61
C GLY I 122 43.31 -10.59 79.70
N ARG I 123 42.15 -10.32 80.25
CA ARG I 123 40.97 -10.06 79.43
C ARG I 123 41.12 -8.73 78.71
N VAL I 124 40.77 -8.71 77.43
CA VAL I 124 40.92 -7.51 76.61
C VAL I 124 39.80 -6.55 76.93
N VAL I 125 40.17 -5.30 77.24
CA VAL I 125 39.18 -4.28 77.57
C VAL I 125 38.78 -3.49 76.34
N ALA I 126 39.75 -3.04 75.55
CA ALA I 126 39.49 -2.24 74.37
C ALA I 126 40.71 -2.33 73.45
N ILE I 127 40.50 -1.93 72.20
CA ILE I 127 41.57 -1.89 71.21
C ILE I 127 41.74 -0.46 70.72
N VAL I 128 42.95 -0.13 70.28
CA VAL I 128 43.32 1.23 69.92
C VAL I 128 43.36 1.35 68.41
N LEU I 129 42.70 2.38 67.88
CA LEU I 129 42.80 2.73 66.48
C LEU I 129 43.77 3.86 66.20
N GLY I 130 44.04 4.71 67.18
CA GLY I 130 44.98 5.80 67.01
C GLY I 130 45.13 6.56 68.31
N GLY I 131 45.95 7.60 68.26
CA GLY I 131 46.19 8.41 69.43
C GLY I 131 46.77 9.76 69.06
N VAL I 132 46.56 10.73 69.94
CA VAL I 132 47.06 12.08 69.76
C VAL I 132 47.74 12.53 71.05
N ASN I 133 48.94 13.09 70.91
CA ASN I 133 49.64 13.67 72.03
C ASN I 133 49.08 15.05 72.33
N GLU I 134 48.72 15.30 73.59
CA GLU I 134 48.15 16.57 74.00
C GLU I 134 48.89 17.17 75.19
N GLY I 135 50.16 16.80 75.36
CA GLY I 135 50.93 17.27 76.50
C GLY I 135 51.81 16.18 77.07
N SER I 136 51.82 16.06 78.40
CA SER I 136 52.64 15.03 79.03
C SER I 136 52.13 13.63 78.72
N ARG I 137 50.83 13.47 78.52
CA ARG I 137 50.23 12.19 78.15
C ARG I 137 49.80 12.23 76.69
N THR I 138 49.31 11.10 76.21
CA THR I 138 48.84 10.96 74.84
C THR I 138 47.54 10.17 74.85
N ALA I 139 46.43 10.85 74.61
CA ALA I 139 45.15 10.18 74.57
C ALA I 139 45.07 9.29 73.34
N LEU I 140 44.37 8.17 73.48
CA LEU I 140 44.27 7.17 72.43
C LEU I 140 42.84 7.06 71.94
N SER I 141 42.68 6.96 70.62
CA SER I 141 41.36 6.76 70.02
C SER I 141 41.03 5.28 70.07
N VAL I 142 40.61 4.85 71.26
CA VAL I 142 40.30 3.46 71.51
C VAL I 142 38.81 3.23 71.30
N VAL I 143 38.45 2.00 70.99
CA VAL I 143 37.06 1.58 70.89
C VAL I 143 36.81 0.54 71.98
N MET I 144 35.86 0.83 72.85
CA MET I 144 35.53 -0.02 73.99
C MET I 144 34.17 -0.68 73.79
N TRP I 145 33.87 -1.63 74.66
CA TRP I 145 32.59 -2.32 74.65
C TRP I 145 31.84 -2.00 75.93
N ASN I 146 30.56 -1.73 75.79
CA ASN I 146 29.74 -1.36 76.94
C ASN I 146 29.25 -2.60 77.67
N GLU I 147 28.75 -2.37 78.89
CA GLU I 147 28.33 -3.47 79.74
C GLU I 147 27.15 -4.22 79.14
N LYS I 148 26.26 -3.51 78.46
CA LYS I 148 25.06 -4.12 77.91
C LYS I 148 25.35 -5.01 76.70
N GLY I 149 26.58 -5.03 76.22
CA GLY I 149 26.91 -5.74 75.00
C GLY I 149 26.94 -4.89 73.76
N VAL I 150 27.34 -3.63 73.86
CA VAL I 150 27.37 -2.71 72.74
C VAL I 150 28.82 -2.31 72.48
N THR I 151 29.04 -1.49 71.45
CA THR I 151 30.39 -1.08 71.06
C THR I 151 30.49 0.44 71.10
N VAL I 152 31.53 0.95 71.75
CA VAL I 152 31.73 2.38 71.95
C VAL I 152 33.15 2.74 71.52
N LYS I 153 33.28 3.83 70.77
CA LYS I 153 34.58 4.31 70.27
C LYS I 153 34.81 5.73 70.79
N TYR I 154 35.55 5.85 71.88
CA TYR I 154 35.94 7.14 72.43
C TYR I 154 37.13 7.66 71.64
N THR I 155 36.88 8.64 70.77
CA THR I 155 37.94 9.24 69.97
C THR I 155 38.18 10.67 70.42
N PRO I 156 39.40 11.02 70.81
CA PRO I 156 39.70 12.40 71.21
C PRO I 156 39.63 13.34 70.03
N GLU I 157 39.54 14.63 70.34
CA GLU I 157 39.44 15.66 69.31
C GLU I 157 40.68 15.65 68.43
N ASN I 158 40.46 15.79 67.13
CA ASN I 158 41.51 15.81 66.11
C ASN I 158 42.59 14.78 66.40
N CYS I 159 42.16 13.54 66.62
CA CYS I 159 43.09 12.47 66.89
C CYS I 159 43.85 12.08 65.63
N GLU I 160 44.93 11.33 65.82
CA GLU I 160 45.83 10.95 64.75
C GLU I 160 45.67 9.47 64.44
N GLN I 161 45.50 9.15 63.15
CA GLN I 161 45.33 7.77 62.73
C GLN I 161 46.65 7.01 62.82
N TRP I 162 46.57 5.76 63.25
CA TRP I 162 47.74 4.90 63.30
C TRP I 162 47.53 3.66 62.45
N TYR J 1 62.97 35.58 -46.02
CA TYR J 1 63.45 35.48 -44.65
C TYR J 1 62.54 34.57 -43.83
N GLU J 2 63.14 33.57 -43.19
CA GLU J 2 62.37 32.61 -42.42
C GLU J 2 61.84 33.25 -41.14
N HIS J 3 60.56 33.01 -40.85
CA HIS J 3 59.97 33.45 -39.60
C HIS J 3 58.73 32.62 -39.31
N ALA J 4 58.64 32.10 -38.10
CA ALA J 4 57.54 31.22 -37.69
C ALA J 4 56.77 31.88 -36.55
N THR J 5 55.45 31.89 -36.68
CA THR J 5 54.59 32.48 -35.66
C THR J 5 53.39 31.57 -35.44
N THR J 6 52.91 31.53 -34.20
CA THR J 6 51.71 30.78 -33.86
C THR J 6 50.69 31.74 -33.27
N MET J 7 49.44 31.56 -33.66
CA MET J 7 48.37 32.41 -33.16
C MET J 7 47.21 31.55 -32.69
N PRO J 8 46.47 31.99 -31.69
CA PRO J 8 45.27 31.26 -31.27
C PRO J 8 44.27 31.19 -32.41
N SER J 9 43.66 30.02 -32.58
CA SER J 9 42.80 29.75 -33.72
C SER J 9 41.38 30.24 -33.42
N GLN J 10 41.25 31.57 -33.37
CA GLN J 10 39.98 32.21 -33.09
C GLN J 10 39.71 33.29 -34.13
N ALA J 11 38.47 33.36 -34.59
CA ALA J 11 38.08 34.33 -35.60
C ALA J 11 37.69 35.66 -34.98
N GLY J 12 37.86 36.73 -35.74
CA GLY J 12 37.43 38.05 -35.34
C GLY J 12 38.42 38.86 -34.53
N ILE J 13 39.56 38.29 -34.15
CA ILE J 13 40.57 38.98 -33.38
C ILE J 13 41.82 39.08 -34.24
N SER J 14 42.29 40.30 -34.47
CA SER J 14 43.45 40.52 -35.32
C SER J 14 44.73 40.30 -34.51
N TYR J 15 45.64 39.52 -35.07
CA TYR J 15 46.92 39.23 -34.42
C TYR J 15 47.99 40.12 -35.03
N ASN J 16 48.69 40.89 -34.20
CA ASN J 16 49.72 41.80 -34.65
C ASN J 16 51.07 41.36 -34.14
N THR J 17 52.05 41.35 -35.02
CA THR J 17 53.43 41.03 -34.67
C THR J 17 54.33 41.71 -35.69
N ILE J 18 55.64 41.69 -35.42
CA ILE J 18 56.62 42.35 -36.26
C ILE J 18 57.72 41.37 -36.59
N VAL J 19 58.13 41.34 -37.85
CA VAL J 19 59.25 40.54 -38.31
C VAL J 19 60.45 41.48 -38.41
N ASN J 20 61.46 41.25 -37.59
CA ASN J 20 62.58 42.17 -37.51
C ASN J 20 63.90 41.42 -37.58
N ARG J 21 64.79 41.93 -38.42
CA ARG J 21 66.18 41.49 -38.46
C ARG J 21 67.07 42.67 -38.05
N ALA J 22 68.19 42.35 -37.39
CA ALA J 22 69.02 43.38 -36.76
C ALA J 22 69.45 44.44 -37.77
N GLY J 23 69.64 44.05 -39.02
CA GLY J 23 70.07 45.00 -40.02
C GLY J 23 68.98 45.94 -40.47
N TYR J 24 67.87 45.39 -40.94
CA TYR J 24 66.81 46.20 -41.54
C TYR J 24 65.88 46.76 -40.48
N ALA J 25 64.94 47.60 -40.92
CA ALA J 25 63.92 48.19 -40.08
C ALA J 25 62.84 47.16 -39.74
N PRO J 26 62.23 47.29 -38.57
CA PRO J 26 61.16 46.35 -38.20
C PRO J 26 59.98 46.44 -39.14
N LEU J 27 59.36 45.30 -39.42
CA LEU J 27 58.22 45.23 -40.32
C LEU J 27 57.00 44.69 -39.61
N PRO J 28 55.98 45.51 -39.35
CA PRO J 28 54.77 44.97 -38.74
C PRO J 28 54.00 44.09 -39.70
N ILE J 29 53.48 42.99 -39.18
CA ILE J 29 52.67 42.06 -39.95
C ILE J 29 51.37 41.83 -39.18
N SER J 30 50.25 42.00 -39.87
CA SER J 30 48.93 41.87 -39.25
C SER J 30 48.17 40.73 -39.91
N ILE J 31 47.68 39.81 -39.10
CA ILE J 31 46.87 38.69 -39.55
C ILE J 31 45.60 38.67 -38.74
N THR J 32 44.46 38.54 -39.42
CA THR J 32 43.16 38.51 -38.76
C THR J 32 42.31 37.42 -39.41
N PRO J 33 42.16 36.27 -38.77
CA PRO J 33 41.30 35.22 -39.33
C PRO J 33 39.84 35.64 -39.31
N THR J 34 39.31 35.99 -40.49
CA THR J 34 37.89 36.32 -40.58
C THR J 34 37.03 35.07 -40.47
N LYS J 35 37.48 33.96 -41.07
CA LYS J 35 36.72 32.72 -41.07
C LYS J 35 37.67 31.54 -41.09
N ILE J 36 37.34 30.52 -40.29
CA ILE J 36 38.11 29.28 -40.23
C ILE J 36 37.15 28.13 -40.45
N LYS J 37 37.50 27.22 -41.35
CA LYS J 37 36.59 26.21 -41.85
C LYS J 37 37.16 24.81 -41.64
N LEU J 38 36.30 23.87 -41.25
CA LEU J 38 36.68 22.47 -41.05
C LEU J 38 35.74 21.60 -41.85
N ILE J 39 36.25 20.98 -42.90
CA ILE J 39 35.45 20.18 -43.82
C ILE J 39 35.80 18.71 -43.61
N PRO J 40 34.92 17.90 -43.04
CA PRO J 40 35.14 16.46 -43.00
C PRO J 40 35.00 15.85 -44.39
N THR J 41 35.66 14.71 -44.58
CA THR J 41 35.49 13.91 -45.80
C THR J 41 34.32 12.97 -45.57
N VAL J 42 33.15 13.37 -46.04
CA VAL J 42 31.93 12.59 -45.88
C VAL J 42 31.82 11.61 -47.04
N ASN J 43 30.92 10.64 -46.88
CA ASN J 43 30.64 9.67 -47.94
C ASN J 43 29.16 9.30 -47.88
N LEU J 44 28.42 9.63 -48.93
CA LEU J 44 26.98 9.37 -48.96
C LEU J 44 26.74 7.87 -49.08
N GLU J 45 26.34 7.24 -47.97
CA GLU J 45 26.13 5.80 -47.98
C GLU J 45 24.75 5.44 -48.49
N TYR J 46 23.71 5.93 -47.82
CA TYR J 46 22.35 5.66 -48.27
C TYR J 46 21.42 6.77 -47.79
N VAL J 47 20.23 6.81 -48.37
CA VAL J 47 19.25 7.86 -48.16
C VAL J 47 17.95 7.24 -47.70
N THR J 48 17.33 7.84 -46.68
CA THR J 48 16.07 7.36 -46.14
C THR J 48 15.05 8.49 -46.14
N CYS J 49 13.78 8.10 -46.08
CA CYS J 49 12.67 9.04 -46.15
C CYS J 49 11.42 8.32 -45.65
N HIS J 50 10.26 8.93 -45.87
CA HIS J 50 9.01 8.22 -45.64
C HIS J 50 8.86 7.11 -46.68
N TYR J 51 7.87 6.25 -46.48
CA TYR J 51 7.57 5.19 -47.43
C TYR J 51 6.07 5.09 -47.67
N LYS J 52 5.71 4.71 -48.90
CA LYS J 52 4.32 4.54 -49.29
C LYS J 52 4.04 3.05 -49.40
N THR J 53 3.09 2.56 -48.61
CA THR J 53 2.72 1.16 -48.65
C THR J 53 2.02 0.83 -49.96
N GLY J 54 2.47 -0.22 -50.62
CA GLY J 54 1.91 -0.61 -51.91
C GLY J 54 1.08 -1.87 -51.87
N MET J 55 -0.24 -1.73 -51.96
CA MET J 55 -1.16 -2.86 -51.97
C MET J 55 -1.83 -2.94 -53.34
N ASP J 56 -1.76 -4.10 -53.96
CA ASP J 56 -2.44 -4.30 -55.23
C ASP J 56 -3.94 -4.48 -55.01
N SER J 57 -4.68 -4.44 -56.11
CA SER J 57 -6.10 -4.73 -56.05
C SER J 57 -6.28 -6.18 -55.62
N PRO J 58 -7.14 -6.47 -54.64
CA PRO J 58 -7.35 -7.86 -54.22
C PRO J 58 -7.86 -8.71 -55.37
N ALA J 59 -7.32 -9.92 -55.47
CA ALA J 59 -7.74 -10.88 -56.48
C ALA J 59 -8.61 -11.94 -55.82
N ILE J 60 -9.85 -12.06 -56.28
CA ILE J 60 -10.81 -13.00 -55.74
C ILE J 60 -11.08 -14.07 -56.79
N LYS J 61 -10.96 -15.33 -56.40
CA LYS J 61 -11.33 -16.44 -57.25
C LYS J 61 -12.75 -16.84 -56.84
N CYS J 62 -13.73 -16.21 -57.46
CA CYS J 62 -15.12 -16.48 -57.11
C CYS J 62 -15.50 -17.90 -57.51
N CYS J 63 -16.11 -18.61 -56.56
CA CYS J 63 -16.52 -20.00 -56.78
C CYS J 63 -15.34 -20.87 -57.20
N GLY J 64 -14.19 -20.65 -56.57
CA GLY J 64 -13.02 -21.41 -56.95
C GLY J 64 -11.88 -21.22 -55.99
N SER J 65 -10.72 -21.75 -56.37
CA SER J 65 -9.51 -21.70 -55.55
C SER J 65 -8.44 -20.92 -56.29
N GLN J 66 -7.62 -20.20 -55.54
CA GLN J 66 -6.51 -19.46 -56.12
C GLN J 66 -5.36 -19.44 -55.12
N GLU J 67 -4.14 -19.36 -55.66
CA GLU J 67 -2.92 -19.32 -54.85
C GLU J 67 -2.10 -18.10 -55.22
N CYS J 68 -1.39 -17.58 -54.22
CA CYS J 68 -0.56 -16.39 -54.41
C CYS J 68 0.66 -16.72 -55.26
N THR J 69 1.00 -15.79 -56.16
CA THR J 69 2.18 -15.92 -56.99
C THR J 69 3.34 -15.16 -56.35
N PRO J 70 4.41 -15.81 -55.95
CA PRO J 70 5.52 -15.09 -55.31
C PRO J 70 6.31 -14.24 -56.30
N THR J 71 6.09 -12.93 -56.26
CA THR J 71 6.86 -11.98 -57.05
C THR J 71 7.84 -11.25 -56.13
N TYR J 72 8.63 -10.37 -56.71
CA TYR J 72 9.71 -9.71 -56.00
C TYR J 72 9.40 -8.22 -55.88
N ARG J 73 9.10 -7.78 -54.67
CA ARG J 73 8.90 -6.39 -54.31
C ARG J 73 9.51 -6.17 -52.95
N PRO J 74 9.89 -4.93 -52.61
CA PRO J 74 10.47 -4.67 -51.29
C PRO J 74 9.57 -5.11 -50.16
N ASP J 75 10.01 -6.11 -49.40
CA ASP J 75 9.25 -6.67 -48.29
C ASP J 75 7.85 -7.08 -48.74
N GLU J 76 7.79 -7.75 -49.88
CA GLU J 76 6.51 -8.16 -50.45
C GLU J 76 5.91 -9.29 -49.62
N GLN J 77 4.61 -9.18 -49.35
CA GLN J 77 3.86 -10.20 -48.63
C GLN J 77 2.60 -10.54 -49.39
N CYS J 78 2.35 -11.84 -49.57
CA CYS J 78 1.14 -12.32 -50.23
C CYS J 78 0.40 -13.26 -49.30
N LYS J 79 -0.93 -13.13 -49.27
CA LYS J 79 -1.76 -13.96 -48.41
C LYS J 79 -2.97 -14.44 -49.19
N VAL J 80 -3.45 -15.62 -48.85
CA VAL J 80 -4.62 -16.23 -49.46
C VAL J 80 -5.69 -16.38 -48.38
N PHE J 81 -6.87 -15.82 -48.63
CA PHE J 81 -7.95 -15.83 -47.66
C PHE J 81 -9.16 -16.55 -48.26
N THR J 82 -9.68 -17.53 -47.53
CA THR J 82 -10.81 -18.34 -47.95
C THR J 82 -12.01 -18.05 -47.07
N GLY J 83 -13.17 -18.54 -47.50
CA GLY J 83 -14.39 -18.28 -46.77
C GLY J 83 -14.76 -16.81 -46.72
N VAL J 84 -14.60 -16.11 -47.85
CA VAL J 84 -14.83 -14.68 -47.91
C VAL J 84 -16.01 -14.43 -48.84
N TYR J 85 -16.98 -13.64 -48.36
CA TYR J 85 -18.12 -13.25 -49.17
C TYR J 85 -18.02 -11.76 -49.45
N PRO J 86 -17.36 -11.35 -50.52
CA PRO J 86 -17.25 -9.92 -50.84
C PRO J 86 -18.62 -9.33 -51.13
N PHE J 87 -18.76 -8.05 -50.81
CA PHE J 87 -20.00 -7.32 -51.03
C PHE J 87 -19.66 -6.01 -51.71
N MET J 88 -20.39 -5.67 -52.76
CA MET J 88 -20.17 -4.45 -53.52
C MET J 88 -21.44 -3.60 -53.50
N TRP J 89 -21.32 -2.42 -54.11
CA TRP J 89 -22.49 -1.55 -54.27
C TRP J 89 -23.56 -2.19 -55.14
N GLY J 90 -23.16 -2.91 -56.19
CA GLY J 90 -24.10 -3.56 -57.07
C GLY J 90 -24.39 -4.99 -56.66
N GLY J 91 -24.61 -5.20 -55.37
CA GLY J 91 -24.87 -6.53 -54.84
C GLY J 91 -23.60 -7.27 -54.52
N ALA J 92 -23.78 -8.52 -54.08
CA ALA J 92 -22.64 -9.35 -53.72
C ALA J 92 -21.85 -9.73 -54.96
N TYR J 93 -20.52 -9.55 -54.89
CA TYR J 93 -19.68 -9.84 -56.05
C TYR J 93 -19.66 -11.33 -56.38
N CYS J 94 -19.59 -12.17 -55.36
CA CYS J 94 -19.55 -13.62 -55.55
C CYS J 94 -20.74 -14.25 -54.82
N PHE J 95 -21.47 -15.14 -55.51
CA PHE J 95 -22.65 -15.79 -54.95
C PHE J 95 -22.38 -17.19 -54.41
N CYS J 96 -21.14 -17.64 -54.42
CA CYS J 96 -20.78 -18.88 -53.74
C CYS J 96 -20.34 -18.56 -52.32
N ASP J 97 -20.71 -19.43 -51.38
CA ASP J 97 -20.35 -19.21 -49.98
C ASP J 97 -18.89 -19.55 -49.75
N THR J 98 -18.49 -20.78 -50.07
CA THR J 98 -17.10 -21.18 -50.00
C THR J 98 -16.50 -21.11 -51.40
N GLU J 99 -15.29 -21.65 -51.55
CA GLU J 99 -14.52 -21.53 -52.79
C GLU J 99 -14.36 -20.08 -53.22
N ASN J 100 -14.05 -19.22 -52.26
CA ASN J 100 -13.77 -17.81 -52.52
C ASN J 100 -12.43 -17.52 -51.88
N THR J 101 -11.36 -17.79 -52.63
CA THR J 101 -10.00 -17.52 -52.19
C THR J 101 -9.67 -16.06 -52.50
N GLN J 102 -9.15 -15.35 -51.52
CA GLN J 102 -8.79 -13.94 -51.66
C GLN J 102 -7.27 -13.85 -51.75
N VAL J 103 -6.77 -13.27 -52.84
CA VAL J 103 -5.35 -13.11 -53.07
C VAL J 103 -5.00 -11.65 -52.79
N SER J 104 -4.22 -11.43 -51.74
CA SER J 104 -3.85 -10.09 -51.29
C SER J 104 -2.34 -10.01 -51.24
N LYS J 105 -1.77 -9.06 -51.98
CA LYS J 105 -0.33 -8.84 -52.00
C LYS J 105 -0.06 -7.39 -51.64
N ALA J 106 0.93 -7.17 -50.78
CA ALA J 106 1.28 -5.83 -50.35
C ALA J 106 2.79 -5.73 -50.21
N TYR J 107 3.34 -4.57 -50.57
CA TYR J 107 4.77 -4.33 -50.42
C TYR J 107 4.96 -2.88 -50.01
N VAL J 108 6.21 -2.44 -50.00
CA VAL J 108 6.61 -1.12 -49.52
C VAL J 108 7.26 -0.37 -50.66
N MET J 109 6.81 0.86 -50.90
CA MET J 109 7.40 1.75 -51.88
C MET J 109 7.91 2.99 -51.20
N LYS J 110 9.02 3.53 -51.70
CA LYS J 110 9.54 4.77 -51.16
C LYS J 110 8.56 5.90 -51.42
N SER J 111 8.56 6.89 -50.53
CA SER J 111 7.57 7.95 -50.59
C SER J 111 7.71 8.75 -51.89
N ASP J 112 6.59 9.32 -52.33
CA ASP J 112 6.59 10.11 -53.54
C ASP J 112 7.46 11.36 -53.39
N ASP J 113 7.38 12.01 -52.24
CA ASP J 113 8.20 13.18 -51.97
C ASP J 113 9.58 12.84 -51.43
N CYS J 114 10.04 11.61 -51.63
CA CYS J 114 11.37 11.24 -51.17
C CYS J 114 12.45 12.01 -51.91
N LEU J 115 12.20 12.39 -53.16
CA LEU J 115 13.19 13.14 -53.93
C LEU J 115 13.47 14.48 -53.28
N ALA J 116 12.41 15.18 -52.83
CA ALA J 116 12.58 16.50 -52.25
C ALA J 116 12.92 16.42 -50.77
N ASP J 117 12.10 15.73 -49.99
CA ASP J 117 12.28 15.61 -48.55
C ASP J 117 12.83 14.22 -48.23
N HIS J 118 13.99 14.17 -47.60
CA HIS J 118 14.63 12.92 -47.22
C HIS J 118 15.82 13.23 -46.31
N ALA J 119 16.25 12.22 -45.56
CA ALA J 119 17.42 12.31 -44.71
C ALA J 119 18.53 11.43 -45.26
N GLU J 120 19.75 11.94 -45.22
CA GLU J 120 20.89 11.28 -45.85
C GLU J 120 21.92 10.90 -44.79
N ALA J 121 22.39 9.66 -44.84
CA ALA J 121 23.40 9.17 -43.92
C ALA J 121 24.75 9.23 -44.60
N TYR J 122 25.75 9.74 -43.90
CA TYR J 122 27.11 9.87 -44.44
C TYR J 122 28.10 9.16 -43.53
N LYS J 123 29.23 8.80 -44.12
CA LYS J 123 30.37 8.24 -43.40
C LYS J 123 31.42 9.34 -43.29
N ALA J 124 31.60 9.87 -42.08
CA ALA J 124 32.45 11.02 -41.85
C ALA J 124 33.76 10.62 -41.21
N HIS J 125 34.86 11.11 -41.76
CA HIS J 125 36.20 10.84 -41.26
C HIS J 125 37.18 11.80 -41.91
N THR J 126 38.34 11.95 -41.29
CA THR J 126 39.51 12.64 -41.88
C THR J 126 39.13 14.06 -42.32
N ALA J 127 38.82 14.87 -41.32
CA ALA J 127 38.42 16.25 -41.58
C ALA J 127 39.57 17.06 -42.17
N SER J 128 39.24 17.90 -43.15
CA SER J 128 40.18 18.86 -43.72
C SER J 128 39.93 20.24 -43.13
N VAL J 129 41.01 21.01 -42.96
CA VAL J 129 40.96 22.29 -42.31
C VAL J 129 41.28 23.38 -43.32
N GLN J 130 40.43 24.40 -43.38
CA GLN J 130 40.62 25.54 -44.28
C GLN J 130 40.37 26.82 -43.51
N ALA J 131 40.87 27.94 -44.05
CA ALA J 131 40.71 29.21 -43.37
C ALA J 131 40.73 30.34 -44.37
N PHE J 132 40.09 31.44 -43.99
CA PHE J 132 40.18 32.70 -44.72
C PHE J 132 40.98 33.68 -43.88
N LEU J 133 42.06 34.19 -44.44
CA LEU J 133 42.95 35.11 -43.74
C LEU J 133 43.01 36.42 -44.50
N ASN J 134 42.79 37.53 -43.78
CA ASN J 134 42.87 38.88 -44.33
C ASN J 134 44.19 39.49 -43.83
N ILE J 135 45.27 39.14 -44.52
CA ILE J 135 46.62 39.42 -44.04
C ILE J 135 47.09 40.76 -44.59
N THR J 136 47.80 41.51 -43.75
CA THR J 136 48.37 42.79 -44.18
C THR J 136 49.82 42.84 -43.70
N VAL J 137 50.76 42.66 -44.63
CA VAL J 137 52.18 42.71 -44.33
C VAL J 137 52.80 43.86 -45.11
N GLY J 138 53.44 44.77 -44.40
CA GLY J 138 54.07 45.90 -45.06
C GLY J 138 53.11 46.79 -45.81
N GLU J 139 51.98 47.12 -45.19
CA GLU J 139 50.96 47.96 -45.81
C GLU J 139 50.48 47.38 -47.13
N HIS J 140 50.34 46.06 -47.16
CA HIS J 140 49.79 45.34 -48.31
C HIS J 140 48.60 44.55 -47.79
N SER J 141 47.42 45.15 -47.85
CA SER J 141 46.21 44.50 -47.37
C SER J 141 45.84 43.36 -48.32
N ILE J 142 45.95 42.13 -47.84
CA ILE J 142 45.75 40.94 -48.67
C ILE J 142 44.72 40.05 -48.00
N VAL J 143 43.67 39.71 -48.73
CA VAL J 143 42.62 38.83 -48.25
C VAL J 143 42.56 37.62 -49.16
N THR J 144 42.71 36.42 -48.59
CA THR J 144 42.74 35.20 -49.36
C THR J 144 42.47 34.02 -48.45
N THR J 145 42.29 32.85 -49.06
CA THR J 145 42.08 31.61 -48.34
C THR J 145 43.35 30.77 -48.39
N VAL J 146 43.72 30.20 -47.25
CA VAL J 146 44.92 29.38 -47.12
C VAL J 146 44.54 28.09 -46.43
N TYR J 147 44.92 26.97 -47.02
CA TYR J 147 44.65 25.67 -46.41
C TYR J 147 45.51 25.48 -45.17
N VAL J 148 44.89 24.95 -44.12
CA VAL J 148 45.60 24.72 -42.86
C VAL J 148 46.47 23.48 -42.91
N ASN J 149 46.48 22.76 -44.03
CA ASN J 149 47.46 21.70 -44.22
C ASN J 149 48.86 22.28 -44.14
N GLY J 150 49.76 21.54 -43.50
CA GLY J 150 51.09 22.07 -43.23
C GLY J 150 51.87 22.45 -44.49
N GLU J 151 51.71 21.68 -45.56
CA GLU J 151 52.55 21.85 -46.75
C GLU J 151 51.84 22.55 -47.90
N THR J 152 50.79 23.33 -47.62
CA THR J 152 50.14 24.07 -48.70
C THR J 152 50.46 25.55 -48.56
N PRO J 153 51.33 26.12 -49.38
CA PRO J 153 51.67 27.53 -49.26
C PRO J 153 50.82 28.43 -50.14
N VAL J 154 50.85 29.72 -49.81
CA VAL J 154 50.19 30.76 -50.59
C VAL J 154 51.22 31.83 -50.89
N ASN J 155 51.35 32.20 -52.15
CA ASN J 155 52.38 33.13 -52.60
C ASN J 155 51.73 34.41 -53.10
N PHE J 156 52.17 35.55 -52.55
CA PHE J 156 51.75 36.86 -53.04
C PHE J 156 52.88 37.84 -52.75
N ASN J 157 53.21 38.66 -53.74
CA ASN J 157 54.31 39.62 -53.65
C ASN J 157 55.60 38.91 -53.23
N GLY J 158 55.76 37.67 -53.70
CA GLY J 158 56.91 36.87 -53.32
C GLY J 158 56.91 36.39 -51.90
N VAL J 159 55.80 36.54 -51.17
CA VAL J 159 55.72 36.16 -49.77
C VAL J 159 55.07 34.78 -49.69
N LYS J 160 55.83 33.81 -49.20
CA LYS J 160 55.35 32.43 -49.06
C LYS J 160 54.94 32.19 -47.62
N ILE J 161 53.68 31.79 -47.43
CA ILE J 161 53.12 31.57 -46.10
C ILE J 161 52.47 30.19 -46.07
N THR J 162 52.63 29.50 -44.96
CA THR J 162 52.03 28.19 -44.77
C THR J 162 51.32 28.16 -43.43
N ALA J 163 50.30 27.31 -43.33
CA ALA J 163 49.48 27.21 -42.15
C ALA J 163 49.48 25.78 -41.63
N GLY J 164 49.29 25.64 -40.33
CA GLY J 164 49.22 24.34 -39.72
C GLY J 164 50.58 23.70 -39.54
N PRO J 165 50.59 22.41 -39.18
CA PRO J 165 49.40 21.59 -38.98
C PRO J 165 48.64 21.93 -37.70
N LEU J 166 47.36 21.59 -37.65
CA LEU J 166 46.53 21.98 -36.52
C LEU J 166 47.04 21.34 -35.24
N SER J 167 47.00 22.11 -34.16
CA SER J 167 47.56 21.63 -32.90
C SER J 167 46.83 20.41 -32.38
N THR J 168 45.50 20.42 -32.44
CA THR J 168 44.68 19.31 -31.96
C THR J 168 43.83 18.77 -33.08
N ALA J 169 43.67 17.44 -33.12
CA ALA J 169 42.92 16.76 -34.17
C ALA J 169 41.45 16.56 -33.80
N TRP J 170 40.96 17.25 -32.79
CA TRP J 170 39.57 17.09 -32.39
C TRP J 170 38.63 17.52 -33.51
N THR J 171 37.54 16.79 -33.67
CA THR J 171 36.55 17.06 -34.71
C THR J 171 35.15 17.03 -34.11
N PRO J 172 34.31 18.02 -34.39
CA PRO J 172 32.92 17.95 -33.92
C PRO J 172 32.17 16.75 -34.46
N PHE J 173 32.46 16.34 -35.69
CA PHE J 173 31.77 15.21 -36.29
C PHE J 173 32.36 13.89 -35.79
N ASP J 174 31.53 12.87 -35.81
CA ASP J 174 31.90 11.51 -35.47
C ASP J 174 31.98 10.66 -36.74
N ARG J 175 32.11 9.35 -36.57
CA ARG J 175 32.20 8.45 -37.71
C ARG J 175 30.94 8.49 -38.56
N LYS J 176 29.78 8.46 -37.92
CA LYS J 176 28.50 8.39 -38.61
C LYS J 176 27.70 9.65 -38.36
N ILE J 177 27.25 10.29 -39.44
CA ILE J 177 26.49 11.52 -39.36
C ILE J 177 25.27 11.40 -40.28
N VAL J 178 24.24 12.18 -39.97
CA VAL J 178 23.05 12.28 -40.80
C VAL J 178 22.76 13.76 -41.03
N GLN J 179 22.69 14.16 -42.29
CA GLN J 179 22.36 15.53 -42.66
C GLN J 179 20.92 15.55 -43.16
N TYR J 180 20.10 16.41 -42.57
CA TYR J 180 18.69 16.47 -42.94
C TYR J 180 18.13 17.85 -42.63
N ALA J 181 17.35 18.39 -43.57
CA ALA J 181 16.66 19.65 -43.40
C ALA J 181 17.61 20.77 -42.97
N GLY J 182 18.82 20.74 -43.54
CA GLY J 182 19.80 21.74 -43.17
C GLY J 182 20.39 21.59 -41.79
N GLU J 183 20.34 20.39 -41.21
CA GLU J 183 20.97 20.14 -39.92
C GLU J 183 21.68 18.79 -39.96
N ILE J 184 22.70 18.66 -39.12
CA ILE J 184 23.50 17.45 -39.03
C ILE J 184 23.38 16.89 -37.61
N TYR J 185 23.11 15.60 -37.51
CA TYR J 185 22.98 14.93 -36.23
C TYR J 185 23.98 13.78 -36.15
N ASN J 186 24.61 13.62 -34.98
CA ASN J 186 25.56 12.53 -34.76
C ASN J 186 24.82 11.28 -34.30
N TYR J 187 23.84 10.88 -35.10
CA TYR J 187 22.95 9.77 -34.76
C TYR J 187 23.44 8.52 -35.46
N ASP J 188 23.78 7.51 -34.68
CA ASP J 188 24.24 6.25 -35.24
C ASP J 188 23.11 5.56 -35.99
N PHE J 189 23.43 5.03 -37.16
CA PHE J 189 22.42 4.42 -38.01
C PHE J 189 22.86 3.02 -38.44
N PRO J 190 21.92 2.10 -38.62
CA PRO J 190 22.25 0.81 -39.21
C PRO J 190 22.70 0.97 -40.65
N GLU J 191 23.59 0.07 -41.07
CA GLU J 191 24.11 0.15 -42.43
C GLU J 191 23.05 -0.27 -43.43
N TYR J 192 23.42 -0.19 -44.71
CA TYR J 192 22.47 -0.51 -45.76
C TYR J 192 22.06 -1.98 -45.68
N GLY J 193 20.76 -2.24 -45.79
CA GLY J 193 20.24 -3.57 -45.79
C GLY J 193 20.06 -4.19 -44.42
N ALA J 194 20.37 -3.47 -43.35
CA ALA J 194 20.28 -4.01 -41.99
C ALA J 194 19.30 -3.24 -41.12
N GLY J 195 18.38 -2.47 -41.71
CA GLY J 195 17.47 -1.68 -40.91
C GLY J 195 16.45 -2.53 -40.19
N GLN J 196 15.83 -1.91 -39.19
CA GLN J 196 14.83 -2.55 -38.36
C GLN J 196 13.59 -1.68 -38.27
N PRO J 197 12.41 -2.29 -38.17
CA PRO J 197 11.18 -1.50 -38.18
C PRO J 197 11.08 -0.58 -36.98
N GLY J 198 10.42 0.55 -37.18
CA GLY J 198 10.16 1.51 -36.13
C GLY J 198 11.30 2.43 -35.80
N ALA J 199 12.44 2.29 -36.46
CA ALA J 199 13.61 3.11 -36.22
C ALA J 199 14.21 3.52 -37.56
N PHE J 200 15.26 4.33 -37.48
CA PHE J 200 15.94 4.78 -38.69
C PHE J 200 16.49 3.60 -39.47
N GLY J 201 16.41 3.69 -40.80
CA GLY J 201 16.87 2.62 -41.66
C GLY J 201 15.80 1.64 -42.07
N ASP J 202 14.53 1.91 -41.74
CA ASP J 202 13.44 1.05 -42.19
C ASP J 202 13.36 1.04 -43.70
N ILE J 203 13.65 2.17 -44.33
CA ILE J 203 13.78 2.27 -45.78
C ILE J 203 15.18 2.76 -46.07
N GLN J 204 15.94 1.99 -46.83
CA GLN J 204 17.32 2.33 -47.17
C GLN J 204 17.47 2.31 -48.69
N SER J 205 17.99 3.40 -49.25
CA SER J 205 18.25 3.51 -50.67
C SER J 205 19.66 4.02 -50.88
N ARG J 206 20.42 3.33 -51.74
CA ARG J 206 21.80 3.74 -52.00
C ARG J 206 21.84 5.16 -52.55
N THR J 207 20.88 5.51 -53.41
CA THR J 207 20.73 6.87 -53.90
C THR J 207 19.25 7.22 -53.92
N VAL J 208 18.97 8.52 -53.93
CA VAL J 208 17.59 8.99 -53.99
C VAL J 208 16.93 8.47 -55.25
N SER J 209 17.64 8.49 -56.37
CA SER J 209 17.13 8.00 -57.63
C SER J 209 17.33 6.49 -57.80
N SER J 210 18.00 5.83 -56.87
CA SER J 210 18.21 4.40 -57.00
C SER J 210 16.89 3.66 -56.79
N SER J 211 16.54 2.82 -57.77
CA SER J 211 15.30 2.06 -57.67
C SER J 211 15.40 1.00 -56.59
N ASP J 212 16.57 0.40 -56.42
CA ASP J 212 16.75 -0.62 -55.41
C ASP J 212 16.66 -0.01 -54.02
N LEU J 213 15.94 -0.68 -53.12
CA LEU J 213 15.83 -0.23 -51.74
C LEU J 213 15.47 -1.41 -50.86
N TYR J 214 15.98 -1.40 -49.64
CA TYR J 214 15.72 -2.43 -48.65
C TYR J 214 14.66 -1.93 -47.68
N ALA J 215 13.60 -2.71 -47.53
CA ALA J 215 12.48 -2.34 -46.67
C ALA J 215 12.33 -3.38 -45.56
N ASN J 216 12.25 -2.90 -44.33
CA ASN J 216 11.99 -3.76 -43.17
C ASN J 216 11.05 -2.98 -42.25
N THR J 217 9.75 -3.22 -42.41
CA THR J 217 8.75 -2.52 -41.63
C THR J 217 7.83 -3.46 -40.87
N ASN J 218 8.19 -4.74 -40.76
CA ASN J 218 7.37 -5.73 -40.07
C ASN J 218 5.96 -5.76 -40.65
N LEU J 219 5.86 -5.74 -41.98
CA LEU J 219 4.57 -5.70 -42.64
C LEU J 219 3.91 -7.08 -42.58
N VAL J 220 2.73 -7.14 -41.99
CA VAL J 220 1.96 -8.38 -41.90
C VAL J 220 0.50 -8.07 -42.15
N LEU J 221 -0.16 -8.93 -42.92
CA LEU J 221 -1.58 -8.79 -43.21
C LEU J 221 -2.41 -9.51 -42.17
N GLN J 222 -3.66 -9.08 -42.03
CA GLN J 222 -4.62 -9.73 -41.16
C GLN J 222 -5.81 -10.21 -41.99
N ARG J 223 -6.77 -10.83 -41.30
CA ARG J 223 -7.94 -11.35 -41.98
C ARG J 223 -8.83 -10.21 -42.48
N PRO J 224 -9.16 -10.17 -43.77
CA PRO J 224 -10.10 -9.15 -44.24
C PRO J 224 -11.46 -9.28 -43.59
N LYS J 225 -12.08 -8.15 -43.32
CA LYS J 225 -13.39 -8.15 -42.71
C LYS J 225 -14.43 -8.67 -43.70
N ALA J 226 -15.39 -9.44 -43.18
CA ALA J 226 -16.41 -10.01 -44.04
C ALA J 226 -17.26 -8.93 -44.68
N GLY J 227 -17.60 -9.12 -45.95
CA GLY J 227 -18.40 -8.17 -46.67
C GLY J 227 -17.66 -6.98 -47.23
N ALA J 228 -16.34 -6.96 -47.12
CA ALA J 228 -15.54 -5.83 -47.57
C ALA J 228 -14.38 -6.34 -48.41
N ILE J 229 -13.99 -5.53 -49.39
CA ILE J 229 -12.84 -5.81 -50.24
C ILE J 229 -11.79 -4.75 -49.94
N HIS J 230 -10.64 -5.19 -49.44
CA HIS J 230 -9.55 -4.29 -49.09
C HIS J 230 -8.33 -5.14 -48.76
N VAL J 231 -7.23 -4.47 -48.43
CA VAL J 231 -6.02 -5.17 -48.01
C VAL J 231 -5.73 -4.81 -46.55
N PRO J 232 -6.14 -5.64 -45.61
CA PRO J 232 -5.92 -5.33 -44.20
C PRO J 232 -4.49 -5.63 -43.74
N TYR J 233 -3.69 -4.59 -43.56
CA TYR J 233 -2.28 -4.72 -43.23
C TYR J 233 -1.95 -3.94 -41.96
N THR J 234 -1.02 -4.47 -41.17
CA THR J 234 -0.50 -3.78 -40.01
C THR J 234 1.02 -3.81 -40.06
N GLN J 235 1.64 -2.69 -39.70
CA GLN J 235 3.09 -2.59 -39.67
C GLN J 235 3.49 -1.51 -38.68
N ALA J 236 4.77 -1.51 -38.31
CA ALA J 236 5.27 -0.49 -37.41
C ALA J 236 5.22 0.88 -38.08
N PRO J 237 5.10 1.96 -37.30
CA PRO J 237 5.12 3.30 -37.88
C PRO J 237 6.45 3.57 -38.57
N SER J 238 6.46 4.63 -39.37
CA SER J 238 7.66 4.96 -40.14
C SER J 238 8.82 5.30 -39.21
N GLY J 239 9.89 4.51 -39.30
CA GLY J 239 11.03 4.74 -38.43
C GLY J 239 11.65 6.11 -38.65
N PHE J 240 11.71 6.55 -39.90
CA PHE J 240 12.15 7.91 -40.17
C PHE J 240 11.24 8.93 -39.52
N GLU J 241 9.92 8.71 -39.62
CA GLU J 241 8.97 9.62 -39.01
C GLU J 241 9.11 9.62 -37.49
N GLN J 242 9.28 8.44 -36.89
CA GLN J 242 9.47 8.37 -35.45
C GLN J 242 10.73 9.10 -35.02
N TRP J 243 11.81 8.94 -35.79
CA TRP J 243 13.04 9.65 -35.48
C TRP J 243 12.83 11.15 -35.56
N LYS J 244 12.06 11.60 -36.56
CA LYS J 244 11.77 13.03 -36.65
C LYS J 244 10.99 13.51 -35.44
N LYS J 245 10.01 12.72 -35.00
CA LYS J 245 9.25 13.08 -33.80
C LYS J 245 10.17 13.19 -32.60
N ASP J 246 11.12 12.26 -32.48
CA ASP J 246 12.17 12.41 -31.50
C ASP J 246 12.97 13.67 -31.80
N LYS J 247 13.31 14.40 -30.74
CA LYS J 247 14.05 15.65 -30.89
C LYS J 247 15.45 15.38 -31.44
N ALA J 248 16.35 14.91 -30.57
CA ALA J 248 17.76 14.82 -30.89
C ALA J 248 18.24 16.14 -31.47
N PRO J 249 18.41 17.18 -30.64
CA PRO J 249 18.77 18.49 -31.17
C PRO J 249 20.10 18.45 -31.89
N SER J 250 20.22 19.29 -32.92
CA SER J 250 21.32 19.16 -33.87
C SER J 250 22.67 19.46 -33.24
N LEU J 251 23.72 18.94 -33.89
CA LEU J 251 25.07 19.24 -33.46
C LEU J 251 25.33 20.74 -33.48
N LYS J 252 24.62 21.46 -34.36
CA LYS J 252 24.82 22.90 -34.47
C LYS J 252 24.56 23.60 -33.13
N PHE J 253 23.59 23.12 -32.37
CA PHE J 253 23.33 23.67 -31.05
C PHE J 253 24.16 23.02 -29.96
N THR J 254 24.83 21.91 -30.26
CA THR J 254 25.53 21.10 -29.27
C THR J 254 26.97 20.82 -29.66
N ALA J 255 27.50 21.54 -30.63
CA ALA J 255 28.90 21.38 -30.98
C ALA J 255 29.77 21.99 -29.90
N PRO J 256 30.69 21.21 -29.32
CA PRO J 256 31.57 21.76 -28.28
C PRO J 256 32.45 22.85 -28.85
N PHE J 257 32.85 23.77 -27.97
CA PHE J 257 33.66 24.94 -28.30
C PHE J 257 32.93 25.88 -29.24
N GLY J 258 31.60 25.85 -29.23
CA GLY J 258 30.81 26.82 -29.98
C GLY J 258 31.06 26.77 -31.47
N CYS J 259 31.06 25.57 -32.03
CA CYS J 259 31.32 25.39 -33.44
C CYS J 259 30.03 25.56 -34.24
N GLU J 260 30.13 26.26 -35.36
CA GLU J 260 29.00 26.48 -36.26
C GLU J 260 29.06 25.49 -37.41
N ILE J 261 27.90 24.95 -37.77
CA ILE J 261 27.80 23.86 -38.74
C ILE J 261 26.94 24.32 -39.90
N TYR J 262 27.46 24.14 -41.12
CA TYR J 262 26.74 24.46 -42.33
C TYR J 262 26.43 23.19 -43.12
N THR J 263 25.37 23.27 -43.92
CA THR J 263 24.78 22.07 -44.50
C THR J 263 25.28 21.78 -45.92
N ASN J 264 25.11 22.73 -46.84
CA ASN J 264 25.33 22.42 -48.26
C ASN J 264 26.73 21.88 -48.51
N PRO J 265 27.81 22.50 -48.01
CA PRO J 265 29.00 21.71 -47.72
C PRO J 265 28.93 21.23 -46.29
N ILE J 266 29.10 19.93 -46.04
CA ILE J 266 29.11 19.46 -44.66
C ILE J 266 30.41 19.97 -44.07
N ARG J 267 30.32 21.01 -43.24
CA ARG J 267 31.52 21.71 -42.80
C ARG J 267 31.32 22.25 -41.40
N ALA J 268 32.43 22.46 -40.71
CA ALA J 268 32.46 23.03 -39.37
C ALA J 268 33.28 24.31 -39.41
N GLU J 269 32.75 25.39 -38.85
CA GLU J 269 33.41 26.68 -38.91
C GLU J 269 33.47 27.32 -37.53
N ASN J 270 34.43 28.24 -37.37
CA ASN J 270 34.65 28.95 -36.11
C ASN J 270 34.93 27.96 -34.98
N CYS J 271 35.65 26.90 -35.29
CA CYS J 271 35.98 25.87 -34.32
C CYS J 271 37.09 26.43 -33.42
N ALA J 272 36.68 27.20 -32.43
CA ALA J 272 37.61 27.93 -31.58
C ALA J 272 38.31 26.94 -30.66
N VAL J 273 39.44 26.41 -31.14
CA VAL J 273 40.23 25.45 -30.37
C VAL J 273 41.64 25.44 -30.93
N GLY J 274 42.60 25.36 -30.03
CA GLY J 274 43.98 25.21 -30.42
C GLY J 274 44.57 26.48 -31.00
N SER J 275 45.75 26.31 -31.59
CA SER J 275 46.48 27.40 -32.22
C SER J 275 47.03 26.94 -33.56
N ILE J 276 47.14 27.90 -34.48
CA ILE J 276 47.60 27.61 -35.84
C ILE J 276 48.99 28.22 -36.05
N PRO J 277 50.04 27.41 -36.10
CA PRO J 277 51.36 27.95 -36.43
C PRO J 277 51.41 28.45 -37.86
N LEU J 278 52.18 29.50 -38.07
CA LEU J 278 52.37 30.09 -39.39
C LEU J 278 53.86 30.33 -39.63
N ALA J 279 54.28 30.12 -40.88
CA ALA J 279 55.65 30.38 -41.29
C ALA J 279 55.64 31.34 -42.46
N PHE J 280 56.45 32.38 -42.39
CA PHE J 280 56.55 33.37 -43.45
C PHE J 280 57.95 33.36 -44.03
N ASP J 281 58.04 33.36 -45.35
CA ASP J 281 59.30 33.46 -46.06
C ASP J 281 59.25 34.76 -46.85
N ILE J 282 59.59 35.86 -46.18
CA ILE J 282 59.46 37.19 -46.76
C ILE J 282 60.72 37.51 -47.57
N PRO J 283 60.58 37.97 -48.81
CA PRO J 283 61.75 38.40 -49.57
C PRO J 283 62.39 39.62 -48.92
N ASP J 284 63.69 39.78 -49.15
CA ASP J 284 64.41 40.91 -48.60
C ASP J 284 64.00 42.24 -49.23
N ALA J 285 63.21 42.21 -50.30
CA ALA J 285 62.79 43.46 -50.92
C ALA J 285 61.96 44.31 -49.97
N LEU J 286 61.04 43.69 -49.24
CA LEU J 286 60.18 44.46 -48.34
C LEU J 286 60.95 45.03 -47.16
N PHE J 287 62.06 44.39 -46.77
CA PHE J 287 62.87 44.92 -45.69
C PHE J 287 63.51 46.24 -46.11
N THR J 288 63.54 47.20 -45.19
CA THR J 288 64.15 48.50 -45.41
C THR J 288 65.20 48.75 -44.34
N ARG J 289 66.25 49.49 -44.70
CA ARG J 289 67.31 49.76 -43.75
C ARG J 289 66.77 50.56 -42.57
N VAL J 290 67.27 50.24 -41.38
CA VAL J 290 66.85 50.95 -40.18
C VAL J 290 67.20 52.42 -40.28
N SER J 291 68.34 52.73 -40.89
CA SER J 291 68.81 54.11 -40.95
C SER J 291 67.82 55.00 -41.68
N GLU J 292 67.22 54.47 -42.76
CA GLU J 292 66.22 55.23 -43.49
C GLU J 292 64.99 55.51 -42.63
N THR J 293 64.52 54.50 -41.90
CA THR J 293 63.36 54.68 -41.03
C THR J 293 63.74 55.52 -39.81
N PRO J 294 62.76 56.17 -39.18
CA PRO J 294 63.05 56.92 -37.96
C PRO J 294 63.62 56.01 -36.88
N THR J 295 64.64 56.51 -36.20
CA THR J 295 65.26 55.79 -35.08
C THR J 295 64.89 56.49 -33.79
N LEU J 296 64.68 55.70 -32.75
CA LEU J 296 64.17 56.21 -31.48
C LEU J 296 65.28 56.31 -30.46
N SER J 297 65.36 57.48 -29.82
CA SER J 297 66.29 57.72 -28.73
C SER J 297 65.53 58.37 -27.59
N ALA J 298 65.86 57.99 -26.36
CA ALA J 298 65.25 58.54 -25.16
C ALA J 298 63.73 58.36 -25.19
N ALA J 299 63.30 57.11 -25.11
CA ALA J 299 61.89 56.77 -25.05
C ALA J 299 61.47 56.57 -23.61
N GLU J 300 60.29 57.10 -23.27
CA GLU J 300 59.74 56.99 -21.92
C GLU J 300 58.30 56.53 -22.00
N CYS J 301 57.95 55.51 -21.23
CA CYS J 301 56.59 54.95 -21.21
C CYS J 301 55.95 55.21 -19.87
N THR J 302 54.72 55.74 -19.89
CA THR J 302 53.98 56.07 -18.68
C THR J 302 52.56 55.53 -18.80
N LEU J 303 52.23 54.55 -17.97
CA LEU J 303 50.90 53.94 -17.95
C LEU J 303 49.97 54.80 -17.11
N ASN J 304 49.25 55.71 -17.76
CA ASN J 304 48.46 56.71 -17.05
C ASN J 304 47.34 56.06 -16.25
N GLU J 305 46.32 55.52 -16.93
CA GLU J 305 45.22 54.86 -16.26
C GLU J 305 44.86 53.59 -17.01
N CYS J 306 44.77 52.47 -16.29
CA CYS J 306 44.54 51.18 -16.89
C CYS J 306 43.44 50.43 -16.16
N VAL J 307 42.64 49.69 -16.93
CA VAL J 307 41.65 48.77 -16.37
C VAL J 307 41.74 47.48 -17.15
N TYR J 308 42.32 46.44 -16.55
CA TYR J 308 42.41 45.17 -17.23
C TYR J 308 41.01 44.63 -17.48
N SER J 309 40.78 44.16 -18.70
CA SER J 309 39.44 43.79 -19.13
C SER J 309 39.56 42.79 -20.27
N SER J 310 38.41 42.34 -20.76
CA SER J 310 38.42 41.46 -21.93
C SER J 310 38.99 42.19 -23.13
N ASP J 311 38.52 43.41 -23.38
CA ASP J 311 38.93 44.20 -24.53
C ASP J 311 40.18 45.01 -24.17
N PHE J 312 40.54 45.96 -25.03
CA PHE J 312 41.68 46.84 -24.77
C PHE J 312 41.26 47.92 -23.76
N GLY J 313 41.08 47.48 -22.52
CA GLY J 313 40.65 48.36 -21.47
C GLY J 313 41.73 49.24 -20.88
N GLY J 314 42.99 49.03 -21.25
CA GLY J 314 44.09 49.81 -20.72
C GLY J 314 44.72 50.68 -21.79
N ILE J 315 45.00 51.93 -21.43
CA ILE J 315 45.62 52.90 -22.32
C ILE J 315 46.96 53.31 -21.72
N ALA J 316 48.01 53.22 -22.53
CA ALA J 316 49.36 53.56 -22.09
C ALA J 316 49.91 54.67 -22.97
N THR J 317 50.62 55.61 -22.34
CA THR J 317 51.20 56.76 -23.02
C THR J 317 52.72 56.63 -22.98
N VAL J 318 53.36 56.87 -24.12
CA VAL J 318 54.80 56.79 -24.26
C VAL J 318 55.32 58.14 -24.73
N LYS J 319 56.31 58.67 -24.01
CA LYS J 319 57.02 59.87 -24.43
C LYS J 319 58.29 59.46 -25.16
N TYR J 320 58.52 60.04 -26.33
CA TYR J 320 59.61 59.66 -27.20
C TYR J 320 60.32 60.90 -27.70
N SER J 321 61.55 60.70 -28.18
CA SER J 321 62.32 61.72 -28.89
C SER J 321 62.84 61.07 -30.17
N ALA J 322 62.02 61.10 -31.22
CA ALA J 322 62.35 60.43 -32.47
C ALA J 322 63.42 61.19 -33.24
N SER J 323 64.31 60.45 -33.90
CA SER J 323 65.36 61.09 -34.67
C SER J 323 64.83 61.63 -35.99
N LYS J 324 63.80 61.01 -36.56
CA LYS J 324 63.20 61.51 -37.78
C LYS J 324 61.69 61.34 -37.72
N SER J 325 61.01 62.16 -38.50
CA SER J 325 59.56 62.03 -38.64
C SER J 325 59.23 60.75 -39.39
N GLY J 326 58.16 60.08 -38.95
CA GLY J 326 57.73 58.87 -39.59
C GLY J 326 56.86 58.04 -38.65
N LYS J 327 56.59 56.82 -39.07
CA LYS J 327 55.87 55.85 -38.27
C LYS J 327 56.81 54.75 -37.81
N CYS J 328 56.59 54.25 -36.61
CA CYS J 328 57.46 53.27 -35.99
C CYS J 328 56.64 52.08 -35.54
N ALA J 329 57.11 50.88 -35.88
CA ALA J 329 56.40 49.67 -35.48
C ALA J 329 56.49 49.48 -33.97
N VAL J 330 55.40 48.98 -33.38
CA VAL J 330 55.32 48.74 -31.94
C VAL J 330 54.72 47.36 -31.71
N HIS J 331 55.33 46.60 -30.80
CA HIS J 331 54.84 45.27 -30.45
C HIS J 331 55.30 44.95 -29.05
N VAL J 332 54.57 44.06 -28.38
CA VAL J 332 54.95 43.58 -27.05
C VAL J 332 55.42 42.14 -27.20
N PRO J 333 56.71 41.86 -27.08
CA PRO J 333 57.17 40.47 -27.18
C PRO J 333 56.57 39.55 -26.13
N SER J 334 56.36 40.05 -24.91
CA SER J 334 55.73 39.24 -23.88
C SER J 334 54.25 39.07 -24.16
N GLY J 335 53.69 37.99 -23.63
CA GLY J 335 52.28 37.70 -23.77
C GLY J 335 51.37 38.35 -22.75
N THR J 336 51.92 39.16 -21.84
CA THR J 336 51.09 39.80 -20.82
C THR J 336 50.05 40.72 -21.44
N ALA J 337 50.44 41.48 -22.47
CA ALA J 337 49.53 42.40 -23.13
C ALA J 337 49.75 42.36 -24.64
N THR J 338 48.71 42.72 -25.37
CA THR J 338 48.75 42.80 -26.83
C THR J 338 48.38 44.20 -27.27
N LEU J 339 49.18 44.77 -28.16
CA LEU J 339 48.90 46.10 -28.67
C LEU J 339 47.81 46.03 -29.73
N LYS J 340 46.86 46.98 -29.66
CA LYS J 340 45.84 47.05 -30.69
C LYS J 340 46.40 47.65 -31.97
N GLU J 341 47.41 48.51 -31.86
CA GLU J 341 47.96 49.22 -32.99
C GLU J 341 49.33 48.64 -33.33
N ALA J 342 49.50 48.20 -34.58
CA ALA J 342 50.77 47.61 -34.99
C ALA J 342 51.85 48.68 -35.15
N ALA J 343 51.52 49.79 -35.78
CA ALA J 343 52.45 50.87 -36.01
C ALA J 343 51.80 52.19 -35.62
N VAL J 344 52.63 53.15 -35.23
CA VAL J 344 52.16 54.46 -34.80
C VAL J 344 53.03 55.53 -35.44
N GLU J 345 52.39 56.56 -35.98
CA GLU J 345 53.12 57.70 -36.53
C GLU J 345 53.78 58.48 -35.42
N LEU J 346 55.03 58.88 -35.63
CA LEU J 346 55.82 59.58 -34.63
C LEU J 346 56.19 60.97 -35.13
N THR J 347 56.05 61.96 -34.27
CA THR J 347 56.55 63.30 -34.52
C THR J 347 58.01 63.37 -34.12
N GLU J 348 58.55 64.58 -33.99
CA GLU J 348 59.97 64.73 -33.67
C GLU J 348 60.25 64.34 -32.22
N GLN J 349 59.65 65.06 -31.27
CA GLN J 349 59.89 64.82 -29.84
C GLN J 349 58.59 64.85 -29.07
N GLY J 350 57.52 64.33 -29.67
CA GLY J 350 56.22 64.28 -29.02
C GLY J 350 56.04 63.03 -28.20
N SER J 351 54.80 62.80 -27.78
CA SER J 351 54.41 61.61 -27.03
C SER J 351 53.27 60.92 -27.76
N ALA J 352 53.26 59.60 -27.67
CA ALA J 352 52.24 58.80 -28.33
C ALA J 352 51.51 57.94 -27.29
N THR J 353 50.25 57.65 -27.58
CA THR J 353 49.43 56.82 -26.71
C THR J 353 49.09 55.52 -27.45
N ILE J 354 49.13 54.41 -26.72
CA ILE J 354 48.87 53.10 -27.30
C ILE J 354 47.79 52.41 -26.46
N HIS J 355 47.04 51.54 -27.12
CA HIS J 355 45.93 50.83 -26.50
C HIS J 355 46.29 49.36 -26.40
N PHE J 356 46.18 48.81 -25.20
CA PHE J 356 46.62 47.46 -24.92
C PHE J 356 45.61 46.77 -24.01
N SER J 357 45.54 45.45 -24.10
CA SER J 357 44.68 44.62 -23.27
C SER J 357 45.54 43.64 -22.49
N THR J 358 45.24 43.46 -21.21
CA THR J 358 46.01 42.58 -20.35
C THR J 358 45.11 41.92 -19.34
N ALA J 359 45.66 40.94 -18.64
CA ALA J 359 44.96 40.25 -17.58
C ALA J 359 45.65 40.37 -16.23
N ASN J 360 46.75 41.10 -16.15
CA ASN J 360 47.49 41.24 -14.90
C ASN J 360 47.15 42.56 -14.23
N ILE J 361 46.87 42.49 -12.93
CA ILE J 361 46.57 43.68 -12.14
C ILE J 361 47.80 44.56 -12.01
N HIS J 362 48.98 43.95 -12.00
CA HIS J 362 50.24 44.68 -11.87
C HIS J 362 51.11 44.31 -13.06
N PRO J 363 50.80 44.84 -14.25
CA PRO J 363 51.59 44.49 -15.43
C PRO J 363 52.86 45.33 -15.51
N GLU J 364 53.98 44.65 -15.69
CA GLU J 364 55.28 45.28 -15.98
C GLU J 364 55.87 44.53 -17.18
N PHE J 365 55.52 45.00 -18.38
CA PHE J 365 55.98 44.39 -19.62
C PHE J 365 56.86 45.39 -20.35
N ARG J 366 57.91 44.88 -21.00
CA ARG J 366 58.79 45.73 -21.80
C ARG J 366 58.29 45.67 -23.24
N LEU J 367 57.46 46.64 -23.61
CA LEU J 367 57.02 46.74 -24.99
C LEU J 367 58.19 47.10 -25.89
N GLN J 368 58.14 46.62 -27.13
CA GLN J 368 59.21 46.82 -28.09
C GLN J 368 58.79 47.87 -29.11
N ILE J 369 59.69 48.82 -29.39
CA ILE J 369 59.43 49.86 -30.37
C ILE J 369 60.38 49.63 -31.53
N CYS J 370 60.32 50.50 -32.54
CA CYS J 370 61.07 50.28 -33.78
C CYS J 370 62.55 50.05 -33.52
N THR J 371 63.11 50.65 -32.48
CA THR J 371 64.53 50.47 -32.23
C THR J 371 64.80 49.80 -30.88
N SER J 372 64.26 50.32 -29.79
CA SER J 372 64.69 49.90 -28.47
C SER J 372 63.50 49.39 -27.66
N TYR J 373 63.81 48.88 -26.49
CA TYR J 373 62.82 48.41 -25.53
C TYR J 373 62.54 49.52 -24.51
N VAL J 374 61.44 49.35 -23.79
CA VAL J 374 61.15 50.18 -22.64
C VAL J 374 60.23 49.41 -21.72
N THR J 375 60.63 49.31 -20.45
CA THR J 375 59.81 48.66 -19.45
C THR J 375 58.74 49.63 -18.98
N CYS J 376 57.53 49.12 -18.78
CA CYS J 376 56.41 49.97 -18.38
C CYS J 376 55.64 49.26 -17.30
N LYS J 377 55.59 49.86 -16.12
CA LYS J 377 54.94 49.27 -14.96
C LYS J 377 53.85 50.19 -14.45
N GLY J 378 52.77 49.60 -13.97
CA GLY J 378 51.65 50.37 -13.46
C GLY J 378 50.68 49.45 -12.74
N ASP J 379 49.57 50.04 -12.31
CA ASP J 379 48.52 49.31 -11.63
C ASP J 379 47.20 49.50 -12.39
N CYS J 380 46.55 48.39 -12.72
CA CYS J 380 45.28 48.44 -13.42
C CYS J 380 44.14 48.29 -12.41
N HIS J 381 42.90 48.26 -12.92
CA HIS J 381 41.72 48.22 -12.09
C HIS J 381 40.78 47.12 -12.55
N PRO J 382 39.97 46.56 -11.64
CA PRO J 382 39.07 45.50 -12.05
C PRO J 382 38.02 46.02 -13.03
N PRO J 383 37.47 45.15 -13.86
CA PRO J 383 36.44 45.60 -14.81
C PRO J 383 35.20 46.08 -14.09
N LYS J 384 34.50 47.02 -14.72
CA LYS J 384 33.29 47.56 -14.13
C LYS J 384 32.11 46.60 -14.32
N ASP J 385 31.75 46.35 -15.58
CA ASP J 385 30.62 45.46 -15.88
C ASP J 385 31.01 44.00 -15.68
N HIS J 386 30.02 43.18 -15.32
CA HIS J 386 30.30 41.78 -15.01
C HIS J 386 30.64 40.97 -16.27
N ILE J 387 29.86 41.12 -17.33
CA ILE J 387 29.96 40.27 -18.52
C ILE J 387 29.89 41.15 -19.75
N VAL J 388 30.76 40.88 -20.72
CA VAL J 388 30.81 41.62 -21.98
C VAL J 388 30.60 40.65 -23.13
N THR J 389 30.02 41.15 -24.22
CA THR J 389 29.79 40.34 -25.42
C THR J 389 31.00 40.36 -26.35
N HIS J 390 32.18 40.07 -25.81
CA HIS J 390 33.40 40.02 -26.61
C HIS J 390 34.23 38.84 -26.17
N PRO J 391 34.90 38.18 -27.10
CA PRO J 391 35.80 37.08 -26.72
C PRO J 391 37.00 37.61 -25.95
N GLN J 392 37.52 36.76 -25.08
CA GLN J 392 38.63 37.16 -24.22
C GLN J 392 39.90 37.34 -25.04
N TYR J 393 40.45 38.55 -25.04
CA TYR J 393 41.72 38.80 -25.71
C TYR J 393 42.88 38.13 -24.97
N HIS J 394 42.81 38.07 -23.64
CA HIS J 394 43.87 37.51 -22.82
C HIS J 394 43.29 36.59 -21.76
N ALA J 395 43.50 35.29 -21.93
CA ALA J 395 43.04 34.31 -20.96
C ALA J 395 44.19 33.55 -20.32
N GLN J 396 45.43 33.98 -20.52
CA GLN J 396 46.58 33.30 -19.92
C GLN J 396 46.62 33.60 -18.43
N THR J 397 46.45 32.57 -17.62
CA THR J 397 46.40 32.73 -16.17
C THR J 397 47.18 31.58 -15.53
N PHE J 398 48.49 31.74 -15.43
CA PHE J 398 49.35 30.80 -14.72
C PHE J 398 49.99 31.42 -13.50
N THR J 399 50.68 32.54 -13.67
CA THR J 399 51.14 33.32 -12.50
C THR J 399 50.05 34.33 -12.17
N ALA J 400 49.86 35.30 -13.06
CA ALA J 400 48.79 36.29 -12.96
C ALA J 400 48.70 36.86 -11.55
N ALA J 401 49.81 37.46 -11.13
CA ALA J 401 49.97 37.93 -9.76
C ALA J 401 48.77 38.75 -9.34
N VAL J 402 48.07 38.29 -8.29
CA VAL J 402 46.83 38.93 -7.89
C VAL J 402 47.11 40.34 -7.37
N SER J 403 48.08 40.49 -6.49
CA SER J 403 48.39 41.79 -5.91
C SER J 403 49.76 41.74 -5.27
N LYS J 404 50.34 42.93 -5.12
CA LYS J 404 51.55 43.05 -4.29
C LYS J 404 51.23 42.73 -2.84
N THR J 405 50.05 43.15 -2.37
CA THR J 405 49.63 42.81 -1.02
C THR J 405 49.51 41.30 -0.87
N ALA J 406 49.00 40.63 -1.89
CA ALA J 406 48.85 39.19 -1.80
C ALA J 406 50.20 38.51 -1.63
N TRP J 407 51.19 38.91 -2.43
CA TRP J 407 52.52 38.32 -2.29
C TRP J 407 53.15 38.70 -0.97
N THR J 408 52.91 39.92 -0.51
CA THR J 408 53.44 40.34 0.78
C THR J 408 52.91 39.45 1.89
N TRP J 409 51.60 39.24 1.92
CA TRP J 409 51.02 38.39 2.96
C TRP J 409 51.50 36.95 2.81
N LEU J 410 51.60 36.46 1.57
CA LEU J 410 52.04 35.09 1.35
C LEU J 410 53.44 34.88 1.89
N THR J 411 54.33 35.84 1.64
CA THR J 411 55.67 35.78 2.21
C THR J 411 55.60 35.90 3.73
N SER J 412 54.66 36.70 4.24
CA SER J 412 54.58 36.92 5.67
C SER J 412 54.24 35.63 6.41
N LEU J 413 53.18 34.95 5.98
CA LEU J 413 52.75 33.74 6.68
C LEU J 413 53.43 32.48 6.18
N LEU J 414 54.10 32.54 5.04
CA LEU J 414 54.90 31.43 4.53
C LEU J 414 56.31 31.98 4.30
N GLY J 415 57.22 31.64 5.21
CA GLY J 415 58.55 32.22 5.20
C GLY J 415 58.88 32.75 6.57
N GLY J 416 57.87 33.35 7.22
CA GLY J 416 58.00 33.66 8.63
C GLY J 416 58.12 32.41 9.47
N SER J 417 57.36 31.37 9.11
CA SER J 417 57.55 30.06 9.75
C SER J 417 58.96 29.55 9.50
N ALA J 418 59.51 29.82 8.30
CA ALA J 418 60.90 29.46 8.04
C ALA J 418 61.83 30.21 8.98
N VAL J 419 61.54 31.49 9.22
CA VAL J 419 62.35 32.28 10.16
C VAL J 419 62.29 31.67 11.55
N ILE J 420 61.10 31.23 11.96
CA ILE J 420 60.93 30.61 13.27
C ILE J 420 61.73 29.32 13.35
N ILE J 421 61.72 28.52 12.27
CA ILE J 421 62.48 27.29 12.23
C ILE J 421 63.97 27.58 12.38
N ILE J 422 64.46 28.59 11.65
CA ILE J 422 65.87 28.95 11.75
C ILE J 422 66.19 29.39 13.17
N ILE J 423 65.30 30.17 13.78
CA ILE J 423 65.53 30.63 15.15
C ILE J 423 65.65 29.44 16.08
N GLY J 424 64.75 28.47 15.94
CA GLY J 424 64.79 27.31 16.81
C GLY J 424 66.05 26.48 16.62
N LEU J 425 66.45 26.28 15.36
CA LEU J 425 67.65 25.49 15.11
C LEU J 425 68.88 26.20 15.66
N VAL J 426 68.93 27.52 15.53
CA VAL J 426 70.05 28.27 16.09
C VAL J 426 70.07 28.13 17.60
N LEU J 427 68.90 28.20 18.24
CA LEU J 427 68.84 28.03 19.68
C LEU J 427 69.34 26.65 20.10
N ALA J 428 68.92 25.61 19.37
CA ALA J 428 69.36 24.26 19.70
C ALA J 428 70.87 24.13 19.56
N THR J 429 71.44 24.67 18.48
CA THR J 429 72.88 24.56 18.29
C THR J 429 73.64 25.32 19.38
N ILE J 430 73.18 26.53 19.72
CA ILE J 430 73.92 27.31 20.70
C ILE J 430 73.79 26.69 22.09
N VAL J 431 72.65 26.08 22.42
CA VAL J 431 72.57 25.45 23.73
C VAL J 431 73.38 24.17 23.76
N ALA J 432 73.49 23.45 22.64
CA ALA J 432 74.40 22.31 22.60
C ALA J 432 75.83 22.74 22.84
N MET J 433 76.25 23.83 22.19
CA MET J 433 77.59 24.36 22.44
C MET J 433 77.74 24.85 23.87
N TYR J 434 76.67 25.39 24.44
CA TYR J 434 76.70 25.80 25.85
C TYR J 434 76.94 24.61 26.75
N VAL J 435 76.28 23.49 26.47
CA VAL J 435 76.50 22.27 27.24
C VAL J 435 77.95 21.81 27.08
N LEU J 436 78.46 21.85 25.85
CA LEU J 436 79.83 21.43 25.61
C LEU J 436 80.82 22.26 26.42
N THR J 437 80.64 23.59 26.38
CA THR J 437 81.59 24.46 27.08
C THR J 437 81.41 24.40 28.59
N ASN J 438 80.19 24.17 29.07
CA ASN J 438 79.97 24.00 30.49
C ASN J 438 80.68 22.74 30.99
N GLN J 439 80.61 21.66 30.22
CA GLN J 439 81.36 20.46 30.57
C GLN J 439 82.86 20.77 30.59
N LYS J 440 83.38 21.30 29.48
CA LYS J 440 84.81 21.64 29.39
C LYS J 440 84.98 22.74 28.34
N HIS J 441 85.18 23.98 28.80
CA HIS J 441 85.50 25.06 27.88
C HIS J 441 86.89 24.90 27.26
N ASN J 442 87.86 24.46 28.06
CA ASN J 442 89.22 24.30 27.58
C ASN J 442 89.53 22.86 27.23
N SER K 1 0.39 21.97 -68.76
CA SER K 1 -0.71 21.51 -67.92
C SER K 1 -1.59 20.51 -68.65
N THR K 2 -1.72 20.72 -69.97
CA THR K 2 -2.61 19.86 -70.76
C THR K 2 -2.08 18.44 -70.83
N GLU K 3 -0.76 18.28 -70.90
CA GLU K 3 -0.18 16.96 -71.14
C GLU K 3 -0.51 15.98 -70.02
N GLU K 4 -0.23 16.36 -68.78
CA GLU K 4 -0.45 15.45 -67.67
C GLU K 4 -1.94 15.27 -67.39
N LEU K 5 -2.74 16.32 -67.57
CA LEU K 5 -4.17 16.19 -67.40
C LEU K 5 -4.73 15.19 -68.40
N PHE K 6 -4.29 15.28 -69.66
CA PHE K 6 -4.74 14.33 -70.67
C PHE K 6 -4.25 12.93 -70.36
N ASN K 7 -3.02 12.80 -69.86
CA ASN K 7 -2.51 11.48 -69.50
C ASN K 7 -3.35 10.85 -68.39
N GLU K 8 -3.73 11.64 -67.39
CA GLU K 8 -4.52 11.12 -66.29
C GLU K 8 -5.97 10.87 -66.71
N TYR K 9 -6.49 11.66 -67.63
CA TYR K 9 -7.90 11.61 -67.98
C TYR K 9 -8.22 10.69 -69.16
N LYS K 10 -7.21 10.25 -69.91
CA LYS K 10 -7.48 9.24 -70.92
C LYS K 10 -7.71 7.88 -70.29
N LEU K 11 -7.17 7.64 -69.10
CA LEU K 11 -7.28 6.36 -68.41
C LEU K 11 -7.64 6.61 -66.95
N THR K 12 -8.65 7.44 -66.71
CA THR K 12 -9.03 7.80 -65.35
C THR K 12 -9.98 6.78 -64.74
N ARG K 13 -11.17 6.63 -65.31
CA ARG K 13 -12.21 5.74 -64.80
C ARG K 13 -12.47 6.03 -63.32
N PRO K 14 -13.10 7.15 -62.98
CA PRO K 14 -13.45 7.39 -61.57
C PRO K 14 -14.40 6.31 -61.08
N TYR K 15 -14.32 6.03 -59.78
CA TYR K 15 -15.02 4.91 -59.19
C TYR K 15 -15.64 5.32 -57.87
N MET K 16 -16.38 4.39 -57.27
CA MET K 16 -16.85 4.51 -55.90
C MET K 16 -16.18 3.42 -55.07
N ALA K 17 -15.77 3.78 -53.86
CA ALA K 17 -15.02 2.88 -53.00
C ALA K 17 -15.78 2.66 -51.69
N ARG K 18 -15.47 1.54 -51.04
CA ARG K 18 -16.02 1.27 -49.72
C ARG K 18 -15.59 2.35 -48.74
N CYS K 19 -16.55 2.89 -47.99
CA CYS K 19 -16.28 3.92 -46.98
C CYS K 19 -16.83 3.45 -45.65
N ILE K 20 -16.08 3.72 -44.58
CA ILE K 20 -16.50 3.28 -43.26
C ILE K 20 -17.71 4.05 -42.78
N ARG K 21 -17.77 5.36 -43.06
CA ARG K 21 -18.82 6.23 -42.55
C ARG K 21 -19.43 7.00 -43.73
N CYS K 22 -20.66 6.66 -44.10
CA CYS K 22 -21.37 7.35 -45.18
C CYS K 22 -22.37 8.36 -44.66
N ALA K 23 -22.19 8.84 -43.41
CA ALA K 23 -23.08 9.79 -42.74
C ALA K 23 -24.39 9.13 -42.36
N VAL K 24 -24.62 7.90 -42.84
CA VAL K 24 -25.68 7.04 -42.33
C VAL K 24 -25.19 5.60 -42.42
N GLY K 25 -24.91 5.00 -41.27
CA GLY K 25 -24.35 3.66 -41.25
C GLY K 25 -23.05 3.59 -42.03
N SER K 26 -22.95 2.58 -42.89
CA SER K 26 -21.79 2.38 -43.74
C SER K 26 -22.25 1.99 -45.14
N CYS K 27 -21.48 2.39 -46.14
CA CYS K 27 -21.88 2.16 -47.53
C CYS K 27 -20.64 2.24 -48.41
N HIS K 28 -20.85 2.22 -49.71
CA HIS K 28 -19.81 2.51 -50.69
C HIS K 28 -20.06 3.92 -51.20
N SER K 29 -19.13 4.82 -50.93
CA SER K 29 -19.36 6.21 -51.27
C SER K 29 -18.50 6.61 -52.44
N PRO K 30 -19.05 7.33 -53.42
CA PRO K 30 -18.24 7.81 -54.54
C PRO K 30 -17.15 8.77 -54.10
N ILE K 31 -17.33 9.42 -52.95
CA ILE K 31 -16.37 10.40 -52.46
C ILE K 31 -15.39 9.78 -51.48
N ALA K 32 -15.33 8.45 -51.43
CA ALA K 32 -14.48 7.77 -50.45
C ALA K 32 -13.01 8.13 -50.65
N ILE K 33 -12.31 8.30 -49.53
CA ILE K 33 -10.91 8.70 -49.51
C ILE K 33 -10.06 7.50 -49.14
N GLU K 34 -9.00 7.25 -49.91
CA GLU K 34 -8.16 6.07 -49.70
C GLU K 34 -6.80 6.37 -49.11
N ALA K 35 -6.30 7.59 -49.26
CA ALA K 35 -4.99 7.94 -48.72
C ALA K 35 -4.91 9.43 -48.47
N VAL K 36 -4.40 9.81 -47.31
CA VAL K 36 -4.16 11.20 -46.96
C VAL K 36 -2.74 11.34 -46.45
N LYS K 37 -2.01 12.31 -46.97
CA LYS K 37 -0.66 12.63 -46.53
C LYS K 37 -0.68 13.97 -45.83
N SER K 38 -0.17 14.00 -44.59
CA SER K 38 -0.20 15.19 -43.75
C SER K 38 1.20 15.53 -43.27
N ASP K 39 2.17 15.45 -44.18
CA ASP K 39 3.55 15.75 -43.85
C ASP K 39 3.95 17.20 -44.15
N GLY K 40 3.04 17.99 -44.72
CA GLY K 40 3.35 19.38 -45.03
C GLY K 40 3.52 20.19 -43.76
N HIS K 41 4.56 21.02 -43.72
CA HIS K 41 4.84 21.82 -42.54
C HIS K 41 3.74 22.84 -42.26
N ASP K 42 3.27 23.55 -43.29
CA ASP K 42 2.31 24.62 -43.05
C ASP K 42 0.94 24.07 -42.67
N GLY K 43 0.64 22.83 -43.06
CA GLY K 43 -0.65 22.25 -42.77
C GLY K 43 -1.35 21.77 -44.02
N TYR K 44 -0.77 22.06 -45.18
CA TYR K 44 -1.34 21.58 -46.43
C TYR K 44 -1.31 20.06 -46.47
N VAL K 45 -2.38 19.47 -46.99
CA VAL K 45 -2.53 18.03 -47.06
C VAL K 45 -2.71 17.63 -48.52
N ARG K 46 -1.93 16.65 -48.96
CA ARG K 46 -2.06 16.08 -50.30
C ARG K 46 -2.69 14.71 -50.17
N LEU K 47 -3.87 14.53 -50.76
CA LEU K 47 -4.59 13.28 -50.65
C LEU K 47 -5.18 12.92 -52.01
N GLN K 48 -5.36 11.62 -52.24
CA GLN K 48 -5.98 11.12 -53.45
C GLN K 48 -7.33 10.51 -53.12
N THR K 49 -8.32 10.77 -53.96
CA THR K 49 -9.67 10.27 -53.75
C THR K 49 -10.15 9.52 -54.98
N SER K 50 -11.26 8.80 -54.81
CA SER K 50 -11.88 8.13 -55.96
C SER K 50 -12.32 9.14 -57.01
N SER K 51 -12.90 10.25 -56.58
CA SER K 51 -13.33 11.29 -57.49
C SER K 51 -12.14 12.00 -58.11
N GLN K 52 -12.32 12.49 -59.32
CA GLN K 52 -11.28 13.20 -60.06
C GLN K 52 -11.52 14.70 -60.07
N TYR K 53 -10.44 15.45 -60.25
CA TYR K 53 -10.51 16.90 -60.27
C TYR K 53 -9.67 17.44 -61.42
N GLY K 54 -9.98 18.65 -61.85
CA GLY K 54 -9.23 19.32 -62.89
C GLY K 54 -9.80 19.22 -64.27
N LEU K 55 -10.79 18.35 -64.50
CA LEU K 55 -11.43 18.23 -65.79
C LEU K 55 -12.90 17.87 -65.60
N ASP K 56 -13.68 18.06 -66.67
CA ASP K 56 -15.10 17.77 -66.66
C ASP K 56 -15.33 16.29 -66.91
N SER K 57 -16.59 15.93 -67.20
CA SER K 57 -16.93 14.56 -67.57
C SER K 57 -16.61 14.24 -69.03
N SER K 58 -16.26 15.24 -69.83
CA SER K 58 -15.95 15.05 -71.24
C SER K 58 -14.45 15.06 -71.50
N GLY K 59 -13.64 14.96 -70.46
CA GLY K 59 -12.19 14.97 -70.62
C GLY K 59 -11.63 16.27 -71.13
N ASN K 60 -12.14 17.40 -70.64
CA ASN K 60 -11.68 18.71 -71.05
C ASN K 60 -11.14 19.44 -69.82
N LEU K 61 -10.04 20.17 -70.01
CA LEU K 61 -9.35 20.83 -68.90
C LEU K 61 -10.29 21.80 -68.21
N LYS K 62 -10.79 21.43 -67.04
CA LYS K 62 -11.74 22.26 -66.29
C LYS K 62 -11.45 22.06 -64.80
N GLY K 63 -10.54 22.88 -64.28
CA GLY K 63 -10.08 22.71 -62.92
C GLY K 63 -11.01 23.19 -61.82
N ARG K 64 -12.07 23.90 -62.19
CA ARG K 64 -13.00 24.45 -61.21
C ARG K 64 -14.08 23.48 -60.79
N THR K 65 -14.10 22.27 -61.35
CA THR K 65 -15.12 21.29 -61.05
C THR K 65 -14.49 20.02 -60.49
N MET K 66 -15.29 19.28 -59.74
CA MET K 66 -14.92 17.97 -59.23
C MET K 66 -15.68 16.91 -60.00
N ARG K 67 -14.96 15.91 -60.50
CA ARG K 67 -15.56 14.86 -61.31
C ARG K 67 -15.55 13.55 -60.53
N TYR K 68 -16.68 12.86 -60.56
CA TYR K 68 -16.86 11.62 -59.82
C TYR K 68 -17.75 10.71 -60.64
N ASP K 69 -18.31 9.69 -60.01
CA ASP K 69 -19.24 8.79 -60.68
C ASP K 69 -20.17 8.18 -59.65
N MET K 70 -21.33 7.71 -60.12
CA MET K 70 -22.30 7.05 -59.27
C MET K 70 -22.83 5.82 -59.99
N HIS K 71 -22.49 4.64 -59.47
CA HIS K 71 -23.07 3.38 -59.94
C HIS K 71 -22.85 3.20 -61.44
N GLY K 72 -21.64 3.51 -61.90
CA GLY K 72 -21.32 3.42 -63.30
C GLY K 72 -21.71 4.63 -64.13
N THR K 73 -22.36 5.62 -63.52
CA THR K 73 -22.71 6.86 -64.19
C THR K 73 -21.74 7.94 -63.76
N ILE K 74 -21.00 8.50 -64.71
CA ILE K 74 -20.01 9.53 -64.43
C ILE K 74 -20.71 10.86 -64.28
N LYS K 75 -20.47 11.54 -63.15
CA LYS K 75 -21.08 12.82 -62.85
C LYS K 75 -20.02 13.79 -62.35
N GLU K 76 -20.32 15.08 -62.50
CA GLU K 76 -19.37 16.13 -62.16
C GLU K 76 -20.06 17.18 -61.29
N ILE K 77 -19.27 17.83 -60.45
CA ILE K 77 -19.78 18.85 -59.53
C ILE K 77 -18.78 19.98 -59.44
N PRO K 78 -19.26 21.21 -59.20
CA PRO K 78 -18.33 22.31 -58.94
C PRO K 78 -17.51 22.06 -57.69
N LEU K 79 -16.22 22.42 -57.76
CA LEU K 79 -15.32 22.15 -56.66
C LEU K 79 -15.72 22.93 -55.41
N HIS K 80 -16.08 24.19 -55.58
CA HIS K 80 -16.48 25.01 -54.44
C HIS K 80 -17.74 24.50 -53.77
N GLN K 81 -18.57 23.74 -54.49
CA GLN K 81 -19.80 23.21 -53.91
C GLN K 81 -19.50 22.22 -52.80
N VAL K 82 -18.47 21.38 -52.98
CA VAL K 82 -18.14 20.31 -52.07
C VAL K 82 -16.93 20.72 -51.25
N SER K 83 -17.03 20.57 -49.93
CA SER K 83 -15.98 20.97 -49.01
C SER K 83 -15.73 19.85 -48.00
N LEU K 84 -14.49 19.78 -47.53
CA LEU K 84 -14.07 18.83 -46.51
C LEU K 84 -13.69 19.58 -45.24
N TYR K 85 -13.77 18.88 -44.11
CA TYR K 85 -13.42 19.49 -42.84
C TYR K 85 -12.72 18.46 -41.96
N THR K 86 -12.36 18.92 -40.77
CA THR K 86 -11.59 18.18 -39.78
C THR K 86 -12.09 18.62 -38.40
N SER K 87 -11.26 18.44 -37.38
CA SER K 87 -11.49 19.05 -36.08
C SER K 87 -11.97 20.49 -36.24
N ARG K 88 -11.43 21.19 -37.23
CA ARG K 88 -11.92 22.48 -37.65
C ARG K 88 -12.13 22.45 -39.16
N PRO K 89 -13.04 23.27 -39.67
CA PRO K 89 -13.30 23.27 -41.12
C PRO K 89 -12.06 23.62 -41.91
N CYS K 90 -11.91 22.98 -43.06
CA CYS K 90 -10.74 23.16 -43.90
C CYS K 90 -10.99 24.18 -45.01
N HIS K 91 -10.00 24.33 -45.88
CA HIS K 91 -10.13 25.13 -47.09
C HIS K 91 -9.41 24.40 -48.22
N ILE K 92 -10.08 24.30 -49.36
CA ILE K 92 -9.56 23.56 -50.49
C ILE K 92 -8.70 24.48 -51.35
N VAL K 93 -7.52 24.02 -51.71
CA VAL K 93 -6.63 24.81 -52.55
C VAL K 93 -6.90 24.50 -54.01
N ASP K 94 -6.64 23.26 -54.41
CA ASP K 94 -6.85 22.85 -55.80
C ASP K 94 -6.83 21.33 -55.87
N GLY K 95 -7.39 20.81 -56.95
CA GLY K 95 -7.38 19.38 -57.19
C GLY K 95 -6.88 19.07 -58.58
N HIS K 96 -6.26 17.90 -58.71
CA HIS K 96 -5.63 17.49 -59.97
C HIS K 96 -5.84 15.99 -60.14
N GLY K 97 -6.83 15.62 -60.94
CA GLY K 97 -7.10 14.21 -61.17
C GLY K 97 -7.51 13.52 -59.89
N TYR K 98 -6.90 12.37 -59.62
CA TYR K 98 -7.19 11.63 -58.39
C TYR K 98 -6.78 12.42 -57.16
N PHE K 99 -5.64 13.08 -57.21
CA PHE K 99 -5.12 13.75 -56.03
C PHE K 99 -5.76 15.12 -55.83
N LEU K 100 -5.87 15.51 -54.56
CA LEU K 100 -6.49 16.77 -54.17
C LEU K 100 -5.60 17.48 -53.16
N LEU K 101 -5.53 18.81 -53.27
CA LEU K 101 -4.76 19.63 -52.35
C LEU K 101 -5.70 20.58 -51.61
N ALA K 102 -5.54 20.64 -50.28
CA ALA K 102 -6.38 21.50 -49.47
C ALA K 102 -5.63 21.91 -48.22
N ARG K 103 -6.14 22.95 -47.57
CA ARG K 103 -5.55 23.51 -46.35
C ARG K 103 -6.42 23.09 -45.17
N CYS K 104 -6.03 22.00 -44.51
CA CYS K 104 -6.73 21.50 -43.35
C CYS K 104 -5.93 21.77 -42.10
N PRO K 105 -6.56 22.22 -41.02
CA PRO K 105 -5.85 22.29 -39.73
C PRO K 105 -5.66 20.93 -39.11
N ALA K 106 -5.08 20.89 -37.90
CA ALA K 106 -4.86 19.63 -37.22
C ALA K 106 -6.19 18.94 -36.90
N GLY K 107 -6.20 17.63 -37.03
CA GLY K 107 -7.40 16.85 -36.78
C GLY K 107 -7.07 15.38 -36.64
N ASP K 108 -8.02 14.66 -36.04
CA ASP K 108 -7.90 13.22 -35.89
C ASP K 108 -8.48 12.45 -37.07
N SER K 109 -9.36 13.08 -37.86
CA SER K 109 -10.07 12.39 -38.93
C SER K 109 -10.30 13.35 -40.08
N ILE K 110 -10.57 12.79 -41.26
CA ILE K 110 -10.81 13.53 -42.49
C ILE K 110 -12.20 13.19 -42.97
N THR K 111 -12.99 14.21 -43.29
CA THR K 111 -14.34 14.02 -43.79
C THR K 111 -14.64 15.08 -44.85
N MET K 112 -15.24 14.65 -45.96
CA MET K 112 -15.66 15.54 -47.03
C MET K 112 -17.15 15.33 -47.26
N GLU K 113 -17.92 16.41 -47.16
CA GLU K 113 -19.37 16.33 -47.31
C GLU K 113 -19.77 16.65 -48.74
N PHE K 114 -20.42 15.68 -49.39
CA PHE K 114 -20.94 15.86 -50.74
C PHE K 114 -22.46 15.94 -50.63
N LYS K 115 -23.00 17.14 -50.83
CA LYS K 115 -24.44 17.37 -50.75
C LYS K 115 -24.97 17.53 -52.18
N LYS K 116 -25.67 16.52 -52.66
CA LYS K 116 -26.27 16.55 -53.98
C LYS K 116 -27.56 17.36 -53.92
N ASP K 117 -28.39 17.24 -54.96
CA ASP K 117 -29.64 18.01 -55.02
C ASP K 117 -30.54 17.71 -53.83
N SER K 118 -30.67 16.43 -53.47
CA SER K 118 -31.49 16.05 -52.34
C SER K 118 -30.71 15.17 -51.36
N VAL K 119 -29.79 14.36 -51.89
CA VAL K 119 -29.05 13.40 -51.10
C VAL K 119 -27.71 14.01 -50.71
N ARG K 120 -27.44 14.03 -49.41
CA ARG K 120 -26.16 14.52 -48.88
C ARG K 120 -25.41 13.33 -48.31
N HIS K 121 -24.36 12.90 -49.01
CA HIS K 121 -23.56 11.76 -48.57
C HIS K 121 -22.12 12.22 -48.37
N SER K 122 -21.53 11.82 -47.24
CA SER K 122 -20.18 12.22 -46.88
C SER K 122 -19.41 11.00 -46.40
N CYS K 123 -18.10 11.02 -46.60
CA CYS K 123 -17.23 9.92 -46.19
C CYS K 123 -16.19 10.43 -45.21
N SER K 124 -16.04 9.73 -44.10
CA SER K 124 -15.07 10.05 -43.06
C SER K 124 -14.02 8.95 -43.00
N VAL K 125 -12.77 9.32 -42.79
CA VAL K 125 -11.70 8.33 -42.64
C VAL K 125 -10.93 8.62 -41.36
N PRO K 126 -10.65 7.62 -40.54
CA PRO K 126 -9.89 7.83 -39.30
C PRO K 126 -8.39 7.95 -39.55
N TYR K 127 -8.01 9.01 -40.28
CA TYR K 127 -6.60 9.33 -40.50
C TYR K 127 -6.30 10.64 -39.79
N GLU K 128 -5.29 10.61 -38.92
CA GLU K 128 -4.91 11.81 -38.20
C GLU K 128 -4.26 12.82 -39.14
N VAL K 129 -4.30 14.08 -38.74
CA VAL K 129 -3.71 15.18 -39.50
C VAL K 129 -2.58 15.74 -38.67
N LYS K 130 -1.35 15.52 -39.12
CA LYS K 130 -0.17 15.99 -38.39
C LYS K 130 0.12 17.42 -38.80
N PHE K 131 -0.11 18.37 -37.89
CA PHE K 131 0.13 19.78 -38.14
C PHE K 131 1.45 20.16 -37.48
N ASN K 132 2.54 19.89 -38.18
CA ASN K 132 3.88 20.08 -37.62
C ASN K 132 4.35 21.50 -37.88
N PRO K 133 4.64 22.28 -36.86
CA PRO K 133 5.10 23.65 -37.08
C PRO K 133 6.50 23.71 -37.66
N VAL K 134 7.04 24.91 -37.81
CA VAL K 134 8.36 25.12 -38.39
C VAL K 134 9.25 25.75 -37.34
N GLY K 135 10.45 25.22 -37.17
CA GLY K 135 11.34 25.70 -36.15
C GLY K 135 11.03 25.17 -34.77
N ARG K 136 11.68 25.77 -33.78
CA ARG K 136 11.55 25.37 -32.39
C ARG K 136 10.47 26.14 -31.67
N GLU K 137 9.77 27.05 -32.34
CA GLU K 137 8.72 27.85 -31.75
C GLU K 137 7.38 27.26 -32.14
N LEU K 138 6.72 26.60 -31.19
CA LEU K 138 5.54 25.79 -31.48
C LEU K 138 4.33 26.71 -31.57
N TYR K 139 3.91 26.99 -32.79
CA TYR K 139 2.71 27.78 -33.05
C TYR K 139 1.59 26.85 -33.50
N THR K 140 0.40 27.08 -32.97
CA THR K 140 -0.78 26.33 -33.36
C THR K 140 -1.41 26.87 -34.63
N HIS K 141 -0.92 28.00 -35.13
CA HIS K 141 -1.45 28.64 -36.33
C HIS K 141 -0.37 29.52 -36.90
N PRO K 142 -0.22 29.62 -38.21
CA PRO K 142 0.84 30.45 -38.79
C PRO K 142 0.71 31.90 -38.35
N PRO K 143 1.82 32.52 -37.94
CA PRO K 143 1.76 33.91 -37.50
C PRO K 143 1.64 34.87 -38.67
N GLU K 144 1.15 36.07 -38.38
CA GLU K 144 0.97 37.07 -39.43
C GLU K 144 2.31 37.59 -39.93
N HIS K 145 3.27 37.79 -39.03
CA HIS K 145 4.58 38.35 -39.37
C HIS K 145 5.67 37.51 -38.74
N GLY K 146 6.92 37.94 -38.94
CA GLY K 146 8.07 37.31 -38.31
C GLY K 146 9.14 36.95 -39.30
N VAL K 147 10.21 36.34 -38.78
CA VAL K 147 11.31 35.88 -39.61
C VAL K 147 10.90 34.61 -40.35
N GLU K 148 11.69 34.26 -41.36
CA GLU K 148 11.42 33.12 -42.22
C GLU K 148 12.52 32.08 -42.12
N GLN K 149 12.14 30.81 -42.25
CA GLN K 149 13.07 29.69 -42.26
C GLN K 149 12.82 28.86 -43.52
N ALA K 150 13.65 27.84 -43.71
CA ALA K 150 13.40 26.88 -44.77
C ALA K 150 12.16 26.05 -44.43
N CYS K 151 11.23 25.96 -45.37
CA CYS K 151 9.98 25.27 -45.13
C CYS K 151 9.71 24.30 -46.27
N GLN K 152 9.08 23.19 -45.94
CA GLN K 152 8.68 22.18 -46.92
C GLN K 152 7.16 22.06 -46.89
N VAL K 153 6.50 22.46 -47.97
CA VAL K 153 5.06 22.36 -48.10
C VAL K 153 4.73 21.74 -49.46
N TYR K 154 3.55 21.12 -49.53
CA TYR K 154 3.09 20.54 -50.79
C TYR K 154 2.77 21.67 -51.76
N ALA K 155 3.62 21.86 -52.74
CA ALA K 155 3.39 22.91 -53.74
C ALA K 155 2.21 22.53 -54.62
N HIS K 156 1.42 23.54 -54.99
CA HIS K 156 0.25 23.32 -55.84
C HIS K 156 0.59 23.25 -57.32
N ASP K 157 1.87 23.29 -57.68
CA ASP K 157 2.26 23.11 -59.07
C ASP K 157 1.84 21.73 -59.55
N ALA K 158 1.41 21.67 -60.81
CA ALA K 158 0.96 20.42 -61.42
C ALA K 158 2.09 19.62 -62.04
N GLN K 159 3.33 20.08 -61.90
CA GLN K 159 4.45 19.33 -62.44
C GLN K 159 4.56 17.97 -61.75
N ASN K 160 4.96 16.97 -62.51
CA ASN K 160 5.07 15.61 -62.00
C ASN K 160 6.41 15.07 -62.49
N ARG K 161 7.42 15.14 -61.63
CA ARG K 161 8.80 14.92 -62.05
C ARG K 161 9.28 13.50 -61.77
N GLY K 162 9.26 13.07 -60.51
CA GLY K 162 9.86 11.80 -60.16
C GLY K 162 9.00 10.85 -59.36
N ALA K 163 7.68 10.92 -59.52
CA ALA K 163 6.79 10.00 -58.84
C ALA K 163 5.60 9.69 -59.73
N TYR K 164 5.05 8.49 -59.57
CA TYR K 164 3.93 8.05 -60.40
C TYR K 164 3.23 6.89 -59.71
N VAL K 165 2.05 6.56 -60.22
CA VAL K 165 1.28 5.42 -59.73
C VAL K 165 0.95 4.53 -60.92
N GLU K 166 0.60 3.28 -60.60
CA GLU K 166 0.27 2.28 -61.60
C GLU K 166 -1.24 2.21 -61.77
N MET K 167 -1.69 2.32 -63.03
CA MET K 167 -3.10 2.19 -63.36
C MET K 167 -3.29 0.93 -64.19
N HIS K 168 -4.26 0.11 -63.80
CA HIS K 168 -4.54 -1.14 -64.49
C HIS K 168 -5.93 -1.09 -65.10
N LEU K 169 -6.19 -2.03 -65.98
CA LEU K 169 -7.54 -2.19 -66.51
C LEU K 169 -8.46 -2.63 -65.39
N PRO K 170 -9.58 -1.93 -65.15
CA PRO K 170 -10.43 -2.26 -64.00
C PRO K 170 -11.02 -3.65 -64.14
N GLY K 171 -11.24 -4.29 -62.99
CA GLY K 171 -11.89 -5.58 -62.97
C GLY K 171 -13.39 -5.46 -63.15
N SER K 172 -14.02 -6.61 -63.32
CA SER K 172 -15.46 -6.63 -63.57
C SER K 172 -16.22 -6.16 -62.35
N GLU K 173 -17.26 -5.35 -62.58
CA GLU K 173 -18.09 -4.82 -61.52
C GLU K 173 -19.46 -5.47 -61.57
N VAL K 174 -19.94 -5.93 -60.43
CA VAL K 174 -21.26 -6.55 -60.34
C VAL K 174 -22.32 -5.46 -60.34
N ASP K 175 -23.45 -5.73 -60.99
CA ASP K 175 -24.52 -4.74 -61.08
C ASP K 175 -25.85 -5.49 -61.09
N SER K 176 -26.41 -5.69 -59.90
CA SER K 176 -27.69 -6.38 -59.77
C SER K 176 -28.86 -5.49 -60.16
N SER K 177 -28.63 -4.20 -60.38
CA SER K 177 -29.68 -3.33 -60.89
C SER K 177 -30.09 -3.74 -62.30
N LEU K 178 -29.12 -4.24 -63.09
CA LEU K 178 -29.42 -4.67 -64.45
C LEU K 178 -30.24 -5.95 -64.50
N VAL K 179 -30.35 -6.68 -63.40
CA VAL K 179 -31.13 -7.92 -63.37
C VAL K 179 -32.62 -7.57 -63.32
N SER K 180 -33.36 -8.05 -64.31
CA SER K 180 -34.81 -7.84 -64.38
C SER K 180 -35.51 -9.19 -64.36
N LEU K 181 -36.65 -9.23 -63.68
CA LEU K 181 -37.42 -10.46 -63.53
C LEU K 181 -38.53 -10.49 -64.58
N SER K 182 -38.37 -11.36 -65.57
CA SER K 182 -39.36 -11.54 -66.62
C SER K 182 -40.18 -12.80 -66.35
N GLY K 183 -41.03 -13.17 -67.30
CA GLY K 183 -41.85 -14.35 -67.15
C GLY K 183 -41.03 -15.63 -67.21
N SER K 184 -40.86 -16.27 -66.06
CA SER K 184 -40.10 -17.52 -65.94
C SER K 184 -38.66 -17.36 -66.45
N SER K 185 -38.13 -16.15 -66.39
CA SER K 185 -36.80 -15.88 -66.92
C SER K 185 -36.30 -14.57 -66.33
N VAL K 186 -35.02 -14.29 -66.59
CA VAL K 186 -34.38 -13.04 -66.20
C VAL K 186 -33.91 -12.33 -67.47
N THR K 187 -34.27 -11.06 -67.60
CA THR K 187 -33.87 -10.23 -68.74
C THR K 187 -32.90 -9.17 -68.24
N VAL K 188 -31.63 -9.53 -68.15
CA VAL K 188 -30.59 -8.57 -67.78
C VAL K 188 -30.27 -7.75 -69.02
N THR K 189 -30.68 -6.49 -69.03
CA THR K 189 -30.48 -5.64 -70.18
C THR K 189 -29.24 -4.80 -69.96
N PRO K 190 -28.14 -5.06 -70.66
CA PRO K 190 -26.97 -4.20 -70.53
C PRO K 190 -27.27 -2.82 -71.10
N PRO K 191 -26.66 -1.78 -70.55
CA PRO K 191 -26.86 -0.44 -71.10
C PRO K 191 -26.24 -0.28 -72.48
N ASP K 192 -26.36 0.92 -73.04
CA ASP K 192 -25.99 1.15 -74.44
C ASP K 192 -24.51 0.90 -74.65
N GLY K 193 -24.20 0.02 -75.60
CA GLY K 193 -22.81 -0.28 -75.91
C GLY K 193 -22.04 -0.84 -74.73
N THR K 194 -22.68 -1.69 -73.93
CA THR K 194 -22.07 -2.21 -72.72
C THR K 194 -22.18 -3.72 -72.70
N SER K 195 -21.07 -4.37 -72.38
CA SER K 195 -21.03 -5.83 -72.27
C SER K 195 -21.30 -6.21 -70.81
N ALA K 196 -22.41 -6.89 -70.59
CA ALA K 196 -22.80 -7.37 -69.27
C ALA K 196 -22.56 -8.88 -69.23
N LEU K 197 -21.43 -9.28 -68.65
CA LEU K 197 -21.11 -10.69 -68.53
C LEU K 197 -22.08 -11.31 -67.54
N VAL K 198 -23.12 -11.95 -68.08
CA VAL K 198 -24.21 -12.46 -67.24
C VAL K 198 -23.80 -13.82 -66.70
N GLU K 199 -23.74 -13.93 -65.38
CA GLU K 199 -23.43 -15.18 -64.69
C GLU K 199 -24.69 -15.64 -63.98
N CYS K 200 -25.10 -16.88 -64.25
CA CYS K 200 -26.33 -17.44 -63.71
C CYS K 200 -26.04 -18.69 -62.89
N GLU K 201 -26.66 -18.78 -61.72
CA GLU K 201 -26.47 -19.91 -60.81
C GLU K 201 -27.74 -20.75 -60.77
N CYS K 202 -27.72 -21.86 -61.50
CA CYS K 202 -28.81 -22.83 -61.53
C CYS K 202 -28.23 -24.10 -62.14
N GLY K 203 -29.10 -25.04 -62.50
CA GLY K 203 -28.65 -26.23 -63.18
C GLY K 203 -27.99 -25.90 -64.50
N GLY K 204 -26.69 -26.18 -64.62
CA GLY K 204 -25.97 -25.86 -65.83
C GLY K 204 -25.58 -24.40 -65.92
N THR K 205 -24.65 -23.98 -65.07
CA THR K 205 -24.24 -22.57 -65.01
C THR K 205 -23.74 -22.09 -66.37
N LYS K 206 -24.23 -20.93 -66.80
CA LYS K 206 -23.89 -20.36 -68.10
C LYS K 206 -23.26 -18.98 -67.92
N ILE K 207 -22.32 -18.65 -68.79
CA ILE K 207 -21.72 -17.33 -68.84
C ILE K 207 -21.82 -16.83 -70.28
N SER K 208 -22.37 -15.62 -70.45
CA SER K 208 -22.62 -15.10 -71.78
C SER K 208 -22.27 -13.63 -71.82
N GLU K 209 -21.94 -13.15 -73.02
CA GLU K 209 -21.63 -11.73 -73.19
C GLU K 209 -22.92 -10.91 -73.25
N THR K 210 -23.80 -11.23 -74.20
CA THR K 210 -25.06 -10.52 -74.37
C THR K 210 -24.84 -9.02 -74.45
N ILE K 211 -23.76 -8.64 -75.12
CA ILE K 211 -23.31 -7.24 -75.09
C ILE K 211 -24.33 -6.34 -75.76
N ASN K 212 -24.86 -6.76 -76.91
CA ASN K 212 -25.77 -5.91 -77.66
C ASN K 212 -27.21 -6.05 -77.18
N LYS K 213 -27.64 -7.29 -76.91
CA LYS K 213 -29.04 -7.56 -76.59
C LYS K 213 -29.11 -8.41 -75.34
N THR K 214 -30.18 -8.21 -74.57
CA THR K 214 -30.43 -9.03 -73.40
C THR K 214 -30.82 -10.45 -73.79
N LYS K 215 -30.58 -11.38 -72.88
CA LYS K 215 -30.84 -12.80 -73.13
C LYS K 215 -31.79 -13.36 -72.08
N GLN K 216 -32.74 -14.17 -72.55
CA GLN K 216 -33.60 -14.91 -71.64
C GLN K 216 -32.78 -15.99 -70.94
N PHE K 217 -32.95 -16.11 -69.63
CA PHE K 217 -32.18 -17.04 -68.82
C PHE K 217 -33.10 -18.16 -68.34
N SER K 218 -33.06 -19.28 -69.06
CA SER K 218 -33.86 -20.43 -68.70
C SER K 218 -33.21 -21.19 -67.56
N GLN K 219 -34.04 -21.94 -66.82
CA GLN K 219 -33.68 -22.70 -65.62
C GLN K 219 -33.25 -21.79 -64.48
N CYS K 220 -33.20 -20.48 -64.69
CA CYS K 220 -32.72 -19.49 -63.73
C CYS K 220 -33.76 -18.41 -63.53
N THR K 221 -35.01 -18.82 -63.30
CA THR K 221 -36.13 -17.88 -63.24
C THR K 221 -35.91 -16.80 -62.20
N LYS K 222 -35.48 -17.18 -61.00
CA LYS K 222 -35.33 -16.22 -59.92
C LYS K 222 -34.20 -15.23 -60.23
N LYS K 223 -34.41 -13.98 -59.81
CA LYS K 223 -33.43 -12.93 -60.08
C LYS K 223 -32.11 -13.19 -59.36
N GLU K 224 -32.18 -13.65 -58.11
CA GLU K 224 -30.97 -13.80 -57.32
C GLU K 224 -30.03 -14.86 -57.88
N GLN K 225 -30.55 -15.81 -58.68
CA GLN K 225 -29.70 -16.84 -59.22
C GLN K 225 -28.65 -16.27 -60.17
N CYS K 226 -29.05 -15.32 -61.00
CA CYS K 226 -28.18 -14.75 -62.02
C CYS K 226 -27.52 -13.49 -61.48
N ARG K 227 -26.23 -13.34 -61.71
CA ARG K 227 -25.46 -12.18 -61.30
C ARG K 227 -24.86 -11.53 -62.54
N ALA K 228 -25.06 -10.22 -62.66
CA ALA K 228 -24.60 -9.47 -63.83
C ALA K 228 -23.27 -8.79 -63.50
N TYR K 229 -22.28 -9.04 -64.34
CA TYR K 229 -20.96 -8.44 -64.19
C TYR K 229 -20.77 -7.43 -65.32
N ARG K 230 -20.99 -6.16 -65.00
CA ARG K 230 -20.76 -5.10 -65.98
C ARG K 230 -19.29 -5.08 -66.38
N LEU K 231 -19.04 -4.98 -67.68
CA LEU K 231 -17.68 -5.01 -68.22
C LEU K 231 -17.57 -3.92 -69.29
N GLN K 232 -17.10 -2.75 -68.89
CA GLN K 232 -16.91 -1.63 -69.82
C GLN K 232 -15.46 -1.50 -70.26
N ASN K 233 -14.54 -1.31 -69.30
CA ASN K 233 -13.11 -1.20 -69.58
C ASN K 233 -12.81 -0.08 -70.58
N ASP K 234 -13.59 1.01 -70.52
CA ASP K 234 -13.35 2.14 -71.40
C ASP K 234 -11.99 2.76 -71.13
N LYS K 235 -11.61 2.88 -69.86
CA LYS K 235 -10.36 3.50 -69.47
C LYS K 235 -9.72 2.69 -68.35
N TRP K 236 -8.40 2.84 -68.20
CA TRP K 236 -7.73 2.24 -67.07
C TRP K 236 -8.16 2.92 -65.78
N VAL K 237 -7.91 2.25 -64.66
CA VAL K 237 -8.29 2.77 -63.36
C VAL K 237 -7.06 2.71 -62.44
N TYR K 238 -7.05 3.59 -61.46
CA TYR K 238 -5.98 3.59 -60.47
C TYR K 238 -6.02 2.29 -59.68
N ASN K 239 -4.83 1.79 -59.35
CA ASN K 239 -4.74 0.57 -58.55
C ASN K 239 -5.16 0.89 -57.12
N SER K 240 -6.44 0.70 -56.82
CA SER K 240 -7.03 1.07 -55.54
C SER K 240 -7.18 -0.16 -54.64
N ASP K 241 -7.35 0.12 -53.36
CA ASP K 241 -7.56 -0.96 -52.40
C ASP K 241 -8.94 -1.58 -52.55
N LYS K 242 -9.93 -0.79 -52.98
CA LYS K 242 -11.31 -1.25 -53.06
C LYS K 242 -11.63 -1.89 -54.41
N LEU K 243 -10.71 -1.93 -55.32
CA LEU K 243 -11.23 -2.49 -56.55
C LEU K 243 -10.77 -3.94 -56.71
N PRO K 244 -11.62 -4.78 -57.30
CA PRO K 244 -11.20 -6.15 -57.60
C PRO K 244 -10.10 -6.17 -58.64
N LYS K 245 -9.28 -7.20 -58.58
CA LYS K 245 -8.17 -7.37 -59.50
C LYS K 245 -8.62 -8.29 -60.64
N ALA K 246 -8.58 -7.76 -61.86
CA ALA K 246 -8.86 -8.59 -63.02
C ALA K 246 -7.60 -9.37 -63.38
N ALA K 247 -7.67 -10.70 -63.21
CA ALA K 247 -6.48 -11.52 -63.40
C ALA K 247 -5.96 -11.42 -64.83
N GLY K 248 -6.87 -11.42 -65.80
CA GLY K 248 -6.47 -11.30 -67.18
C GLY K 248 -6.09 -9.91 -67.61
N ALA K 249 -6.23 -8.92 -66.73
CA ALA K 249 -5.91 -7.53 -67.04
C ALA K 249 -4.61 -7.16 -66.32
N THR K 250 -3.48 -7.53 -66.92
CA THR K 250 -2.18 -7.04 -66.46
C THR K 250 -1.83 -5.85 -67.34
N LEU K 251 -2.45 -4.71 -67.01
CA LEU K 251 -2.37 -3.52 -67.84
C LEU K 251 -1.80 -2.35 -67.03
N LYS K 252 -0.69 -2.59 -66.35
CA LYS K 252 -0.06 -1.55 -65.55
C LYS K 252 0.33 -0.37 -66.42
N GLY K 253 0.09 0.84 -65.91
CA GLY K 253 0.51 2.06 -66.57
C GLY K 253 0.91 3.14 -65.59
N LYS K 254 2.03 3.79 -65.83
CA LYS K 254 2.49 4.83 -64.92
C LYS K 254 1.63 6.08 -65.07
N LEU K 255 1.31 6.70 -63.94
CA LEU K 255 0.55 7.94 -63.89
C LEU K 255 1.29 8.88 -62.93
N HIS K 256 2.05 9.81 -63.49
CA HIS K 256 2.84 10.72 -62.67
C HIS K 256 1.94 11.55 -61.78
N VAL K 257 2.36 11.73 -60.53
CA VAL K 257 1.51 12.30 -59.48
C VAL K 257 1.72 13.80 -59.37
N PRO K 258 0.67 14.57 -59.11
CA PRO K 258 0.83 16.01 -58.92
C PRO K 258 1.07 16.38 -57.48
N PHE K 259 1.15 17.69 -57.22
CA PHE K 259 1.22 18.24 -55.87
C PHE K 259 2.38 17.65 -55.08
N LEU K 260 3.52 17.48 -55.73
CA LEU K 260 4.69 16.96 -55.04
C LEU K 260 5.20 17.97 -54.03
N LEU K 261 5.60 17.46 -52.87
CA LEU K 261 6.15 18.32 -51.83
C LEU K 261 7.43 19.00 -52.33
N ALA K 262 7.53 20.30 -52.10
CA ALA K 262 8.66 21.07 -52.56
C ALA K 262 9.15 21.97 -51.43
N ASP K 263 10.46 22.23 -51.45
CA ASP K 263 11.07 23.09 -50.44
C ASP K 263 10.74 24.55 -50.70
N GLY K 264 10.81 25.35 -49.64
CA GLY K 264 10.53 26.76 -49.75
C GLY K 264 10.87 27.46 -48.45
N LYS K 265 10.41 28.70 -48.34
CA LYS K 265 10.55 29.49 -47.12
C LYS K 265 9.19 30.03 -46.70
N CYS K 266 8.91 29.95 -45.40
CA CYS K 266 7.68 30.45 -44.84
C CYS K 266 7.99 31.24 -43.58
N THR K 267 7.13 32.19 -43.26
CA THR K 267 7.34 33.02 -42.08
C THR K 267 7.23 32.19 -40.81
N VAL K 268 7.99 32.59 -39.80
CA VAL K 268 7.98 31.92 -38.50
C VAL K 268 7.78 33.01 -37.45
N PRO K 269 7.10 32.72 -36.35
CA PRO K 269 6.96 33.74 -35.30
C PRO K 269 8.27 33.96 -34.60
N LEU K 270 8.48 35.19 -34.15
CA LEU K 270 9.67 35.53 -33.39
C LEU K 270 9.25 35.88 -31.97
N ALA K 271 9.79 35.14 -31.01
CA ALA K 271 9.40 35.32 -29.62
C ALA K 271 9.93 36.64 -29.07
N PRO K 272 9.26 37.22 -28.07
CA PRO K 272 9.75 38.45 -27.48
C PRO K 272 11.10 38.25 -26.82
N GLU K 273 11.91 39.31 -26.84
CA GLU K 273 13.26 39.25 -26.32
C GLU K 273 13.24 39.13 -24.79
N PRO K 274 13.99 38.19 -24.22
CA PRO K 274 14.05 38.09 -22.76
C PRO K 274 14.76 39.28 -22.14
N MET K 275 14.38 39.57 -20.89
CA MET K 275 15.03 40.59 -20.08
C MET K 275 16.05 39.92 -19.18
N ILE K 276 17.31 40.31 -19.31
CA ILE K 276 18.42 39.61 -18.67
C ILE K 276 19.20 40.55 -17.78
N THR K 277 19.60 40.06 -16.61
CA THR K 277 20.41 40.79 -15.67
C THR K 277 21.76 40.11 -15.53
N PHE K 278 22.82 40.92 -15.51
CA PHE K 278 24.19 40.39 -15.46
C PHE K 278 24.64 40.30 -14.00
N GLY K 279 24.78 39.08 -13.49
CA GLY K 279 25.45 38.85 -12.24
C GLY K 279 26.92 38.51 -12.44
N PHE K 280 27.59 38.22 -11.32
CA PHE K 280 29.00 37.84 -11.37
C PHE K 280 29.12 36.43 -11.91
N ARG K 281 29.61 36.30 -13.15
CA ARG K 281 29.72 35.01 -13.81
C ARG K 281 28.38 34.29 -13.83
N SER K 282 27.30 35.06 -13.98
CA SER K 282 25.96 34.55 -13.81
C SER K 282 24.99 35.42 -14.58
N VAL K 283 24.02 34.80 -15.23
CA VAL K 283 22.99 35.50 -15.97
C VAL K 283 21.63 34.98 -15.52
N SER K 284 20.74 35.90 -15.16
CA SER K 284 19.36 35.56 -14.85
C SER K 284 18.49 36.00 -16.02
N LEU K 285 17.84 35.03 -16.67
CA LEU K 285 17.01 35.29 -17.84
C LEU K 285 15.55 35.36 -17.41
N LYS K 286 14.92 36.50 -17.63
CA LYS K 286 13.48 36.66 -17.46
C LYS K 286 12.86 36.74 -18.85
N LEU K 287 12.02 35.76 -19.18
CA LEU K 287 11.40 35.69 -20.50
C LEU K 287 9.91 35.40 -20.36
N HIS K 288 9.15 35.92 -21.32
CA HIS K 288 7.69 35.77 -21.34
C HIS K 288 7.31 35.19 -22.70
N PRO K 289 7.34 33.87 -22.85
CA PRO K 289 7.06 33.27 -24.16
C PRO K 289 5.60 33.43 -24.53
N LYS K 290 5.35 34.13 -25.62
CA LYS K 290 3.98 34.27 -26.13
C LYS K 290 3.40 32.92 -26.52
N ASN K 291 4.22 32.07 -27.13
CA ASN K 291 3.87 30.71 -27.50
C ASN K 291 4.94 29.80 -26.91
N PRO K 292 4.62 28.53 -26.68
CA PRO K 292 5.62 27.62 -26.13
C PRO K 292 6.82 27.50 -27.05
N THR K 293 8.00 27.95 -26.59
CA THR K 293 9.20 27.99 -27.40
C THR K 293 10.34 27.30 -26.69
N TYR K 294 11.16 26.58 -27.44
CA TYR K 294 12.34 25.94 -26.90
C TYR K 294 13.39 26.99 -26.54
N LEU K 295 14.11 26.74 -25.46
CA LEU K 295 15.27 27.53 -25.06
C LEU K 295 16.48 26.62 -25.06
N ILE K 296 17.52 27.03 -25.77
CA ILE K 296 18.71 26.22 -25.94
C ILE K 296 19.87 26.95 -25.27
N THR K 297 20.55 26.25 -24.36
CA THR K 297 21.68 26.78 -23.61
C THR K 297 22.88 25.92 -23.91
N ARG K 298 24.02 26.54 -24.18
CA ARG K 298 25.24 25.81 -24.47
C ARG K 298 26.43 26.50 -23.84
N GLN K 299 27.26 25.74 -23.13
CA GLN K 299 28.57 26.20 -22.72
C GLN K 299 29.60 25.86 -23.80
N LEU K 300 30.62 26.70 -23.90
CA LEU K 300 31.61 26.57 -24.96
C LEU K 300 32.85 25.79 -24.54
N ALA K 301 32.81 25.12 -23.40
CA ALA K 301 33.95 24.37 -22.91
C ALA K 301 33.98 22.97 -23.54
N ASP K 302 34.83 22.10 -23.01
CA ASP K 302 34.89 20.73 -23.51
C ASP K 302 33.55 20.02 -23.33
N GLU K 303 32.93 20.20 -22.18
CA GLU K 303 31.58 19.68 -21.95
C GLU K 303 30.60 20.80 -22.21
N PRO K 304 29.85 20.77 -23.31
CA PRO K 304 28.89 21.87 -23.55
C PRO K 304 27.84 21.97 -22.48
N HIS K 305 27.45 20.84 -21.89
CA HIS K 305 26.35 20.81 -20.93
C HIS K 305 25.12 21.48 -21.51
N TYR K 306 24.85 21.17 -22.77
CA TYR K 306 23.75 21.83 -23.45
C TYR K 306 22.44 21.54 -22.75
N THR K 307 21.60 22.55 -22.64
CA THR K 307 20.30 22.44 -21.99
C THR K 307 19.25 22.92 -22.97
N HIS K 308 18.37 22.00 -23.36
CA HIS K 308 17.24 22.31 -24.23
C HIS K 308 15.96 21.94 -23.50
N GLU K 309 15.01 22.86 -23.47
CA GLU K 309 13.74 22.59 -22.81
C GLU K 309 12.66 23.45 -23.46
N LEU K 310 11.42 23.07 -23.20
CA LEU K 310 10.27 23.82 -23.68
C LEU K 310 9.68 24.62 -22.53
N ILE K 311 9.59 25.92 -22.72
CA ILE K 311 9.00 26.83 -21.73
C ILE K 311 7.82 27.53 -22.40
N SER K 312 6.66 27.50 -21.73
CA SER K 312 5.45 28.07 -22.28
C SER K 312 4.81 29.11 -21.37
N GLU K 313 5.36 29.36 -20.19
CA GLU K 313 4.85 30.33 -19.25
C GLU K 313 6.00 31.21 -18.79
N PRO K 314 5.72 32.43 -18.35
CA PRO K 314 6.80 33.31 -17.88
C PRO K 314 7.60 32.63 -16.79
N ALA K 315 8.90 32.51 -17.02
CA ALA K 315 9.78 31.87 -16.05
C ALA K 315 11.10 32.63 -16.03
N VAL K 316 11.79 32.51 -14.91
CA VAL K 316 13.08 33.14 -14.71
C VAL K 316 14.11 32.07 -14.44
N ARG K 317 15.17 32.04 -15.25
CA ARG K 317 16.21 31.03 -15.14
C ARG K 317 17.53 31.72 -14.81
N ASN K 318 18.21 31.19 -13.80
CA ASN K 318 19.54 31.63 -13.44
C ASN K 318 20.55 30.71 -14.10
N PHE K 319 21.53 31.28 -14.79
CA PHE K 319 22.52 30.51 -15.51
C PHE K 319 23.92 30.92 -15.07
N THR K 320 24.83 29.95 -15.13
CA THR K 320 26.21 30.14 -14.72
C THR K 320 27.07 30.30 -15.96
N VAL K 321 27.77 31.42 -16.06
CA VAL K 321 28.62 31.74 -17.20
C VAL K 321 30.06 31.81 -16.71
N THR K 322 30.94 31.05 -17.34
CA THR K 322 32.35 31.08 -17.00
C THR K 322 33.13 31.81 -18.07
N GLU K 323 34.44 31.95 -17.83
CA GLU K 323 35.29 32.66 -18.76
C GLU K 323 35.38 31.98 -20.12
N LYS K 324 35.11 30.67 -20.20
CA LYS K 324 35.19 29.98 -21.47
C LYS K 324 34.18 30.51 -22.48
N GLY K 325 33.10 31.10 -22.01
CA GLY K 325 32.08 31.58 -22.92
C GLY K 325 30.80 30.77 -22.75
N TRP K 326 29.68 31.46 -22.91
CA TRP K 326 28.37 30.84 -22.73
C TRP K 326 27.42 31.45 -23.74
N GLU K 327 26.60 30.62 -24.35
CA GLU K 327 25.77 31.00 -25.49
C GLU K 327 24.36 30.48 -25.30
N PHE K 328 23.39 31.18 -25.87
CA PHE K 328 22.01 30.71 -25.89
C PHE K 328 21.31 31.23 -27.13
N VAL K 329 20.27 30.52 -27.54
CA VAL K 329 19.34 30.98 -28.56
C VAL K 329 17.93 30.87 -27.99
N TRP K 330 17.21 31.98 -27.97
CA TRP K 330 15.85 32.03 -27.44
C TRP K 330 14.88 32.19 -28.59
N GLY K 331 13.92 31.28 -28.69
CA GLY K 331 13.00 31.37 -29.79
C GLY K 331 13.73 31.22 -31.11
N ASN K 332 13.30 31.99 -32.10
CA ASN K 332 13.96 32.00 -33.39
C ASN K 332 15.04 33.06 -33.49
N HIS K 333 15.32 33.78 -32.41
CA HIS K 333 16.39 34.79 -32.44
C HIS K 333 17.72 34.13 -32.76
N PRO K 334 18.59 34.79 -33.52
CA PRO K 334 19.92 34.25 -33.78
C PRO K 334 20.71 34.12 -32.49
N PRO K 335 21.58 33.12 -32.40
CA PRO K 335 22.33 32.90 -31.16
C PRO K 335 23.26 34.06 -30.86
N LYS K 336 23.47 34.32 -29.58
CA LYS K 336 24.37 35.37 -29.13
C LYS K 336 25.25 34.85 -28.00
N ARG K 337 26.54 35.10 -28.09
CA ARG K 337 27.51 34.59 -27.13
C ARG K 337 27.86 35.64 -26.08
N PHE K 338 28.38 35.16 -24.95
CA PHE K 338 28.83 35.99 -23.85
C PHE K 338 30.05 35.35 -23.20
N TRP K 339 30.87 36.18 -22.57
CA TRP K 339 32.04 35.71 -21.83
C TRP K 339 32.08 36.37 -20.47
N ALA K 340 32.30 35.58 -19.43
CA ALA K 340 32.45 36.10 -18.09
C ALA K 340 33.90 36.47 -17.83
N GLN K 341 34.10 37.49 -17.02
CA GLN K 341 35.44 37.96 -16.66
C GLN K 341 35.47 38.25 -15.16
N GLU K 342 36.67 38.18 -14.58
CA GLU K 342 36.81 38.37 -13.14
C GLU K 342 36.37 39.79 -12.79
N THR K 343 35.18 39.90 -12.22
CA THR K 343 34.58 41.20 -11.95
C THR K 343 34.45 41.49 -10.46
N ALA K 344 33.69 40.68 -9.74
CA ALA K 344 33.42 40.95 -8.34
C ALA K 344 33.46 39.67 -7.53
N PRO K 345 33.91 39.74 -6.27
CA PRO K 345 34.50 40.93 -5.67
C PRO K 345 36.00 41.01 -5.96
N GLY K 346 36.48 40.15 -6.85
CA GLY K 346 37.84 40.25 -7.35
C GLY K 346 38.86 40.02 -6.24
N ASN K 347 39.64 41.06 -5.96
CA ASN K 347 40.54 41.08 -4.81
C ASN K 347 40.96 42.50 -4.49
N PRO K 348 40.64 43.03 -3.32
CA PRO K 348 41.10 44.37 -2.97
C PRO K 348 42.52 44.34 -2.44
N HIS K 349 43.01 45.48 -1.99
CA HIS K 349 44.35 45.59 -1.40
C HIS K 349 44.21 46.01 0.05
N GLY K 350 44.82 45.25 0.95
CA GLY K 350 44.59 45.45 2.37
C GLY K 350 43.28 44.83 2.81
N LEU K 351 43.01 44.96 4.11
CA LEU K 351 41.87 44.30 4.74
C LEU K 351 41.94 42.81 4.44
N PRO K 352 42.86 42.08 5.08
CA PRO K 352 43.13 40.70 4.64
C PRO K 352 41.91 39.80 4.61
N HIS K 353 40.95 39.99 5.52
CA HIS K 353 39.73 39.19 5.45
C HIS K 353 38.99 39.45 4.14
N GLU K 354 38.86 40.71 3.75
CA GLU K 354 38.24 41.03 2.46
C GLU K 354 39.05 40.42 1.31
N VAL K 355 40.38 40.49 1.42
CA VAL K 355 41.23 39.96 0.36
C VAL K 355 41.00 38.47 0.17
N ILE K 356 41.00 37.72 1.28
CA ILE K 356 40.87 36.27 1.18
C ILE K 356 39.45 35.90 0.74
N THR K 357 38.44 36.63 1.20
CA THR K 357 37.09 36.33 0.76
C THR K 357 36.94 36.56 -0.75
N HIS K 358 37.51 37.66 -1.25
CA HIS K 358 37.39 37.94 -2.68
C HIS K 358 38.24 36.96 -3.49
N TYR K 359 39.38 36.54 -2.97
CA TYR K 359 40.25 35.60 -3.65
C TYR K 359 39.68 34.18 -3.63
N TYR K 360 38.82 33.87 -2.65
CA TYR K 360 38.08 32.62 -2.66
C TYR K 360 36.86 32.70 -3.55
N HIS K 361 36.23 33.88 -3.64
CA HIS K 361 35.10 34.05 -4.54
C HIS K 361 35.49 33.71 -5.96
N ARG K 362 36.66 34.16 -6.39
CA ARG K 362 37.28 33.63 -7.59
C ARG K 362 37.99 32.32 -7.26
N TYR K 363 38.12 31.47 -8.26
CA TYR K 363 38.76 30.17 -8.12
C TYR K 363 38.08 29.32 -7.04
N PRO K 364 36.80 29.00 -7.19
CA PRO K 364 36.14 28.15 -6.20
C PRO K 364 36.79 26.79 -6.13
N MET K 365 36.82 26.21 -4.93
CA MET K 365 37.52 24.96 -4.63
C MET K 365 38.98 25.00 -5.07
N SER K 366 39.50 26.19 -5.39
CA SER K 366 40.89 26.38 -5.77
C SER K 366 41.51 27.37 -4.81
N THR K 367 42.76 27.10 -4.42
CA THR K 367 43.56 27.87 -3.49
C THR K 367 43.02 27.83 -2.06
N ILE K 368 41.85 27.23 -1.85
CA ILE K 368 41.43 26.95 -0.48
C ILE K 368 42.33 25.90 0.13
N LEU K 369 42.64 24.86 -0.64
CA LEU K 369 43.65 23.91 -0.21
C LEU K 369 44.99 24.59 -0.01
N GLY K 370 45.28 25.64 -0.79
CA GLY K 370 46.52 26.36 -0.59
C GLY K 370 46.58 27.05 0.75
N LEU K 371 45.50 27.73 1.14
CA LEU K 371 45.45 28.34 2.46
C LEU K 371 45.54 27.28 3.54
N SER K 372 44.87 26.14 3.34
CA SER K 372 44.94 25.07 4.33
C SER K 372 46.35 24.53 4.48
N ILE K 373 47.06 24.36 3.36
CA ILE K 373 48.43 23.86 3.40
C ILE K 373 49.34 24.86 4.10
N CYS K 374 49.17 26.15 3.81
CA CYS K 374 49.99 27.15 4.47
C CYS K 374 49.74 27.18 5.96
N ALA K 375 48.47 27.07 6.36
CA ALA K 375 48.15 27.05 7.78
C ALA K 375 48.75 25.82 8.46
N ALA K 376 48.67 24.67 7.79
CA ALA K 376 49.27 23.46 8.35
C ALA K 376 50.77 23.62 8.51
N ILE K 377 51.42 24.21 7.51
CA ILE K 377 52.87 24.42 7.59
C ILE K 377 53.20 25.33 8.76
N ALA K 378 52.43 26.41 8.92
CA ALA K 378 52.69 27.31 10.03
C ALA K 378 52.48 26.63 11.37
N THR K 379 51.44 25.82 11.49
CA THR K 379 51.16 25.13 12.75
C THR K 379 52.26 24.11 13.07
N VAL K 380 52.71 23.36 12.07
CA VAL K 380 53.79 22.40 12.30
C VAL K 380 55.07 23.13 12.69
N SER K 381 55.34 24.26 12.03
CA SER K 381 56.53 25.04 12.38
C SER K 381 56.45 25.55 13.82
N VAL K 382 55.27 26.02 14.24
CA VAL K 382 55.11 26.50 15.60
C VAL K 382 55.28 25.36 16.60
N ALA K 383 54.73 24.19 16.30
CA ALA K 383 54.88 23.05 17.20
C ALA K 383 56.33 22.61 17.32
N ALA K 384 57.05 22.59 16.19
CA ALA K 384 58.48 22.26 16.24
C ALA K 384 59.24 23.32 17.01
N SER K 385 58.87 24.59 16.87
CA SER K 385 59.52 25.65 17.63
C SER K 385 59.30 25.47 19.12
N THR K 386 58.08 25.09 19.51
CA THR K 386 57.81 24.83 20.93
C THR K 386 58.62 23.63 21.42
N TRP K 387 58.75 22.60 20.60
CA TRP K 387 59.56 21.45 20.98
C TRP K 387 61.01 21.86 21.18
N LEU K 388 61.54 22.67 20.27
CA LEU K 388 62.89 23.17 20.41
C LEU K 388 63.03 24.04 21.64
N PHE K 389 62.01 24.82 21.95
CA PHE K 389 62.07 25.68 23.14
C PHE K 389 62.06 24.85 24.41
N CYS K 390 61.27 23.78 24.44
CA CYS K 390 61.27 22.88 25.59
C CYS K 390 62.63 22.19 25.74
N ARG K 391 63.19 21.73 24.62
CA ARG K 391 64.52 21.14 24.66
C ARG K 391 65.54 22.15 25.16
N SER K 392 65.43 23.40 24.72
CA SER K 392 66.35 24.44 25.16
C SER K 392 66.22 24.70 26.65
N ARG K 393 64.99 24.77 27.15
CA ARG K 393 64.79 24.98 28.58
C ARG K 393 65.37 23.83 29.38
N VAL K 394 65.13 22.60 28.94
CA VAL K 394 65.65 21.44 29.67
C VAL K 394 67.17 21.46 29.66
N ALA K 395 67.77 21.73 28.49
CA ALA K 395 69.22 21.72 28.39
C ALA K 395 69.84 22.83 29.22
N CYS K 396 69.17 23.97 29.32
CA CYS K 396 69.68 25.05 30.15
C CYS K 396 69.53 24.74 31.63
N LEU K 397 68.43 24.10 32.02
CA LEU K 397 68.12 23.95 33.44
C LEU K 397 68.75 22.71 34.06
N THR K 398 68.61 21.55 33.42
CA THR K 398 68.94 20.29 34.08
C THR K 398 70.36 20.24 34.61
N PRO K 399 71.40 20.60 33.86
CA PRO K 399 72.75 20.57 34.46
C PRO K 399 72.87 21.47 35.67
N TYR K 400 72.19 22.61 35.66
CA TYR K 400 72.17 23.51 36.81
C TYR K 400 71.09 23.17 37.81
N ARG K 401 70.16 22.28 37.46
CA ARG K 401 69.06 21.99 38.37
C ARG K 401 69.50 21.08 39.52
N LEU K 402 70.29 20.05 39.22
CA LEU K 402 70.57 18.98 40.17
C LEU K 402 71.66 19.40 41.15
N THR K 403 71.34 20.42 41.95
CA THR K 403 72.26 20.98 42.93
C THR K 403 71.47 21.74 43.98
N PRO K 404 71.96 21.82 45.22
CA PRO K 404 71.25 22.62 46.23
C PRO K 404 71.10 24.09 45.87
N ASN K 405 72.06 24.69 45.19
CA ASN K 405 71.91 26.09 44.79
C ASN K 405 70.83 26.23 43.72
N ALA K 406 71.07 25.68 42.54
CA ALA K 406 70.11 25.60 41.45
C ALA K 406 69.56 26.95 41.00
N ARG K 407 70.27 28.04 41.26
CA ARG K 407 69.83 29.36 40.81
C ARG K 407 71.01 30.12 40.22
N ILE K 408 70.78 30.74 39.07
CA ILE K 408 71.83 31.49 38.36
C ILE K 408 71.20 32.75 37.78
N PRO K 409 71.46 33.92 38.39
CA PRO K 409 70.85 35.15 37.87
C PRO K 409 71.25 35.48 36.44
N PHE K 410 72.48 35.17 36.04
CA PHE K 410 72.92 35.52 34.69
C PHE K 410 72.21 34.68 33.64
N CYS K 411 72.12 33.37 33.85
CA CYS K 411 71.43 32.52 32.88
C CYS K 411 69.95 32.84 32.82
N LEU K 412 69.31 33.02 33.98
CA LEU K 412 67.89 33.36 34.01
C LEU K 412 67.65 34.75 33.45
N ALA K 413 68.66 35.62 33.50
CA ALA K 413 68.51 36.94 32.89
C ALA K 413 68.65 36.87 31.37
N VAL K 414 69.57 36.05 30.87
CA VAL K 414 69.84 36.06 29.44
C VAL K 414 68.85 35.18 28.68
N LEU K 415 68.30 34.15 29.31
CA LEU K 415 67.41 33.25 28.58
C LEU K 415 66.09 33.05 29.32
N CYS K 416 66.10 33.19 30.64
CA CYS K 416 64.92 32.96 31.48
C CYS K 416 64.35 31.56 31.25
N CYS K 417 65.21 30.56 31.43
CA CYS K 417 64.77 29.18 31.22
C CYS K 417 63.71 28.79 32.24
N ALA K 418 63.90 29.17 33.51
CA ALA K 418 62.99 28.82 34.59
C ALA K 418 62.34 30.05 35.16
N ARG K 419 61.02 29.98 35.33
CA ARG K 419 60.26 31.12 35.83
C ARG K 419 60.28 31.11 37.35
N THR K 420 60.75 32.21 37.95
CA THR K 420 60.68 32.34 39.40
C THR K 420 59.24 32.44 39.89
N ALA K 421 58.37 33.06 39.08
CA ALA K 421 56.97 33.19 39.46
C ALA K 421 56.27 31.83 39.49
N ARG K 422 56.46 31.03 38.44
CA ARG K 422 55.83 29.71 38.39
C ARG K 422 56.55 28.73 39.31
N ALA K 423 55.77 27.87 39.96
CA ALA K 423 56.33 26.87 40.88
C ALA K 423 55.55 25.56 40.81
N LYS L 1 96.52 2.10 57.72
CA LYS L 1 95.76 0.88 57.93
C LYS L 1 94.37 0.99 57.32
N ARG L 2 93.93 -0.05 56.62
CA ARG L 2 92.64 -0.04 55.95
C ARG L 2 91.47 -0.34 56.89
N GLN L 3 91.75 -0.93 58.06
CA GLN L 3 90.67 -1.22 59.01
C GLN L 3 89.97 0.06 59.47
N ARG L 4 90.76 1.09 59.77
CA ARG L 4 90.19 2.36 60.21
C ARG L 4 89.40 3.01 59.09
N MET L 5 89.89 2.95 57.86
CA MET L 5 89.17 3.51 56.73
C MET L 5 87.83 2.81 56.54
N VAL L 6 87.81 1.47 56.64
CA VAL L 6 86.56 0.74 56.49
C VAL L 6 85.59 1.11 57.61
N MET L 7 86.10 1.21 58.84
CA MET L 7 85.22 1.57 59.96
C MET L 7 84.62 2.96 59.77
N LYS L 8 85.43 3.91 59.30
CA LYS L 8 84.89 5.24 59.01
C LYS L 8 83.87 5.18 57.89
N LEU L 9 84.12 4.34 56.88
CA LEU L 9 83.20 4.22 55.76
C LEU L 9 81.84 3.69 56.21
N GLU L 10 81.83 2.72 57.12
CA GLU L 10 80.62 1.98 57.48
C GLU L 10 79.78 2.70 58.52
N SER L 11 79.97 4.00 58.71
CA SER L 11 79.24 4.70 59.76
C SER L 11 77.88 5.18 59.27
N ASP L 12 77.84 5.90 58.14
CA ASP L 12 76.60 6.47 57.65
C ASP L 12 75.74 5.40 56.97
N LYS L 13 74.46 5.73 56.81
CA LYS L 13 73.48 4.81 56.25
C LYS L 13 72.74 5.48 55.10
N THR L 14 72.22 4.65 54.20
CA THR L 14 71.44 5.11 53.06
C THR L 14 70.07 4.42 53.08
N PHE L 15 69.26 4.75 52.08
CA PHE L 15 67.89 4.23 51.99
C PHE L 15 67.76 3.35 50.75
N PRO L 16 67.53 2.06 50.90
CA PRO L 16 67.47 1.16 49.75
C PRO L 16 66.15 1.29 49.00
N ILE L 17 66.11 0.64 47.84
CA ILE L 17 64.92 0.56 47.00
C ILE L 17 64.50 -0.90 46.90
N MET L 18 63.25 -1.18 47.23
CA MET L 18 62.75 -2.54 47.25
C MET L 18 61.70 -2.75 46.16
N LEU L 19 61.75 -3.92 45.53
CA LEU L 19 60.76 -4.32 44.53
C LEU L 19 60.44 -5.79 44.74
N GLU L 20 59.29 -6.05 45.34
CA GLU L 20 58.84 -7.42 45.60
C GLU L 20 59.87 -8.19 46.41
N GLY L 21 60.38 -7.55 47.47
CA GLY L 21 61.40 -8.16 48.29
C GLY L 21 62.78 -8.16 47.69
N LYS L 22 62.97 -7.47 46.57
CA LYS L 22 64.26 -7.45 45.88
C LYS L 22 64.82 -6.03 45.92
N ILE L 23 66.09 -5.91 46.29
CA ILE L 23 66.76 -4.63 46.40
C ILE L 23 67.39 -4.26 45.07
N ASN L 24 66.67 -3.53 44.23
CA ASN L 24 67.23 -3.14 42.93
C ASN L 24 68.26 -2.03 43.07
N GLY L 25 68.25 -1.30 44.17
CA GLY L 25 69.18 -0.18 44.31
C GLY L 25 68.91 0.58 45.58
N TYR L 26 69.53 1.75 45.67
CA TYR L 26 69.44 2.62 46.83
C TYR L 26 69.07 4.02 46.39
N ALA L 27 68.39 4.74 47.26
CA ALA L 27 67.96 6.12 47.02
C ALA L 27 68.55 7.00 48.11
N CYS L 28 69.53 7.82 47.75
CA CYS L 28 70.20 8.69 48.71
C CYS L 28 69.64 10.11 48.65
N VAL L 29 69.76 10.81 49.78
CA VAL L 29 69.32 12.19 49.91
C VAL L 29 70.54 13.04 50.30
N VAL L 30 70.83 14.06 49.49
CA VAL L 30 71.96 14.95 49.74
C VAL L 30 71.53 16.38 49.46
N GLY L 31 71.82 17.28 50.39
CA GLY L 31 71.51 18.68 50.20
C GLY L 31 70.05 19.02 50.15
N GLY L 32 69.19 18.17 50.71
CA GLY L 32 67.76 18.38 50.63
C GLY L 32 67.12 17.82 49.38
N LYS L 33 67.84 17.06 48.58
CA LYS L 33 67.33 16.50 47.34
C LYS L 33 67.37 14.98 47.41
N LEU L 34 66.25 14.34 47.07
CA LEU L 34 66.22 12.89 46.95
C LEU L 34 66.67 12.49 45.56
N PHE L 35 67.53 11.48 45.48
CA PHE L 35 68.07 11.01 44.22
C PHE L 35 67.87 9.50 44.13
N ARG L 36 67.48 9.04 42.95
CA ARG L 36 67.48 7.62 42.67
C ARG L 36 67.59 7.42 41.17
N PRO L 37 68.33 6.41 40.73
CA PRO L 37 68.45 6.16 39.29
C PRO L 37 67.09 5.88 38.66
N MET L 38 66.87 6.44 37.49
CA MET L 38 65.57 6.31 36.84
C MET L 38 65.37 4.92 36.25
N HIS L 39 66.45 4.30 35.73
CA HIS L 39 66.33 2.97 35.16
C HIS L 39 65.97 1.94 36.22
N VAL L 40 66.41 2.14 37.45
CA VAL L 40 66.09 1.22 38.54
C VAL L 40 64.69 1.57 39.07
N GLU L 41 63.82 0.57 39.14
CA GLU L 41 62.46 0.76 39.61
C GLU L 41 62.24 -0.02 40.90
N GLY L 42 61.36 0.50 41.73
CA GLY L 42 61.03 -0.14 42.99
C GLY L 42 60.30 0.84 43.89
N LYS L 43 60.23 0.47 45.16
CA LYS L 43 59.67 1.34 46.19
C LYS L 43 60.74 1.62 47.22
N ILE L 44 60.86 2.88 47.63
CA ILE L 44 61.83 3.25 48.63
C ILE L 44 61.47 2.60 49.97
N ASP L 45 62.50 2.24 50.73
CA ASP L 45 62.25 1.62 52.05
C ASP L 45 61.49 2.56 52.95
N ASN L 46 61.87 3.84 52.96
CA ASN L 46 61.17 4.84 53.76
C ASN L 46 59.82 5.15 53.13
N ASP L 47 58.76 5.08 53.92
CA ASP L 47 57.42 5.35 53.39
C ASP L 47 57.29 6.81 52.99
N VAL L 48 57.77 7.73 53.83
CA VAL L 48 57.60 9.14 53.54
C VAL L 48 58.32 9.51 52.26
N LEU L 49 59.57 9.08 52.12
CA LEU L 49 60.32 9.40 50.92
C LEU L 49 59.67 8.80 49.68
N ALA L 50 59.20 7.55 49.80
CA ALA L 50 58.55 6.90 48.67
C ALA L 50 57.28 7.62 48.25
N ALA L 51 56.60 8.28 49.19
CA ALA L 51 55.39 9.02 48.87
C ALA L 51 55.68 10.36 48.21
N LEU L 52 56.93 10.80 48.17
CA LEU L 52 57.25 12.10 47.58
C LEU L 52 57.05 12.07 46.08
N LYS L 53 56.51 13.15 45.53
CA LYS L 53 56.42 13.30 44.09
C LYS L 53 57.81 13.50 43.50
N THR L 54 58.09 12.84 42.38
CA THR L 54 59.40 12.91 41.74
C THR L 54 59.23 13.28 40.27
N LYS L 55 60.32 13.81 39.71
CA LYS L 55 60.40 14.10 38.28
C LYS L 55 61.61 13.38 37.70
N LYS L 56 61.55 13.13 36.40
CA LYS L 56 62.54 12.31 35.72
C LYS L 56 63.52 13.19 34.93
N ALA L 57 64.74 12.68 34.79
CA ALA L 57 65.78 13.30 33.98
C ALA L 57 66.13 12.33 32.85
N SER L 58 65.81 12.71 31.61
CA SER L 58 65.85 11.77 30.51
C SER L 58 67.27 11.31 30.21
N LYS L 59 68.20 12.25 30.07
CA LYS L 59 69.56 11.91 29.69
C LYS L 59 70.45 11.59 30.88
N TYR L 60 69.98 11.84 32.09
CA TYR L 60 70.76 11.54 33.28
C TYR L 60 70.32 10.26 33.97
N ASP L 61 69.17 9.72 33.59
CA ASP L 61 68.66 8.44 34.11
C ASP L 61 68.58 8.46 35.63
N LEU L 62 67.98 9.52 36.17
CA LEU L 62 67.77 9.60 37.61
C LEU L 62 66.63 10.57 37.89
N GLU L 63 66.07 10.45 39.09
CA GLU L 63 64.98 11.29 39.56
C GLU L 63 65.46 12.21 40.68
N TYR L 64 64.68 13.26 40.92
CA TYR L 64 64.98 14.21 42.00
C TYR L 64 63.70 14.53 42.75
N ALA L 65 63.85 14.78 44.05
CA ALA L 65 62.73 15.13 44.91
C ALA L 65 63.27 15.87 46.13
N ASP L 66 62.55 16.90 46.56
CA ASP L 66 62.98 17.71 47.69
C ASP L 66 62.42 17.15 48.98
N VAL L 67 63.30 16.96 49.97
CA VAL L 67 62.89 16.46 51.27
C VAL L 67 62.12 17.56 51.98
N PRO L 68 61.26 17.23 52.95
CA PRO L 68 60.58 18.28 53.71
C PRO L 68 61.56 19.08 54.55
N GLN L 69 61.16 20.31 54.88
CA GLN L 69 62.07 21.22 55.58
C GLN L 69 62.49 20.66 56.93
N ASN L 70 61.56 20.06 57.66
CA ASN L 70 61.87 19.56 59.00
C ASN L 70 62.88 18.42 58.97
N MET L 71 63.12 17.81 57.82
CA MET L 71 64.05 16.70 57.71
C MET L 71 65.27 17.01 56.83
N ARG L 72 65.39 18.25 56.33
CA ARG L 72 66.54 18.60 55.51
C ARG L 72 67.83 18.64 56.31
N ALA L 73 67.75 18.78 57.64
CA ALA L 73 68.95 18.77 58.45
C ALA L 73 69.67 17.45 58.37
N ASP L 74 68.93 16.34 58.42
CA ASP L 74 69.52 15.01 58.40
C ASP L 74 69.71 14.56 56.95
N THR L 75 70.78 15.06 56.34
CA THR L 75 71.13 14.67 54.99
C THR L 75 72.64 14.79 54.83
N PHE L 76 73.16 14.16 53.77
CA PHE L 76 74.59 14.10 53.54
C PHE L 76 75.09 15.40 52.93
N LYS L 77 76.36 15.70 53.22
CA LYS L 77 76.99 16.92 52.74
C LYS L 77 77.73 16.66 51.43
N TYR L 78 77.54 17.56 50.48
CA TYR L 78 78.13 17.48 49.16
C TYR L 78 79.44 18.24 49.12
N THR L 79 80.24 17.95 48.09
CA THR L 79 81.49 18.67 47.85
C THR L 79 81.78 18.63 46.36
N HIS L 80 81.96 19.81 45.77
CA HIS L 80 82.21 19.88 44.34
C HIS L 80 83.64 19.49 43.99
N GLU L 81 84.58 19.69 44.89
CA GLU L 81 85.98 19.46 44.61
C GLU L 81 86.35 18.00 44.80
N LYS L 82 87.11 17.45 43.86
CA LYS L 82 87.52 16.06 43.86
C LYS L 82 89.03 15.98 43.66
N PRO L 83 89.81 16.19 44.71
CA PRO L 83 91.27 16.09 44.59
C PRO L 83 91.70 14.67 44.30
N GLN L 84 92.85 14.55 43.65
CA GLN L 84 93.37 13.23 43.31
C GLN L 84 93.68 12.42 44.57
N GLY L 85 93.36 11.14 44.53
CA GLY L 85 93.57 10.25 45.66
C GLY L 85 92.56 9.12 45.62
N TYR L 86 92.41 8.46 46.76
CA TYR L 86 91.47 7.35 46.89
C TYR L 86 90.32 7.74 47.81
N TYR L 87 89.13 7.23 47.48
CA TYR L 87 87.91 7.58 48.19
C TYR L 87 87.20 6.32 48.69
N SER L 88 86.42 6.51 49.75
CA SER L 88 85.73 5.40 50.39
C SER L 88 84.37 5.18 49.74
N TRP L 89 84.06 3.91 49.45
CA TRP L 89 82.77 3.50 48.94
C TRP L 89 82.30 2.28 49.74
N HIS L 90 80.98 2.03 49.70
CA HIS L 90 80.39 1.05 50.60
C HIS L 90 81.08 -0.30 50.49
N HIS L 91 81.30 -0.79 49.26
CA HIS L 91 81.96 -2.07 49.09
C HIS L 91 83.44 -1.98 49.46
N GLY L 92 84.08 -0.89 49.12
CA GLY L 92 85.49 -0.72 49.42
C GLY L 92 85.99 0.62 48.92
N ALA L 93 87.26 0.88 49.20
CA ALA L 93 87.86 2.14 48.77
C ALA L 93 87.95 2.20 47.25
N VAL L 94 87.80 3.41 46.72
CA VAL L 94 87.84 3.66 45.28
C VAL L 94 89.11 4.39 44.94
N GLN L 95 89.89 3.83 44.03
CA GLN L 95 91.09 4.47 43.51
C GLN L 95 90.73 5.20 42.22
N TYR L 96 90.89 6.52 42.22
CA TYR L 96 90.45 7.35 41.11
C TYR L 96 91.62 8.19 40.61
N GLU L 97 91.69 8.35 39.29
CA GLU L 97 92.75 9.10 38.65
C GLU L 97 92.24 9.59 37.30
N ASN L 98 92.78 10.72 36.85
CA ASN L 98 92.42 11.32 35.57
C ASN L 98 90.93 11.64 35.49
N GLY L 99 90.30 11.90 36.63
CA GLY L 99 88.90 12.25 36.66
C GLY L 99 87.94 11.09 36.59
N ARG L 100 88.43 9.86 36.48
CA ARG L 100 87.58 8.68 36.39
C ARG L 100 87.83 7.78 37.60
N PHE L 101 86.77 7.19 38.13
CA PHE L 101 86.84 6.37 39.32
C PHE L 101 86.98 4.90 38.94
N THR L 102 87.92 4.21 39.58
CA THR L 102 88.17 2.80 39.32
C THR L 102 88.04 2.00 40.61
N VAL L 103 87.55 0.78 40.46
CA VAL L 103 87.42 -0.15 41.59
C VAL L 103 88.00 -1.49 41.15
N PRO L 104 88.39 -2.34 42.11
CA PRO L 104 88.91 -3.65 41.74
C PRO L 104 87.89 -4.46 40.95
N LYS L 105 88.38 -5.24 40.00
CA LYS L 105 87.51 -6.10 39.21
C LYS L 105 86.86 -7.15 40.10
N GLY L 106 85.61 -7.47 39.80
CA GLY L 106 84.82 -8.34 40.65
C GLY L 106 84.13 -7.65 41.81
N VAL L 107 84.21 -6.32 41.89
CA VAL L 107 83.57 -5.56 42.95
C VAL L 107 82.47 -4.70 42.33
N GLY L 108 81.27 -4.79 42.88
CA GLY L 108 80.17 -3.99 42.38
C GLY L 108 79.42 -4.71 41.27
N ALA L 109 78.11 -4.80 41.39
CA ALA L 109 77.29 -5.52 40.42
C ALA L 109 75.92 -4.85 40.36
N LYS L 110 74.94 -5.55 39.79
CA LYS L 110 73.58 -5.03 39.73
C LYS L 110 73.02 -4.86 41.14
N GLY L 111 72.22 -3.81 41.31
CA GLY L 111 71.67 -3.46 42.59
C GLY L 111 72.53 -2.54 43.43
N ASP L 112 73.75 -2.25 42.99
CA ASP L 112 74.65 -1.37 43.71
C ASP L 112 74.61 0.06 43.18
N SER L 113 73.72 0.34 42.23
CA SER L 113 73.60 1.68 41.69
C SER L 113 73.00 2.63 42.72
N GLY L 114 73.44 3.89 42.65
CA GLY L 114 72.95 4.91 43.55
C GLY L 114 73.64 5.01 44.88
N ARG L 115 74.58 4.12 45.17
CA ARG L 115 75.27 4.20 46.45
C ARG L 115 76.33 5.29 46.40
N PRO L 116 76.31 6.24 47.34
CA PRO L 116 77.20 7.40 47.24
C PRO L 116 78.65 7.03 47.53
N ILE L 117 79.54 7.90 47.06
CA ILE L 117 80.97 7.80 47.34
C ILE L 117 81.33 8.88 48.35
N LEU L 118 81.97 8.48 49.43
CA LEU L 118 82.35 9.41 50.48
C LEU L 118 83.84 9.73 50.41
N ASP L 119 84.18 10.96 50.79
CA ASP L 119 85.56 11.41 50.86
C ASP L 119 86.16 10.98 52.21
N ASN L 120 87.32 11.53 52.54
CA ASN L 120 87.91 11.28 53.85
C ASN L 120 87.07 11.87 54.96
N GLN L 121 86.41 13.00 54.71
CA GLN L 121 85.65 13.71 55.72
C GLN L 121 84.18 13.31 55.76
N GLY L 122 83.76 12.36 54.93
CA GLY L 122 82.38 11.94 54.92
C GLY L 122 81.50 12.67 53.92
N ARG L 123 81.99 13.74 53.33
CA ARG L 123 81.21 14.46 52.33
C ARG L 123 81.13 13.65 51.04
N VAL L 124 79.93 13.58 50.46
CA VAL L 124 79.72 12.78 49.26
C VAL L 124 80.27 13.52 48.05
N VAL L 125 81.04 12.81 47.24
CA VAL L 125 81.60 13.41 46.02
C VAL L 125 80.71 13.12 44.81
N ALA L 126 80.34 11.86 44.61
CA ALA L 126 79.50 11.48 43.47
C ALA L 126 78.85 10.14 43.77
N ILE L 127 77.80 9.84 43.00
CA ILE L 127 77.07 8.58 43.14
C ILE L 127 77.11 7.84 41.82
N VAL L 128 76.97 6.53 41.90
CA VAL L 128 77.21 5.62 40.78
C VAL L 128 75.88 5.17 40.19
N LEU L 129 75.74 5.25 38.87
CA LEU L 129 74.63 4.63 38.16
C LEU L 129 74.97 3.26 37.62
N GLY L 130 76.24 3.00 37.33
CA GLY L 130 76.64 1.71 36.81
C GLY L 130 78.13 1.68 36.59
N GLY L 131 78.61 0.55 36.09
CA GLY L 131 80.03 0.39 35.86
C GLY L 131 80.31 -0.71 34.87
N VAL L 132 81.48 -0.64 34.25
CA VAL L 132 81.94 -1.64 33.29
C VAL L 132 83.37 -2.03 33.66
N ASN L 133 83.62 -3.33 33.74
CA ASN L 133 84.97 -3.83 33.94
C ASN L 133 85.74 -3.74 32.63
N GLU L 134 86.95 -3.17 32.69
CA GLU L 134 87.78 -3.01 31.51
C GLU L 134 89.15 -3.67 31.70
N GLY L 135 89.24 -4.61 32.63
CA GLY L 135 90.52 -5.22 32.94
C GLY L 135 90.81 -5.32 34.42
N SER L 136 92.00 -4.89 34.83
CA SER L 136 92.40 -5.02 36.22
C SER L 136 91.53 -4.17 37.14
N ARG L 137 91.03 -3.04 36.66
CA ARG L 137 90.09 -2.21 37.41
C ARG L 137 88.75 -2.19 36.70
N THR L 138 87.79 -1.50 37.31
CA THR L 138 86.44 -1.38 36.76
C THR L 138 86.00 0.07 36.91
N ALA L 139 85.94 0.80 35.79
CA ALA L 139 85.44 2.16 35.82
C ALA L 139 83.95 2.18 36.07
N LEU L 140 83.48 3.23 36.74
CA LEU L 140 82.09 3.36 37.12
C LEU L 140 81.48 4.57 36.45
N SER L 141 80.25 4.41 35.96
CA SER L 141 79.52 5.52 35.34
C SER L 141 78.82 6.32 36.44
N VAL L 142 79.60 7.16 37.09
CA VAL L 142 79.11 8.00 38.16
C VAL L 142 78.78 9.37 37.60
N VAL L 143 77.94 10.10 38.33
CA VAL L 143 77.60 11.48 38.00
C VAL L 143 78.16 12.38 39.09
N MET L 144 79.03 13.31 38.72
CA MET L 144 79.73 14.18 39.65
C MET L 144 79.11 15.58 39.64
N TRP L 145 79.42 16.35 40.66
CA TRP L 145 78.91 17.71 40.82
C TRP L 145 80.05 18.69 40.62
N ASN L 146 79.80 19.72 39.81
CA ASN L 146 80.86 20.62 39.40
C ASN L 146 81.00 21.78 40.38
N GLU L 147 82.14 22.47 40.28
CA GLU L 147 82.47 23.54 41.21
C GLU L 147 81.54 24.73 41.02
N LYS L 148 81.17 25.03 39.79
CA LYS L 148 80.28 26.16 39.51
C LYS L 148 78.84 25.90 39.95
N GLY L 149 78.52 24.68 40.38
CA GLY L 149 77.16 24.31 40.68
C GLY L 149 76.47 23.56 39.57
N VAL L 150 77.20 22.82 38.75
CA VAL L 150 76.63 22.13 37.60
C VAL L 150 76.75 20.62 37.84
N THR L 151 76.17 19.83 36.95
CA THR L 151 76.11 18.38 37.10
C THR L 151 76.72 17.71 35.88
N VAL L 152 77.68 16.82 36.12
CA VAL L 152 78.41 16.14 35.05
C VAL L 152 78.41 14.64 35.34
N LYS L 153 78.12 13.84 34.32
CA LYS L 153 78.11 12.38 34.43
C LYS L 153 79.15 11.80 33.47
N TYR L 154 80.33 11.49 34.00
CA TYR L 154 81.38 10.85 33.22
C TYR L 154 81.01 9.39 33.04
N THR L 155 80.49 9.04 31.88
CA THR L 155 80.05 7.68 31.61
C THR L 155 81.07 6.98 30.72
N PRO L 156 81.74 5.94 31.19
CA PRO L 156 82.66 5.21 30.33
C PRO L 156 81.91 4.46 29.23
N GLU L 157 82.65 4.13 28.18
CA GLU L 157 82.05 3.52 27.00
C GLU L 157 81.42 2.18 27.35
N ASN L 158 80.31 1.87 26.68
CA ASN L 158 79.56 0.62 26.83
C ASN L 158 79.48 0.18 28.29
N CYS L 159 79.01 1.10 29.13
CA CYS L 159 78.87 0.80 30.55
C CYS L 159 77.69 -0.16 30.77
N GLU L 160 77.72 -0.81 31.93
CA GLU L 160 76.70 -1.76 32.33
C GLU L 160 75.82 -1.15 33.41
N GLN L 161 74.52 -1.20 33.21
CA GLN L 161 73.60 -0.65 34.19
C GLN L 161 73.54 -1.56 35.41
N TRP L 162 73.50 -0.94 36.59
CA TRP L 162 73.46 -1.69 37.84
C TRP L 162 72.21 -1.33 38.65
#